data_8E05
#
_entry.id   8E05
#
_cell.length_a   1.00
_cell.length_b   1.00
_cell.length_c   1.00
_cell.angle_alpha   90.00
_cell.angle_beta   90.00
_cell.angle_gamma   90.00
#
_symmetry.space_group_name_H-M   'P 1'
#
loop_
_entity.id
_entity.type
_entity.pdbx_description
1 polymer 'Leucine-rich repeat serine/threonine-protein kinase 1'
2 non-polymer "GUANOSINE-5'-DIPHOSPHATE"
#
_entity_poly.entity_id   1
_entity_poly.type   'polypeptide(L)'
_entity_poly.pdbx_seq_one_letter_code
;SMAGMSQRPPSMYWCVGPEESAVCPERAMETLNGAGDTGGKPSTRGGDPAARSRRTEGIRAAYRRGDRGGARDLLEEACD
QCASQLEKGQLLSIPAAYGDLEMVRYLLSKRLVELPTEPTDDNPAVVAAYFGHTAVVQELLESLPGPCSPQRLLNWMLAL
ACQRGHLGVVKLLVLTHGADPESYAVRKNEFPVIVRLPLYAAIKSGNEDIAIFLLRHGAYFCSYILLDSPDPSKHLLRKY
FIEASPLPSSYPGKTALRVKWSHLRLPWVDLDWLIDISCQITELDLSANCLATLPSVIPWGLINLRKLNLSDNHLGELPG
VQSSDEIICSRLLEIDISSNKLSHLPPGFLHLSKLQKLTASKNCLEKLFEEENATNWIGLRKLQELDISDNKLTELPALF
LHSFKSLNSLNVSRNNLKVFPDPWACPLKCCKASRNALECLPDKMAVFWKNHLKDVDFSENALKEVPLGLFQLDALMFLR
LQGNQLAALPPQEKWTCRQLKTLDLSRNQLGKNEDGLKTKRIAFFTTRGRQRSGTEAASVLEFPAFLSESLEVLCLNDNH
LDTVPPSVCLLKSLSELYLGNNPGLRELPPELGQLGNLWQLDTEDLTISNVPAEIQKEGPKAMLSYLRAQLRKAEKCKLM
KMIIVGPPRQGKSTLLEILQTGRAPQVVHGEATIRTTKWELQRPAGSRAKVESVEFNVWDIGGPASMATVNQCFFTDKAL
YVVVWNLALGEEAVANLQFWLLNIEAKAPNAVVLVVGTHLDLIEAKFRVERIATLRAYVLALCRSPSGSRATGFPDITFK
HLHEISCKSLEGQEGLRQLIFHVTCSMKDVGSTIGCQRLAGRLIPRSYLSLQEAVLAEQQRRSRDDDVQYLTDRQLEQLV
EQTPDNDIKDYEDLQSAISFLIETGTLLHFPDTSHGLRNLYFLDPIWLSECLQRIFNIKGSRSVAKNGVIRAEDLRMLLV
GTGFTQQTEEQYFQFLAKFEIALPVANDSYLLPHLLPSKPGLDTHGMRHPTANTIQRVFKMSFVPVGFWQRFIARMLISL
AEMDLQLFENKKNTKSRNRKVTIYSFTGNQRNRCSTFRVKRNQTIYWQEGLLVTFDGGYLSVESSDVNWKKKKSGGMKIV
CQSEVRDFSAMAFITDHVNSLIDQWFPALTATESDGTPLMEQYVPCPVCETAWAQHTDPSEKSEDVQYFDMEDCVLTAIE
RDFISCPRHPDLPVPLQELVPELFMTDFPARLFLENSKLEHSEDEGSVLGQGGSGTVIYRARYQGQPVAVKRFHIKKFKN
FANVPADTMLRHLRATDAMKNFSEFRQEASMLHALQHPCIVALIGISIHPLCFALELAPLSSLNTVLSENARDSSFIPLG
HMLTQKIAYQIASGLAYLHKKNIIFCDLKSDNILVWSLDVKEHINIKLSDYGISRQSFHEGALGVEGTPGYQAPEIRPRI
VYDEKVDMFSYGMVLYELLSGQRPALGHHQLQIAKKLSKGIRPVLGQPEEVQFRRLQALMMECWDTKPEKRPLALSVVSQ
MKDPTFATFMYELCCGKQTAFFSSQGQEYTVVFWDGKEESRNYTVVNTEKGLMEVQRMCCPGMKVSCQLQVQRSLWTATE
DQKIYIYTLKGMCPLNTPQQALDTPAVVTCFLAVPVIKKNSYLVLAGLADGLVAVFPVVRGTPKDSCSYLCSHTANRSKF
SIADEDARQNPYPVKAMEVVNSGSEVWYSNGPGLLVIDCASLEICRRLEPYMAPSMVTSVVCSSEGRGEEVVWCLDDKAN
SLVMYHSTTYQLCARYFCGVPSPLRDMFPVRPLDTEPPAASHTANPKVPEGDSIADVSIMYSEELGTQILIHQESLTDYC
SMSSYSSSPPRQAARSPSSLPSSPASSSSVPFSTDCEDSDMLHTPGAASDRSEHDLTPMDGETFSQHLQAVKILAVRDLI
WVPRRGGDVIVIGLEKDSGAQRGRVIAVLKARELTPHGVLVDAAVVAKDTVVCTFENENTEWCLAVWRGWGAREFDIFYQ
SYEELGRLEACTRKRR
;
_entity_poly.pdbx_strand_id   A,B
#
loop_
_chem_comp.id
_chem_comp.type
_chem_comp.name
_chem_comp.formula
GDP RNA linking GUANOSINE-5'-DIPHOSPHATE 'C10 H15 N5 O11 P2'
#
# COMPACT_ATOMS: atom_id res chain seq x y z
N ARG A 52 43.48 -10.82 -28.80
CA ARG A 52 42.63 -11.45 -27.80
C ARG A 52 41.80 -10.41 -27.05
N SER A 53 42.46 -9.32 -26.63
CA SER A 53 41.76 -8.22 -26.00
C SER A 53 40.73 -7.57 -26.92
N ARG A 54 40.93 -7.68 -28.24
CA ARG A 54 40.02 -7.08 -29.21
C ARG A 54 38.57 -7.44 -28.94
N ARG A 55 38.31 -8.70 -28.53
CA ARG A 55 36.95 -9.13 -28.24
C ARG A 55 36.26 -8.15 -27.31
N THR A 56 36.93 -7.79 -26.21
CA THR A 56 36.40 -6.78 -25.31
C THR A 56 35.98 -5.53 -26.06
N GLU A 57 36.92 -4.91 -26.78
CA GLU A 57 36.62 -3.68 -27.51
C GLU A 57 35.45 -3.90 -28.45
N GLY A 58 35.42 -5.04 -29.15
CA GLY A 58 34.33 -5.29 -30.06
C GLY A 58 32.99 -5.24 -29.36
N ILE A 59 32.88 -5.93 -28.23
CA ILE A 59 31.65 -5.89 -27.46
C ILE A 59 31.37 -4.46 -27.04
N ARG A 60 32.40 -3.77 -26.55
CA ARG A 60 32.25 -2.38 -26.17
C ARG A 60 31.75 -1.55 -27.34
N ALA A 61 32.29 -1.83 -28.54
CA ALA A 61 31.85 -1.08 -29.71
C ALA A 61 30.35 -1.25 -29.92
N ALA A 62 29.85 -2.48 -29.75
CA ALA A 62 28.42 -2.72 -29.92
C ALA A 62 27.61 -1.90 -28.92
N TYR A 63 28.15 -1.72 -27.71
CA TYR A 63 27.46 -0.87 -26.73
C TYR A 63 27.75 0.60 -26.97
N ARG A 64 28.91 0.91 -27.56
CA ARG A 64 29.24 2.31 -27.81
C ARG A 64 28.28 2.94 -28.79
N ARG A 65 27.90 2.20 -29.84
CA ARG A 65 26.92 2.68 -30.81
C ARG A 65 25.49 2.40 -30.39
N GLY A 66 25.27 1.75 -29.25
CA GLY A 66 23.94 1.39 -28.82
C GLY A 66 23.40 0.10 -29.38
N ASP A 67 24.24 -0.72 -30.01
CA ASP A 67 23.82 -1.99 -30.59
C ASP A 67 23.88 -3.06 -29.50
N ARG A 68 22.76 -3.21 -28.80
CA ARG A 68 22.72 -4.13 -27.66
C ARG A 68 22.62 -5.58 -28.12
N GLY A 69 21.91 -5.86 -29.22
CA GLY A 69 21.84 -7.22 -29.72
C GLY A 69 23.18 -7.69 -30.29
N GLY A 70 23.84 -6.82 -31.06
CA GLY A 70 25.20 -7.14 -31.49
C GLY A 70 26.12 -7.34 -30.32
N ALA A 71 25.93 -6.55 -29.26
CA ALA A 71 26.71 -6.73 -28.05
C ALA A 71 26.43 -8.10 -27.44
N ARG A 72 25.18 -8.54 -27.46
CA ARG A 72 24.84 -9.88 -26.98
C ARG A 72 25.58 -10.95 -27.75
N ASP A 73 25.56 -10.84 -29.09
CA ASP A 73 26.22 -11.86 -29.91
C ASP A 73 27.72 -11.89 -29.65
N LEU A 74 28.36 -10.71 -29.66
CA LEU A 74 29.80 -10.64 -29.39
C LEU A 74 30.12 -11.15 -27.99
N LEU A 75 29.24 -10.84 -27.03
CA LEU A 75 29.46 -11.29 -25.65
C LEU A 75 29.41 -12.80 -25.56
N GLU A 76 28.44 -13.44 -26.22
CA GLU A 76 28.38 -14.90 -26.21
C GLU A 76 29.62 -15.49 -26.87
N GLU A 77 30.05 -14.92 -27.99
CA GLU A 77 31.26 -15.40 -28.64
C GLU A 77 32.46 -15.31 -27.71
N ALA A 78 32.63 -14.17 -27.04
CA ALA A 78 33.76 -14.01 -26.13
C ALA A 78 33.67 -14.95 -24.95
N CYS A 79 32.46 -15.11 -24.38
CA CYS A 79 32.28 -16.03 -23.27
C CYS A 79 32.71 -17.44 -23.65
N ASP A 80 32.36 -17.88 -24.86
CA ASP A 80 32.88 -19.15 -25.34
C ASP A 80 34.40 -19.12 -25.46
N GLN A 81 34.97 -17.99 -25.89
CA GLN A 81 36.41 -17.87 -26.05
C GLN A 81 37.11 -17.34 -24.80
N CYS A 82 36.37 -16.96 -23.76
CA CYS A 82 36.96 -16.45 -22.52
C CYS A 82 36.77 -17.49 -21.41
N ALA A 83 37.77 -18.36 -21.27
CA ALA A 83 37.70 -19.42 -20.27
C ALA A 83 38.17 -18.95 -18.91
N SER A 84 39.17 -18.07 -18.87
CA SER A 84 39.75 -17.66 -17.59
C SER A 84 38.76 -16.81 -16.80
N GLN A 85 38.93 -16.83 -15.48
CA GLN A 85 38.04 -16.09 -14.60
C GLN A 85 38.16 -14.58 -14.82
N LEU A 86 39.37 -14.07 -15.03
CA LEU A 86 39.53 -12.63 -15.20
C LEU A 86 38.84 -12.14 -16.46
N GLU A 87 38.94 -12.91 -17.55
CA GLU A 87 38.30 -12.50 -18.79
C GLU A 87 36.79 -12.53 -18.66
N LYS A 88 36.24 -13.55 -18.01
CA LYS A 88 34.80 -13.60 -17.77
C LYS A 88 34.34 -12.45 -16.89
N GLY A 89 35.14 -12.11 -15.87
CA GLY A 89 34.81 -10.98 -15.04
C GLY A 89 34.80 -9.68 -15.81
N GLN A 90 35.76 -9.51 -16.71
CA GLN A 90 35.77 -8.32 -17.57
C GLN A 90 34.54 -8.29 -18.46
N LEU A 91 34.17 -9.43 -19.05
CA LEU A 91 32.97 -9.50 -19.87
C LEU A 91 31.74 -9.12 -19.07
N LEU A 92 31.68 -9.53 -17.80
CA LEU A 92 30.56 -9.14 -16.95
C LEU A 92 30.63 -7.67 -16.59
N SER A 93 31.84 -7.10 -16.54
CA SER A 93 31.99 -5.70 -16.20
C SER A 93 31.50 -4.80 -17.32
N ILE A 94 31.67 -5.24 -18.57
CA ILE A 94 31.28 -4.42 -19.73
C ILE A 94 29.82 -3.97 -19.63
N PRO A 95 28.83 -4.87 -19.66
CA PRO A 95 27.44 -4.40 -19.56
C PRO A 95 27.12 -3.71 -18.24
N ALA A 96 27.75 -4.15 -17.14
CA ALA A 96 27.49 -3.51 -15.86
C ALA A 96 27.94 -2.06 -15.87
N ALA A 97 29.13 -1.79 -16.42
CA ALA A 97 29.56 -0.41 -16.59
C ALA A 97 28.63 0.33 -17.55
N TYR A 98 28.23 -0.33 -18.64
CA TYR A 98 27.30 0.30 -19.57
C TYR A 98 25.94 0.53 -18.92
N GLY A 99 25.49 -0.43 -18.14
CA GLY A 99 24.18 -0.38 -17.50
C GLY A 99 23.18 -1.37 -18.05
N ASP A 100 23.59 -2.33 -18.87
CA ASP A 100 22.70 -3.31 -19.46
C ASP A 100 22.45 -4.39 -18.40
N LEU A 101 21.45 -4.13 -17.54
CA LEU A 101 21.11 -5.08 -16.48
C LEU A 101 20.69 -6.43 -17.03
N GLU A 102 20.00 -6.45 -18.18
CA GLU A 102 19.51 -7.71 -18.74
C GLU A 102 20.65 -8.64 -19.07
N MET A 103 21.72 -8.10 -19.68
CA MET A 103 22.82 -8.95 -20.09
C MET A 103 23.65 -9.40 -18.89
N VAL A 104 23.72 -8.56 -17.86
CA VAL A 104 24.32 -8.98 -16.59
C VAL A 104 23.55 -10.15 -16.01
N ARG A 105 22.21 -10.06 -16.05
CA ARG A 105 21.37 -11.15 -15.55
C ARG A 105 21.61 -12.42 -16.37
N TYR A 106 21.69 -12.29 -17.69
CA TYR A 106 21.94 -13.45 -18.53
C TYR A 106 23.29 -14.09 -18.22
N LEU A 107 24.33 -13.26 -18.05
CA LEU A 107 25.66 -13.80 -17.75
C LEU A 107 25.66 -14.52 -16.40
N LEU A 108 25.03 -13.92 -15.39
CA LEU A 108 25.02 -14.53 -14.06
C LEU A 108 24.16 -15.79 -14.03
N SER A 109 23.09 -15.83 -14.83
CA SER A 109 22.14 -16.94 -14.75
C SER A 109 22.53 -18.08 -15.69
N LYS A 110 22.85 -17.77 -16.94
CA LYS A 110 23.12 -18.78 -17.95
C LYS A 110 24.60 -19.12 -18.06
N ARG A 111 25.45 -18.11 -18.27
CA ARG A 111 26.89 -18.35 -18.35
C ARG A 111 27.49 -18.64 -16.98
N LEU A 112 26.78 -18.28 -15.90
CA LEU A 112 27.24 -18.54 -14.54
C LEU A 112 28.61 -17.91 -14.30
N VAL A 113 28.77 -16.67 -14.79
CA VAL A 113 30.04 -15.98 -14.69
C VAL A 113 30.36 -15.68 -13.23
N GLU A 114 31.59 -16.00 -12.84
CA GLU A 114 32.02 -15.72 -11.46
C GLU A 114 32.16 -14.22 -11.24
N LEU A 115 31.82 -13.79 -10.03
CA LEU A 115 31.94 -12.38 -9.65
C LEU A 115 33.12 -12.24 -8.69
N PRO A 116 34.26 -11.69 -9.11
CA PRO A 116 35.40 -11.58 -8.19
C PRO A 116 35.11 -10.65 -7.03
N THR A 117 35.78 -10.92 -5.91
CA THR A 117 35.64 -10.14 -4.69
C THR A 117 36.75 -9.11 -4.52
N GLU A 118 37.59 -8.91 -5.54
CA GLU A 118 38.67 -7.95 -5.44
C GLU A 118 38.10 -6.54 -5.35
N PRO A 119 38.48 -5.72 -4.35
CA PRO A 119 37.94 -4.35 -4.28
C PRO A 119 38.67 -3.41 -5.23
N THR A 120 38.45 -3.60 -6.52
CA THR A 120 39.12 -2.83 -7.57
C THR A 120 38.08 -2.15 -8.45
N ASP A 121 38.52 -1.10 -9.14
CA ASP A 121 37.68 -0.41 -10.10
C ASP A 121 37.35 -1.27 -11.31
N ASP A 122 38.03 -2.40 -11.49
CA ASP A 122 37.70 -3.34 -12.57
C ASP A 122 36.55 -4.27 -12.20
N ASN A 123 36.15 -4.32 -10.93
CA ASN A 123 35.13 -5.26 -10.50
C ASN A 123 33.79 -4.85 -11.09
N PRO A 124 32.98 -5.79 -11.61
CA PRO A 124 31.69 -5.36 -12.19
C PRO A 124 30.77 -4.65 -11.21
N ALA A 125 30.75 -5.07 -9.95
CA ALA A 125 29.89 -4.39 -8.97
C ALA A 125 30.44 -3.01 -8.63
N VAL A 126 31.76 -2.86 -8.59
CA VAL A 126 32.34 -1.55 -8.32
C VAL A 126 31.98 -0.56 -9.40
N VAL A 127 32.08 -0.96 -10.67
CA VAL A 127 31.71 -0.06 -11.76
C VAL A 127 30.21 0.16 -11.79
N ALA A 128 29.42 -0.86 -11.42
CA ALA A 128 27.97 -0.66 -11.34
C ALA A 128 27.63 0.40 -10.30
N ALA A 129 28.32 0.37 -9.16
CA ALA A 129 28.13 1.42 -8.17
C ALA A 129 28.70 2.75 -8.65
N TYR A 130 29.71 2.69 -9.52
CA TYR A 130 30.36 3.91 -10.02
C TYR A 130 29.38 4.77 -10.78
N PHE A 131 28.54 4.14 -11.61
CA PHE A 131 27.56 4.85 -12.44
C PHE A 131 26.19 4.93 -11.81
N GLY A 132 26.03 4.46 -10.57
CA GLY A 132 24.75 4.57 -9.89
C GLY A 132 23.68 3.64 -10.38
N HIS A 133 24.05 2.51 -11.00
CA HIS A 133 23.08 1.56 -11.53
C HIS A 133 22.69 0.57 -10.42
N THR A 134 21.75 1.02 -9.58
CA THR A 134 21.40 0.28 -8.36
C THR A 134 20.93 -1.14 -8.68
N ALA A 135 20.10 -1.28 -9.73
CA ALA A 135 19.60 -2.61 -10.08
C ALA A 135 20.74 -3.56 -10.42
N VAL A 136 21.72 -3.09 -11.18
CA VAL A 136 22.85 -3.93 -11.53
C VAL A 136 23.68 -4.25 -10.30
N VAL A 137 23.83 -3.28 -9.39
CA VAL A 137 24.60 -3.53 -8.18
C VAL A 137 23.96 -4.63 -7.35
N GLN A 138 22.64 -4.56 -7.14
CA GLN A 138 21.98 -5.60 -6.36
C GLN A 138 22.01 -6.94 -7.08
N GLU A 139 21.85 -6.93 -8.41
CA GLU A 139 21.89 -8.17 -9.17
C GLU A 139 23.24 -8.84 -9.05
N LEU A 140 24.32 -8.07 -9.14
CA LEU A 140 25.66 -8.64 -8.97
C LEU A 140 25.88 -9.13 -7.55
N LEU A 141 25.52 -8.31 -6.56
CA LEU A 141 25.79 -8.68 -5.18
C LEU A 141 25.01 -9.91 -4.75
N GLU A 142 23.84 -10.15 -5.35
CA GLU A 142 23.11 -11.37 -5.05
C GLU A 142 23.87 -12.62 -5.47
N SER A 143 24.71 -12.52 -6.49
CA SER A 143 25.42 -13.68 -7.02
C SER A 143 26.62 -14.09 -6.17
N LEU A 144 26.99 -13.31 -5.17
CA LEU A 144 28.17 -13.64 -4.38
C LEU A 144 27.90 -14.90 -3.56
N PRO A 145 28.72 -15.95 -3.68
CA PRO A 145 28.41 -17.20 -2.97
C PRO A 145 29.04 -17.23 -1.57
N GLY A 146 28.56 -18.19 -0.79
CA GLY A 146 29.14 -18.49 0.50
C GLY A 146 28.64 -17.60 1.61
N PRO A 147 28.95 -17.96 2.86
CA PRO A 147 28.50 -17.14 3.99
C PRO A 147 29.36 -15.92 4.24
N CYS A 148 30.67 -16.00 4.02
CA CYS A 148 31.57 -14.89 4.27
C CYS A 148 31.32 -13.82 3.21
N SER A 149 30.32 -12.99 3.49
CA SER A 149 30.00 -11.89 2.60
C SER A 149 31.22 -10.97 2.48
N PRO A 150 31.72 -10.70 1.27
CA PRO A 150 32.99 -9.95 1.15
C PRO A 150 32.81 -8.50 1.54
N GLN A 151 32.86 -8.21 2.84
CA GLN A 151 32.63 -6.84 3.29
C GLN A 151 33.61 -5.86 2.66
N ARG A 152 34.84 -6.29 2.37
CA ARG A 152 35.86 -5.38 1.85
C ARG A 152 35.41 -4.72 0.56
N LEU A 153 34.88 -5.52 -0.37
CA LEU A 153 34.32 -4.98 -1.60
C LEU A 153 33.18 -4.02 -1.30
N LEU A 154 32.34 -4.36 -0.30
CA LEU A 154 31.19 -3.52 0.01
C LEU A 154 31.62 -2.16 0.54
N ASN A 155 32.60 -2.11 1.45
CA ASN A 155 33.11 -0.81 1.88
C ASN A 155 33.74 -0.04 0.73
N TRP A 156 34.49 -0.71 -0.14
CA TRP A 156 35.11 0.01 -1.25
C TRP A 156 34.06 0.68 -2.12
N MET A 157 33.04 -0.09 -2.55
CA MET A 157 32.02 0.50 -3.39
C MET A 157 31.13 1.47 -2.62
N LEU A 158 30.99 1.29 -1.30
CA LEU A 158 30.24 2.24 -0.49
C LEU A 158 30.90 3.61 -0.51
N ALA A 159 32.20 3.64 -0.25
CA ALA A 159 32.92 4.92 -0.28
C ALA A 159 32.94 5.48 -1.69
N LEU A 160 33.03 4.62 -2.70
CA LEU A 160 32.96 5.10 -4.08
C LEU A 160 31.64 5.79 -4.34
N ALA A 161 30.53 5.19 -3.91
CA ALA A 161 29.22 5.78 -4.12
C ALA A 161 29.07 7.08 -3.34
N CYS A 162 29.59 7.12 -2.12
CA CYS A 162 29.53 8.35 -1.33
C CYS A 162 30.31 9.47 -2.02
N GLN A 163 31.48 9.16 -2.56
CA GLN A 163 32.24 10.16 -3.31
C GLN A 163 31.50 10.60 -4.56
N ARG A 164 30.85 9.65 -5.25
CA ARG A 164 30.19 9.94 -6.51
C ARG A 164 28.86 10.67 -6.31
N GLY A 165 28.17 10.40 -5.21
CA GLY A 165 26.88 10.99 -4.95
C GLY A 165 25.69 10.11 -5.27
N HIS A 166 25.91 8.83 -5.58
CA HIS A 166 24.81 7.90 -5.85
C HIS A 166 24.20 7.45 -4.52
N LEU A 167 23.20 8.21 -4.08
CA LEU A 167 22.63 7.98 -2.76
C LEU A 167 21.94 6.62 -2.67
N GLY A 168 21.26 6.20 -3.74
CA GLY A 168 20.57 4.93 -3.71
C GLY A 168 21.53 3.76 -3.50
N VAL A 169 22.68 3.79 -4.16
CA VAL A 169 23.67 2.73 -3.99
C VAL A 169 24.17 2.70 -2.55
N VAL A 170 24.45 3.86 -1.98
CA VAL A 170 24.89 3.93 -0.59
C VAL A 170 23.83 3.34 0.34
N LYS A 171 22.57 3.72 0.11
CA LYS A 171 21.47 3.24 0.94
C LYS A 171 21.36 1.72 0.87
N LEU A 172 21.34 1.17 -0.35
CA LEU A 172 21.21 -0.27 -0.49
C LEU A 172 22.40 -1.00 0.13
N LEU A 173 23.61 -0.45 -0.06
CA LEU A 173 24.79 -1.12 0.48
C LEU A 173 24.76 -1.15 2.00
N VAL A 174 24.49 0.00 2.64
CA VAL A 174 24.59 0.06 4.10
C VAL A 174 23.40 -0.65 4.75
N LEU A 175 22.21 -0.54 4.18
CA LEU A 175 21.01 -1.05 4.84
C LEU A 175 20.73 -2.51 4.51
N THR A 176 20.92 -2.93 3.26
CA THR A 176 20.60 -4.29 2.85
C THR A 176 21.77 -5.25 3.02
N HIS A 177 22.98 -4.84 2.63
CA HIS A 177 24.15 -5.71 2.69
C HIS A 177 25.04 -5.43 3.89
N GLY A 178 24.67 -4.50 4.76
CA GLY A 178 25.40 -4.28 5.99
C GLY A 178 26.81 -3.77 5.82
N ALA A 179 27.07 -2.95 4.81
CA ALA A 179 28.38 -2.32 4.68
C ALA A 179 28.60 -1.36 5.84
N ASP A 180 29.83 -1.36 6.38
CA ASP A 180 30.12 -0.60 7.59
C ASP A 180 30.19 0.88 7.24
N PRO A 181 29.37 1.75 7.86
CA PRO A 181 29.51 3.19 7.59
C PRO A 181 30.67 3.84 8.32
N GLU A 182 31.38 3.10 9.18
CA GLU A 182 32.41 3.67 10.05
C GLU A 182 33.75 2.97 9.91
N SER A 183 33.94 2.17 8.85
CA SER A 183 35.23 1.55 8.55
C SER A 183 35.86 2.27 7.36
N TYR A 184 37.00 1.78 6.89
CA TYR A 184 37.75 2.43 5.83
C TYR A 184 37.64 1.64 4.55
N ALA A 185 37.37 2.34 3.45
CA ALA A 185 37.35 1.76 2.11
C ALA A 185 38.79 1.71 1.58
N VAL A 186 39.59 0.87 2.23
CA VAL A 186 41.02 0.78 1.98
C VAL A 186 41.29 -0.51 1.22
N ARG A 187 41.98 -0.39 0.09
CA ARG A 187 42.38 -1.53 -0.71
C ARG A 187 43.79 -1.96 -0.33
N LYS A 188 44.27 -3.02 -0.97
CA LYS A 188 45.65 -3.43 -0.77
C LYS A 188 46.60 -2.37 -1.34
N ASN A 189 47.72 -2.17 -0.63
CA ASN A 189 48.66 -1.10 -0.95
C ASN A 189 47.98 0.27 -0.89
N GLU A 190 47.04 0.40 0.04
CA GLU A 190 46.37 1.68 0.31
C GLU A 190 46.27 1.83 1.82
N PHE A 191 46.20 3.10 2.27
CA PHE A 191 46.16 3.38 3.70
C PHE A 191 44.74 3.70 4.15
N PRO A 192 44.38 3.42 5.41
CA PRO A 192 43.02 3.76 5.88
C PRO A 192 42.89 5.23 6.23
N VAL A 193 42.80 6.08 5.21
CA VAL A 193 42.70 7.52 5.39
C VAL A 193 41.22 7.89 5.49
N ILE A 194 40.94 9.01 6.15
CA ILE A 194 39.57 9.44 6.37
C ILE A 194 38.84 9.71 5.05
N VAL A 195 39.60 9.99 4.00
CA VAL A 195 39.03 10.18 2.67
C VAL A 195 38.29 8.92 2.23
N ARG A 196 38.74 7.76 2.70
CA ARG A 196 38.10 6.49 2.38
C ARG A 196 36.94 6.17 3.33
N LEU A 197 36.68 7.02 4.32
CA LEU A 197 35.57 6.86 5.24
C LEU A 197 34.31 7.45 4.62
N PRO A 198 33.16 6.75 4.62
CA PRO A 198 32.05 7.18 3.77
C PRO A 198 31.37 8.46 4.21
N LEU A 199 31.18 8.68 5.51
CA LEU A 199 30.59 9.94 5.97
C LEU A 199 31.46 11.14 5.60
N TYR A 200 32.77 11.04 5.84
CA TYR A 200 33.66 12.14 5.51
C TYR A 200 33.65 12.39 4.00
N ALA A 201 33.74 11.32 3.22
CA ALA A 201 33.74 11.48 1.77
C ALA A 201 32.42 12.09 1.29
N ALA A 202 31.32 11.71 1.93
CA ALA A 202 30.02 12.26 1.54
C ALA A 202 29.94 13.75 1.82
N ILE A 203 30.32 14.18 3.01
CA ILE A 203 30.17 15.60 3.38
C ILE A 203 31.21 16.47 2.69
N LYS A 204 32.46 16.00 2.59
CA LYS A 204 33.48 16.79 1.91
C LYS A 204 33.19 16.93 0.43
N SER A 205 32.58 15.91 -0.18
CA SER A 205 32.21 15.98 -1.58
C SER A 205 31.01 16.91 -1.84
N GLY A 206 30.38 17.43 -0.80
CA GLY A 206 29.18 18.23 -0.95
C GLY A 206 27.89 17.44 -0.97
N ASN A 207 27.96 16.11 -0.86
CA ASN A 207 26.76 15.27 -0.83
C ASN A 207 26.23 15.23 0.60
N GLU A 208 25.54 16.31 0.96
CA GLU A 208 25.03 16.45 2.31
C GLU A 208 23.98 15.40 2.64
N ASP A 209 23.12 15.07 1.67
CA ASP A 209 22.04 14.13 1.91
C ASP A 209 22.59 12.76 2.30
N ILE A 210 23.60 12.27 1.58
CA ILE A 210 24.18 10.98 1.89
C ILE A 210 24.83 11.00 3.27
N ALA A 211 25.50 12.11 3.61
CA ALA A 211 26.17 12.19 4.90
C ALA A 211 25.16 12.15 6.05
N ILE A 212 24.09 12.93 5.94
CA ILE A 212 23.09 12.93 7.01
C ILE A 212 22.38 11.58 7.08
N PHE A 213 22.18 10.94 5.93
CA PHE A 213 21.60 9.60 5.93
C PHE A 213 22.49 8.63 6.67
N LEU A 214 23.80 8.69 6.42
CA LEU A 214 24.74 7.82 7.13
C LEU A 214 24.71 8.10 8.62
N LEU A 215 24.66 9.38 9.01
CA LEU A 215 24.60 9.74 10.41
C LEU A 215 23.35 9.18 11.07
N ARG A 216 22.21 9.29 10.40
CA ARG A 216 20.96 8.77 10.93
C ARG A 216 20.91 7.25 10.91
N HIS A 217 21.79 6.59 10.14
CA HIS A 217 21.79 5.13 10.01
C HIS A 217 23.10 4.51 10.45
N GLY A 218 23.75 5.05 11.47
CA GLY A 218 24.83 4.38 12.16
C GLY A 218 26.17 5.09 12.13
N ALA A 219 26.34 6.15 11.36
CA ALA A 219 27.62 6.84 11.33
C ALA A 219 27.74 7.79 12.53
N TYR A 220 28.98 8.17 12.84
CA TYR A 220 29.29 9.00 13.99
C TYR A 220 30.17 10.17 13.57
N PHE A 221 30.08 11.25 14.35
CA PHE A 221 31.01 12.36 14.21
C PHE A 221 32.33 12.04 14.90
N CYS A 222 33.36 12.79 14.54
CA CYS A 222 34.68 12.65 15.15
C CYS A 222 35.40 13.98 15.05
N SER A 223 36.58 14.04 15.69
CA SER A 223 37.34 15.29 15.75
C SER A 223 37.69 15.80 14.36
N TYR A 224 38.06 14.88 13.45
CA TYR A 224 38.46 15.29 12.10
C TYR A 224 37.32 15.98 11.36
N ILE A 225 36.10 15.46 11.47
CA ILE A 225 34.97 16.10 10.78
C ILE A 225 34.80 17.53 11.25
N LEU A 226 34.70 17.72 12.56
CA LEU A 226 34.45 19.06 13.09
C LEU A 226 35.61 20.01 12.78
N LEU A 227 36.85 19.54 12.89
CA LEU A 227 37.99 20.42 12.72
C LEU A 227 38.23 20.76 11.25
N ASP A 228 38.00 19.81 10.34
CA ASP A 228 38.33 20.01 8.95
C ASP A 228 37.19 20.64 8.15
N SER A 229 35.94 20.34 8.49
CA SER A 229 34.77 20.92 7.82
C SER A 229 33.80 21.44 8.88
N PRO A 230 34.24 22.40 9.70
CA PRO A 230 33.37 22.91 10.76
C PRO A 230 32.09 23.53 10.24
N ASP A 231 32.12 24.17 9.07
CA ASP A 231 30.90 24.83 8.57
C ASP A 231 29.80 23.83 8.29
N PRO A 232 29.95 22.87 7.38
CA PRO A 232 28.87 21.89 7.18
C PRO A 232 28.63 21.00 8.39
N SER A 233 29.65 20.72 9.19
CA SER A 233 29.44 19.92 10.39
C SER A 233 28.49 20.62 11.35
N LYS A 234 28.77 21.90 11.64
CA LYS A 234 27.88 22.68 12.50
C LYS A 234 26.52 22.87 11.85
N HIS A 235 26.47 22.95 10.52
CA HIS A 235 25.19 23.06 9.84
C HIS A 235 24.33 21.83 10.11
N LEU A 236 24.93 20.64 9.97
CA LEU A 236 24.19 19.41 10.25
C LEU A 236 23.78 19.33 11.71
N LEU A 237 24.70 19.66 12.62
CA LEU A 237 24.38 19.63 14.04
C LEU A 237 23.28 20.64 14.38
N ARG A 238 23.27 21.78 13.70
CA ARG A 238 22.32 22.85 14.00
C ARG A 238 21.01 22.69 13.23
N LYS A 239 20.90 21.72 12.33
CA LYS A 239 19.68 21.50 11.57
C LYS A 239 18.99 20.17 11.87
N TYR A 240 19.69 19.05 11.71
CA TYR A 240 19.03 17.76 11.64
C TYR A 240 18.89 17.05 12.97
N PHE A 241 19.35 17.65 14.07
CA PHE A 241 19.12 17.11 15.41
C PHE A 241 18.27 18.04 16.27
N ILE A 242 17.53 18.95 15.65
CA ILE A 242 16.80 20.00 16.36
C ILE A 242 15.32 19.64 16.35
N GLU A 243 14.70 19.64 17.52
CA GLU A 243 13.25 19.53 17.66
C GLU A 243 12.76 20.85 18.25
N ALA A 244 12.34 21.76 17.39
CA ALA A 244 11.98 23.10 17.82
C ALA A 244 10.77 23.08 18.75
N SER A 245 10.79 23.95 19.74
CA SER A 245 9.72 24.05 20.71
C SER A 245 9.89 25.29 21.59
N THR A 255 13.99 29.00 19.91
CA THR A 255 13.28 29.17 21.17
C THR A 255 13.66 28.01 22.11
N ALA A 256 12.68 27.38 22.78
CA ALA A 256 12.97 26.29 23.70
C ALA A 256 13.14 24.99 22.91
N LEU A 257 14.27 24.90 22.22
CA LEU A 257 14.55 23.75 21.38
C LEU A 257 14.81 22.51 22.22
N ARG A 258 14.69 21.34 21.59
CA ARG A 258 15.11 20.06 22.16
C ARG A 258 16.09 19.45 21.16
N VAL A 259 17.37 19.58 21.43
CA VAL A 259 18.42 19.10 20.54
C VAL A 259 19.00 17.82 21.10
N LYS A 260 19.06 16.78 20.27
CA LYS A 260 19.56 15.46 20.65
C LYS A 260 20.84 15.21 19.88
N TRP A 261 21.98 15.54 20.49
CA TRP A 261 23.30 15.25 19.95
C TRP A 261 23.91 14.00 20.56
N SER A 262 23.12 13.23 21.33
CA SER A 262 23.64 12.02 21.92
C SER A 262 23.81 10.94 20.86
N HIS A 263 24.55 9.89 21.23
CA HIS A 263 24.86 8.76 20.35
C HIS A 263 25.64 9.20 19.12
N LEU A 264 26.42 10.27 19.24
CA LEU A 264 27.25 10.78 18.14
C LEU A 264 28.75 10.66 18.41
N ARG A 265 29.15 10.19 19.58
CA ARG A 265 30.58 10.00 19.91
C ARG A 265 31.35 11.29 19.75
N LEU A 266 30.75 12.40 20.15
CA LEU A 266 31.41 13.69 20.03
C LEU A 266 32.51 13.80 21.09
N PRO A 267 33.78 13.95 20.71
CA PRO A 267 34.83 14.06 21.74
C PRO A 267 34.85 15.41 22.43
N TRP A 268 34.20 16.43 21.86
CA TRP A 268 34.10 17.73 22.51
C TRP A 268 32.96 18.49 21.87
N VAL A 269 32.46 19.49 22.61
CA VAL A 269 31.42 20.39 22.13
C VAL A 269 31.90 21.82 22.33
N ASP A 270 31.32 22.75 21.58
CA ASP A 270 31.70 24.15 21.61
C ASP A 270 30.46 25.02 21.78
N LEU A 271 30.62 26.12 22.51
CA LEU A 271 29.57 27.12 22.58
C LEU A 271 29.25 27.69 21.20
N ASP A 272 30.21 27.67 20.28
CA ASP A 272 30.00 28.19 18.93
C ASP A 272 28.90 27.45 18.19
N TRP A 273 28.57 26.22 18.62
CA TRP A 273 27.63 25.41 17.87
C TRP A 273 26.17 25.82 18.09
N LEU A 274 25.77 26.16 19.32
CA LEU A 274 24.40 26.60 19.56
C LEU A 274 24.23 27.71 20.60
N ILE A 275 25.30 28.30 21.14
CA ILE A 275 25.09 29.25 22.22
C ILE A 275 24.32 30.48 21.77
N ASP A 276 24.24 30.73 20.46
CA ASP A 276 23.46 31.84 19.95
C ASP A 276 21.98 31.73 20.31
N ILE A 277 21.48 30.51 20.50
CA ILE A 277 20.08 30.29 20.87
C ILE A 277 19.97 29.93 22.36
N SER A 278 20.92 30.40 23.17
CA SER A 278 20.85 30.22 24.62
C SER A 278 19.81 31.12 25.28
N CYS A 279 19.01 31.85 24.50
CA CYS A 279 17.91 32.61 25.06
C CYS A 279 16.98 31.74 25.89
N GLN A 280 16.55 30.60 25.32
CA GLN A 280 15.70 29.67 26.06
C GLN A 280 16.39 28.32 26.28
N ILE A 281 16.75 27.64 25.19
CA ILE A 281 17.39 26.33 25.25
C ILE A 281 18.31 26.20 24.05
N THR A 282 19.53 25.70 24.29
CA THR A 282 20.42 25.30 23.20
C THR A 282 20.27 23.81 22.92
N GLU A 283 20.53 23.00 23.93
CA GLU A 283 20.49 21.55 23.80
C GLU A 283 20.23 20.93 25.16
N LEU A 284 19.75 19.68 25.14
CA LEU A 284 19.34 18.97 26.35
C LEU A 284 20.04 17.64 26.53
N ASP A 285 20.27 16.89 25.44
CA ASP A 285 20.85 15.55 25.49
C ASP A 285 22.24 15.59 24.86
N LEU A 286 23.27 15.42 25.70
CA LEU A 286 24.65 15.31 25.26
C LEU A 286 25.28 14.01 25.77
N SER A 287 24.46 12.99 25.97
CA SER A 287 24.93 11.73 26.53
C SER A 287 25.41 10.79 25.42
N ALA A 288 25.89 9.62 25.84
CA ALA A 288 26.25 8.53 24.93
C ALA A 288 27.29 9.01 23.91
N ASN A 289 28.43 9.45 24.44
CA ASN A 289 29.52 9.94 23.61
C ASN A 289 30.82 9.80 24.40
N CYS A 290 31.90 10.41 23.92
CA CYS A 290 33.21 10.31 24.52
C CYS A 290 33.69 11.66 25.06
N LEU A 291 32.77 12.45 25.60
CA LEU A 291 33.12 13.75 26.15
C LEU A 291 33.91 13.60 27.45
N ALA A 292 34.99 14.37 27.56
CA ALA A 292 35.82 14.40 28.76
C ALA A 292 35.76 15.73 29.50
N THR A 293 35.35 16.82 28.84
CA THR A 293 35.20 18.12 29.48
C THR A 293 34.00 18.83 28.87
N LEU A 294 33.57 19.90 29.53
CA LEU A 294 32.46 20.71 29.07
C LEU A 294 32.76 22.17 29.33
N PRO A 295 32.19 23.09 28.53
CA PRO A 295 32.14 24.49 28.96
C PRO A 295 31.19 24.63 30.14
N SER A 296 31.50 25.59 31.03
CA SER A 296 30.65 25.81 32.20
C SER A 296 29.26 26.30 31.81
N VAL A 297 29.10 26.84 30.60
CA VAL A 297 27.78 27.24 30.13
C VAL A 297 26.86 26.03 30.06
N ILE A 298 27.40 24.87 29.69
CA ILE A 298 26.57 23.66 29.60
C ILE A 298 25.96 23.31 30.95
N PRO A 299 26.72 23.29 32.07
CA PRO A 299 26.06 23.21 33.38
C PRO A 299 25.04 24.31 33.64
N TRP A 300 25.45 25.59 33.62
CA TRP A 300 24.57 26.61 34.18
C TRP A 300 24.52 27.94 33.41
N GLY A 301 25.08 28.01 32.20
CA GLY A 301 25.03 29.23 31.43
C GLY A 301 23.87 29.36 30.48
N LEU A 302 22.82 28.56 30.64
CA LEU A 302 21.68 28.53 29.73
C LEU A 302 20.41 28.76 30.54
N ILE A 303 19.46 29.49 29.96
CA ILE A 303 18.43 30.15 30.75
C ILE A 303 17.27 29.20 31.06
N ASN A 304 16.56 28.74 30.03
CA ASN A 304 15.29 28.02 30.22
C ASN A 304 15.43 26.53 29.92
N LEU A 305 16.54 25.92 30.32
CA LEU A 305 16.62 24.47 30.30
C LEU A 305 15.72 23.89 31.39
N ARG A 306 15.17 22.71 31.09
CA ARG A 306 14.36 21.96 32.04
C ARG A 306 14.91 20.56 32.31
N LYS A 307 15.70 20.01 31.39
CA LYS A 307 16.31 18.70 31.55
C LYS A 307 17.66 18.71 30.83
N LEU A 308 18.66 18.11 31.47
CA LEU A 308 19.98 17.95 30.87
C LEU A 308 20.43 16.50 31.07
N ASN A 309 20.89 15.88 29.99
CA ASN A 309 21.42 14.52 30.02
C ASN A 309 22.91 14.59 29.70
N LEU A 310 23.74 14.53 30.75
CA LEU A 310 25.19 14.58 30.62
C LEU A 310 25.81 13.27 31.08
N SER A 311 25.14 12.15 30.79
CA SER A 311 25.55 10.83 31.26
C SER A 311 26.24 10.06 30.14
N ASP A 312 26.82 8.91 30.52
CA ASP A 312 27.40 7.94 29.58
C ASP A 312 28.47 8.61 28.71
N ASN A 313 29.53 9.04 29.38
CA ASN A 313 30.64 9.72 28.73
C ASN A 313 31.85 9.68 29.68
N HIS A 314 32.94 10.32 29.27
CA HIS A 314 34.17 10.36 30.06
C HIS A 314 34.25 11.59 30.94
N LEU A 315 33.12 12.18 31.30
CA LEU A 315 33.10 13.39 32.13
C LEU A 315 33.43 13.02 33.56
N GLY A 316 34.73 12.96 33.88
CA GLY A 316 35.15 12.71 35.24
C GLY A 316 35.04 13.91 36.16
N GLU A 317 34.86 15.10 35.60
CA GLU A 317 34.67 16.32 36.38
C GLU A 317 33.75 17.26 35.61
N LEU A 318 32.84 17.90 36.35
CA LEU A 318 31.93 18.90 35.79
C LEU A 318 32.39 20.29 36.22
N PRO A 319 32.23 21.32 35.38
CA PRO A 319 32.55 22.68 35.83
C PRO A 319 31.73 23.08 37.04
N GLY A 320 32.38 23.78 37.97
CA GLY A 320 31.76 24.24 39.18
C GLY A 320 31.51 25.74 39.17
N VAL A 321 31.00 26.25 40.30
CA VAL A 321 30.71 27.66 40.47
C VAL A 321 31.28 28.13 41.80
N GLN A 322 31.49 29.44 41.90
CA GLN A 322 31.88 30.07 43.15
C GLN A 322 30.69 30.54 43.97
N SER A 323 29.55 30.75 43.34
CA SER A 323 28.35 31.18 44.04
C SER A 323 27.15 30.99 43.12
N SER A 324 25.96 31.25 43.65
CA SER A 324 24.75 31.19 42.85
C SER A 324 24.72 32.27 41.78
N ASP A 325 25.50 33.33 41.92
CA ASP A 325 25.53 34.39 40.92
C ASP A 325 26.01 33.89 39.55
N GLU A 326 26.84 32.85 39.53
CA GLU A 326 27.35 32.30 38.29
C GLU A 326 26.39 31.31 37.63
N ILE A 327 25.24 31.04 38.25
CA ILE A 327 24.28 30.08 37.74
C ILE A 327 23.16 30.84 37.04
N ILE A 328 23.00 30.60 35.74
CA ILE A 328 21.90 31.13 34.97
C ILE A 328 20.80 30.10 34.77
N CYS A 329 21.13 28.81 34.83
CA CYS A 329 20.15 27.74 34.64
C CYS A 329 19.42 27.45 35.94
N SER A 330 18.61 28.41 36.37
CA SER A 330 17.84 28.28 37.60
C SER A 330 16.59 27.43 37.42
N ARG A 331 16.23 27.08 36.19
CA ARG A 331 14.97 26.40 35.89
C ARG A 331 15.15 24.90 35.65
N LEU A 332 16.32 24.34 35.93
CA LEU A 332 16.53 22.92 35.70
C LEU A 332 15.62 22.09 36.59
N LEU A 333 14.96 21.10 36.01
CA LEU A 333 14.02 20.25 36.72
C LEU A 333 14.50 18.81 36.85
N GLU A 334 15.40 18.35 35.97
CA GLU A 334 16.04 17.06 36.14
C GLU A 334 17.43 17.09 35.49
N ILE A 335 18.32 16.25 36.01
CA ILE A 335 19.70 16.14 35.55
C ILE A 335 20.08 14.68 35.54
N ASP A 336 20.77 14.25 34.47
CA ASP A 336 21.29 12.89 34.35
C ASP A 336 22.79 12.97 34.10
N ILE A 337 23.57 12.56 35.10
CA ILE A 337 25.03 12.57 35.03
C ILE A 337 25.58 11.19 35.41
N SER A 338 24.77 10.16 35.24
CA SER A 338 25.19 8.82 35.60
C SER A 338 26.16 8.27 34.56
N SER A 339 26.70 7.09 34.86
CA SER A 339 27.60 6.36 33.95
C SER A 339 28.78 7.24 33.55
N ASN A 340 29.32 7.96 34.53
CA ASN A 340 30.47 8.83 34.34
C ASN A 340 31.54 8.45 35.36
N LYS A 341 32.58 9.27 35.50
CA LYS A 341 33.72 8.98 36.35
C LYS A 341 33.84 10.04 37.45
N LEU A 342 32.72 10.37 38.08
CA LEU A 342 32.66 11.42 39.09
C LEU A 342 33.01 10.87 40.46
N SER A 343 33.88 11.58 41.17
CA SER A 343 34.17 11.30 42.58
C SER A 343 33.32 12.14 43.52
N HIS A 344 32.91 13.33 43.10
CA HIS A 344 32.00 14.15 43.88
C HIS A 344 31.22 15.04 42.92
N LEU A 345 30.06 15.51 43.38
CA LEU A 345 29.28 16.42 42.56
C LEU A 345 29.69 17.86 42.85
N PRO A 346 29.51 18.79 41.91
CA PRO A 346 29.84 20.19 42.18
C PRO A 346 28.82 20.80 43.14
N PRO A 347 29.20 21.82 43.91
CA PRO A 347 28.23 22.43 44.83
C PRO A 347 27.21 23.31 44.14
N GLY A 348 27.32 23.52 42.83
CA GLY A 348 26.33 24.32 42.13
C GLY A 348 24.94 23.73 42.21
N PHE A 349 24.85 22.39 42.23
CA PHE A 349 23.56 21.73 42.40
C PHE A 349 22.88 22.15 43.70
N LEU A 350 23.65 22.59 44.70
CA LEU A 350 23.08 23.05 45.96
C LEU A 350 22.53 24.47 45.87
N HIS A 351 22.39 25.04 44.66
CA HIS A 351 21.67 26.28 44.45
C HIS A 351 20.39 26.11 43.64
N LEU A 352 20.12 24.91 43.12
CA LEU A 352 18.94 24.66 42.28
C LEU A 352 17.79 24.21 43.17
N SER A 353 17.07 25.19 43.71
CA SER A 353 15.94 24.88 44.60
C SER A 353 14.82 24.20 43.84
N LYS A 354 14.73 24.40 42.52
CA LYS A 354 13.65 23.86 41.72
C LYS A 354 13.97 22.49 41.12
N LEU A 355 15.19 21.99 41.29
CA LEU A 355 15.56 20.74 40.66
C LEU A 355 14.78 19.58 41.29
N GLN A 356 14.15 18.76 40.45
CA GLN A 356 13.23 17.73 40.91
C GLN A 356 13.81 16.32 40.82
N LYS A 357 14.87 16.11 40.05
CA LYS A 357 15.49 14.80 39.94
C LYS A 357 17.00 14.95 39.75
N LEU A 358 17.76 14.12 40.46
CA LEU A 358 19.20 14.03 40.30
C LEU A 358 19.56 12.55 40.29
N THR A 359 20.24 12.10 39.23
CA THR A 359 20.62 10.71 39.05
C THR A 359 22.10 10.66 38.69
N ALA A 360 22.93 10.37 39.69
CA ALA A 360 24.38 10.35 39.51
C ALA A 360 24.95 8.98 39.87
N SER A 361 24.22 7.93 39.51
CA SER A 361 24.66 6.58 39.78
C SER A 361 25.66 6.13 38.70
N LYS A 362 26.15 4.89 38.86
CA LYS A 362 27.14 4.32 37.97
C LYS A 362 28.37 5.24 37.86
N ASN A 363 28.82 5.71 39.03
CA ASN A 363 29.95 6.61 39.14
C ASN A 363 30.95 6.07 40.16
N CYS A 364 32.02 6.81 40.42
CA CYS A 364 33.03 6.44 41.41
C CYS A 364 32.97 7.41 42.58
N LEU A 365 31.76 7.80 42.98
CA LEU A 365 31.59 8.79 44.02
C LEU A 365 32.13 8.29 45.36
N GLU A 366 32.85 9.17 46.06
CA GLU A 366 33.20 8.97 47.45
C GLU A 366 32.32 9.77 48.40
N LYS A 367 31.74 10.86 47.91
CA LYS A 367 30.82 11.69 48.67
C LYS A 367 29.80 12.28 47.72
N LEU A 368 28.64 12.64 48.26
CA LEU A 368 27.66 13.38 47.46
C LEU A 368 28.20 14.75 47.09
N PHE A 369 28.69 15.49 48.07
CA PHE A 369 29.21 16.84 47.86
C PHE A 369 30.45 17.04 48.73
N GLU A 370 31.27 18.00 48.34
CA GLU A 370 32.38 18.40 49.18
C GLU A 370 31.86 19.01 50.47
N GLU A 371 32.69 18.94 51.52
CA GLU A 371 32.23 19.26 52.87
C GLU A 371 32.01 20.76 53.04
N GLU A 372 30.99 21.30 52.38
CA GLU A 372 30.59 22.68 52.57
C GLU A 372 29.55 22.77 53.69
N ASN A 373 30.06 22.72 54.92
CA ASN A 373 29.22 22.66 56.12
C ASN A 373 29.08 24.04 56.77
N ALA A 374 29.12 25.07 55.93
CA ALA A 374 29.00 26.45 56.41
C ALA A 374 28.07 27.29 55.53
N THR A 375 27.87 26.88 54.28
CA THR A 375 27.16 27.71 53.32
C THR A 375 25.65 27.48 53.42
N ASN A 376 24.88 28.57 53.22
CA ASN A 376 23.43 28.52 53.25
C ASN A 376 22.93 27.91 51.95
N TRP A 377 22.95 26.58 51.90
CA TRP A 377 22.47 25.87 50.73
C TRP A 377 20.94 25.89 50.69
N ILE A 378 20.39 26.21 49.52
CA ILE A 378 18.94 26.23 49.32
C ILE A 378 18.56 25.21 48.24
N GLY A 379 19.50 24.88 47.36
CA GLY A 379 19.21 23.99 46.26
C GLY A 379 18.93 22.57 46.72
N LEU A 380 18.24 21.82 45.87
CA LEU A 380 17.80 20.46 46.10
C LEU A 380 16.77 20.36 47.22
N ARG A 381 16.24 21.49 47.69
CA ARG A 381 15.24 21.47 48.75
C ARG A 381 13.96 20.80 48.28
N LYS A 382 13.61 21.01 47.01
CA LYS A 382 12.43 20.40 46.41
C LYS A 382 12.78 19.15 45.58
N LEU A 383 13.98 18.61 45.74
CA LEU A 383 14.32 17.38 45.03
C LEU A 383 13.41 16.24 45.49
N GLN A 384 12.86 15.51 44.54
CA GLN A 384 12.02 14.35 44.81
C GLN A 384 12.77 13.04 44.67
N GLU A 385 13.74 12.96 43.76
CA GLU A 385 14.45 11.73 43.45
C GLU A 385 15.95 11.98 43.55
N LEU A 386 16.64 11.13 44.30
CA LEU A 386 18.09 11.12 44.38
C LEU A 386 18.56 9.68 44.21
N ASP A 387 19.20 9.40 43.07
CA ASP A 387 19.66 8.05 42.72
C ASP A 387 21.19 8.13 42.61
N ILE A 388 21.87 7.69 43.66
CA ILE A 388 23.33 7.73 43.72
C ILE A 388 23.90 6.35 44.00
N SER A 389 23.18 5.31 43.58
CA SER A 389 23.65 3.95 43.78
C SER A 389 24.83 3.66 42.85
N ASP A 390 25.39 2.46 43.00
CA ASP A 390 26.56 2.04 42.24
C ASP A 390 27.71 3.03 42.42
N ASN A 391 28.08 3.23 43.68
CA ASN A 391 29.13 4.18 44.03
C ASN A 391 29.89 3.61 45.23
N LYS A 392 30.86 4.38 45.73
CA LYS A 392 31.75 3.93 46.79
C LYS A 392 31.59 4.79 48.04
N LEU A 393 30.34 5.10 48.41
CA LEU A 393 30.07 5.91 49.59
C LEU A 393 29.99 5.04 50.84
N THR A 394 30.78 5.41 51.85
CA THR A 394 30.70 4.80 53.17
C THR A 394 29.87 5.62 54.16
N GLU A 395 29.76 6.93 53.95
CA GLU A 395 28.99 7.79 54.84
C GLU A 395 28.12 8.71 53.99
N LEU A 396 26.93 9.01 54.51
CA LEU A 396 26.00 9.97 53.91
C LEU A 396 25.77 11.05 54.97
N PRO A 397 26.58 12.11 55.01
CA PRO A 397 26.49 13.07 56.11
C PRO A 397 25.10 13.71 56.21
N ALA A 398 24.68 13.95 57.46
CA ALA A 398 23.35 14.47 57.71
C ALA A 398 23.18 15.88 57.19
N LEU A 399 24.29 16.59 56.93
CA LEU A 399 24.21 17.98 56.47
C LEU A 399 23.39 18.10 55.18
N PHE A 400 23.92 17.55 54.10
CA PHE A 400 23.29 17.69 52.80
C PHE A 400 21.99 16.89 52.74
N LEU A 401 21.98 15.72 53.35
CA LEU A 401 20.79 14.87 53.34
C LEU A 401 19.62 15.49 54.09
N HIS A 402 19.88 16.15 55.22
CA HIS A 402 18.82 16.84 55.93
C HIS A 402 18.44 18.16 55.25
N SER A 403 19.31 18.70 54.39
CA SER A 403 18.91 19.87 53.61
C SER A 403 17.72 19.57 52.70
N PHE A 404 17.49 18.30 52.36
CA PHE A 404 16.37 17.93 51.51
C PHE A 404 15.06 18.02 52.29
N LYS A 405 13.98 18.33 51.58
CA LYS A 405 12.64 18.37 52.15
C LYS A 405 11.60 17.56 51.37
N SER A 406 11.70 17.53 50.04
CA SER A 406 10.68 16.92 49.19
C SER A 406 11.06 15.55 48.66
N LEU A 407 12.19 14.98 49.09
CA LEU A 407 12.60 13.68 48.59
C LEU A 407 11.53 12.64 48.91
N ASN A 408 11.25 11.77 47.93
CA ASN A 408 10.38 10.62 48.13
C ASN A 408 11.02 9.31 47.72
N SER A 409 11.98 9.33 46.79
CA SER A 409 12.67 8.14 46.32
C SER A 409 14.16 8.33 46.56
N LEU A 410 14.76 7.45 47.37
CA LEU A 410 16.18 7.47 47.67
C LEU A 410 16.76 6.11 47.31
N ASN A 411 17.62 6.09 46.29
CA ASN A 411 18.28 4.87 45.84
C ASN A 411 19.76 5.02 46.18
N VAL A 412 20.20 4.36 47.25
CA VAL A 412 21.58 4.42 47.71
C VAL A 412 22.13 3.01 47.85
N SER A 413 21.51 2.04 47.18
CA SER A 413 21.98 0.67 47.22
C SER A 413 23.31 0.53 46.50
N ARG A 414 23.98 -0.59 46.74
CA ARG A 414 25.24 -0.92 46.07
C ARG A 414 26.30 0.15 46.34
N ASN A 415 26.57 0.31 47.64
CA ASN A 415 27.56 1.26 48.13
C ASN A 415 28.34 0.59 49.25
N ASN A 416 29.33 1.31 49.79
CA ASN A 416 30.12 0.84 50.92
C ASN A 416 29.54 1.34 52.24
N LEU A 417 28.25 1.67 52.25
CA LEU A 417 27.64 2.24 53.44
C LEU A 417 27.60 1.21 54.57
N LYS A 418 27.90 1.67 55.78
CA LYS A 418 27.86 0.84 56.98
C LYS A 418 26.83 1.30 57.99
N VAL A 419 26.49 2.59 57.99
CA VAL A 419 25.46 3.15 58.88
C VAL A 419 24.44 3.85 58.01
N PHE A 420 23.18 3.48 58.17
CA PHE A 420 22.12 4.16 57.45
C PHE A 420 22.07 5.62 57.89
N PRO A 421 21.89 6.58 56.97
CA PRO A 421 21.99 8.00 57.36
C PRO A 421 20.98 8.37 58.45
N ASP A 422 21.40 9.27 59.32
CA ASP A 422 20.54 9.73 60.42
C ASP A 422 19.23 10.27 59.84
N PRO A 423 18.08 9.71 60.19
CA PRO A 423 16.85 10.04 59.47
C PRO A 423 16.32 11.43 59.81
N TRP A 424 15.26 11.83 59.12
CA TRP A 424 14.70 13.15 59.29
C TRP A 424 13.28 13.12 58.74
N ALA A 425 12.52 14.18 59.00
CA ALA A 425 11.11 14.24 58.59
C ALA A 425 11.01 14.64 57.12
N CYS A 426 11.05 13.63 56.24
CA CYS A 426 10.90 13.82 54.80
C CYS A 426 10.16 12.63 54.20
N PRO A 427 9.13 12.86 53.35
CA PRO A 427 8.22 11.76 53.00
C PRO A 427 8.81 10.77 52.00
N LEU A 428 9.65 9.86 52.48
CA LEU A 428 10.18 8.81 51.62
C LEU A 428 9.13 7.74 51.38
N LYS A 429 8.70 7.61 50.13
CA LYS A 429 7.79 6.53 49.73
C LYS A 429 8.52 5.23 49.43
N CYS A 430 9.78 5.29 49.05
CA CYS A 430 10.57 4.10 48.76
C CYS A 430 12.03 4.39 49.06
N CYS A 431 12.75 3.36 49.50
CA CYS A 431 14.17 3.48 49.80
C CYS A 431 14.86 2.17 49.52
N LYS A 432 15.93 2.22 48.73
CA LYS A 432 16.74 1.06 48.39
C LYS A 432 18.18 1.31 48.83
N ALA A 433 18.62 0.55 49.84
CA ALA A 433 19.99 0.63 50.34
C ALA A 433 20.63 -0.74 50.45
N SER A 434 20.12 -1.73 49.74
CA SER A 434 20.69 -3.07 49.78
C SER A 434 22.07 -3.08 49.13
N ARG A 435 22.71 -4.25 49.18
CA ARG A 435 24.07 -4.43 48.64
C ARG A 435 25.04 -3.45 49.30
N ASN A 436 24.96 -3.37 50.62
CA ASN A 436 25.77 -2.45 51.41
C ASN A 436 26.38 -3.25 52.56
N ALA A 437 27.04 -2.54 53.48
CA ALA A 437 27.57 -3.13 54.71
C ALA A 437 26.80 -2.62 55.92
N LEU A 438 25.52 -2.32 55.74
CA LEU A 438 24.71 -1.74 56.81
C LEU A 438 24.63 -2.68 58.00
N GLU A 439 24.92 -2.14 59.18
CA GLU A 439 24.87 -2.92 60.42
C GLU A 439 23.52 -2.81 61.12
N CYS A 440 22.79 -1.72 60.94
CA CYS A 440 21.54 -1.51 61.65
C CYS A 440 20.74 -0.44 60.92
N LEU A 441 19.56 -0.14 61.48
CA LEU A 441 18.68 0.90 60.99
C LEU A 441 18.27 1.81 62.14
N PRO A 442 17.93 3.07 61.86
CA PRO A 442 17.55 3.97 62.95
C PRO A 442 16.17 3.62 63.51
N ASP A 443 15.92 4.07 64.74
CA ASP A 443 14.66 3.81 65.41
C ASP A 443 13.60 4.87 65.11
N LYS A 444 13.93 5.89 64.33
CA LYS A 444 13.00 6.99 64.04
C LYS A 444 12.18 6.77 62.78
N MET A 445 12.23 5.57 62.19
CA MET A 445 11.42 5.32 60.99
C MET A 445 9.96 5.59 61.27
N ALA A 446 9.43 5.00 62.33
CA ALA A 446 8.04 5.20 62.74
C ALA A 446 7.75 6.65 63.13
N VAL A 447 8.77 7.46 63.36
CA VAL A 447 8.59 8.87 63.68
C VAL A 447 8.32 9.68 62.42
N PHE A 448 8.96 9.33 61.30
CA PHE A 448 8.91 10.15 60.09
C PHE A 448 8.12 9.52 58.96
N TRP A 449 8.33 8.23 58.69
CA TRP A 449 7.81 7.58 57.51
C TRP A 449 6.73 6.56 57.84
N LYS A 450 6.00 6.75 58.95
CA LYS A 450 4.98 5.80 59.37
C LYS A 450 3.87 5.69 58.33
N ASN A 451 3.61 6.75 57.58
CA ASN A 451 2.50 6.82 56.64
C ASN A 451 2.95 7.04 55.20
N HIS A 452 4.26 6.93 54.92
CA HIS A 452 4.80 7.27 53.61
C HIS A 452 5.50 6.10 52.95
N LEU A 453 6.47 5.49 53.63
CA LEU A 453 7.32 4.48 53.02
C LEU A 453 6.48 3.25 52.68
N LYS A 454 6.59 2.80 51.43
CA LYS A 454 5.91 1.60 50.94
C LYS A 454 6.86 0.50 50.52
N ASP A 455 8.02 0.86 49.96
CA ASP A 455 9.01 -0.10 49.45
C ASP A 455 10.30 0.11 50.24
N VAL A 456 10.82 -0.98 50.80
CA VAL A 456 12.08 -0.97 51.53
C VAL A 456 12.93 -2.13 51.04
N ASP A 457 14.20 -1.86 50.76
CA ASP A 457 15.17 -2.88 50.35
C ASP A 457 16.48 -2.61 51.09
N PHE A 458 16.62 -3.19 52.28
CA PHE A 458 17.84 -3.13 53.06
C PHE A 458 18.49 -4.51 53.15
N SER A 459 18.23 -5.35 52.16
CA SER A 459 18.74 -6.72 52.17
C SER A 459 20.19 -6.75 51.71
N GLU A 460 20.77 -7.96 51.75
CA GLU A 460 22.18 -8.18 51.41
C GLU A 460 23.09 -7.19 52.11
N ASN A 461 23.14 -7.24 53.43
CA ASN A 461 23.95 -6.30 54.22
C ASN A 461 24.61 -7.07 55.34
N ALA A 462 25.28 -6.34 56.24
CA ALA A 462 25.92 -6.88 57.43
C ALA A 462 25.09 -6.57 58.66
N LEU A 463 23.77 -6.62 58.51
CA LEU A 463 22.83 -6.24 59.54
C LEU A 463 22.45 -7.45 60.40
N LYS A 464 22.29 -7.22 61.70
CA LYS A 464 22.03 -8.28 62.67
C LYS A 464 20.65 -8.21 63.30
N GLU A 465 20.01 -7.05 63.36
CA GLU A 465 18.70 -6.93 63.99
C GLU A 465 17.99 -5.71 63.45
N VAL A 466 16.74 -5.89 63.03
CA VAL A 466 15.91 -4.79 62.53
C VAL A 466 15.10 -4.24 63.70
N PRO A 467 15.18 -2.95 64.00
CA PRO A 467 14.37 -2.43 65.11
C PRO A 467 12.89 -2.43 64.77
N LEU A 468 12.07 -2.25 65.81
CA LEU A 468 10.62 -2.35 65.66
C LEU A 468 10.08 -1.33 64.67
N GLY A 469 10.76 -0.19 64.52
CA GLY A 469 10.24 0.92 63.76
C GLY A 469 9.84 0.59 62.34
N LEU A 470 10.70 -0.16 61.63
CA LEU A 470 10.39 -0.56 60.26
C LEU A 470 9.07 -1.31 60.21
N PHE A 471 8.82 -2.16 61.19
CA PHE A 471 7.60 -2.95 61.28
C PHE A 471 6.47 -2.21 61.96
N GLN A 472 6.76 -1.07 62.58
CA GLN A 472 5.74 -0.20 63.12
C GLN A 472 5.15 0.71 62.04
N LEU A 473 5.68 0.63 60.83
CA LEU A 473 5.24 1.50 59.75
C LEU A 473 3.88 1.00 59.25
N ASP A 474 3.04 1.93 58.78
CA ASP A 474 1.75 1.56 58.22
C ASP A 474 1.76 1.44 56.70
N ALA A 475 2.33 2.44 56.00
CA ALA A 475 2.33 2.38 54.55
C ALA A 475 3.24 1.29 54.01
N LEU A 476 4.14 0.77 54.83
CA LEU A 476 5.11 -0.20 54.36
C LEU A 476 4.43 -1.50 53.96
N MET A 477 4.62 -1.92 52.70
CA MET A 477 4.06 -3.19 52.24
C MET A 477 5.02 -4.03 51.39
N PHE A 478 6.16 -3.50 50.98
CA PHE A 478 7.13 -4.22 50.16
C PHE A 478 8.46 -4.28 50.91
N LEU A 479 8.76 -5.44 51.49
CA LEU A 479 9.94 -5.64 52.33
C LEU A 479 10.87 -6.64 51.67
N ARG A 480 12.12 -6.24 51.49
CA ARG A 480 13.21 -7.11 51.04
C ARG A 480 14.28 -7.02 52.11
N LEU A 481 14.31 -8.02 53.00
CA LEU A 481 15.15 -8.02 54.19
C LEU A 481 15.93 -9.31 54.31
N GLN A 482 16.45 -9.79 53.19
CA GLN A 482 17.26 -11.01 53.14
C GLN A 482 18.74 -10.65 53.17
N GLY A 483 19.58 -11.68 53.04
CA GLY A 483 21.01 -11.49 52.96
C GLY A 483 21.59 -10.78 54.17
N ASN A 484 21.13 -11.13 55.36
CA ASN A 484 21.58 -10.49 56.59
C ASN A 484 21.81 -11.58 57.64
N GLN A 485 22.25 -11.16 58.82
CA GLN A 485 22.54 -12.07 59.93
C GLN A 485 21.44 -12.09 60.98
N LEU A 486 20.25 -11.61 60.63
CA LEU A 486 19.18 -11.55 61.62
C LEU A 486 18.70 -12.95 61.98
N ALA A 487 18.45 -13.16 63.27
CA ALA A 487 18.01 -14.45 63.78
C ALA A 487 16.79 -14.36 64.68
N ALA A 488 16.25 -13.18 64.93
CA ALA A 488 15.08 -13.02 65.79
C ALA A 488 14.36 -11.74 65.41
N LEU A 489 13.02 -11.79 65.44
CA LEU A 489 12.17 -10.68 65.04
C LEU A 489 11.56 -10.01 66.25
N PRO A 490 11.06 -8.78 66.12
CA PRO A 490 10.25 -8.20 67.18
C PRO A 490 8.96 -8.98 67.35
N PRO A 491 8.33 -8.94 68.52
CA PRO A 491 7.08 -9.68 68.71
C PRO A 491 6.00 -9.22 67.73
N GLN A 492 5.20 -10.18 67.25
CA GLN A 492 4.20 -9.90 66.23
C GLN A 492 3.16 -8.89 66.69
N GLU A 493 2.87 -8.83 68.00
CA GLU A 493 1.88 -7.89 68.49
C GLU A 493 2.29 -6.44 68.25
N LYS A 494 3.59 -6.17 68.09
CA LYS A 494 4.09 -4.83 67.82
C LYS A 494 4.07 -4.48 66.34
N TRP A 495 3.78 -5.45 65.46
CA TRP A 495 3.77 -5.24 64.03
C TRP A 495 2.47 -4.55 63.61
N THR A 496 2.60 -3.40 62.93
CA THR A 496 1.45 -2.67 62.40
C THR A 496 1.46 -2.60 60.88
N CYS A 497 2.27 -3.43 60.20
CA CYS A 497 2.33 -3.44 58.75
C CYS A 497 1.13 -4.20 58.18
N ARG A 498 -0.06 -3.60 58.37
CA ARG A 498 -1.30 -4.22 57.92
C ARG A 498 -1.37 -4.39 56.42
N GLN A 499 -0.77 -3.48 55.65
CA GLN A 499 -0.85 -3.53 54.20
C GLN A 499 0.16 -4.49 53.58
N LEU A 500 0.85 -5.30 54.37
CA LEU A 500 1.97 -6.08 53.88
C LEU A 500 1.51 -7.13 52.87
N LYS A 501 2.15 -7.13 51.70
CA LYS A 501 1.87 -8.07 50.63
C LYS A 501 2.99 -9.07 50.41
N THR A 502 4.23 -8.60 50.35
CA THR A 502 5.40 -9.45 50.12
C THR A 502 6.37 -9.25 51.27
N LEU A 503 6.87 -10.36 51.81
CA LEU A 503 7.86 -10.36 52.90
C LEU A 503 8.95 -11.35 52.52
N ASP A 504 10.12 -10.83 52.15
CA ASP A 504 11.26 -11.68 51.80
C ASP A 504 12.20 -11.72 52.99
N LEU A 505 12.03 -12.74 53.82
CA LEU A 505 12.79 -12.92 55.06
C LEU A 505 13.69 -14.15 54.95
N SER A 506 14.21 -14.40 53.75
CA SER A 506 15.08 -15.55 53.51
C SER A 506 16.54 -15.16 53.72
N ARG A 507 17.42 -16.16 53.62
CA ARG A 507 18.86 -15.95 53.64
C ARG A 507 19.30 -15.22 54.91
N ASN A 508 19.09 -15.87 56.04
CA ASN A 508 19.45 -15.30 57.33
C ASN A 508 19.58 -16.44 58.34
N GLN A 509 19.82 -16.10 59.60
CA GLN A 509 20.01 -17.07 60.66
C GLN A 509 18.74 -17.28 61.49
N LEU A 510 17.58 -16.93 60.95
CA LEU A 510 16.33 -17.12 61.67
C LEU A 510 16.02 -18.60 61.83
N GLY A 511 15.44 -18.95 62.97
CA GLY A 511 15.10 -20.33 63.27
C GLY A 511 14.11 -20.92 62.28
N VAL A 540 11.19 -18.35 67.34
CA VAL A 540 10.23 -18.80 66.35
C VAL A 540 9.57 -17.59 65.70
N LEU A 541 9.34 -17.68 64.39
CA LEU A 541 8.74 -16.59 63.64
C LEU A 541 7.23 -16.56 63.87
N GLU A 542 6.71 -15.37 64.17
CA GLU A 542 5.28 -15.16 64.41
C GLU A 542 4.79 -14.07 63.47
N PHE A 543 3.49 -14.09 63.20
CA PHE A 543 2.83 -13.14 62.32
C PHE A 543 1.58 -12.60 62.96
N PRO A 544 1.20 -11.35 62.65
CA PRO A 544 -0.15 -10.90 62.99
C PRO A 544 -1.19 -11.70 62.21
N ALA A 545 -2.35 -11.91 62.84
CA ALA A 545 -3.41 -12.65 62.17
C ALA A 545 -3.99 -11.86 60.99
N PHE A 546 -3.83 -10.54 61.00
CA PHE A 546 -4.35 -9.73 59.89
C PHE A 546 -3.73 -10.11 58.56
N LEU A 547 -2.44 -10.50 58.57
CA LEU A 547 -1.76 -10.94 57.35
C LEU A 547 -2.42 -12.17 56.73
N SER A 548 -3.39 -12.78 57.42
CA SER A 548 -4.21 -13.81 56.80
C SER A 548 -4.90 -13.32 55.52
N GLU A 549 -5.14 -12.02 55.39
CA GLU A 549 -5.79 -11.47 54.20
C GLU A 549 -4.84 -10.63 53.35
N SER A 550 -3.59 -10.45 53.77
CA SER A 550 -2.72 -9.45 53.16
C SER A 550 -1.58 -10.07 52.35
N LEU A 551 -0.79 -10.96 52.94
CA LEU A 551 0.36 -11.50 52.22
C LEU A 551 -0.06 -12.30 50.99
N GLU A 552 0.69 -12.10 49.91
CA GLU A 552 0.57 -12.87 48.69
C GLU A 552 1.77 -13.77 48.45
N VAL A 553 2.94 -13.38 48.96
CA VAL A 553 4.16 -14.17 48.86
C VAL A 553 4.92 -14.07 50.17
N LEU A 554 5.54 -15.18 50.59
CA LEU A 554 6.37 -15.22 51.79
C LEU A 554 7.56 -16.12 51.51
N CYS A 555 8.76 -15.57 51.69
CA CYS A 555 10.02 -16.27 51.40
C CYS A 555 10.70 -16.59 52.72
N LEU A 556 10.98 -17.88 52.95
CA LEU A 556 11.68 -18.29 54.16
C LEU A 556 12.65 -19.44 53.88
N ASN A 557 13.07 -19.60 52.62
CA ASN A 557 14.04 -20.63 52.31
C ASN A 557 15.45 -20.21 52.75
N ASP A 558 16.32 -21.20 52.87
CA ASP A 558 17.74 -20.99 53.14
C ASP A 558 17.93 -20.28 54.48
N ASN A 559 17.34 -20.88 55.52
CA ASN A 559 17.41 -20.35 56.88
C ASN A 559 17.73 -21.50 57.85
N HIS A 560 17.86 -21.17 59.13
CA HIS A 560 18.16 -22.15 60.16
C HIS A 560 16.87 -22.78 60.68
N LEU A 561 16.06 -23.31 59.76
CA LEU A 561 14.74 -23.83 60.08
C LEU A 561 14.81 -25.33 60.22
N ASP A 562 14.45 -25.83 61.40
CA ASP A 562 14.29 -27.26 61.66
C ASP A 562 12.83 -27.68 61.68
N THR A 563 11.93 -26.78 62.06
CA THR A 563 10.49 -27.03 62.02
C THR A 563 9.81 -25.79 61.46
N VAL A 564 8.75 -26.01 60.71
CA VAL A 564 7.97 -24.90 60.17
C VAL A 564 7.29 -24.17 61.34
N PRO A 565 7.36 -22.85 61.43
CA PRO A 565 6.62 -22.16 62.48
C PRO A 565 5.13 -22.35 62.31
N PRO A 566 4.38 -22.70 63.36
CA PRO A 566 2.94 -22.93 63.18
C PRO A 566 2.17 -21.71 62.72
N SER A 567 2.72 -20.50 62.91
CA SER A 567 2.03 -19.28 62.53
C SER A 567 1.71 -19.24 61.03
N VAL A 568 2.42 -20.01 60.22
CA VAL A 568 2.13 -20.08 58.79
C VAL A 568 0.68 -20.48 58.54
N CYS A 569 0.06 -21.21 59.47
CA CYS A 569 -1.33 -21.61 59.30
C CYS A 569 -2.28 -20.42 59.23
N LEU A 570 -1.87 -19.27 59.75
CA LEU A 570 -2.71 -18.07 59.67
C LEU A 570 -2.88 -17.54 58.25
N LEU A 571 -1.92 -17.81 57.36
CA LEU A 571 -1.79 -17.04 56.13
C LEU A 571 -2.60 -17.68 55.00
N LYS A 572 -3.92 -17.61 55.16
CA LYS A 572 -4.83 -18.17 54.17
C LYS A 572 -4.65 -17.50 52.81
N SER A 573 -4.52 -16.18 52.79
CA SER A 573 -4.38 -15.45 51.53
C SER A 573 -3.06 -15.68 50.84
N LEU A 574 -2.09 -16.34 51.48
CA LEU A 574 -0.80 -16.57 50.87
C LEU A 574 -0.93 -17.42 49.61
N SER A 575 -0.23 -17.01 48.55
CA SER A 575 -0.27 -17.69 47.27
C SER A 575 1.03 -18.40 46.91
N GLU A 576 2.18 -17.86 47.30
CA GLU A 576 3.47 -18.47 46.99
C GLU A 576 4.29 -18.52 48.27
N LEU A 577 4.85 -19.69 48.57
CA LEU A 577 5.66 -19.90 49.77
C LEU A 577 6.95 -20.58 49.39
N TYR A 578 8.05 -20.15 50.02
CA TYR A 578 9.33 -20.84 49.96
C TYR A 578 9.67 -21.42 51.32
N LEU A 579 10.05 -22.70 51.33
CA LEU A 579 10.57 -23.38 52.52
C LEU A 579 11.82 -24.19 52.25
N GLY A 580 12.32 -24.21 51.02
CA GLY A 580 13.46 -25.03 50.69
C GLY A 580 14.75 -24.56 51.34
N ASN A 581 15.83 -25.27 51.04
CA ASN A 581 17.15 -24.98 51.60
C ASN A 581 17.11 -24.97 53.13
N ASN A 582 16.31 -25.87 53.69
CA ASN A 582 16.15 -26.03 55.13
C ASN A 582 16.32 -27.51 55.45
N PRO A 583 17.56 -28.01 55.48
CA PRO A 583 17.77 -29.46 55.61
C PRO A 583 17.27 -30.05 56.92
N GLY A 584 17.04 -29.24 57.94
CA GLY A 584 16.58 -29.73 59.23
C GLY A 584 15.11 -30.05 59.31
N LEU A 585 14.36 -29.86 58.23
CA LEU A 585 12.92 -30.09 58.25
C LEU A 585 12.61 -31.53 57.86
N ARG A 586 11.63 -32.12 58.55
CA ARG A 586 11.16 -33.47 58.24
C ARG A 586 9.64 -33.56 58.18
N GLU A 587 8.92 -32.63 58.82
CA GLU A 587 7.47 -32.65 58.84
C GLU A 587 6.92 -31.44 58.11
N LEU A 588 5.96 -31.68 57.22
CA LEU A 588 5.22 -30.63 56.54
C LEU A 588 3.87 -30.47 57.23
N PRO A 589 3.57 -29.34 57.87
CA PRO A 589 2.35 -29.26 58.70
C PRO A 589 1.10 -29.52 57.89
N PRO A 590 0.10 -30.21 58.45
CA PRO A 590 -1.17 -30.37 57.73
C PRO A 590 -1.89 -29.06 57.48
N GLU A 591 -1.72 -28.07 58.35
CA GLU A 591 -2.42 -26.80 58.22
C GLU A 591 -2.05 -26.05 56.95
N LEU A 592 -0.93 -26.40 56.32
CA LEU A 592 -0.60 -25.79 55.04
C LEU A 592 -1.65 -26.11 53.98
N GLY A 593 -2.35 -27.24 54.12
CA GLY A 593 -3.45 -27.53 53.24
C GLY A 593 -4.64 -26.59 53.41
N GLN A 594 -4.76 -25.95 54.57
CA GLN A 594 -5.81 -24.96 54.77
C GLN A 594 -5.56 -23.69 53.99
N LEU A 595 -4.30 -23.41 53.64
CA LEU A 595 -3.95 -22.21 52.89
C LEU A 595 -4.40 -22.42 51.44
N GLY A 596 -5.65 -22.04 51.19
CA GLY A 596 -6.26 -22.34 49.91
C GLY A 596 -5.59 -21.67 48.74
N ASN A 597 -5.07 -20.46 48.93
CA ASN A 597 -4.55 -19.68 47.82
C ASN A 597 -3.21 -20.18 47.29
N LEU A 598 -2.58 -21.13 47.96
CA LEU A 598 -1.28 -21.62 47.51
C LEU A 598 -1.37 -22.24 46.12
N TRP A 599 -0.45 -21.83 45.25
CA TRP A 599 -0.27 -22.45 43.94
C TRP A 599 1.13 -22.99 43.71
N GLN A 600 2.12 -22.59 44.51
CA GLN A 600 3.51 -23.00 44.36
C GLN A 600 4.13 -23.14 45.74
N LEU A 601 5.09 -24.06 45.85
CA LEU A 601 5.83 -24.28 47.10
C LEU A 601 7.25 -24.69 46.73
N ASP A 602 8.23 -24.08 47.39
CA ASP A 602 9.63 -24.43 47.17
C ASP A 602 9.94 -25.69 47.97
N THR A 603 9.83 -26.84 47.32
CA THR A 603 10.11 -28.12 47.95
C THR A 603 11.52 -28.59 47.67
N GLU A 604 12.45 -27.68 47.44
CA GLU A 604 13.80 -28.04 47.02
C GLU A 604 14.55 -28.71 48.16
N ASP A 605 14.97 -29.95 47.94
CA ASP A 605 15.83 -30.68 48.87
C ASP A 605 15.19 -30.78 50.26
N LEU A 606 13.86 -30.89 50.28
CA LEU A 606 13.11 -31.13 51.51
C LEU A 606 12.52 -32.52 51.48
N THR A 607 12.88 -33.33 52.47
CA THR A 607 12.35 -34.68 52.63
C THR A 607 11.29 -34.63 53.71
N ILE A 608 10.05 -34.95 53.34
CA ILE A 608 8.90 -34.83 54.22
C ILE A 608 8.53 -36.23 54.70
N SER A 609 8.66 -36.45 56.01
CA SER A 609 8.35 -37.77 56.57
C SER A 609 6.87 -38.07 56.50
N ASN A 610 6.00 -37.09 56.77
CA ASN A 610 4.57 -37.31 56.85
C ASN A 610 3.87 -37.22 55.49
N VAL A 611 4.62 -37.27 54.40
CA VAL A 611 4.05 -37.30 53.05
C VAL A 611 4.71 -38.46 52.29
N PRO A 612 3.97 -39.29 51.56
CA PRO A 612 4.64 -40.36 50.80
C PRO A 612 5.46 -39.78 49.66
N ALA A 613 6.41 -40.59 49.18
CA ALA A 613 7.33 -40.14 48.14
C ALA A 613 6.60 -39.79 46.86
N GLU A 614 5.54 -40.53 46.53
CA GLU A 614 4.81 -40.28 45.28
C GLU A 614 4.18 -38.89 45.29
N ILE A 615 3.55 -38.51 46.41
CA ILE A 615 2.92 -37.20 46.50
C ILE A 615 3.96 -36.10 46.42
N GLN A 616 5.11 -36.29 47.07
CA GLN A 616 6.19 -35.31 46.97
C GLN A 616 6.67 -35.17 45.53
N LYS A 617 6.79 -36.29 44.82
CA LYS A 617 7.24 -36.25 43.44
C LYS A 617 6.22 -35.55 42.54
N GLU A 618 4.93 -35.74 42.82
CA GLU A 618 3.90 -35.18 41.95
C GLU A 618 3.96 -33.65 41.95
N GLY A 619 4.17 -33.04 43.11
CA GLY A 619 4.38 -31.61 43.20
C GLY A 619 3.56 -30.94 44.29
N PRO A 620 3.64 -29.60 44.35
CA PRO A 620 2.94 -28.86 45.42
C PRO A 620 1.44 -29.09 45.48
N LYS A 621 0.78 -29.22 44.34
CA LYS A 621 -0.67 -29.41 44.35
C LYS A 621 -1.06 -30.74 44.98
N ALA A 622 -0.36 -31.82 44.61
CA ALA A 622 -0.62 -33.11 45.24
C ALA A 622 -0.34 -33.06 46.73
N MET A 623 0.73 -32.38 47.12
CA MET A 623 1.06 -32.24 48.54
C MET A 623 -0.05 -31.50 49.29
N LEU A 624 -0.56 -30.42 48.70
CA LEU A 624 -1.62 -29.68 49.36
C LEU A 624 -2.90 -30.50 49.46
N SER A 625 -3.24 -31.25 48.41
CA SER A 625 -4.42 -32.10 48.47
C SER A 625 -4.27 -33.16 49.56
N TYR A 626 -3.09 -33.78 49.64
CA TYR A 626 -2.84 -34.79 50.65
C TYR A 626 -2.90 -34.21 52.06
N LEU A 627 -2.32 -33.01 52.24
CA LEU A 627 -2.36 -32.36 53.54
C LEU A 627 -3.77 -31.95 53.92
N ARG A 628 -4.58 -31.55 52.94
CA ARG A 628 -5.98 -31.26 53.22
C ARG A 628 -6.73 -32.52 53.63
N ALA A 629 -6.44 -33.64 52.97
CA ALA A 629 -7.07 -34.90 53.34
C ALA A 629 -6.71 -35.28 54.78
N GLN A 630 -5.45 -35.13 55.15
CA GLN A 630 -5.06 -35.40 56.53
C GLN A 630 -5.70 -34.41 57.49
N LEU A 631 -5.68 -33.12 57.15
CA LEU A 631 -6.19 -32.08 58.04
C LEU A 631 -7.70 -32.22 58.25
N ARG A 632 -8.43 -32.55 57.19
CA ARG A 632 -9.87 -32.70 57.26
C ARG A 632 -10.29 -34.12 57.62
N LYS A 633 -9.45 -34.84 58.37
CA LYS A 633 -9.75 -36.18 58.89
C LYS A 633 -10.41 -37.07 57.84
N ALA A 634 -9.74 -37.19 56.69
CA ALA A 634 -10.30 -37.93 55.58
C ALA A 634 -10.38 -39.42 55.90
N GLU A 635 -11.49 -40.04 55.50
CA GLU A 635 -11.73 -41.46 55.65
C GLU A 635 -11.69 -42.13 54.28
N LYS A 636 -11.47 -43.44 54.29
CA LYS A 636 -11.31 -44.22 53.06
C LYS A 636 -12.68 -44.69 52.60
N CYS A 637 -13.11 -44.20 51.44
CA CYS A 637 -14.41 -44.57 50.87
C CYS A 637 -14.21 -45.74 49.91
N LYS A 638 -14.77 -46.90 50.28
CA LYS A 638 -14.73 -48.09 49.43
C LYS A 638 -16.04 -48.30 48.67
N LEU A 639 -16.98 -47.37 48.74
CA LEU A 639 -18.25 -47.49 48.06
C LEU A 639 -18.14 -46.89 46.66
N MET A 640 -18.71 -47.58 45.67
CA MET A 640 -18.56 -47.21 44.27
C MET A 640 -19.88 -47.47 43.54
N LYS A 641 -20.01 -46.81 42.39
CA LYS A 641 -21.20 -46.98 41.55
C LYS A 641 -21.07 -48.20 40.65
N MET A 642 -22.12 -49.02 40.65
CA MET A 642 -22.30 -50.11 39.71
C MET A 642 -23.54 -49.85 38.87
N ILE A 643 -23.41 -50.02 37.56
CA ILE A 643 -24.51 -49.84 36.62
C ILE A 643 -24.63 -51.11 35.79
N ILE A 644 -25.87 -51.54 35.57
CA ILE A 644 -26.17 -52.71 34.74
C ILE A 644 -26.94 -52.21 33.52
N VAL A 645 -26.46 -52.58 32.33
CA VAL A 645 -26.97 -52.04 31.08
C VAL A 645 -27.23 -53.21 30.13
N GLY A 646 -28.12 -52.99 29.16
CA GLY A 646 -28.35 -53.95 28.11
C GLY A 646 -29.75 -53.86 27.52
N PRO A 647 -29.99 -54.60 26.45
CA PRO A 647 -31.35 -54.64 25.88
C PRO A 647 -32.27 -55.46 26.75
N PRO A 648 -33.57 -55.45 26.47
CA PRO A 648 -34.51 -56.22 27.30
C PRO A 648 -34.26 -57.72 27.18
N ARG A 649 -34.58 -58.42 28.28
CA ARG A 649 -34.55 -59.88 28.32
C ARG A 649 -33.16 -60.42 28.03
N GLN A 650 -32.21 -60.13 28.92
CA GLN A 650 -30.84 -60.63 28.82
C GLN A 650 -30.31 -61.24 30.10
N GLY A 651 -31.00 -61.07 31.23
CA GLY A 651 -30.58 -61.67 32.48
C GLY A 651 -29.83 -60.73 33.41
N LYS A 652 -30.09 -59.43 33.31
CA LYS A 652 -29.46 -58.46 34.20
C LYS A 652 -29.73 -58.78 35.66
N SER A 653 -31.00 -58.97 36.01
CA SER A 653 -31.34 -59.28 37.39
C SER A 653 -30.79 -60.64 37.81
N THR A 654 -30.84 -61.62 36.91
CA THR A 654 -30.25 -62.92 37.21
C THR A 654 -28.75 -62.79 37.44
N LEU A 655 -28.08 -62.01 36.61
CA LEU A 655 -26.66 -61.72 36.81
C LEU A 655 -26.40 -61.19 38.22
N LEU A 656 -27.12 -60.14 38.60
CA LEU A 656 -26.88 -59.54 39.90
C LEU A 656 -27.19 -60.51 41.02
N GLU A 657 -28.26 -61.30 40.88
CA GLU A 657 -28.64 -62.23 41.92
C GLU A 657 -27.58 -63.31 42.12
N ILE A 658 -27.14 -63.95 41.04
CA ILE A 658 -26.18 -65.04 41.21
C ILE A 658 -24.84 -64.51 41.69
N LEU A 659 -24.45 -63.32 41.23
CA LEU A 659 -23.19 -62.74 41.71
C LEU A 659 -23.28 -62.39 43.19
N GLN A 660 -24.42 -61.87 43.64
CA GLN A 660 -24.57 -61.53 45.05
C GLN A 660 -24.56 -62.78 45.92
N THR A 661 -25.28 -63.82 45.51
CA THR A 661 -25.51 -64.99 46.35
C THR A 661 -24.58 -66.15 46.04
N GLY A 662 -24.17 -66.32 44.79
CA GLY A 662 -23.41 -67.49 44.41
C GLY A 662 -24.26 -68.75 44.30
N ARG A 663 -25.57 -68.60 44.19
CA ARG A 663 -26.51 -69.71 44.05
C ARG A 663 -27.33 -69.49 42.79
N ALA A 664 -28.02 -70.55 42.36
CA ALA A 664 -28.91 -70.44 41.21
C ALA A 664 -30.01 -69.45 41.54
N PRO A 665 -30.53 -68.70 40.57
CA PRO A 665 -31.51 -67.65 40.88
C PRO A 665 -32.80 -68.23 41.44
N GLN A 666 -33.41 -67.46 42.35
CA GLN A 666 -34.67 -67.82 42.99
C GLN A 666 -35.71 -66.71 42.98
N VAL A 667 -35.30 -65.47 42.75
CA VAL A 667 -36.17 -64.31 42.91
C VAL A 667 -36.90 -64.03 41.60
N VAL A 668 -38.19 -63.73 41.71
CA VAL A 668 -38.96 -63.21 40.59
C VAL A 668 -38.85 -61.70 40.60
N HIS A 669 -38.24 -61.13 39.57
CA HIS A 669 -37.91 -59.72 39.55
C HIS A 669 -39.00 -58.92 38.85
N GLY A 670 -39.18 -57.68 39.30
CA GLY A 670 -40.28 -56.86 38.84
C GLY A 670 -40.04 -56.24 37.48
N GLU A 671 -41.08 -55.55 36.99
CA GLU A 671 -41.04 -54.88 35.71
C GLU A 671 -40.56 -53.43 35.81
N ALA A 672 -40.13 -52.99 36.99
CA ALA A 672 -39.73 -51.60 37.17
C ALA A 672 -38.54 -51.26 36.28
N THR A 673 -38.54 -50.04 35.74
CA THR A 673 -37.46 -49.61 34.87
C THR A 673 -36.13 -49.62 35.61
N ILE A 674 -36.13 -49.36 36.90
CA ILE A 674 -34.92 -49.25 37.70
C ILE A 674 -35.07 -50.10 38.95
N ARG A 675 -34.01 -50.83 39.30
CA ARG A 675 -33.91 -51.57 40.54
C ARG A 675 -32.60 -51.21 41.21
N THR A 676 -32.67 -50.89 42.51
CA THR A 676 -31.53 -50.39 43.26
C THR A 676 -31.26 -51.29 44.45
N THR A 677 -29.99 -51.49 44.76
CA THR A 677 -29.61 -52.32 45.91
C THR A 677 -28.16 -52.01 46.28
N LYS A 678 -27.60 -52.84 47.16
CA LYS A 678 -26.22 -52.73 47.62
C LYS A 678 -25.57 -54.10 47.56
N TRP A 679 -24.26 -54.13 47.35
CA TRP A 679 -23.55 -55.40 47.21
C TRP A 679 -22.13 -55.28 47.72
N GLU A 680 -21.72 -56.19 48.59
CA GLU A 680 -20.34 -56.25 49.10
C GLU A 680 -19.62 -57.44 48.46
N LEU A 681 -18.35 -57.24 48.12
CA LEU A 681 -17.49 -58.28 47.57
C LEU A 681 -16.23 -58.39 48.41
N GLN A 682 -15.96 -59.60 48.90
CA GLN A 682 -14.73 -59.88 49.63
C GLN A 682 -13.62 -60.21 48.63
N ARG A 683 -12.39 -59.88 49.01
CA ARG A 683 -11.27 -60.08 48.12
C ARG A 683 -11.05 -61.59 47.90
N PRO A 684 -10.80 -62.02 46.67
CA PRO A 684 -10.56 -63.46 46.44
C PRO A 684 -9.14 -63.85 46.85
N ALA A 685 -8.94 -65.17 46.92
CA ALA A 685 -7.63 -65.70 47.23
C ALA A 685 -6.61 -65.28 46.17
N GLY A 686 -5.42 -64.87 46.62
CA GLY A 686 -4.40 -64.37 45.74
C GLY A 686 -4.52 -62.89 45.43
N SER A 687 -5.53 -62.21 45.97
CA SER A 687 -5.71 -60.79 45.69
C SER A 687 -4.58 -59.97 46.30
N ARG A 688 -4.09 -59.00 45.52
CA ARG A 688 -3.09 -58.04 45.98
C ARG A 688 -3.73 -56.70 46.35
N ALA A 689 -5.05 -56.65 46.48
CA ALA A 689 -5.75 -55.40 46.70
C ALA A 689 -5.38 -54.80 48.06
N LYS A 690 -5.60 -53.49 48.17
CA LYS A 690 -5.36 -52.74 49.39
C LYS A 690 -6.58 -52.66 50.29
N VAL A 691 -7.66 -53.37 49.95
CA VAL A 691 -8.91 -53.34 50.70
C VAL A 691 -9.32 -54.76 51.02
N GLU A 692 -9.88 -54.94 52.23
CA GLU A 692 -10.42 -56.24 52.60
C GLU A 692 -11.62 -56.60 51.73
N SER A 693 -12.41 -55.61 51.37
CA SER A 693 -13.61 -55.81 50.57
C SER A 693 -13.92 -54.51 49.85
N VAL A 694 -14.90 -54.58 48.92
CA VAL A 694 -15.41 -53.42 48.22
C VAL A 694 -16.92 -53.44 48.29
N GLU A 695 -17.52 -52.26 48.10
CA GLU A 695 -18.96 -52.10 48.17
C GLU A 695 -19.44 -51.38 46.92
N PHE A 696 -20.62 -51.77 46.45
CA PHE A 696 -21.24 -51.22 45.26
C PHE A 696 -22.67 -50.79 45.56
N ASN A 697 -22.95 -49.53 45.22
CA ASN A 697 -24.32 -49.00 45.20
C ASN A 697 -24.92 -49.34 43.84
N VAL A 698 -25.61 -50.46 43.77
CA VAL A 698 -25.95 -51.11 42.50
C VAL A 698 -27.21 -50.48 41.94
N TRP A 699 -27.07 -49.92 40.73
CA TRP A 699 -28.19 -49.49 39.89
C TRP A 699 -28.37 -50.54 38.80
N ASP A 700 -29.62 -50.80 38.44
CA ASP A 700 -29.94 -51.69 37.33
C ASP A 700 -31.12 -51.08 36.56
N ILE A 701 -30.83 -50.52 35.39
CA ILE A 701 -31.81 -49.75 34.63
C ILE A 701 -32.25 -50.57 33.42
N GLY A 702 -33.55 -50.58 33.16
CA GLY A 702 -34.11 -51.28 32.02
C GLY A 702 -35.51 -50.81 31.71
N GLY A 703 -36.41 -51.74 31.39
CA GLY A 703 -37.80 -51.42 31.18
C GLY A 703 -38.16 -51.21 29.73
N PRO A 704 -39.30 -50.56 29.48
CA PRO A 704 -39.71 -50.32 28.08
C PRO A 704 -38.69 -49.49 27.32
N ALA A 705 -38.55 -49.80 26.02
CA ALA A 705 -37.61 -49.06 25.19
C ALA A 705 -38.01 -47.60 25.04
N SER A 706 -39.29 -47.28 25.27
CA SER A 706 -39.74 -45.89 25.15
C SER A 706 -38.96 -44.95 26.05
N MET A 707 -38.51 -45.42 27.22
CA MET A 707 -37.75 -44.62 28.15
C MET A 707 -36.24 -44.75 27.96
N ALA A 708 -35.80 -45.40 26.88
CA ALA A 708 -34.36 -45.54 26.65
C ALA A 708 -33.68 -44.18 26.59
N THR A 709 -34.26 -43.24 25.84
CA THR A 709 -33.72 -41.89 25.79
C THR A 709 -33.62 -41.28 27.19
N VAL A 710 -34.58 -41.58 28.05
CA VAL A 710 -34.50 -41.11 29.42
C VAL A 710 -33.33 -41.76 30.14
N ASN A 711 -33.20 -43.09 29.99
CA ASN A 711 -32.26 -43.85 30.81
C ASN A 711 -30.83 -43.39 30.57
N GLN A 712 -30.58 -42.80 29.40
CA GLN A 712 -29.24 -42.30 29.06
C GLN A 712 -28.72 -41.33 30.12
N CYS A 713 -29.61 -40.60 30.80
CA CYS A 713 -29.16 -39.65 31.79
C CYS A 713 -28.44 -40.31 32.96
N PHE A 714 -28.79 -41.53 33.31
CA PHE A 714 -28.26 -42.16 34.51
C PHE A 714 -26.79 -42.55 34.41
N PHE A 715 -26.23 -42.60 33.21
CA PHE A 715 -24.83 -42.92 33.05
C PHE A 715 -23.98 -41.74 33.52
N THR A 716 -22.91 -42.06 34.26
CA THR A 716 -21.98 -41.06 34.77
C THR A 716 -20.56 -41.59 34.60
N ASP A 717 -19.59 -40.72 34.88
CA ASP A 717 -18.18 -41.07 34.78
C ASP A 717 -17.67 -41.60 36.12
N LYS A 718 -16.49 -42.21 36.08
CA LYS A 718 -15.85 -42.76 37.29
C LYS A 718 -16.77 -43.75 38.01
N ALA A 719 -17.41 -44.62 37.23
CA ALA A 719 -18.28 -45.65 37.76
C ALA A 719 -18.04 -46.95 36.99
N LEU A 720 -18.44 -48.06 37.59
CA LEU A 720 -18.27 -49.38 36.99
C LEU A 720 -19.54 -49.74 36.24
N TYR A 721 -19.39 -50.20 35.00
CA TYR A 721 -20.50 -50.61 34.16
C TYR A 721 -20.38 -52.08 33.82
N VAL A 722 -21.52 -52.76 33.68
CA VAL A 722 -21.58 -54.10 33.14
C VAL A 722 -22.73 -54.17 32.14
N VAL A 723 -22.42 -54.58 30.91
CA VAL A 723 -23.39 -54.75 29.86
C VAL A 723 -23.71 -56.24 29.76
N VAL A 724 -24.99 -56.57 29.65
CA VAL A 724 -25.46 -57.95 29.68
C VAL A 724 -26.08 -58.28 28.33
N TRP A 725 -25.65 -59.39 27.73
CA TRP A 725 -26.22 -59.82 26.46
C TRP A 725 -26.27 -61.33 26.41
N ASN A 726 -27.15 -61.86 25.57
CA ASN A 726 -27.39 -63.30 25.49
C ASN A 726 -26.42 -63.93 24.50
N LEU A 727 -25.68 -64.94 24.96
CA LEU A 727 -24.78 -65.66 24.06
C LEU A 727 -25.54 -66.41 22.99
N ALA A 728 -26.74 -66.90 23.29
CA ALA A 728 -27.50 -67.69 22.33
C ALA A 728 -27.78 -66.92 21.06
N LEU A 729 -28.06 -65.61 21.16
CA LEU A 729 -28.20 -64.78 19.98
C LEU A 729 -26.88 -64.56 19.27
N GLY A 730 -25.79 -64.53 20.02
CA GLY A 730 -24.47 -64.40 19.40
C GLY A 730 -24.32 -63.08 18.68
N GLU A 731 -23.92 -63.17 17.41
CA GLU A 731 -23.59 -61.97 16.64
C GLU A 731 -24.76 -61.00 16.58
N GLU A 732 -25.99 -61.52 16.48
CA GLU A 732 -27.19 -60.68 16.46
C GLU A 732 -27.20 -59.72 17.65
N ALA A 733 -26.88 -60.23 18.84
CA ALA A 733 -26.78 -59.35 19.99
C ALA A 733 -25.53 -58.48 19.93
N VAL A 734 -24.41 -59.05 19.48
CA VAL A 734 -23.13 -58.35 19.59
C VAL A 734 -23.17 -57.04 18.80
N ALA A 735 -23.75 -57.07 17.60
CA ALA A 735 -23.91 -55.83 16.85
C ALA A 735 -24.60 -54.77 17.70
N ASN A 736 -25.76 -55.14 18.27
CA ASN A 736 -26.51 -54.18 19.08
C ASN A 736 -25.66 -53.62 20.22
N LEU A 737 -24.70 -54.40 20.73
CA LEU A 737 -23.90 -53.94 21.85
C LEU A 737 -23.26 -52.59 21.57
N GLN A 738 -22.86 -52.32 20.31
CA GLN A 738 -22.19 -51.06 20.01
C GLN A 738 -23.04 -49.89 20.48
N PHE A 739 -24.34 -49.92 20.18
CA PHE A 739 -25.27 -48.90 20.67
C PHE A 739 -25.06 -48.67 22.16
N TRP A 740 -25.28 -49.71 22.96
CA TRP A 740 -25.15 -49.57 24.41
C TRP A 740 -23.74 -49.11 24.77
N LEU A 741 -22.73 -49.70 24.13
CA LEU A 741 -21.36 -49.34 24.47
C LEU A 741 -21.12 -47.86 24.21
N LEU A 742 -21.57 -47.37 23.04
CA LEU A 742 -21.39 -45.96 22.74
C LEU A 742 -22.06 -45.10 23.78
N ASN A 743 -23.26 -45.53 24.21
CA ASN A 743 -24.05 -44.72 25.13
C ASN A 743 -23.33 -44.53 26.46
N ILE A 744 -22.40 -45.43 26.80
CA ILE A 744 -21.63 -45.25 28.02
C ILE A 744 -20.45 -44.32 27.75
N GLU A 745 -19.75 -44.54 26.63
CA GLU A 745 -18.56 -43.75 26.35
C GLU A 745 -18.93 -42.30 26.05
N ALA A 746 -20.18 -42.06 25.62
CA ALA A 746 -20.65 -40.71 25.40
C ALA A 746 -20.69 -39.92 26.69
N LYS A 747 -20.85 -40.60 27.84
CA LYS A 747 -21.00 -39.94 29.13
C LYS A 747 -20.15 -40.56 30.23
N ALA A 748 -19.12 -41.34 29.88
CA ALA A 748 -18.26 -41.99 30.86
C ALA A 748 -16.89 -42.24 30.25
N PRO A 749 -16.15 -41.19 29.90
CA PRO A 749 -14.83 -41.39 29.28
C PRO A 749 -13.83 -42.09 30.18
N ASN A 750 -13.92 -41.93 31.49
CA ASN A 750 -12.94 -42.46 32.44
C ASN A 750 -13.60 -43.56 33.29
N ALA A 751 -14.38 -44.42 32.65
CA ALA A 751 -15.08 -45.50 33.32
C ALA A 751 -14.68 -46.84 32.70
N VAL A 752 -14.71 -47.88 33.53
CA VAL A 752 -14.47 -49.25 33.08
C VAL A 752 -15.82 -49.93 32.92
N VAL A 753 -16.06 -50.49 31.74
CA VAL A 753 -17.27 -51.23 31.42
C VAL A 753 -16.87 -52.65 31.04
N LEU A 754 -17.45 -53.62 31.71
CA LEU A 754 -17.36 -55.03 31.34
C LEU A 754 -18.57 -55.37 30.48
N VAL A 755 -18.44 -56.41 29.67
CA VAL A 755 -19.55 -56.94 28.89
C VAL A 755 -19.56 -58.45 29.08
N VAL A 756 -20.71 -59.00 29.46
CA VAL A 756 -20.85 -60.39 29.86
C VAL A 756 -21.91 -61.06 29.02
N GLY A 757 -21.57 -62.25 28.53
CA GLY A 757 -22.53 -63.08 27.80
C GLY A 757 -23.19 -64.07 28.75
N THR A 758 -24.52 -64.08 28.71
CA THR A 758 -25.35 -64.98 29.49
C THR A 758 -25.75 -66.18 28.64
N HIS A 759 -26.50 -67.05 29.30
CA HIS A 759 -27.01 -68.25 28.60
C HIS A 759 -25.86 -69.14 28.11
N LEU A 760 -24.72 -69.19 28.81
CA LEU A 760 -23.61 -70.06 28.44
C LEU A 760 -24.03 -71.52 28.46
N ASP A 761 -25.03 -71.87 29.29
CA ASP A 761 -25.59 -73.21 29.29
C ASP A 761 -26.23 -73.57 27.96
N LEU A 762 -26.66 -72.58 27.18
CA LEU A 762 -27.23 -72.82 25.86
C LEU A 762 -26.17 -73.03 24.80
N ILE A 763 -24.89 -72.83 25.12
CA ILE A 763 -23.78 -73.08 24.22
C ILE A 763 -23.28 -74.49 24.48
N GLU A 764 -23.13 -75.27 23.42
CA GLU A 764 -22.62 -76.63 23.57
C GLU A 764 -21.22 -76.60 24.16
N ALA A 765 -21.00 -77.41 25.19
CA ALA A 765 -19.69 -77.44 25.85
C ALA A 765 -18.60 -77.86 24.89
N LYS A 766 -18.85 -78.89 24.07
CA LYS A 766 -17.85 -79.40 23.14
C LYS A 766 -17.36 -78.33 22.18
N PHE A 767 -18.26 -77.49 21.66
CA PHE A 767 -17.88 -76.40 20.77
C PHE A 767 -17.51 -75.14 21.54
N ARG A 768 -17.78 -75.11 22.86
CA ARG A 768 -17.87 -73.84 23.59
C ARG A 768 -16.65 -72.96 23.35
N VAL A 769 -15.45 -73.51 23.53
CA VAL A 769 -14.23 -72.75 23.36
C VAL A 769 -14.21 -72.07 22.00
N GLU A 770 -14.24 -72.86 20.93
CA GLU A 770 -14.12 -72.27 19.60
C GLU A 770 -15.31 -71.38 19.27
N ARG A 771 -16.40 -71.50 20.03
CA ARG A 771 -17.47 -70.51 19.90
C ARG A 771 -17.10 -69.24 20.66
N ILE A 772 -16.89 -69.34 21.98
CA ILE A 772 -16.80 -68.14 22.80
C ILE A 772 -15.64 -67.27 22.35
N ALA A 773 -14.48 -67.88 22.09
CA ALA A 773 -13.33 -67.13 21.61
C ALA A 773 -13.69 -66.35 20.36
N THR A 774 -14.32 -67.01 19.38
CA THR A 774 -14.76 -66.31 18.19
C THR A 774 -15.62 -65.12 18.56
N LEU A 775 -16.65 -65.37 19.37
CA LEU A 775 -17.54 -64.28 19.77
C LEU A 775 -16.76 -63.20 20.52
N ARG A 776 -15.81 -63.61 21.37
CA ARG A 776 -14.98 -62.63 22.04
C ARG A 776 -14.29 -61.74 21.01
N ALA A 777 -13.59 -62.36 20.07
CA ALA A 777 -12.95 -61.59 19.01
C ALA A 777 -13.98 -60.76 18.27
N TYR A 778 -15.16 -61.35 18.03
CA TYR A 778 -16.21 -60.65 17.30
C TYR A 778 -16.58 -59.36 18.01
N VAL A 779 -16.79 -59.42 19.33
CA VAL A 779 -17.26 -58.22 20.01
C VAL A 779 -16.14 -57.18 20.04
N LEU A 780 -14.89 -57.62 19.92
CA LEU A 780 -13.81 -56.64 19.77
C LEU A 780 -13.75 -56.10 18.35
N ALA A 781 -14.02 -56.94 17.35
CA ALA A 781 -14.06 -56.45 15.97
C ALA A 781 -15.17 -55.41 15.82
N LEU A 782 -16.21 -55.51 16.63
CA LEU A 782 -17.26 -54.50 16.67
C LEU A 782 -16.85 -53.25 17.45
N CYS A 783 -15.70 -53.28 18.15
CA CYS A 783 -15.32 -52.19 19.04
C CYS A 783 -13.85 -51.79 18.93
N ARG A 784 -13.01 -52.55 18.25
CA ARG A 784 -11.59 -52.26 18.14
C ARG A 784 -11.25 -51.76 16.74
N SER A 785 -10.25 -50.89 16.66
CA SER A 785 -9.79 -50.41 15.38
C SER A 785 -9.11 -51.53 14.60
N PRO A 786 -9.01 -51.43 13.28
CA PRO A 786 -8.23 -52.42 12.53
C PRO A 786 -6.78 -52.52 12.98
N SER A 787 -6.22 -51.42 13.48
CA SER A 787 -4.86 -51.43 14.01
C SER A 787 -4.75 -52.19 15.33
N GLY A 788 -5.87 -52.56 15.95
CA GLY A 788 -5.86 -53.19 17.26
C GLY A 788 -6.09 -52.24 18.41
N SER A 789 -6.00 -50.94 18.18
CA SER A 789 -6.30 -49.96 19.21
C SER A 789 -7.80 -49.74 19.30
N ARG A 790 -8.21 -48.91 20.26
CA ARG A 790 -9.63 -48.60 20.41
C ARG A 790 -10.10 -47.73 19.24
N ALA A 791 -11.23 -48.13 18.66
CA ALA A 791 -11.79 -47.36 17.57
C ALA A 791 -12.36 -46.04 18.08
N THR A 792 -12.46 -45.06 17.18
CA THR A 792 -12.86 -43.72 17.57
C THR A 792 -14.26 -43.71 18.16
N GLY A 793 -14.41 -43.03 19.29
CA GLY A 793 -15.70 -42.87 19.94
C GLY A 793 -16.15 -44.04 20.78
N PHE A 794 -15.38 -45.18 20.79
CA PHE A 794 -15.81 -46.37 21.50
C PHE A 794 -15.07 -46.49 22.83
N PRO A 795 -15.60 -47.27 23.78
CA PRO A 795 -14.86 -47.47 25.03
C PRO A 795 -13.60 -48.29 24.81
N ASP A 796 -12.80 -48.38 25.86
CA ASP A 796 -11.55 -49.17 25.85
C ASP A 796 -11.83 -50.60 26.31
N ILE A 797 -12.16 -51.45 25.34
CA ILE A 797 -12.55 -52.84 25.57
C ILE A 797 -11.40 -53.74 25.14
N THR A 798 -11.09 -54.75 25.96
CA THR A 798 -10.04 -55.72 25.67
C THR A 798 -10.51 -57.11 26.09
N PHE A 799 -9.61 -58.09 25.97
CA PHE A 799 -9.84 -59.41 26.56
C PHE A 799 -10.12 -59.32 28.06
N LYS A 800 -9.55 -58.34 28.74
CA LYS A 800 -9.76 -58.23 30.19
C LYS A 800 -11.14 -57.71 30.54
N HIS A 801 -11.94 -57.27 29.57
CA HIS A 801 -13.29 -56.81 29.81
C HIS A 801 -14.35 -57.74 29.22
N LEU A 802 -14.00 -59.01 29.00
CA LEU A 802 -14.89 -59.99 28.39
C LEU A 802 -15.10 -61.16 29.34
N HIS A 803 -16.32 -61.70 29.37
CA HIS A 803 -16.60 -62.85 30.21
C HIS A 803 -17.91 -63.50 29.74
N GLU A 804 -18.11 -64.75 30.16
CA GLU A 804 -19.30 -65.54 29.86
C GLU A 804 -19.72 -66.29 31.11
N ILE A 805 -21.02 -66.51 31.27
CA ILE A 805 -21.54 -67.15 32.47
C ILE A 805 -22.79 -67.98 32.15
N SER A 806 -23.09 -68.91 33.06
CA SER A 806 -24.37 -69.60 33.13
C SER A 806 -25.04 -69.26 34.46
N CYS A 807 -26.36 -69.36 34.49
CA CYS A 807 -27.13 -69.05 35.69
C CYS A 807 -27.55 -70.28 36.48
N LYS A 808 -27.66 -71.44 35.83
CA LYS A 808 -28.05 -72.68 36.50
C LYS A 808 -26.87 -73.40 37.13
N SER A 809 -25.86 -73.75 36.32
CA SER A 809 -24.64 -74.33 36.84
C SER A 809 -23.71 -73.28 37.46
N LEU A 810 -24.02 -72.00 37.30
CA LEU A 810 -23.19 -70.91 37.81
C LEU A 810 -21.78 -70.95 37.24
N GLU A 811 -21.65 -71.39 35.98
CA GLU A 811 -20.34 -71.41 35.34
C GLU A 811 -19.80 -70.00 35.22
N GLY A 812 -18.55 -69.81 35.67
CA GLY A 812 -17.85 -68.58 35.46
C GLY A 812 -18.28 -67.40 36.31
N GLN A 813 -19.29 -67.57 37.17
CA GLN A 813 -19.72 -66.44 38.01
C GLN A 813 -18.62 -66.04 38.99
N GLU A 814 -17.89 -67.02 39.53
CA GLU A 814 -16.76 -66.69 40.38
C GLU A 814 -15.69 -65.92 39.60
N GLY A 815 -15.45 -66.33 38.35
CA GLY A 815 -14.51 -65.60 37.53
C GLY A 815 -14.92 -64.15 37.32
N LEU A 816 -16.21 -63.92 37.05
CA LEU A 816 -16.68 -62.56 36.87
C LEU A 816 -16.59 -61.76 38.17
N ARG A 817 -16.90 -62.39 39.30
CA ARG A 817 -16.77 -61.70 40.58
C ARG A 817 -15.33 -61.29 40.83
N GLN A 818 -14.39 -62.20 40.56
CA GLN A 818 -12.97 -61.88 40.73
C GLN A 818 -12.55 -60.78 39.77
N LEU A 819 -13.06 -60.79 38.54
CA LEU A 819 -12.71 -59.75 37.58
C LEU A 819 -13.24 -58.40 38.02
N ILE A 820 -14.47 -58.36 38.53
CA ILE A 820 -15.03 -57.12 39.05
C ILE A 820 -14.18 -56.59 40.20
N PHE A 821 -13.80 -57.47 41.13
CA PHE A 821 -12.98 -57.03 42.25
C PHE A 821 -11.63 -56.53 41.76
N HIS A 822 -11.06 -57.21 40.77
CA HIS A 822 -9.76 -56.82 40.23
C HIS A 822 -9.82 -55.43 39.62
N VAL A 823 -10.78 -55.19 38.74
CA VAL A 823 -10.86 -53.89 38.08
C VAL A 823 -11.23 -52.80 39.07
N THR A 824 -12.07 -53.10 40.06
CA THR A 824 -12.46 -52.09 41.03
C THR A 824 -11.30 -51.70 41.94
N CYS A 825 -10.58 -52.70 42.47
CA CYS A 825 -9.42 -52.40 43.29
C CYS A 825 -8.29 -51.78 42.46
N SER A 826 -8.25 -52.08 41.17
CA SER A 826 -7.28 -51.48 40.26
C SER A 826 -7.70 -50.10 39.77
N MET A 827 -8.87 -49.62 40.17
CA MET A 827 -9.38 -48.33 39.70
C MET A 827 -8.62 -47.21 40.37
N LYS A 828 -7.90 -46.42 39.57
CA LYS A 828 -7.23 -45.23 40.07
C LYS A 828 -8.17 -44.03 39.98
N ASP A 829 -8.15 -43.21 41.03
CA ASP A 829 -9.00 -42.03 41.09
C ASP A 829 -8.52 -40.97 40.09
N CYS A 836 -3.67 -38.73 43.64
CA CYS A 836 -5.11 -38.95 43.68
C CYS A 836 -5.45 -40.27 44.37
N GLN A 837 -4.51 -41.22 44.34
CA GLN A 837 -4.65 -42.50 45.02
C GLN A 837 -5.71 -43.37 44.34
N ARG A 838 -5.84 -44.61 44.78
CA ARG A 838 -6.81 -45.52 44.19
C ARG A 838 -8.23 -45.10 44.57
N LEU A 839 -9.14 -45.28 43.62
CA LEU A 839 -10.54 -44.89 43.83
C LEU A 839 -11.15 -45.65 45.00
N ALA A 840 -10.99 -46.97 45.01
CA ALA A 840 -11.56 -47.81 46.07
C ALA A 840 -10.79 -47.54 47.35
N GLY A 841 -11.45 -46.89 48.31
CA GLY A 841 -10.83 -46.52 49.56
C GLY A 841 -10.11 -45.19 49.54
N ARG A 842 -10.40 -44.33 48.57
CA ARG A 842 -9.75 -43.03 48.49
C ARG A 842 -10.11 -42.18 49.71
N LEU A 843 -9.17 -41.29 50.08
CA LEU A 843 -9.33 -40.46 51.27
C LEU A 843 -10.21 -39.26 50.94
N ILE A 844 -11.29 -39.10 51.69
CA ILE A 844 -12.31 -38.10 51.41
C ILE A 844 -12.71 -37.47 52.75
N PRO A 845 -12.96 -36.15 52.81
CA PRO A 845 -13.24 -35.53 54.12
C PRO A 845 -14.43 -36.15 54.82
N ARG A 846 -14.32 -36.25 56.15
CA ARG A 846 -15.41 -36.82 56.93
C ARG A 846 -16.67 -35.95 56.84
N SER A 847 -16.50 -34.65 56.57
CA SER A 847 -17.65 -33.80 56.34
C SER A 847 -18.44 -34.25 55.11
N TYR A 848 -17.75 -34.62 54.04
CA TYR A 848 -18.43 -35.10 52.84
C TYR A 848 -19.20 -36.38 53.14
N LEU A 849 -18.59 -37.31 53.88
CA LEU A 849 -19.28 -38.53 54.26
C LEU A 849 -20.49 -38.23 55.15
N SER A 850 -20.33 -37.30 56.09
CA SER A 850 -21.45 -36.93 56.95
C SER A 850 -22.60 -36.35 56.14
N LEU A 851 -22.27 -35.54 55.14
CA LEU A 851 -23.31 -35.04 54.24
C LEU A 851 -23.94 -36.18 53.46
N GLN A 852 -23.15 -37.21 53.12
CA GLN A 852 -23.71 -38.37 52.43
C GLN A 852 -24.76 -39.06 53.30
N GLU A 853 -24.42 -39.33 54.57
CA GLU A 853 -25.43 -39.93 55.45
C GLU A 853 -26.60 -38.98 55.65
N ALA A 854 -26.34 -37.67 55.69
CA ALA A 854 -27.43 -36.71 55.87
C ALA A 854 -28.41 -36.75 54.71
N VAL A 855 -27.91 -36.75 53.48
CA VAL A 855 -28.81 -36.78 52.32
C VAL A 855 -29.49 -38.14 52.22
N LEU A 856 -28.80 -39.22 52.57
CA LEU A 856 -29.46 -40.52 52.61
C LEU A 856 -30.60 -40.54 53.62
N ALA A 857 -30.38 -39.96 54.79
CA ALA A 857 -31.43 -39.87 55.79
C ALA A 857 -32.58 -39.01 55.30
N GLU A 858 -32.28 -37.92 54.59
CA GLU A 858 -33.33 -37.08 54.03
C GLU A 858 -34.15 -37.83 53.00
N GLN A 859 -33.49 -38.62 52.15
CA GLN A 859 -34.21 -39.45 51.19
C GLN A 859 -35.11 -40.44 51.91
N GLN A 860 -34.59 -41.09 52.96
CA GLN A 860 -35.42 -42.03 53.72
C GLN A 860 -36.59 -41.34 54.38
N ARG A 861 -36.37 -40.14 54.92
CA ARG A 861 -37.44 -39.38 55.55
C ARG A 861 -38.54 -39.07 54.54
N ARG A 862 -38.17 -38.56 53.37
CA ARG A 862 -39.16 -38.23 52.36
C ARG A 862 -39.86 -39.48 51.85
N SER A 863 -39.15 -40.61 51.77
CA SER A 863 -39.79 -41.87 51.39
C SER A 863 -40.85 -42.26 52.42
N ARG A 864 -40.52 -42.14 53.71
CA ARG A 864 -41.52 -42.40 54.74
C ARG A 864 -42.64 -41.38 54.70
N ASP A 865 -42.32 -40.11 54.46
CA ASP A 865 -43.31 -39.03 54.46
C ASP A 865 -44.12 -38.97 53.19
N ASP A 866 -43.81 -39.83 52.20
CA ASP A 866 -44.44 -39.76 50.87
C ASP A 866 -44.24 -38.39 50.25
N ASP A 867 -43.08 -37.80 50.52
CA ASP A 867 -42.77 -36.44 50.08
C ASP A 867 -42.13 -36.46 48.70
N VAL A 868 -42.01 -35.27 48.11
CA VAL A 868 -41.48 -35.11 46.75
C VAL A 868 -39.96 -35.10 46.82
N GLN A 869 -39.32 -35.79 45.88
CA GLN A 869 -37.87 -35.98 45.88
C GLN A 869 -37.13 -34.89 45.08
N TYR A 870 -37.21 -33.64 45.53
CA TYR A 870 -36.34 -32.58 45.03
C TYR A 870 -35.59 -32.00 46.23
N LEU A 871 -34.26 -32.08 46.21
CA LEU A 871 -33.43 -31.31 47.13
C LEU A 871 -33.07 -30.00 46.45
N THR A 872 -33.74 -28.92 46.84
CA THR A 872 -33.42 -27.61 46.30
C THR A 872 -32.02 -27.21 46.76
N ASP A 873 -31.44 -26.22 46.07
CA ASP A 873 -30.15 -25.70 46.49
C ASP A 873 -30.21 -25.21 47.93
N ARG A 874 -31.32 -24.56 48.30
CA ARG A 874 -31.49 -24.12 49.68
C ARG A 874 -31.53 -25.29 50.63
N GLN A 875 -32.21 -26.38 50.26
CA GLN A 875 -32.32 -27.52 51.15
C GLN A 875 -31.00 -28.27 51.29
N LEU A 876 -30.25 -28.41 50.19
CA LEU A 876 -28.94 -29.01 50.30
C LEU A 876 -28.02 -28.15 51.16
N GLU A 877 -28.08 -26.82 50.98
CA GLU A 877 -27.29 -25.93 51.81
C GLU A 877 -27.70 -26.04 53.27
N GLN A 878 -28.99 -26.26 53.54
CA GLN A 878 -29.45 -26.42 54.91
C GLN A 878 -28.92 -27.71 55.52
N LEU A 879 -29.00 -28.82 54.78
CA LEU A 879 -28.43 -30.07 55.25
C LEU A 879 -26.94 -29.92 55.52
N VAL A 880 -26.25 -29.14 54.69
CA VAL A 880 -24.84 -28.84 54.94
C VAL A 880 -24.70 -28.06 56.25
N GLU A 881 -25.56 -27.07 56.46
CA GLU A 881 -25.52 -26.30 57.70
C GLU A 881 -25.82 -27.17 58.91
N GLN A 882 -26.79 -28.07 58.78
CA GLN A 882 -27.16 -28.98 59.86
C GLN A 882 -26.08 -30.02 60.15
N THR A 883 -25.08 -30.16 59.29
CA THR A 883 -24.07 -31.19 59.46
C THR A 883 -23.22 -30.88 60.70
N PRO A 884 -23.02 -31.83 61.61
CA PRO A 884 -22.11 -31.57 62.74
C PRO A 884 -20.65 -31.67 62.32
N ASP A 885 -19.82 -30.88 62.99
CA ASP A 885 -18.38 -30.83 62.69
C ASP A 885 -18.15 -30.52 61.21
N ASN A 886 -18.92 -29.58 60.69
CA ASN A 886 -18.92 -29.27 59.26
C ASN A 886 -17.76 -28.32 58.95
N ASP A 887 -16.84 -28.78 58.12
CA ASP A 887 -15.73 -27.95 57.63
C ASP A 887 -16.05 -27.27 56.30
N ILE A 888 -17.23 -27.48 55.75
CA ILE A 888 -17.64 -26.85 54.50
C ILE A 888 -18.07 -25.42 54.83
N LYS A 889 -17.30 -24.45 54.36
CA LYS A 889 -17.52 -23.05 54.68
C LYS A 889 -17.78 -22.19 53.46
N ASP A 890 -17.17 -22.51 52.32
CA ASP A 890 -17.41 -21.83 51.05
C ASP A 890 -17.86 -22.88 50.04
N TYR A 891 -18.53 -22.41 48.97
CA TYR A 891 -19.32 -23.32 48.14
C TYR A 891 -18.46 -24.37 47.45
N GLU A 892 -17.20 -24.05 47.12
CA GLU A 892 -16.40 -24.99 46.33
C GLU A 892 -16.18 -26.31 47.05
N ASP A 893 -15.99 -26.27 48.37
CA ASP A 893 -15.92 -27.51 49.14
C ASP A 893 -17.19 -28.32 48.97
N LEU A 894 -18.35 -27.66 49.05
CA LEU A 894 -19.60 -28.33 48.77
C LEU A 894 -19.62 -28.88 47.35
N GLN A 895 -19.09 -28.13 46.38
CA GLN A 895 -19.14 -28.58 45.00
C GLN A 895 -18.42 -29.90 44.83
N SER A 896 -17.21 -29.99 45.38
CA SER A 896 -16.50 -31.26 45.38
C SER A 896 -17.34 -32.35 46.05
N ALA A 897 -17.96 -32.01 47.19
CA ALA A 897 -18.81 -32.99 47.86
C ALA A 897 -19.94 -33.43 46.94
N ILE A 898 -20.55 -32.49 46.21
CA ILE A 898 -21.62 -32.84 45.29
C ILE A 898 -21.11 -33.82 44.25
N SER A 899 -19.90 -33.57 43.73
CA SER A 899 -19.32 -34.51 42.77
C SER A 899 -19.26 -35.90 43.37
N PHE A 900 -18.73 -36.00 44.60
CA PHE A 900 -18.75 -37.28 45.30
C PHE A 900 -20.15 -37.88 45.35
N LEU A 901 -21.12 -37.10 45.80
CA LEU A 901 -22.45 -37.65 46.01
C LEU A 901 -23.08 -38.11 44.69
N ILE A 902 -22.62 -37.54 43.58
CA ILE A 902 -23.13 -37.97 42.28
C ILE A 902 -22.43 -39.25 41.84
N GLU A 903 -21.12 -39.35 42.09
CA GLU A 903 -20.37 -40.49 41.55
C GLU A 903 -20.40 -41.69 42.47
N THR A 904 -21.11 -41.61 43.59
CA THR A 904 -21.38 -42.77 44.44
C THR A 904 -22.85 -43.19 44.41
N GLY A 905 -23.66 -42.61 43.52
CA GLY A 905 -25.06 -42.99 43.44
C GLY A 905 -25.90 -42.49 44.58
N THR A 906 -25.46 -41.44 45.28
CA THR A 906 -26.22 -40.84 46.36
C THR A 906 -27.14 -39.73 45.87
N LEU A 907 -26.63 -38.86 45.00
CA LEU A 907 -27.41 -37.78 44.41
C LEU A 907 -27.44 -37.92 42.89
N LEU A 908 -28.54 -37.48 42.30
CA LEU A 908 -28.73 -37.45 40.86
C LEU A 908 -28.86 -36.01 40.40
N HIS A 909 -28.18 -35.68 39.30
CA HIS A 909 -28.10 -34.30 38.84
C HIS A 909 -28.27 -34.23 37.33
N PHE A 910 -28.90 -33.15 36.87
CA PHE A 910 -29.05 -32.81 35.45
C PHE A 910 -28.51 -31.40 35.27
N PRO A 911 -27.22 -31.22 34.96
CA PRO A 911 -26.63 -29.88 35.00
C PRO A 911 -27.08 -28.97 33.86
N ASP A 912 -28.30 -28.43 34.00
CA ASP A 912 -28.80 -27.40 33.09
C ASP A 912 -28.67 -26.05 33.79
N THR A 913 -27.66 -25.28 33.41
CA THR A 913 -27.41 -23.98 34.04
C THR A 913 -28.34 -22.89 33.50
N SER A 914 -29.13 -23.16 32.48
CA SER A 914 -30.01 -22.15 31.92
C SER A 914 -31.11 -21.78 32.90
N HIS A 915 -31.29 -20.47 33.10
CA HIS A 915 -32.40 -19.93 33.90
C HIS A 915 -32.38 -20.44 35.33
N GLY A 916 -31.20 -20.82 35.85
CA GLY A 916 -31.11 -21.31 37.21
C GLY A 916 -31.75 -22.66 37.43
N LEU A 917 -32.02 -23.42 36.37
CA LEU A 917 -32.57 -24.76 36.51
C LEU A 917 -31.63 -25.71 37.21
N ARG A 918 -30.34 -25.37 37.31
CA ARG A 918 -29.37 -26.21 37.99
C ARG A 918 -29.64 -26.34 39.49
N ASN A 919 -30.49 -25.49 40.06
CA ASN A 919 -30.59 -25.38 41.51
C ASN A 919 -31.45 -26.48 42.13
N LEU A 920 -31.27 -27.72 41.67
CA LEU A 920 -32.09 -28.84 42.12
C LEU A 920 -31.27 -30.11 42.01
N TYR A 921 -31.46 -31.01 42.96
CA TYR A 921 -30.82 -32.32 42.95
C TYR A 921 -31.85 -33.40 43.29
N PHE A 922 -31.53 -34.62 42.90
CA PHE A 922 -32.44 -35.74 42.99
C PHE A 922 -31.89 -36.80 43.93
N LEU A 923 -32.81 -37.53 44.59
CA LEU A 923 -32.43 -38.48 45.63
C LEU A 923 -32.63 -39.93 45.23
N ASP A 924 -33.70 -40.24 44.49
CA ASP A 924 -34.13 -41.61 44.24
C ASP A 924 -34.31 -41.84 42.74
N PRO A 925 -33.51 -42.70 42.10
CA PRO A 925 -33.77 -42.99 40.68
C PRO A 925 -35.16 -43.59 40.44
N ILE A 926 -35.64 -44.39 41.38
CA ILE A 926 -36.93 -45.07 41.21
C ILE A 926 -38.05 -44.05 41.16
N TRP A 927 -38.04 -43.07 42.07
CA TRP A 927 -39.06 -42.05 42.09
C TRP A 927 -39.02 -41.21 40.82
N LEU A 928 -37.81 -40.88 40.36
CA LEU A 928 -37.63 -40.16 39.11
C LEU A 928 -38.27 -40.91 37.94
N SER A 929 -37.94 -42.19 37.81
CA SER A 929 -38.47 -42.99 36.71
C SER A 929 -39.99 -43.13 36.84
N GLU A 930 -40.49 -43.24 38.07
CA GLU A 930 -41.92 -43.38 38.28
C GLU A 930 -42.65 -42.12 37.82
N CYS A 931 -42.12 -40.94 38.16
CA CYS A 931 -42.75 -39.70 37.72
C CYS A 931 -42.71 -39.56 36.20
N LEU A 932 -41.56 -39.89 35.60
CA LEU A 932 -41.45 -39.78 34.14
C LEU A 932 -42.38 -40.78 33.44
N GLN A 933 -42.57 -41.96 34.02
CA GLN A 933 -43.50 -42.91 33.44
C GLN A 933 -44.93 -42.43 33.62
N ARG A 934 -45.23 -41.79 34.76
CA ARG A 934 -46.57 -41.28 35.00
C ARG A 934 -46.94 -40.22 33.98
N ILE A 935 -46.04 -39.26 33.72
CA ILE A 935 -46.30 -38.30 32.65
C ILE A 935 -46.36 -38.98 31.29
N PHE A 936 -45.49 -39.96 31.05
CA PHE A 936 -45.55 -40.66 29.76
C PHE A 936 -46.83 -41.48 29.66
N ASN A 937 -47.34 -41.96 30.80
CA ASN A 937 -48.53 -42.82 30.80
C ASN A 937 -49.78 -42.10 30.35
N ILE A 938 -49.81 -40.76 30.37
CA ILE A 938 -51.04 -40.04 30.12
C ILE A 938 -51.36 -40.07 28.64
N LYS A 939 -52.20 -41.03 28.23
CA LYS A 939 -52.65 -41.14 26.85
C LYS A 939 -54.00 -40.41 26.73
N GLY A 940 -53.94 -39.10 26.84
CA GLY A 940 -55.13 -38.29 26.69
C GLY A 940 -55.69 -38.37 25.28
N SER A 941 -57.01 -38.32 25.19
CA SER A 941 -57.68 -38.34 23.90
C SER A 941 -57.39 -37.04 23.14
N ARG A 942 -57.86 -36.98 21.89
CA ARG A 942 -57.69 -35.75 21.12
C ARG A 942 -58.39 -34.56 21.77
N SER A 943 -59.47 -34.82 22.52
CA SER A 943 -60.09 -33.77 23.32
C SER A 943 -59.20 -33.32 24.48
N VAL A 944 -58.24 -34.16 24.90
CA VAL A 944 -57.30 -33.81 25.94
C VAL A 944 -55.98 -33.34 25.33
N ALA A 945 -55.38 -34.15 24.47
CA ALA A 945 -54.13 -33.81 23.78
C ALA A 945 -54.50 -33.15 22.46
N LYS A 946 -54.42 -31.82 22.42
CA LYS A 946 -54.74 -31.05 21.22
C LYS A 946 -53.54 -31.17 20.28
N ASN A 947 -53.46 -32.29 19.59
CA ASN A 947 -52.34 -32.59 18.71
C ASN A 947 -51.02 -32.61 19.49
N GLY A 948 -51.07 -33.18 20.70
CA GLY A 948 -49.89 -33.40 21.52
C GLY A 948 -49.71 -32.45 22.68
N VAL A 949 -50.51 -31.38 22.77
CA VAL A 949 -50.40 -30.40 23.84
C VAL A 949 -51.58 -30.58 24.79
N ILE A 950 -51.30 -30.51 26.09
CA ILE A 950 -52.33 -30.57 27.12
C ILE A 950 -52.21 -29.30 27.96
N ARG A 951 -53.35 -28.73 28.35
CA ARG A 951 -53.37 -27.48 29.10
C ARG A 951 -52.62 -27.65 30.42
N ALA A 952 -52.01 -26.55 30.88
CA ALA A 952 -51.16 -26.60 32.07
C ALA A 952 -51.96 -27.04 33.29
N GLU A 953 -53.17 -26.50 33.47
CA GLU A 953 -53.98 -26.89 34.61
C GLU A 953 -54.39 -28.36 34.53
N ASP A 954 -54.73 -28.82 33.32
CA ASP A 954 -55.09 -30.22 33.15
C ASP A 954 -53.93 -31.15 33.50
N LEU A 955 -52.72 -30.82 33.03
CA LEU A 955 -51.56 -31.63 33.37
C LEU A 955 -51.28 -31.59 34.85
N ARG A 956 -51.41 -30.41 35.47
CA ARG A 956 -51.18 -30.30 36.91
C ARG A 956 -52.14 -31.18 37.69
N MET A 957 -53.42 -31.18 37.29
CA MET A 957 -54.42 -31.99 38.00
C MET A 957 -54.17 -33.47 37.77
N LEU A 958 -53.94 -33.87 36.52
CA LEU A 958 -53.83 -35.28 36.18
C LEU A 958 -52.68 -35.96 36.92
N LEU A 959 -51.65 -35.19 37.28
CA LEU A 959 -50.40 -35.74 37.78
C LEU A 959 -50.33 -35.78 39.30
N VAL A 960 -51.35 -35.29 40.01
CA VAL A 960 -51.32 -35.28 41.46
C VAL A 960 -51.32 -36.71 41.98
N GLY A 961 -50.53 -36.96 43.02
CA GLY A 961 -50.33 -38.29 43.55
C GLY A 961 -48.88 -38.53 43.88
N THR A 962 -47.99 -37.87 43.14
CA THR A 962 -46.55 -37.89 43.39
C THR A 962 -46.05 -36.44 43.35
N GLY A 963 -46.81 -35.56 43.99
CA GLY A 963 -46.50 -34.13 43.98
C GLY A 963 -47.44 -33.36 43.08
N PHE A 964 -46.86 -32.43 42.32
CA PHE A 964 -47.58 -31.62 41.34
C PHE A 964 -48.61 -30.72 42.01
N THR A 965 -48.30 -30.24 43.21
CA THR A 965 -49.13 -29.26 43.89
C THR A 965 -48.70 -27.85 43.51
N GLN A 966 -49.40 -26.86 44.06
CA GLN A 966 -49.06 -25.48 43.80
C GLN A 966 -47.70 -25.11 44.39
N GLN A 967 -47.25 -25.85 45.41
CA GLN A 967 -45.95 -25.60 46.01
C GLN A 967 -44.81 -26.27 45.26
N THR A 968 -45.11 -27.10 44.25
CA THR A 968 -44.10 -27.82 43.50
C THR A 968 -44.28 -27.73 41.99
N GLU A 969 -45.32 -27.04 41.50
CA GLU A 969 -45.58 -27.00 40.07
C GLU A 969 -44.41 -26.40 39.30
N GLU A 970 -43.82 -25.34 39.84
CA GLU A 970 -42.73 -24.68 39.12
C GLU A 970 -41.52 -25.59 39.00
N GLN A 971 -41.15 -26.27 40.10
CA GLN A 971 -40.05 -27.20 40.05
C GLN A 971 -40.34 -28.34 39.09
N TYR A 972 -41.57 -28.86 39.11
CA TYR A 972 -41.90 -29.99 38.25
C TYR A 972 -41.84 -29.60 36.78
N PHE A 973 -42.34 -28.41 36.43
CA PHE A 973 -42.31 -28.00 35.04
C PHE A 973 -40.90 -27.65 34.59
N GLN A 974 -40.10 -27.04 35.48
CA GLN A 974 -38.67 -26.88 35.20
C GLN A 974 -38.03 -28.22 34.89
N PHE A 975 -38.30 -29.21 35.72
CA PHE A 975 -37.74 -30.55 35.53
C PHE A 975 -38.16 -31.15 34.20
N LEU A 976 -39.45 -31.09 33.88
CA LEU A 976 -39.94 -31.66 32.63
C LEU A 976 -39.36 -30.93 31.43
N ALA A 977 -39.17 -29.62 31.54
CA ALA A 977 -38.53 -28.87 30.46
C ALA A 977 -37.08 -29.31 30.28
N LYS A 978 -36.38 -29.58 31.39
CA LYS A 978 -35.00 -30.02 31.28
C LYS A 978 -34.89 -31.34 30.53
N PHE A 979 -35.79 -32.28 30.81
CA PHE A 979 -35.82 -33.55 30.11
C PHE A 979 -36.63 -33.48 28.81
N GLU A 980 -37.20 -32.33 28.49
CA GLU A 980 -37.99 -32.14 27.27
C GLU A 980 -39.16 -33.13 27.23
N ILE A 981 -39.90 -33.16 28.33
CA ILE A 981 -41.08 -34.00 28.46
C ILE A 981 -42.37 -33.21 28.29
N ALA A 982 -42.42 -32.00 28.86
CA ALA A 982 -43.58 -31.12 28.76
C ALA A 982 -43.05 -29.71 28.49
N LEU A 983 -42.91 -29.39 27.20
CA LEU A 983 -42.32 -28.10 26.85
C LEU A 983 -43.42 -27.01 26.83
N PRO A 984 -43.12 -25.79 27.29
CA PRO A 984 -44.18 -24.76 27.32
C PRO A 984 -44.70 -24.46 25.93
N VAL A 985 -46.01 -24.20 25.86
CA VAL A 985 -46.72 -23.93 24.60
C VAL A 985 -47.58 -22.71 24.82
N ALA A 986 -47.24 -21.62 24.11
CA ALA A 986 -47.88 -20.31 24.25
C ALA A 986 -47.88 -19.96 25.73
N ASN A 987 -48.97 -19.42 26.28
CA ASN A 987 -49.18 -19.32 27.72
C ASN A 987 -50.35 -20.21 28.14
N ASP A 988 -50.60 -21.26 27.37
CA ASP A 988 -51.80 -22.07 27.49
C ASP A 988 -51.53 -23.50 27.91
N SER A 989 -50.54 -24.18 27.31
CA SER A 989 -50.43 -25.62 27.45
C SER A 989 -48.98 -26.04 27.50
N TYR A 990 -48.76 -27.35 27.49
CA TYR A 990 -47.44 -27.94 27.35
C TYR A 990 -47.51 -29.08 26.34
N LEU A 991 -46.48 -29.14 25.49
CA LEU A 991 -46.34 -30.16 24.46
C LEU A 991 -45.65 -31.38 25.05
N LEU A 992 -46.27 -32.55 24.85
CA LEU A 992 -45.74 -33.84 25.27
C LEU A 992 -45.34 -34.60 24.00
N PRO A 993 -44.04 -34.70 23.68
CA PRO A 993 -43.67 -35.22 22.35
C PRO A 993 -44.13 -36.63 22.04
N HIS A 994 -44.42 -37.46 23.05
CA HIS A 994 -44.89 -38.81 22.76
C HIS A 994 -46.36 -38.85 22.37
N LEU A 995 -47.06 -37.71 22.43
CA LEU A 995 -48.48 -37.63 22.09
C LEU A 995 -48.74 -36.91 20.78
N LEU A 996 -47.74 -36.86 19.89
CA LEU A 996 -47.93 -36.22 18.60
C LEU A 996 -49.01 -36.95 17.80
N PRO A 997 -49.80 -36.23 17.00
CA PRO A 997 -50.87 -36.89 16.24
C PRO A 997 -50.31 -37.69 15.07
N SER A 998 -51.12 -38.65 14.61
CA SER A 998 -50.79 -39.35 13.39
C SER A 998 -50.83 -38.38 12.21
N LYS A 999 -50.34 -38.86 11.06
CA LYS A 999 -50.30 -38.02 9.87
C LYS A 999 -51.72 -37.60 9.49
N PRO A 1000 -52.09 -36.34 9.66
CA PRO A 1000 -53.49 -35.96 9.38
C PRO A 1000 -53.81 -36.04 7.91
N GLY A 1001 -55.10 -36.23 7.62
CA GLY A 1001 -55.55 -36.33 6.25
C GLY A 1001 -55.57 -34.99 5.54
N LEU A 1002 -54.40 -34.38 5.39
CA LEU A 1002 -54.25 -33.08 4.74
C LEU A 1002 -53.37 -33.23 3.50
N ASP A 1003 -53.62 -32.37 2.52
CA ASP A 1003 -52.91 -32.42 1.25
C ASP A 1003 -51.53 -31.79 1.44
N THR A 1004 -50.57 -32.61 1.85
CA THR A 1004 -49.18 -32.17 2.01
C THR A 1004 -48.43 -32.12 0.69
N HIS A 1005 -49.01 -32.65 -0.38
CA HIS A 1005 -48.41 -32.62 -1.71
C HIS A 1005 -48.91 -31.48 -2.57
N GLY A 1006 -50.14 -31.01 -2.33
CA GLY A 1006 -50.66 -29.85 -3.03
C GLY A 1006 -50.00 -28.55 -2.65
N MET A 1007 -49.27 -28.55 -1.54
CA MET A 1007 -48.53 -27.39 -1.07
C MET A 1007 -47.18 -27.24 -1.77
N ARG A 1008 -46.77 -28.24 -2.54
CA ARG A 1008 -45.49 -28.24 -3.26
C ARG A 1008 -45.63 -27.54 -4.60
N HIS A 1009 -44.55 -26.87 -5.00
CA HIS A 1009 -44.53 -26.06 -6.21
C HIS A 1009 -43.60 -26.69 -7.23
N PRO A 1010 -43.97 -26.68 -8.53
CA PRO A 1010 -43.01 -27.17 -9.54
C PRO A 1010 -42.02 -26.09 -9.95
N THR A 1011 -41.12 -25.77 -9.03
CA THR A 1011 -40.18 -24.67 -9.17
C THR A 1011 -38.75 -25.19 -9.20
N ALA A 1012 -37.85 -24.38 -9.76
CA ALA A 1012 -36.43 -24.72 -9.78
C ALA A 1012 -35.73 -24.39 -8.47
N ASN A 1013 -36.34 -23.55 -7.63
CA ASN A 1013 -35.75 -23.19 -6.34
C ASN A 1013 -36.10 -24.26 -5.29
N THR A 1014 -35.59 -25.47 -5.54
CA THR A 1014 -35.86 -26.63 -4.70
C THR A 1014 -34.53 -27.19 -4.23
N ILE A 1015 -34.40 -27.40 -2.92
CA ILE A 1015 -33.23 -28.05 -2.33
C ILE A 1015 -33.72 -29.24 -1.52
N GLN A 1016 -33.03 -30.36 -1.64
CA GLN A 1016 -33.40 -31.60 -0.97
C GLN A 1016 -32.18 -32.20 -0.28
N ARG A 1017 -32.47 -32.80 0.89
CA ARG A 1017 -31.44 -33.47 1.72
C ARG A 1017 -32.02 -34.77 2.25
N VAL A 1018 -31.23 -35.83 2.25
CA VAL A 1018 -31.68 -37.15 2.68
C VAL A 1018 -30.69 -37.67 3.71
N PHE A 1019 -31.21 -38.03 4.88
CA PHE A 1019 -30.42 -38.61 5.96
C PHE A 1019 -30.65 -40.11 6.00
N LYS A 1020 -29.56 -40.87 6.08
CA LYS A 1020 -29.59 -42.31 6.33
C LYS A 1020 -28.99 -42.55 7.70
N MET A 1021 -29.60 -43.47 8.46
CA MET A 1021 -29.22 -43.76 9.82
C MET A 1021 -29.19 -45.27 10.02
N SER A 1022 -28.09 -45.75 10.61
CA SER A 1022 -27.97 -47.16 10.94
C SER A 1022 -29.10 -47.62 11.84
N PHE A 1023 -29.52 -46.76 12.77
CA PHE A 1023 -30.68 -47.05 13.60
C PHE A 1023 -31.37 -45.72 13.91
N VAL A 1024 -32.64 -45.82 14.29
CA VAL A 1024 -33.45 -44.67 14.69
C VAL A 1024 -33.61 -44.73 16.21
N PRO A 1025 -33.10 -43.74 16.96
CA PRO A 1025 -33.30 -43.78 18.41
C PRO A 1025 -34.78 -43.70 18.76
N VAL A 1026 -35.16 -44.38 19.84
CA VAL A 1026 -36.53 -44.33 20.32
C VAL A 1026 -36.82 -42.93 20.83
N GLY A 1027 -37.90 -42.34 20.34
CA GLY A 1027 -38.21 -40.96 20.64
C GLY A 1027 -37.42 -39.94 19.85
N PHE A 1028 -36.64 -40.39 18.85
CA PHE A 1028 -35.88 -39.46 18.02
C PHE A 1028 -36.80 -38.46 17.34
N TRP A 1029 -37.81 -38.96 16.63
CA TRP A 1029 -38.69 -38.07 15.87
C TRP A 1029 -39.51 -37.17 16.77
N GLN A 1030 -39.99 -37.70 17.90
CA GLN A 1030 -40.83 -36.90 18.79
C GLN A 1030 -40.07 -35.70 19.31
N ARG A 1031 -38.89 -35.92 19.89
CA ARG A 1031 -38.09 -34.83 20.43
C ARG A 1031 -37.65 -33.87 19.32
N PHE A 1032 -37.24 -34.43 18.18
CA PHE A 1032 -36.79 -33.63 17.05
C PHE A 1032 -37.88 -32.68 16.56
N ILE A 1033 -39.08 -33.21 16.36
CA ILE A 1033 -40.20 -32.43 15.86
C ILE A 1033 -40.62 -31.38 16.89
N ALA A 1034 -40.65 -31.79 18.17
CA ALA A 1034 -41.01 -30.85 19.22
C ALA A 1034 -40.02 -29.69 19.27
N ARG A 1035 -38.74 -29.96 19.04
CA ARG A 1035 -37.77 -28.88 19.07
C ARG A 1035 -37.99 -27.91 17.92
N MET A 1036 -38.26 -28.41 16.70
CA MET A 1036 -38.59 -27.46 15.64
C MET A 1036 -39.86 -26.68 15.97
N LEU A 1037 -40.85 -27.34 16.57
CA LEU A 1037 -42.09 -26.63 16.88
C LEU A 1037 -41.84 -25.47 17.85
N ILE A 1038 -41.13 -25.73 18.94
CA ILE A 1038 -40.90 -24.68 19.93
C ILE A 1038 -39.98 -23.60 19.37
N SER A 1039 -39.00 -23.99 18.57
CA SER A 1039 -38.12 -22.99 17.94
C SER A 1039 -38.90 -22.08 16.99
N LEU A 1040 -39.79 -22.66 16.18
CA LEU A 1040 -40.62 -21.84 15.32
C LEU A 1040 -41.53 -20.94 16.13
N ALA A 1041 -42.05 -21.44 17.26
CA ALA A 1041 -42.90 -20.62 18.11
C ALA A 1041 -42.14 -19.42 18.65
N GLU A 1042 -40.93 -19.63 19.17
CA GLU A 1042 -40.19 -18.50 19.74
C GLU A 1042 -39.72 -17.55 18.65
N MET A 1043 -39.43 -18.07 17.45
CA MET A 1043 -39.12 -17.18 16.34
C MET A 1043 -40.32 -16.32 15.98
N ASP A 1044 -41.51 -16.92 15.94
CA ASP A 1044 -42.71 -16.16 15.66
C ASP A 1044 -42.94 -15.08 16.72
N LEU A 1045 -42.67 -15.43 17.98
CA LEU A 1045 -42.80 -14.45 19.05
C LEU A 1045 -41.82 -13.29 18.88
N GLN A 1046 -40.55 -13.59 18.63
CA GLN A 1046 -39.55 -12.54 18.51
C GLN A 1046 -39.74 -11.74 17.24
N LEU A 1047 -40.16 -12.38 16.14
CA LEU A 1047 -40.38 -11.68 14.89
C LEU A 1047 -41.47 -10.62 14.99
N PHE A 1048 -42.34 -10.73 15.99
CA PHE A 1048 -43.36 -9.72 16.23
C PHE A 1048 -42.73 -8.35 16.49
N THR A 1062 -34.70 -16.60 26.21
CA THR A 1062 -34.03 -15.36 25.84
C THR A 1062 -32.53 -15.46 26.05
N ILE A 1063 -31.87 -16.29 25.24
CA ILE A 1063 -30.44 -16.52 25.32
C ILE A 1063 -29.83 -16.06 24.01
N TYR A 1064 -28.85 -15.15 24.10
CA TYR A 1064 -28.24 -14.53 22.94
C TYR A 1064 -26.72 -14.50 23.14
N SER A 1065 -26.01 -13.98 22.13
CA SER A 1065 -24.55 -14.04 22.14
C SER A 1065 -23.97 -12.88 21.35
N PHE A 1066 -22.69 -12.63 21.57
CA PHE A 1066 -21.92 -11.63 20.87
C PHE A 1066 -20.45 -12.02 20.96
N THR A 1067 -19.63 -11.41 20.10
CA THR A 1067 -18.20 -11.67 20.08
C THR A 1067 -17.94 -13.11 19.66
N GLY A 1068 -16.68 -13.46 19.38
CA GLY A 1068 -16.35 -14.84 19.11
C GLY A 1068 -16.60 -15.68 20.34
N ASN A 1069 -17.67 -16.48 20.32
CA ASN A 1069 -18.10 -17.22 21.48
C ASN A 1069 -18.70 -18.56 21.05
N GLN A 1070 -18.59 -19.55 21.94
CA GLN A 1070 -19.13 -20.88 21.68
C GLN A 1070 -20.65 -20.90 21.60
N ARG A 1071 -21.33 -19.95 22.24
CA ARG A 1071 -22.79 -19.96 22.29
C ARG A 1071 -23.36 -19.79 20.88
N ASN A 1072 -24.39 -20.56 20.58
CA ASN A 1072 -25.02 -20.58 19.26
C ASN A 1072 -26.50 -20.19 19.34
N ARG A 1073 -27.01 -19.68 18.22
CA ARG A 1073 -28.41 -19.29 18.11
C ARG A 1073 -28.77 -19.28 16.63
N CYS A 1074 -30.05 -19.46 16.34
CA CYS A 1074 -30.54 -19.45 14.95
C CYS A 1074 -30.88 -18.02 14.54
N SER A 1075 -29.90 -17.12 14.72
CA SER A 1075 -30.06 -15.74 14.28
C SER A 1075 -30.12 -15.61 12.76
N THR A 1076 -29.67 -16.63 12.04
CA THR A 1076 -29.73 -16.64 10.58
C THR A 1076 -31.13 -16.94 10.06
N PHE A 1077 -32.06 -17.35 10.92
CA PHE A 1077 -33.41 -17.72 10.53
C PHE A 1077 -34.32 -16.53 10.81
N ARG A 1078 -34.84 -15.92 9.74
CA ARG A 1078 -35.84 -14.86 9.83
C ARG A 1078 -36.94 -15.14 8.81
N VAL A 1079 -37.94 -15.92 9.22
CA VAL A 1079 -38.99 -16.38 8.32
C VAL A 1079 -40.34 -16.23 9.03
N LYS A 1080 -41.31 -15.67 8.31
CA LYS A 1080 -42.67 -15.54 8.82
C LYS A 1080 -43.49 -16.74 8.34
N ARG A 1081 -43.93 -17.57 9.29
CA ARG A 1081 -44.72 -18.74 8.95
C ARG A 1081 -46.13 -18.34 8.53
N ASN A 1082 -46.77 -19.19 7.73
CA ASN A 1082 -48.16 -19.04 7.35
C ASN A 1082 -49.01 -20.19 7.84
N GLN A 1083 -48.55 -21.43 7.71
CA GLN A 1083 -49.26 -22.59 8.22
C GLN A 1083 -48.26 -23.63 8.71
N THR A 1084 -48.73 -24.50 9.60
CA THR A 1084 -47.91 -25.58 10.14
C THR A 1084 -48.74 -26.85 10.22
N ILE A 1085 -48.15 -27.96 9.78
CA ILE A 1085 -48.72 -29.30 9.94
C ILE A 1085 -47.63 -30.15 10.55
N TYR A 1086 -47.99 -30.99 11.52
CA TYR A 1086 -47.02 -31.84 12.17
C TYR A 1086 -47.68 -33.14 12.62
N TRP A 1087 -46.86 -34.19 12.68
CA TRP A 1087 -47.32 -35.52 13.04
C TRP A 1087 -46.11 -36.30 13.56
N GLN A 1088 -46.39 -37.46 14.16
CA GLN A 1088 -45.42 -38.26 14.88
C GLN A 1088 -44.07 -38.39 14.18
N GLU A 1089 -44.09 -38.46 12.85
CA GLU A 1089 -42.90 -38.76 12.06
C GLU A 1089 -42.62 -37.70 11.00
N GLY A 1090 -43.06 -36.46 11.20
CA GLY A 1090 -42.71 -35.42 10.25
C GLY A 1090 -43.44 -34.12 10.51
N LEU A 1091 -43.12 -33.14 9.68
CA LEU A 1091 -43.76 -31.83 9.76
C LEU A 1091 -43.50 -31.02 8.49
N LEU A 1092 -44.53 -30.27 8.09
CA LEU A 1092 -44.49 -29.28 7.02
C LEU A 1092 -44.71 -27.90 7.63
N VAL A 1093 -43.94 -26.92 7.18
CA VAL A 1093 -44.13 -25.53 7.55
C VAL A 1093 -44.16 -24.70 6.28
N THR A 1094 -45.18 -23.86 6.15
CA THR A 1094 -45.39 -23.03 4.97
C THR A 1094 -45.26 -21.57 5.36
N PHE A 1095 -44.35 -20.86 4.71
CA PHE A 1095 -44.00 -19.49 5.06
C PHE A 1095 -44.12 -18.61 3.83
N ASP A 1096 -44.11 -17.29 4.07
CA ASP A 1096 -44.19 -16.32 2.99
C ASP A 1096 -43.01 -16.54 2.03
N GLY A 1097 -43.32 -17.03 0.83
CA GLY A 1097 -42.33 -17.27 -0.18
C GLY A 1097 -41.91 -18.71 -0.36
N GLY A 1098 -42.41 -19.64 0.44
CA GLY A 1098 -42.04 -21.04 0.24
C GLY A 1098 -42.47 -21.92 1.39
N TYR A 1099 -41.75 -23.02 1.56
CA TYR A 1099 -42.07 -23.99 2.60
C TYR A 1099 -40.87 -24.91 2.83
N LEU A 1100 -40.96 -25.69 3.90
CA LEU A 1100 -40.00 -26.74 4.20
C LEU A 1100 -40.75 -27.94 4.77
N SER A 1101 -40.40 -29.13 4.29
CA SER A 1101 -40.99 -30.40 4.72
C SER A 1101 -39.89 -31.30 5.23
N VAL A 1102 -40.17 -32.00 6.33
CA VAL A 1102 -39.30 -33.06 6.85
C VAL A 1102 -40.18 -34.26 7.11
N GLU A 1103 -39.72 -35.44 6.71
CA GLU A 1103 -40.52 -36.65 6.92
C GLU A 1103 -39.65 -37.88 6.89
N SER A 1104 -39.96 -38.85 7.76
CA SER A 1104 -39.27 -40.12 7.76
C SER A 1104 -39.45 -40.81 6.41
N SER A 1105 -38.38 -41.47 5.95
CA SER A 1105 -38.39 -42.11 4.65
C SER A 1105 -37.54 -43.37 4.71
N ASP A 1106 -37.86 -44.31 3.82
CA ASP A 1106 -37.11 -45.57 3.70
C ASP A 1106 -35.93 -45.33 2.75
N VAL A 1107 -34.88 -44.73 3.31
CA VAL A 1107 -33.70 -44.37 2.54
C VAL A 1107 -32.88 -45.61 2.28
N ASN A 1108 -32.61 -45.89 1.00
CA ASN A 1108 -31.88 -47.09 0.62
C ASN A 1108 -30.88 -46.77 -0.49
N TRP A 1109 -30.13 -45.69 -0.34
CA TRP A 1109 -29.05 -45.39 -1.28
C TRP A 1109 -28.04 -46.53 -1.27
N LYS A 1110 -27.63 -46.97 -2.46
CA LYS A 1110 -26.68 -48.06 -2.63
C LYS A 1110 -27.14 -49.32 -1.90
N LYS A 1111 -28.42 -49.67 -2.01
CA LYS A 1111 -29.09 -50.78 -1.34
C LYS A 1111 -28.82 -50.80 0.17
N LYS A 1112 -28.45 -49.67 0.78
CA LYS A 1112 -28.21 -49.61 2.22
C LYS A 1112 -29.49 -49.14 2.91
N LYS A 1113 -30.49 -50.02 2.89
CA LYS A 1113 -31.76 -49.72 3.53
C LYS A 1113 -31.56 -49.65 5.03
N SER A 1114 -32.05 -48.57 5.64
CA SER A 1114 -31.97 -48.40 7.09
C SER A 1114 -32.93 -47.28 7.48
N GLY A 1115 -32.83 -46.79 8.71
CA GLY A 1115 -33.59 -45.63 9.10
C GLY A 1115 -33.18 -44.43 8.29
N GLY A 1116 -33.99 -43.39 8.34
CA GLY A 1116 -33.64 -42.17 7.64
C GLY A 1116 -34.83 -41.27 7.45
N MET A 1117 -34.58 -40.20 6.69
CA MET A 1117 -35.57 -39.14 6.51
C MET A 1117 -35.20 -38.31 5.28
N LYS A 1118 -36.18 -37.54 4.82
CA LYS A 1118 -36.02 -36.62 3.71
C LYS A 1118 -36.44 -35.23 4.16
N ILE A 1119 -35.72 -34.22 3.64
CA ILE A 1119 -36.04 -32.82 3.86
C ILE A 1119 -36.08 -32.18 2.48
N VAL A 1120 -37.14 -31.39 2.22
CA VAL A 1120 -37.23 -30.62 0.99
C VAL A 1120 -37.66 -29.19 1.34
N CYS A 1121 -36.89 -28.22 0.88
CA CYS A 1121 -37.16 -26.81 1.11
C CYS A 1121 -37.26 -26.10 -0.22
N GLN A 1122 -38.35 -25.34 -0.41
CA GLN A 1122 -38.53 -24.52 -1.60
C GLN A 1122 -38.73 -23.08 -1.15
N SER A 1123 -38.16 -22.15 -1.91
CA SER A 1123 -38.21 -20.73 -1.59
C SER A 1123 -38.04 -19.93 -2.87
N GLU A 1124 -39.06 -19.17 -3.25
CA GLU A 1124 -39.03 -18.42 -4.49
C GLU A 1124 -38.07 -17.23 -4.45
N VAL A 1125 -37.54 -16.87 -3.28
CA VAL A 1125 -36.58 -15.79 -3.13
C VAL A 1125 -35.17 -16.29 -2.88
N ARG A 1126 -34.92 -17.59 -3.10
CA ARG A 1126 -33.62 -18.21 -2.89
C ARG A 1126 -33.16 -18.12 -1.43
N ASP A 1127 -34.10 -17.95 -0.51
CA ASP A 1127 -33.80 -17.92 0.92
C ASP A 1127 -34.04 -19.32 1.48
N PHE A 1128 -32.96 -20.08 1.67
CA PHE A 1128 -33.02 -21.42 2.22
C PHE A 1128 -32.43 -21.49 3.62
N SER A 1129 -32.58 -20.41 4.39
CA SER A 1129 -32.14 -20.40 5.78
C SER A 1129 -32.90 -21.43 6.61
N ALA A 1130 -34.08 -21.83 6.18
CA ALA A 1130 -34.82 -22.86 6.90
C ALA A 1130 -34.08 -24.18 6.92
N MET A 1131 -33.40 -24.52 5.82
CA MET A 1131 -32.64 -25.76 5.81
C MET A 1131 -31.44 -25.71 6.75
N ALA A 1132 -30.74 -24.57 6.82
CA ALA A 1132 -29.66 -24.43 7.79
C ALA A 1132 -30.19 -24.48 9.21
N PHE A 1133 -31.37 -23.91 9.43
CA PHE A 1133 -32.07 -23.99 10.71
C PHE A 1133 -32.32 -25.45 11.09
N ILE A 1134 -32.83 -26.25 10.15
CA ILE A 1134 -33.06 -27.67 10.40
C ILE A 1134 -31.75 -28.40 10.61
N THR A 1135 -30.69 -28.00 9.90
CA THR A 1135 -29.39 -28.65 10.06
C THR A 1135 -28.85 -28.43 11.47
N ASP A 1136 -28.88 -27.19 11.92
CA ASP A 1136 -28.43 -26.88 13.28
C ASP A 1136 -29.30 -27.61 14.31
N HIS A 1137 -30.60 -27.71 14.05
CA HIS A 1137 -31.46 -28.46 14.96
C HIS A 1137 -31.11 -29.93 15.00
N VAL A 1138 -30.84 -30.53 13.83
CA VAL A 1138 -30.41 -31.92 13.79
C VAL A 1138 -29.17 -32.12 14.66
N ASN A 1139 -28.17 -31.27 14.44
CA ASN A 1139 -26.92 -31.39 15.18
C ASN A 1139 -27.15 -31.21 16.68
N SER A 1140 -27.96 -30.22 17.06
CA SER A 1140 -28.20 -29.96 18.48
C SER A 1140 -28.93 -31.12 19.14
N LEU A 1141 -29.98 -31.63 18.49
CA LEU A 1141 -30.70 -32.78 19.01
C LEU A 1141 -29.78 -33.96 19.22
N ILE A 1142 -28.99 -34.31 18.21
CA ILE A 1142 -28.15 -35.50 18.34
C ILE A 1142 -27.12 -35.29 19.44
N ASP A 1143 -26.50 -34.12 19.48
CA ASP A 1143 -25.47 -33.86 20.48
C ASP A 1143 -26.05 -33.91 21.89
N GLN A 1144 -27.28 -33.44 22.07
CA GLN A 1144 -27.86 -33.39 23.40
C GLN A 1144 -28.34 -34.77 23.86
N TRP A 1145 -29.09 -35.48 23.02
CA TRP A 1145 -29.83 -36.65 23.47
C TRP A 1145 -29.35 -37.97 22.89
N PHE A 1146 -28.77 -37.98 21.69
CA PHE A 1146 -28.21 -39.19 21.10
C PHE A 1146 -26.77 -38.95 20.62
N PRO A 1147 -25.91 -38.40 21.48
CA PRO A 1147 -24.55 -38.08 21.03
C PRO A 1147 -23.75 -39.29 20.63
N ALA A 1148 -24.12 -40.47 21.12
CA ALA A 1148 -23.50 -41.71 20.67
C ALA A 1148 -23.64 -41.92 19.17
N LEU A 1149 -24.67 -41.34 18.56
CA LEU A 1149 -24.87 -41.47 17.12
C LEU A 1149 -23.86 -40.64 16.33
N THR A 1150 -23.24 -39.63 16.95
CA THR A 1150 -22.19 -38.85 16.31
C THR A 1150 -20.87 -39.63 16.32
N ALA A 1151 -20.86 -40.71 15.55
CA ALA A 1151 -19.70 -41.59 15.50
C ALA A 1151 -19.80 -42.44 14.23
N THR A 1152 -18.87 -43.38 14.11
CA THR A 1152 -18.81 -44.32 13.00
C THR A 1152 -18.85 -45.74 13.52
N GLU A 1153 -18.79 -46.70 12.60
CA GLU A 1153 -18.65 -48.09 12.97
C GLU A 1153 -17.20 -48.36 13.37
N SER A 1154 -16.92 -49.59 13.80
CA SER A 1154 -15.56 -49.95 14.17
C SER A 1154 -14.61 -49.86 12.99
N ASP A 1155 -15.13 -50.01 11.77
CA ASP A 1155 -14.32 -49.92 10.55
C ASP A 1155 -14.29 -48.52 9.95
N GLY A 1156 -14.95 -47.54 10.58
CA GLY A 1156 -14.97 -46.18 10.09
C GLY A 1156 -16.20 -45.81 9.29
N THR A 1157 -17.15 -46.73 9.12
CA THR A 1157 -18.37 -46.42 8.39
C THR A 1157 -19.25 -45.49 9.24
N PRO A 1158 -19.69 -44.34 8.73
CA PRO A 1158 -20.52 -43.45 9.55
C PRO A 1158 -21.80 -44.12 10.02
N LEU A 1159 -22.18 -43.83 11.27
CA LEU A 1159 -23.48 -44.24 11.77
C LEU A 1159 -24.62 -43.52 11.07
N MET A 1160 -24.44 -42.22 10.78
CA MET A 1160 -25.35 -41.47 9.94
C MET A 1160 -24.60 -41.00 8.70
N GLU A 1161 -25.32 -40.88 7.59
CA GLU A 1161 -24.80 -40.27 6.38
C GLU A 1161 -25.84 -39.33 5.81
N GLN A 1162 -25.37 -38.34 5.06
CA GLN A 1162 -26.24 -37.35 4.43
C GLN A 1162 -25.91 -37.26 2.96
N TYR A 1163 -26.94 -37.16 2.13
CA TYR A 1163 -26.78 -37.05 0.70
C TYR A 1163 -27.75 -35.99 0.18
N VAL A 1164 -27.43 -35.45 -0.99
CA VAL A 1164 -28.28 -34.44 -1.63
C VAL A 1164 -28.64 -34.96 -3.01
N PRO A 1165 -29.93 -35.06 -3.38
CA PRO A 1165 -30.25 -35.49 -4.74
C PRO A 1165 -29.65 -34.56 -5.79
N CYS A 1166 -29.16 -35.15 -6.86
CA CYS A 1166 -28.44 -34.40 -7.88
C CYS A 1166 -29.42 -33.68 -8.80
N PRO A 1167 -29.37 -32.35 -8.92
CA PRO A 1167 -30.28 -31.68 -9.88
C PRO A 1167 -30.12 -32.15 -11.31
N VAL A 1168 -28.88 -32.38 -11.77
CA VAL A 1168 -28.68 -32.78 -13.16
C VAL A 1168 -29.23 -34.18 -13.41
N CYS A 1169 -28.92 -35.13 -12.52
CA CYS A 1169 -29.43 -36.48 -12.72
C CYS A 1169 -30.95 -36.53 -12.57
N GLU A 1170 -31.50 -35.77 -11.62
CA GLU A 1170 -32.95 -35.72 -11.47
C GLU A 1170 -33.60 -35.14 -12.72
N THR A 1171 -32.99 -34.10 -13.29
CA THR A 1171 -33.49 -33.53 -14.54
C THR A 1171 -33.41 -34.56 -15.67
N ALA A 1172 -32.31 -35.30 -15.73
CA ALA A 1172 -32.13 -36.29 -16.78
C ALA A 1172 -33.19 -37.37 -16.70
N TRP A 1173 -33.43 -37.90 -15.49
CA TRP A 1173 -34.49 -38.89 -15.31
C TRP A 1173 -35.85 -38.26 -15.58
N ALA A 1174 -36.07 -37.06 -15.06
CA ALA A 1174 -37.35 -36.37 -15.23
C ALA A 1174 -37.36 -35.57 -16.52
N SER A 1183 -39.21 -43.85 -8.50
CA SER A 1183 -38.38 -43.53 -9.67
C SER A 1183 -37.27 -44.56 -9.84
N GLU A 1184 -36.12 -44.32 -9.21
CA GLU A 1184 -34.98 -45.23 -9.29
C GLU A 1184 -33.95 -44.74 -8.29
N ASP A 1185 -32.78 -45.37 -8.31
CA ASP A 1185 -31.64 -44.94 -7.50
C ASP A 1185 -30.95 -43.79 -8.22
N VAL A 1186 -31.67 -42.67 -8.32
CA VAL A 1186 -31.14 -41.47 -8.97
C VAL A 1186 -29.90 -41.01 -8.23
N GLN A 1187 -29.00 -40.32 -8.92
CA GLN A 1187 -27.73 -39.97 -8.33
C GLN A 1187 -27.90 -38.90 -7.25
N TYR A 1188 -26.82 -38.67 -6.51
CA TYR A 1188 -26.81 -37.82 -5.34
C TYR A 1188 -25.36 -37.52 -5.00
N PHE A 1189 -25.16 -36.53 -4.15
CA PHE A 1189 -23.84 -36.09 -3.75
C PHE A 1189 -23.69 -36.26 -2.25
N ASP A 1190 -22.56 -36.83 -1.84
CA ASP A 1190 -22.24 -36.97 -0.43
C ASP A 1190 -22.10 -35.59 0.19
N MET A 1191 -22.75 -35.38 1.34
CA MET A 1191 -22.72 -34.08 1.99
C MET A 1191 -21.29 -33.68 2.34
N GLU A 1192 -20.47 -34.65 2.75
CA GLU A 1192 -19.09 -34.35 3.08
C GLU A 1192 -18.33 -33.84 1.85
N ASP A 1193 -18.53 -34.47 0.69
CA ASP A 1193 -17.89 -33.98 -0.51
C ASP A 1193 -18.47 -32.63 -0.93
N CYS A 1194 -19.77 -32.43 -0.73
CA CYS A 1194 -20.38 -31.14 -1.05
C CYS A 1194 -19.71 -30.02 -0.27
N VAL A 1195 -19.57 -30.19 1.04
CA VAL A 1195 -18.96 -29.13 1.84
C VAL A 1195 -17.48 -29.00 1.54
N LEU A 1196 -16.79 -30.12 1.29
CA LEU A 1196 -15.37 -30.05 0.95
C LEU A 1196 -15.15 -29.31 -0.37
N THR A 1197 -16.14 -29.33 -1.26
CA THR A 1197 -15.98 -28.69 -2.56
C THR A 1197 -16.45 -27.24 -2.52
N ALA A 1198 -17.46 -26.94 -1.69
CA ALA A 1198 -17.98 -25.58 -1.63
C ALA A 1198 -16.93 -24.61 -1.13
N ILE A 1199 -16.10 -25.04 -0.17
CA ILE A 1199 -15.06 -24.17 0.36
C ILE A 1199 -13.98 -23.83 -0.66
N GLU A 1200 -13.66 -24.74 -1.57
CA GLU A 1200 -12.66 -24.50 -2.60
C GLU A 1200 -13.25 -23.98 -3.90
N ARG A 1201 -14.29 -24.62 -4.43
CA ARG A 1201 -14.68 -24.46 -5.82
C ARG A 1201 -16.17 -24.15 -5.90
N ASP A 1202 -16.54 -23.48 -6.99
CA ASP A 1202 -17.95 -23.24 -7.25
C ASP A 1202 -18.65 -24.50 -7.77
N PHE A 1203 -17.89 -25.56 -8.06
CA PHE A 1203 -18.39 -26.67 -8.84
C PHE A 1203 -17.96 -28.03 -8.29
N ILE A 1204 -18.88 -28.99 -8.39
CA ILE A 1204 -18.61 -30.42 -8.21
C ILE A 1204 -19.17 -31.18 -9.39
N SER A 1205 -18.41 -32.18 -9.85
CA SER A 1205 -18.81 -32.98 -10.99
C SER A 1205 -19.94 -33.96 -10.62
N CYS A 1206 -20.76 -34.26 -11.62
CA CYS A 1206 -21.82 -35.26 -11.48
C CYS A 1206 -21.26 -36.64 -11.82
N PRO A 1207 -21.54 -37.68 -11.03
CA PRO A 1207 -20.98 -39.00 -11.35
C PRO A 1207 -21.54 -39.61 -12.63
N ARG A 1208 -22.87 -39.60 -12.79
CA ARG A 1208 -23.49 -40.22 -13.95
C ARG A 1208 -23.42 -39.34 -15.19
N HIS A 1209 -23.17 -38.04 -15.02
CA HIS A 1209 -23.06 -37.11 -16.15
C HIS A 1209 -21.81 -36.26 -15.96
N PRO A 1210 -20.62 -36.83 -16.23
CA PRO A 1210 -19.38 -36.08 -15.93
C PRO A 1210 -19.26 -34.74 -16.63
N ASP A 1211 -19.93 -34.55 -17.77
CA ASP A 1211 -19.75 -33.36 -18.59
C ASP A 1211 -21.00 -32.45 -18.54
N LEU A 1212 -21.89 -32.64 -17.57
CA LEU A 1212 -23.05 -31.78 -17.35
C LEU A 1212 -22.90 -31.13 -15.98
N PRO A 1213 -22.53 -29.85 -15.91
CA PRO A 1213 -22.23 -29.25 -14.60
C PRO A 1213 -23.45 -29.13 -13.70
N VAL A 1214 -23.26 -29.48 -12.43
CA VAL A 1214 -24.16 -29.16 -11.33
C VAL A 1214 -23.57 -27.98 -10.56
N PRO A 1215 -24.26 -26.85 -10.46
CA PRO A 1215 -23.78 -25.79 -9.54
C PRO A 1215 -24.01 -26.15 -8.08
N LEU A 1216 -23.02 -25.86 -7.24
CA LEU A 1216 -23.20 -26.06 -5.80
C LEU A 1216 -24.30 -25.16 -5.24
N GLN A 1217 -24.37 -23.91 -5.68
CA GLN A 1217 -25.38 -22.99 -5.17
C GLN A 1217 -26.80 -23.45 -5.49
N GLU A 1218 -26.99 -24.22 -6.57
CA GLU A 1218 -28.26 -24.88 -6.84
C GLU A 1218 -28.36 -26.23 -6.15
N LEU A 1219 -27.35 -26.61 -5.36
CA LEU A 1219 -27.32 -27.87 -4.63
C LEU A 1219 -27.45 -27.66 -3.13
N VAL A 1220 -26.46 -26.93 -2.59
CA VAL A 1220 -26.44 -26.62 -1.15
C VAL A 1220 -26.32 -25.11 -1.08
N PRO A 1221 -27.40 -24.37 -1.38
CA PRO A 1221 -27.32 -22.92 -1.46
C PRO A 1221 -26.94 -22.27 -0.14
N GLU A 1222 -27.59 -22.68 0.94
CA GLU A 1222 -27.31 -22.11 2.26
C GLU A 1222 -25.81 -21.99 2.45
N LEU A 1223 -25.04 -22.97 1.99
CA LEU A 1223 -23.56 -22.94 2.11
C LEU A 1223 -23.11 -21.54 1.70
N PHE A 1224 -23.59 -21.03 0.57
CA PHE A 1224 -23.24 -19.64 0.25
C PHE A 1224 -24.39 -18.83 0.83
N MET A 1225 -24.15 -17.61 1.31
CA MET A 1225 -25.29 -16.77 1.78
C MET A 1225 -26.15 -16.45 0.58
N THR A 1226 -27.31 -17.05 0.53
CA THR A 1226 -28.09 -16.90 -0.69
C THR A 1226 -29.28 -16.06 -0.29
N ASP A 1227 -29.26 -15.60 0.95
CA ASP A 1227 -30.46 -14.87 1.41
C ASP A 1227 -30.03 -13.44 1.68
N PHE A 1228 -28.74 -13.21 1.93
CA PHE A 1228 -28.25 -11.83 2.09
C PHE A 1228 -28.28 -11.17 0.72
N PRO A 1229 -28.80 -9.93 0.56
CA PRO A 1229 -28.73 -9.21 -0.73
C PRO A 1229 -27.33 -9.30 -1.34
N ALA A 1230 -27.29 -9.30 -2.68
CA ALA A 1230 -26.02 -9.38 -3.37
C ALA A 1230 -25.14 -8.17 -3.16
N ARG A 1231 -25.73 -7.01 -2.82
CA ARG A 1231 -24.95 -5.81 -2.58
C ARG A 1231 -23.94 -5.99 -1.45
N LEU A 1232 -24.21 -6.87 -0.50
CA LEU A 1232 -23.32 -7.11 0.63
C LEU A 1232 -22.21 -8.10 0.31
N PHE A 1233 -22.14 -8.60 -0.92
CA PHE A 1233 -21.08 -9.52 -1.29
C PHE A 1233 -19.74 -8.80 -1.34
N LEU A 1234 -18.69 -9.49 -0.92
CA LEU A 1234 -17.32 -8.97 -0.95
C LEU A 1234 -16.62 -9.48 -2.20
N GLU A 1235 -16.16 -8.54 -3.03
CA GLU A 1235 -15.54 -8.88 -4.30
C GLU A 1235 -14.10 -9.32 -4.06
N ASN A 1236 -13.78 -10.57 -4.45
CA ASN A 1236 -12.43 -11.07 -4.25
C ASN A 1236 -11.42 -10.35 -5.12
N SER A 1237 -11.82 -9.96 -6.33
CA SER A 1237 -10.91 -9.26 -7.24
C SER A 1237 -10.48 -7.90 -6.70
N LYS A 1238 -11.28 -7.29 -5.84
CA LYS A 1238 -11.00 -5.96 -5.30
C LYS A 1238 -10.32 -6.01 -3.93
N LEU A 1239 -10.04 -7.20 -3.40
CA LEU A 1239 -9.46 -7.35 -2.07
C LEU A 1239 -7.99 -7.72 -2.21
N GLU A 1240 -7.11 -6.87 -1.68
CA GLU A 1240 -5.68 -7.16 -1.62
C GLU A 1240 -5.36 -7.82 -0.28
N HIS A 1241 -5.98 -8.98 -0.08
CA HIS A 1241 -5.80 -9.75 1.15
C HIS A 1241 -4.35 -10.23 1.26
N SER A 1242 -3.87 -10.30 2.49
CA SER A 1242 -2.54 -10.84 2.79
C SER A 1242 -2.63 -11.66 4.06
N GLU A 1243 -2.01 -12.84 4.04
CA GLU A 1243 -1.98 -13.75 5.18
C GLU A 1243 -0.67 -13.66 5.95
N ASP A 1244 0.15 -12.64 5.70
CA ASP A 1244 1.45 -12.54 6.34
C ASP A 1244 1.29 -12.34 7.84
N GLU A 1245 2.28 -12.83 8.60
CA GLU A 1245 2.25 -12.66 10.05
C GLU A 1245 2.23 -11.19 10.45
N GLY A 1246 2.85 -10.32 9.66
CA GLY A 1246 2.79 -8.90 9.91
C GLY A 1246 1.47 -8.26 9.52
N SER A 1247 0.66 -8.96 8.74
CA SER A 1247 -0.67 -8.49 8.36
C SER A 1247 -1.73 -8.87 9.39
N VAL A 1248 -1.38 -9.65 10.41
CA VAL A 1248 -2.34 -10.09 11.41
C VAL A 1248 -2.78 -8.89 12.24
N LEU A 1249 -4.06 -8.55 12.17
CA LEU A 1249 -4.62 -7.48 12.98
C LEU A 1249 -5.15 -7.99 14.32
N GLY A 1250 -5.62 -9.23 14.37
CA GLY A 1250 -6.12 -9.77 15.61
C GLY A 1250 -6.60 -11.20 15.44
N GLN A 1251 -7.10 -11.75 16.54
CA GLN A 1251 -7.66 -13.09 16.56
C GLN A 1251 -8.92 -13.12 17.42
N GLY A 1252 -9.91 -13.90 16.96
CA GLY A 1252 -11.14 -14.07 17.69
C GLY A 1252 -11.20 -15.39 18.43
N GLY A 1253 -12.30 -15.58 19.17
CA GLY A 1253 -12.51 -16.83 19.90
C GLY A 1253 -12.94 -17.99 19.03
N SER A 1254 -13.21 -17.75 17.74
CA SER A 1254 -13.62 -18.82 16.83
C SER A 1254 -12.43 -19.59 16.27
N GLY A 1255 -11.20 -19.23 16.63
CA GLY A 1255 -10.04 -19.77 15.98
C GLY A 1255 -9.72 -19.13 14.64
N THR A 1256 -10.37 -18.01 14.32
CA THR A 1256 -10.24 -17.35 13.04
C THR A 1256 -9.36 -16.11 13.18
N VAL A 1257 -8.76 -15.68 12.07
CA VAL A 1257 -7.71 -14.67 12.10
C VAL A 1257 -8.15 -13.45 11.31
N ILE A 1258 -8.01 -12.27 11.92
CA ILE A 1258 -8.36 -11.00 11.30
C ILE A 1258 -7.06 -10.36 10.81
N TYR A 1259 -6.95 -10.20 9.50
CA TYR A 1259 -5.77 -9.66 8.83
C TYR A 1259 -6.04 -8.23 8.37
N ARG A 1260 -4.95 -7.50 8.17
CA ARG A 1260 -4.99 -6.18 7.54
C ARG A 1260 -4.97 -6.37 6.03
N ALA A 1261 -5.89 -5.70 5.34
CA ALA A 1261 -5.96 -5.81 3.88
C ALA A 1261 -6.49 -4.51 3.31
N ARG A 1262 -6.61 -4.48 1.99
CA ARG A 1262 -7.19 -3.36 1.26
C ARG A 1262 -8.35 -3.85 0.41
N TYR A 1263 -9.48 -3.15 0.50
CA TYR A 1263 -10.65 -3.44 -0.33
C TYR A 1263 -11.14 -2.14 -0.95
N GLN A 1264 -11.08 -2.07 -2.28
CA GLN A 1264 -11.48 -0.87 -3.01
C GLN A 1264 -10.66 0.34 -2.58
N GLY A 1265 -9.40 0.09 -2.21
CA GLY A 1265 -8.52 1.12 -1.71
C GLY A 1265 -8.74 1.50 -0.27
N GLN A 1266 -9.70 0.88 0.42
CA GLN A 1266 -10.00 1.17 1.80
C GLN A 1266 -9.24 0.20 2.72
N PRO A 1267 -8.66 0.66 3.83
CA PRO A 1267 -8.01 -0.28 4.75
C PRO A 1267 -9.05 -1.05 5.55
N VAL A 1268 -8.96 -2.39 5.49
CA VAL A 1268 -10.03 -3.26 5.97
C VAL A 1268 -9.44 -4.34 6.86
N ALA A 1269 -10.27 -4.80 7.79
CA ALA A 1269 -9.92 -5.88 8.72
C ALA A 1269 -10.70 -7.11 8.28
N VAL A 1270 -10.03 -8.03 7.59
CA VAL A 1270 -10.69 -9.19 6.99
C VAL A 1270 -10.50 -10.38 7.92
N LYS A 1271 -11.62 -10.84 8.50
CA LYS A 1271 -11.62 -12.07 9.27
C LYS A 1271 -11.73 -13.24 8.30
N ARG A 1272 -10.67 -14.04 8.23
CA ARG A 1272 -10.64 -15.26 7.43
C ARG A 1272 -10.65 -16.47 8.36
N PHE A 1273 -11.27 -17.54 7.88
CA PHE A 1273 -11.40 -18.78 8.63
C PHE A 1273 -10.44 -19.80 8.01
N HIS A 1274 -9.64 -20.45 8.86
CA HIS A 1274 -8.67 -21.45 8.43
C HIS A 1274 -9.14 -22.81 8.95
N ILE A 1275 -9.53 -23.70 8.03
CA ILE A 1275 -10.27 -24.90 8.39
C ILE A 1275 -9.38 -26.13 8.34
N LYS A 1276 -8.62 -26.30 7.26
CA LYS A 1276 -7.80 -27.50 7.11
C LYS A 1276 -6.80 -27.66 8.26
N LYS A 1277 -6.71 -28.89 8.76
CA LYS A 1277 -5.70 -29.33 9.73
C LYS A 1277 -5.01 -30.55 9.10
N PHE A 1278 -4.05 -30.29 8.22
CA PHE A 1278 -3.37 -31.33 7.46
C PHE A 1278 -4.33 -32.35 6.85
N ALA A 1286 -7.38 -39.06 1.18
CA ALA A 1286 -7.67 -40.45 0.82
C ALA A 1286 -8.30 -41.19 2.00
N ASP A 1287 -7.92 -40.80 3.21
CA ASP A 1287 -8.44 -41.45 4.41
C ASP A 1287 -9.90 -41.08 4.66
N THR A 1288 -10.67 -42.04 5.16
CA THR A 1288 -12.08 -41.79 5.46
C THR A 1288 -12.24 -40.83 6.63
N MET A 1289 -11.53 -41.10 7.73
CA MET A 1289 -11.66 -40.27 8.92
C MET A 1289 -11.24 -38.83 8.63
N LEU A 1290 -10.19 -38.65 7.83
CA LEU A 1290 -9.77 -37.31 7.48
C LEU A 1290 -10.87 -36.57 6.74
N ARG A 1291 -11.43 -37.19 5.70
CA ARG A 1291 -12.50 -36.53 4.95
C ARG A 1291 -13.68 -36.18 5.85
N HIS A 1292 -14.02 -37.10 6.77
CA HIS A 1292 -15.16 -36.85 7.66
C HIS A 1292 -14.89 -35.66 8.59
N LEU A 1293 -13.75 -35.67 9.27
CA LEU A 1293 -13.38 -34.58 10.16
C LEU A 1293 -13.32 -33.25 9.40
N ARG A 1294 -12.75 -33.28 8.19
CA ARG A 1294 -12.66 -32.07 7.37
C ARG A 1294 -14.03 -31.52 7.02
N ALA A 1295 -14.96 -32.38 6.58
CA ALA A 1295 -16.29 -31.90 6.24
C ALA A 1295 -16.99 -31.34 7.48
N THR A 1296 -16.81 -32.01 8.63
CA THR A 1296 -17.46 -31.53 9.85
C THR A 1296 -16.94 -30.15 10.24
N ASP A 1297 -15.63 -29.96 10.19
CA ASP A 1297 -15.07 -28.65 10.54
C ASP A 1297 -15.52 -27.58 9.56
N ALA A 1298 -15.55 -27.91 8.27
CA ALA A 1298 -15.99 -26.92 7.29
C ALA A 1298 -17.46 -26.55 7.52
N MET A 1299 -18.29 -27.54 7.83
CA MET A 1299 -19.70 -27.27 8.12
C MET A 1299 -19.84 -26.36 9.32
N LYS A 1300 -19.07 -26.63 10.39
CA LYS A 1300 -19.15 -25.79 11.58
C LYS A 1300 -18.68 -24.37 11.29
N ASN A 1301 -17.59 -24.25 10.52
CA ASN A 1301 -17.10 -22.93 10.15
C ASN A 1301 -18.12 -22.18 9.31
N PHE A 1302 -18.86 -22.88 8.44
CA PHE A 1302 -19.87 -22.20 7.64
C PHE A 1302 -21.05 -21.78 8.51
N SER A 1303 -21.40 -22.60 9.49
CA SER A 1303 -22.45 -22.19 10.43
C SER A 1303 -22.04 -20.93 11.18
N GLU A 1304 -20.79 -20.86 11.63
CA GLU A 1304 -20.30 -19.65 12.27
C GLU A 1304 -20.29 -18.48 11.30
N PHE A 1305 -19.93 -18.73 10.04
CA PHE A 1305 -19.96 -17.70 9.02
C PHE A 1305 -21.35 -17.09 8.90
N ARG A 1306 -22.36 -17.94 8.76
CA ARG A 1306 -23.74 -17.45 8.63
C ARG A 1306 -24.17 -16.70 9.87
N GLN A 1307 -23.85 -17.24 11.05
CA GLN A 1307 -24.26 -16.57 12.29
C GLN A 1307 -23.63 -15.19 12.42
N GLU A 1308 -22.32 -15.09 12.16
CA GLU A 1308 -21.65 -13.79 12.25
C GLU A 1308 -22.17 -12.83 11.20
N ALA A 1309 -22.42 -13.31 9.98
CA ALA A 1309 -22.99 -12.43 8.96
C ALA A 1309 -24.35 -11.91 9.38
N SER A 1310 -25.19 -12.78 9.95
CA SER A 1310 -26.52 -12.37 10.37
C SER A 1310 -26.44 -11.33 11.48
N MET A 1311 -25.57 -11.55 12.48
CA MET A 1311 -25.53 -10.60 13.59
C MET A 1311 -24.86 -9.29 13.19
N LEU A 1312 -23.91 -9.33 12.25
CA LEU A 1312 -23.29 -8.09 11.78
C LEU A 1312 -24.25 -7.27 10.92
N HIS A 1313 -24.93 -7.93 9.97
CA HIS A 1313 -25.84 -7.20 9.10
C HIS A 1313 -27.03 -6.63 9.85
N ALA A 1314 -27.40 -7.25 10.98
CA ALA A 1314 -28.60 -6.85 11.70
C ALA A 1314 -28.41 -5.60 12.55
N LEU A 1315 -27.18 -5.07 12.65
CA LEU A 1315 -26.85 -4.00 13.58
C LEU A 1315 -26.27 -2.80 12.85
N GLN A 1316 -26.69 -1.61 13.27
CA GLN A 1316 -26.13 -0.36 12.76
C GLN A 1316 -26.19 0.67 13.88
N HIS A 1317 -25.04 1.01 14.46
CA HIS A 1317 -24.95 2.02 15.50
C HIS A 1317 -23.69 2.82 15.27
N PRO A 1318 -23.59 4.06 15.78
CA PRO A 1318 -22.37 4.84 15.58
C PRO A 1318 -21.12 4.18 16.14
N CYS A 1319 -21.24 3.48 17.26
CA CYS A 1319 -20.09 2.96 18.00
C CYS A 1319 -19.95 1.45 17.88
N ILE A 1320 -20.30 0.89 16.72
CA ILE A 1320 -20.06 -0.52 16.42
C ILE A 1320 -19.32 -0.61 15.09
N VAL A 1321 -18.34 -1.51 15.03
CA VAL A 1321 -17.58 -1.70 13.80
C VAL A 1321 -18.52 -2.23 12.71
N ALA A 1322 -18.58 -1.52 11.59
CA ALA A 1322 -19.50 -1.86 10.53
C ALA A 1322 -18.93 -2.95 9.63
N LEU A 1323 -19.80 -3.56 8.84
CA LEU A 1323 -19.43 -4.65 7.94
C LEU A 1323 -19.41 -4.15 6.51
N ILE A 1324 -18.34 -4.48 5.79
CA ILE A 1324 -18.17 -4.03 4.41
C ILE A 1324 -18.77 -5.03 3.45
N GLY A 1325 -18.48 -6.31 3.65
CA GLY A 1325 -19.04 -7.35 2.81
C GLY A 1325 -18.60 -8.70 3.30
N ILE A 1326 -19.09 -9.73 2.60
CA ILE A 1326 -18.85 -11.12 2.97
C ILE A 1326 -18.51 -11.90 1.70
N SER A 1327 -17.57 -12.84 1.82
CA SER A 1327 -17.06 -13.62 0.69
C SER A 1327 -17.11 -15.10 1.00
N ILE A 1328 -17.08 -15.91 -0.05
CA ILE A 1328 -17.11 -17.36 0.08
C ILE A 1328 -15.74 -17.97 -0.21
N HIS A 1329 -15.03 -17.45 -1.21
CA HIS A 1329 -13.74 -18.01 -1.66
C HIS A 1329 -12.66 -16.93 -1.54
N PRO A 1330 -11.87 -16.91 -0.44
CA PRO A 1330 -11.90 -17.78 0.75
C PRO A 1330 -13.06 -17.44 1.66
N LEU A 1331 -13.44 -18.31 2.58
CA LEU A 1331 -14.51 -18.00 3.52
C LEU A 1331 -14.03 -16.93 4.49
N CYS A 1332 -14.37 -15.68 4.21
CA CYS A 1332 -13.88 -14.55 4.99
C CYS A 1332 -14.84 -13.39 4.79
N PHE A 1333 -14.72 -12.39 5.65
CA PHE A 1333 -15.51 -11.18 5.51
C PHE A 1333 -14.77 -9.99 6.10
N ALA A 1334 -15.11 -8.80 5.59
CA ALA A 1334 -14.35 -7.59 5.86
C ALA A 1334 -15.13 -6.66 6.79
N LEU A 1335 -14.43 -6.11 7.78
CA LEU A 1335 -14.93 -5.09 8.67
C LEU A 1335 -14.08 -3.83 8.49
N GLU A 1336 -14.56 -2.73 9.06
CA GLU A 1336 -13.75 -1.51 9.06
C GLU A 1336 -12.51 -1.70 9.91
N LEU A 1337 -11.39 -1.13 9.44
CA LEU A 1337 -10.10 -1.26 10.12
C LEU A 1337 -9.81 0.01 10.90
N ALA A 1338 -9.44 -0.15 12.16
CA ALA A 1338 -9.22 0.99 13.04
C ALA A 1338 -7.87 1.63 12.74
N PRO A 1339 -7.81 2.92 12.38
CA PRO A 1339 -6.50 3.55 12.13
C PRO A 1339 -5.63 3.63 13.37
N LEU A 1340 -6.21 3.77 14.57
CA LEU A 1340 -5.45 3.99 15.79
C LEU A 1340 -5.30 2.71 16.61
N SER A 1341 -5.58 1.55 16.02
CA SER A 1341 -5.45 0.26 16.71
C SER A 1341 -6.43 0.25 17.88
N SER A 1342 -6.09 -0.46 18.96
CA SER A 1342 -7.03 -0.69 20.04
C SER A 1342 -7.01 0.45 21.06
N LEU A 1343 -8.07 0.50 21.86
CA LEU A 1343 -8.10 1.40 23.01
C LEU A 1343 -6.96 1.09 23.97
N ASN A 1344 -6.64 -0.19 24.11
CA ASN A 1344 -5.58 -0.61 25.03
C ASN A 1344 -4.24 0.02 24.64
N THR A 1345 -3.95 0.05 23.34
CA THR A 1345 -2.66 0.56 22.87
C THR A 1345 -2.48 2.02 23.26
N VAL A 1346 -3.34 2.90 22.73
CA VAL A 1346 -3.20 4.34 23.00
C VAL A 1346 -3.38 4.62 24.48
N LEU A 1347 -4.23 3.84 25.15
CA LEU A 1347 -4.44 4.04 26.58
C LEU A 1347 -3.15 3.77 27.36
N SER A 1348 -2.43 2.70 27.04
CA SER A 1348 -1.15 2.46 27.69
C SER A 1348 -0.15 3.55 27.33
N GLU A 1349 -0.13 3.96 26.06
CA GLU A 1349 0.81 4.99 25.63
C GLU A 1349 0.63 6.28 26.41
N ASN A 1350 -0.62 6.70 26.62
CA ASN A 1350 -0.88 7.92 27.37
C ASN A 1350 -0.84 7.69 28.88
N ALA A 1351 -0.97 6.44 29.33
CA ALA A 1351 -0.94 6.16 30.75
C ALA A 1351 0.48 6.24 31.29
N ARG A 1352 1.47 5.97 30.45
CA ARG A 1352 2.85 5.97 30.92
C ARG A 1352 3.28 7.33 31.47
N ASP A 1353 2.73 8.41 30.92
CA ASP A 1353 3.20 9.77 31.22
C ASP A 1353 2.20 10.61 31.99
N SER A 1354 1.28 10.00 32.74
CA SER A 1354 0.30 10.75 33.50
C SER A 1354 -0.01 9.98 34.78
N SER A 1355 -0.82 10.59 35.65
CA SER A 1355 -1.27 9.97 36.89
C SER A 1355 -2.69 9.46 36.73
N PHE A 1356 -3.60 10.33 36.29
CA PHE A 1356 -4.99 9.98 36.08
C PHE A 1356 -5.55 10.77 34.90
N ILE A 1357 -6.59 10.20 34.28
CA ILE A 1357 -7.21 10.78 33.09
C ILE A 1357 -6.12 10.91 32.02
N PRO A 1358 -5.54 9.81 31.53
CA PRO A 1358 -4.49 9.94 30.50
C PRO A 1358 -4.97 10.54 29.20
N LEU A 1359 -6.23 10.32 28.82
CA LEU A 1359 -6.76 10.75 27.54
C LEU A 1359 -7.19 12.21 27.55
N GLY A 1360 -7.23 12.85 28.70
CA GLY A 1360 -7.84 14.16 28.82
C GLY A 1360 -9.26 14.07 29.35
N HIS A 1361 -9.66 15.12 30.07
CA HIS A 1361 -10.93 15.13 30.78
C HIS A 1361 -12.10 14.89 29.83
N MET A 1362 -12.27 15.80 28.86
CA MET A 1362 -13.39 15.69 27.94
C MET A 1362 -13.32 14.41 27.12
N LEU A 1363 -12.13 14.06 26.63
CA LEU A 1363 -12.00 12.84 25.84
C LEU A 1363 -12.33 11.60 26.67
N THR A 1364 -11.88 11.56 27.92
CA THR A 1364 -12.20 10.42 28.77
C THR A 1364 -13.70 10.30 28.97
N GLN A 1365 -14.37 11.42 29.26
CA GLN A 1365 -15.81 11.39 29.43
C GLN A 1365 -16.51 10.91 28.16
N LYS A 1366 -16.06 11.41 27.00
CA LYS A 1366 -16.70 11.03 25.74
C LYS A 1366 -16.51 9.54 25.46
N ILE A 1367 -15.32 9.01 25.72
CA ILE A 1367 -15.10 7.58 25.49
C ILE A 1367 -15.97 6.74 26.40
N ALA A 1368 -16.08 7.14 27.68
CA ALA A 1368 -16.97 6.43 28.58
C ALA A 1368 -18.40 6.47 28.09
N TYR A 1369 -18.84 7.64 27.63
CA TYR A 1369 -20.20 7.76 27.10
C TYR A 1369 -20.40 6.86 25.89
N GLN A 1370 -19.43 6.81 24.99
CA GLN A 1370 -19.58 6.02 23.79
C GLN A 1370 -19.65 4.53 24.12
N ILE A 1371 -18.83 4.07 25.06
CA ILE A 1371 -18.89 2.67 25.46
C ILE A 1371 -20.24 2.35 26.08
N ALA A 1372 -20.73 3.23 26.96
CA ALA A 1372 -22.03 3.03 27.57
C ALA A 1372 -23.13 3.00 26.53
N SER A 1373 -23.05 3.89 25.54
CA SER A 1373 -24.05 3.94 24.48
C SER A 1373 -24.06 2.65 23.67
N GLY A 1374 -22.87 2.14 23.34
CA GLY A 1374 -22.81 0.89 22.61
C GLY A 1374 -23.40 -0.27 23.39
N LEU A 1375 -23.07 -0.36 24.68
CA LEU A 1375 -23.65 -1.41 25.51
C LEU A 1375 -25.16 -1.28 25.60
N ALA A 1376 -25.67 -0.05 25.73
CA ALA A 1376 -27.10 0.17 25.78
C ALA A 1376 -27.77 -0.25 24.47
N TYR A 1377 -27.14 0.05 23.34
CA TYR A 1377 -27.69 -0.35 22.05
C TYR A 1377 -27.77 -1.87 21.96
N LEU A 1378 -26.69 -2.56 22.36
CA LEU A 1378 -26.71 -4.02 22.31
C LEU A 1378 -27.77 -4.59 23.24
N HIS A 1379 -27.93 -4.00 24.43
CA HIS A 1379 -28.93 -4.50 25.36
C HIS A 1379 -30.35 -4.27 24.83
N LYS A 1380 -30.58 -3.14 24.16
CA LYS A 1380 -31.87 -2.92 23.53
C LYS A 1380 -32.14 -3.97 22.46
N LYS A 1381 -31.08 -4.40 21.77
CA LYS A 1381 -31.17 -5.48 20.79
C LYS A 1381 -31.16 -6.86 21.44
N ASN A 1382 -31.11 -6.93 22.77
CA ASN A 1382 -31.00 -8.19 23.48
C ASN A 1382 -29.77 -8.97 23.04
N ILE A 1383 -28.63 -8.28 23.01
CA ILE A 1383 -27.35 -8.86 22.64
C ILE A 1383 -26.38 -8.63 23.79
N ILE A 1384 -25.66 -9.68 24.17
CA ILE A 1384 -24.85 -9.70 25.38
C ILE A 1384 -23.38 -9.87 24.99
N PHE A 1385 -22.52 -9.04 25.58
CA PHE A 1385 -21.13 -8.94 25.12
C PHE A 1385 -20.28 -10.05 25.73
N CYS A 1386 -20.17 -10.09 27.06
CA CYS A 1386 -19.56 -11.19 27.81
C CYS A 1386 -18.04 -11.21 27.75
N ASP A 1387 -17.42 -10.33 26.95
CA ASP A 1387 -15.97 -10.32 26.80
C ASP A 1387 -15.49 -8.89 26.54
N LEU A 1388 -16.11 -7.94 27.23
CA LEU A 1388 -15.77 -6.53 27.08
C LEU A 1388 -14.41 -6.27 27.71
N LYS A 1389 -13.52 -5.64 26.95
CA LYS A 1389 -12.13 -5.46 27.35
C LYS A 1389 -11.49 -4.43 26.45
N SER A 1390 -10.36 -3.87 26.91
CA SER A 1390 -9.69 -2.81 26.16
C SER A 1390 -9.17 -3.28 24.81
N ASP A 1391 -8.91 -4.57 24.64
CA ASP A 1391 -8.27 -5.03 23.40
C ASP A 1391 -9.23 -5.00 22.21
N ASN A 1392 -10.53 -5.16 22.44
CA ASN A 1392 -11.52 -5.19 21.37
C ASN A 1392 -12.33 -3.91 21.26
N ILE A 1393 -11.99 -2.88 22.02
CA ILE A 1393 -12.53 -1.53 21.83
C ILE A 1393 -11.52 -0.75 21.00
N LEU A 1394 -11.86 -0.50 19.74
CA LEU A 1394 -10.94 0.03 18.75
C LEU A 1394 -11.14 1.53 18.60
N VAL A 1395 -10.05 2.22 18.26
CA VAL A 1395 -10.01 3.69 18.24
C VAL A 1395 -10.01 4.17 16.80
N TRP A 1396 -10.71 5.28 16.55
CA TRP A 1396 -10.79 5.90 15.24
C TRP A 1396 -10.40 7.37 15.24
N SER A 1397 -10.55 8.05 16.38
CA SER A 1397 -10.13 9.44 16.50
C SER A 1397 -9.84 9.73 17.96
N LEU A 1398 -8.78 10.50 18.20
CA LEU A 1398 -8.40 10.94 19.53
C LEU A 1398 -8.77 12.41 19.78
N ASP A 1399 -9.65 12.97 18.96
CA ASP A 1399 -10.07 14.35 19.09
C ASP A 1399 -11.24 14.47 20.05
N VAL A 1400 -11.47 15.69 20.54
CA VAL A 1400 -12.57 15.98 21.44
C VAL A 1400 -13.76 16.60 20.69
N LYS A 1401 -13.51 17.34 19.61
CA LYS A 1401 -14.60 17.87 18.80
C LYS A 1401 -15.15 16.85 17.81
N GLU A 1402 -14.42 15.77 17.54
CA GLU A 1402 -14.90 14.75 16.63
C GLU A 1402 -16.10 14.03 17.24
N HIS A 1403 -16.98 13.55 16.37
CA HIS A 1403 -18.23 12.93 16.82
C HIS A 1403 -17.97 11.53 17.38
N ILE A 1404 -17.37 10.66 16.56
CA ILE A 1404 -17.08 9.29 16.95
C ILE A 1404 -15.58 9.14 17.18
N ASN A 1405 -15.22 8.44 18.24
CA ASN A 1405 -13.82 8.19 18.60
C ASN A 1405 -13.48 6.71 18.66
N ILE A 1406 -14.46 5.86 18.97
CA ILE A 1406 -14.23 4.43 19.15
C ILE A 1406 -15.40 3.64 18.57
N LYS A 1407 -15.14 2.35 18.32
CA LYS A 1407 -16.17 1.37 18.05
C LYS A 1407 -15.76 0.04 18.65
N LEU A 1408 -16.76 -0.80 18.93
CA LEU A 1408 -16.54 -2.08 19.58
C LEU A 1408 -16.64 -3.21 18.56
N SER A 1409 -15.64 -4.09 18.56
CA SER A 1409 -15.52 -5.17 17.60
C SER A 1409 -15.93 -6.49 18.24
N ASP A 1410 -15.90 -7.55 17.43
CA ASP A 1410 -16.16 -8.91 17.86
C ASP A 1410 -14.87 -9.70 18.11
N TYR A 1411 -13.72 -9.03 18.14
CA TYR A 1411 -12.44 -9.69 18.26
C TYR A 1411 -11.47 -8.76 18.95
N GLY A 1412 -10.41 -9.35 19.53
CA GLY A 1412 -9.39 -8.61 20.23
C GLY A 1412 -8.12 -8.43 19.41
N ILE A 1413 -7.33 -7.45 19.82
CA ILE A 1413 -6.05 -7.15 19.18
C ILE A 1413 -4.93 -7.80 19.98
N ILE A 1440 -20.27 -18.37 32.59
CA ILE A 1440 -21.30 -19.32 32.22
C ILE A 1440 -22.62 -18.60 31.98
N VAL A 1441 -23.12 -17.94 33.02
CA VAL A 1441 -24.34 -17.16 32.97
C VAL A 1441 -23.96 -15.70 32.78
N TYR A 1442 -24.62 -15.04 31.83
CA TYR A 1442 -24.30 -13.65 31.48
C TYR A 1442 -25.57 -12.84 31.37
N ASP A 1443 -25.49 -11.58 31.76
CA ASP A 1443 -26.62 -10.65 31.70
C ASP A 1443 -26.05 -9.25 31.66
N GLU A 1444 -26.94 -8.26 31.49
CA GLU A 1444 -26.52 -6.86 31.38
C GLU A 1444 -25.68 -6.42 32.57
N LYS A 1445 -25.92 -6.97 33.75
CA LYS A 1445 -25.13 -6.61 34.91
C LYS A 1445 -23.68 -7.07 34.77
N VAL A 1446 -23.45 -8.20 34.10
CA VAL A 1446 -22.08 -8.66 33.87
C VAL A 1446 -21.36 -7.71 32.93
N ASP A 1447 -22.03 -7.31 31.84
CA ASP A 1447 -21.44 -6.35 30.93
C ASP A 1447 -21.18 -5.02 31.63
N MET A 1448 -22.03 -4.67 32.61
CA MET A 1448 -21.81 -3.43 33.32
C MET A 1448 -20.63 -3.53 34.29
N PHE A 1449 -20.43 -4.72 34.86
CA PHE A 1449 -19.24 -4.98 35.66
C PHE A 1449 -17.98 -4.82 34.80
N SER A 1450 -18.02 -5.38 33.59
CA SER A 1450 -16.89 -5.23 32.68
C SER A 1450 -16.72 -3.77 32.26
N TYR A 1451 -17.84 -3.04 32.14
CA TYR A 1451 -17.76 -1.61 31.83
C TYR A 1451 -17.06 -0.88 32.97
N GLY A 1452 -17.35 -1.28 34.22
CA GLY A 1452 -16.67 -0.68 35.35
C GLY A 1452 -15.17 -0.92 35.29
N MET A 1453 -14.78 -2.14 34.89
CA MET A 1453 -13.35 -2.41 34.73
C MET A 1453 -12.74 -1.57 33.60
N VAL A 1454 -13.47 -1.41 32.50
CA VAL A 1454 -12.99 -0.55 31.42
C VAL A 1454 -12.86 0.88 31.88
N LEU A 1455 -13.79 1.33 32.74
CA LEU A 1455 -13.69 2.67 33.32
C LEU A 1455 -12.45 2.79 34.20
N TYR A 1456 -12.15 1.73 34.96
CA TYR A 1456 -10.93 1.74 35.75
C TYR A 1456 -9.71 1.94 34.87
N GLU A 1457 -9.64 1.17 33.78
CA GLU A 1457 -8.50 1.30 32.88
C GLU A 1457 -8.46 2.68 32.24
N LEU A 1458 -9.63 3.22 31.88
CA LEU A 1458 -9.68 4.55 31.27
C LEU A 1458 -9.18 5.62 32.22
N LEU A 1459 -9.67 5.62 33.45
CA LEU A 1459 -9.34 6.68 34.40
C LEU A 1459 -7.91 6.55 34.92
N SER A 1460 -7.47 5.32 35.20
CA SER A 1460 -6.13 5.10 35.73
C SER A 1460 -5.10 4.91 34.64
N GLY A 1461 -5.47 4.29 33.53
CA GLY A 1461 -4.52 3.92 32.51
C GLY A 1461 -3.78 2.62 32.77
N GLN A 1462 -4.06 1.96 33.89
CA GLN A 1462 -3.41 0.70 34.26
C GLN A 1462 -4.44 -0.41 34.34
N ARG A 1463 -3.99 -1.63 34.08
CA ARG A 1463 -4.89 -2.78 34.14
C ARG A 1463 -5.27 -3.07 35.58
N PRO A 1464 -6.42 -3.72 35.81
CA PRO A 1464 -6.77 -4.11 37.18
C PRO A 1464 -5.91 -5.27 37.66
N ALA A 1465 -4.65 -4.96 37.98
CA ALA A 1465 -3.65 -5.98 38.32
C ALA A 1465 -3.87 -6.43 39.76
N LEU A 1466 -4.78 -7.40 39.92
CA LEU A 1466 -5.01 -8.07 41.19
C LEU A 1466 -4.17 -9.32 41.37
N GLY A 1467 -3.36 -9.68 40.38
CA GLY A 1467 -2.55 -10.87 40.45
C GLY A 1467 -2.28 -11.39 39.06
N HIS A 1468 -1.81 -12.63 38.99
CA HIS A 1468 -1.55 -13.33 37.74
C HIS A 1468 -2.48 -14.52 37.51
N HIS A 1469 -3.07 -15.06 38.58
CA HIS A 1469 -3.97 -16.20 38.49
C HIS A 1469 -5.41 -15.67 38.50
N GLN A 1470 -6.16 -16.00 37.45
CA GLN A 1470 -7.48 -15.39 37.26
C GLN A 1470 -8.49 -15.89 38.28
N LEU A 1471 -8.32 -17.11 38.79
CA LEU A 1471 -9.23 -17.61 39.82
C LEU A 1471 -9.15 -16.75 41.07
N GLN A 1472 -7.94 -16.38 41.48
CA GLN A 1472 -7.78 -15.59 42.69
C GLN A 1472 -8.18 -14.14 42.47
N ILE A 1473 -7.94 -13.62 41.27
CA ILE A 1473 -8.47 -12.30 40.93
C ILE A 1473 -9.98 -12.31 41.02
N ALA A 1474 -10.61 -13.37 40.51
CA ALA A 1474 -12.07 -13.47 40.56
C ALA A 1474 -12.58 -13.56 41.98
N LYS A 1475 -11.92 -14.37 42.82
CA LYS A 1475 -12.33 -14.46 44.22
C LYS A 1475 -12.17 -13.11 44.93
N LYS A 1476 -11.06 -12.42 44.69
CA LYS A 1476 -10.86 -11.10 45.27
C LYS A 1476 -11.97 -10.14 44.83
N LEU A 1477 -12.31 -10.16 43.53
CA LEU A 1477 -13.37 -9.28 43.04
C LEU A 1477 -14.71 -9.63 43.68
N SER A 1478 -15.02 -10.92 43.78
CA SER A 1478 -16.27 -11.35 44.39
C SER A 1478 -16.34 -11.02 45.88
N LYS A 1479 -15.19 -10.88 46.55
CA LYS A 1479 -15.15 -10.49 47.95
C LYS A 1479 -15.04 -8.99 48.14
N GLY A 1480 -15.34 -8.20 47.11
CA GLY A 1480 -15.31 -6.75 47.22
C GLY A 1480 -13.95 -6.12 47.07
N ILE A 1481 -12.90 -6.90 46.85
CA ILE A 1481 -11.56 -6.36 46.68
C ILE A 1481 -11.44 -5.80 45.27
N ARG A 1482 -10.95 -4.57 45.17
CA ARG A 1482 -10.82 -3.85 43.91
C ARG A 1482 -9.50 -3.12 43.87
N PRO A 1483 -8.98 -2.81 42.67
CA PRO A 1483 -7.74 -2.04 42.60
C PRO A 1483 -7.99 -0.56 42.87
N VAL A 1484 -8.11 -0.23 44.15
CA VAL A 1484 -8.56 1.10 44.56
C VAL A 1484 -7.54 2.14 44.14
N LEU A 1485 -8.04 3.19 43.48
CA LEU A 1485 -7.21 4.32 43.07
C LEU A 1485 -7.25 5.41 44.14
N GLY A 1486 -6.74 6.60 43.79
CA GLY A 1486 -6.75 7.73 44.67
C GLY A 1486 -8.16 8.22 44.97
N GLN A 1487 -8.21 9.42 45.53
CA GLN A 1487 -9.44 10.06 45.99
C GLN A 1487 -9.92 11.10 44.98
N PRO A 1488 -11.15 11.63 45.16
CA PRO A 1488 -11.65 12.65 44.22
C PRO A 1488 -10.72 13.85 44.06
N GLU A 1489 -10.00 14.18 45.13
CA GLU A 1489 -9.01 15.25 45.03
C GLU A 1489 -7.93 14.91 44.02
N GLU A 1490 -7.62 13.63 43.87
CA GLU A 1490 -6.55 13.18 42.96
C GLU A 1490 -7.05 12.82 41.57
N VAL A 1491 -8.13 12.05 41.47
CA VAL A 1491 -8.68 11.72 40.15
C VAL A 1491 -9.36 12.94 39.54
N GLN A 1492 -10.02 13.75 40.37
CA GLN A 1492 -10.58 15.04 39.96
C GLN A 1492 -11.73 14.86 38.95
N PHE A 1493 -12.33 13.68 38.94
CA PHE A 1493 -13.49 13.40 38.09
C PHE A 1493 -14.52 12.60 38.87
N ARG A 1494 -14.88 13.11 40.06
CA ARG A 1494 -15.56 12.30 41.07
C ARG A 1494 -16.81 11.60 40.55
N ARG A 1495 -17.58 12.24 39.68
CA ARG A 1495 -18.81 11.61 39.21
C ARG A 1495 -18.52 10.32 38.47
N LEU A 1496 -17.47 10.29 37.65
CA LEU A 1496 -17.08 9.04 37.01
C LEU A 1496 -16.63 8.01 38.05
N GLN A 1497 -15.99 8.45 39.12
CA GLN A 1497 -15.57 7.51 40.16
C GLN A 1497 -16.79 6.89 40.86
N ALA A 1498 -17.82 7.71 41.11
CA ALA A 1498 -19.04 7.18 41.72
C ALA A 1498 -19.73 6.21 40.77
N LEU A 1499 -19.84 6.58 39.49
CA LEU A 1499 -20.41 5.67 38.50
C LEU A 1499 -19.64 4.36 38.45
N MET A 1500 -18.31 4.45 38.35
CA MET A 1500 -17.41 3.32 38.44
C MET A 1500 -17.71 2.39 39.62
N MET A 1501 -17.60 2.93 40.84
CA MET A 1501 -17.78 2.13 42.04
C MET A 1501 -19.17 1.51 42.07
N GLU A 1502 -20.17 2.24 41.59
CA GLU A 1502 -21.51 1.69 41.54
C GLU A 1502 -21.62 0.61 40.47
N CYS A 1503 -20.78 0.69 39.44
CA CYS A 1503 -20.85 -0.26 38.33
C CYS A 1503 -20.39 -1.65 38.75
N TRP A 1504 -19.28 -1.75 39.50
CA TRP A 1504 -18.81 -3.07 39.91
C TRP A 1504 -19.38 -3.52 41.26
N ASP A 1505 -20.54 -3.03 41.65
CA ASP A 1505 -21.08 -3.40 42.96
C ASP A 1505 -21.26 -4.91 43.06
N THR A 1506 -20.78 -5.47 44.18
CA THR A 1506 -20.78 -6.92 44.35
C THR A 1506 -22.17 -7.53 44.29
N LYS A 1507 -23.21 -6.73 44.53
CA LYS A 1507 -24.59 -7.16 44.32
C LYS A 1507 -25.02 -6.71 42.93
N PRO A 1508 -25.20 -7.62 41.96
CA PRO A 1508 -25.54 -7.17 40.60
C PRO A 1508 -26.84 -6.40 40.52
N GLU A 1509 -27.77 -6.63 41.44
CA GLU A 1509 -29.06 -5.95 41.38
C GLU A 1509 -28.90 -4.45 41.56
N LYS A 1510 -27.87 -4.00 42.27
CA LYS A 1510 -27.63 -2.59 42.48
C LYS A 1510 -26.86 -1.92 41.35
N ARG A 1511 -26.29 -2.70 40.44
CA ARG A 1511 -25.45 -2.10 39.40
C ARG A 1511 -26.33 -1.32 38.42
N PRO A 1512 -25.84 -0.21 37.86
CA PRO A 1512 -26.72 0.62 37.03
C PRO A 1512 -27.09 -0.08 35.75
N LEU A 1513 -28.10 0.45 35.08
CA LEU A 1513 -28.43 0.03 33.72
C LEU A 1513 -27.61 0.87 32.74
N ALA A 1514 -27.19 0.25 31.64
CA ALA A 1514 -26.38 0.96 30.66
C ALA A 1514 -27.11 2.16 30.09
N LEU A 1515 -28.40 1.99 29.78
CA LEU A 1515 -29.21 3.10 29.28
C LEU A 1515 -29.28 4.22 30.32
N SER A 1516 -29.38 3.85 31.60
CA SER A 1516 -29.38 4.88 32.65
C SER A 1516 -28.06 5.64 32.66
N VAL A 1517 -26.95 4.96 32.41
CA VAL A 1517 -25.66 5.64 32.32
C VAL A 1517 -25.64 6.57 31.11
N VAL A 1518 -26.19 6.12 29.99
CA VAL A 1518 -26.27 6.96 28.80
C VAL A 1518 -27.04 8.23 29.12
N SER A 1519 -28.13 8.10 29.88
CA SER A 1519 -28.88 9.29 30.30
C SER A 1519 -28.04 10.17 31.24
N GLN A 1520 -27.33 9.54 32.17
CA GLN A 1520 -26.60 10.29 33.20
C GLN A 1520 -25.47 11.11 32.58
N MET A 1521 -24.75 10.55 31.62
CA MET A 1521 -23.60 11.24 31.05
C MET A 1521 -23.97 12.58 30.43
N LYS A 1522 -25.22 12.74 30.00
CA LYS A 1522 -25.67 14.00 29.41
C LYS A 1522 -25.77 15.13 30.44
N ASP A 1523 -25.66 14.82 31.73
CA ASP A 1523 -25.69 15.86 32.76
C ASP A 1523 -24.41 16.68 32.69
N PRO A 1524 -24.46 18.01 32.52
CA PRO A 1524 -23.22 18.80 32.57
C PRO A 1524 -22.53 18.74 33.93
N THR A 1525 -23.24 18.39 34.99
CA THR A 1525 -22.61 18.25 36.30
C THR A 1525 -21.53 17.19 36.25
N PHE A 1526 -21.79 16.07 35.57
CA PHE A 1526 -20.75 15.07 35.33
C PHE A 1526 -19.60 15.67 34.54
N ALA A 1527 -19.92 16.52 33.55
CA ALA A 1527 -18.88 17.04 32.67
C ALA A 1527 -17.91 17.95 33.41
N THR A 1528 -18.41 18.78 34.31
CA THR A 1528 -17.62 19.88 34.85
C THR A 1528 -17.21 19.74 36.31
N PHE A 1529 -18.05 19.15 37.18
CA PHE A 1529 -17.66 18.93 38.56
C PHE A 1529 -16.45 18.00 38.62
N MET A 1530 -15.46 18.34 39.45
CA MET A 1530 -14.29 17.48 39.64
C MET A 1530 -14.32 16.80 41.01
N TYR A 1531 -14.40 17.57 42.08
CA TYR A 1531 -14.44 17.02 43.42
C TYR A 1531 -14.80 18.13 44.40
N GLU A 1532 -14.81 17.79 45.68
CA GLU A 1532 -15.00 18.76 46.76
C GLU A 1532 -13.98 18.46 47.84
N LEU A 1533 -13.62 19.50 48.60
CA LEU A 1533 -12.67 19.39 49.68
C LEU A 1533 -13.16 20.23 50.86
N CYS A 1534 -13.19 19.62 52.04
CA CYS A 1534 -13.70 20.26 53.25
C CYS A 1534 -12.56 20.52 54.22
N CYS A 1535 -12.60 21.68 54.87
CA CYS A 1535 -11.57 22.10 55.82
C CYS A 1535 -12.06 22.14 57.26
N GLY A 1536 -13.34 21.85 57.50
CA GLY A 1536 -13.86 21.95 58.85
C GLY A 1536 -14.26 23.37 59.18
N LYS A 1537 -14.16 23.70 60.47
CA LYS A 1537 -14.61 25.00 60.95
C LYS A 1537 -13.62 26.09 60.60
N GLN A 1538 -14.15 27.21 60.10
CA GLN A 1538 -13.36 28.40 59.79
C GLN A 1538 -14.20 29.61 60.22
N THR A 1539 -13.81 30.80 59.75
CA THR A 1539 -14.58 32.01 59.98
C THR A 1539 -14.89 32.80 58.72
N ALA A 1540 -14.04 32.74 57.69
CA ALA A 1540 -14.29 33.46 56.46
C ALA A 1540 -13.56 32.79 55.31
N PHE A 1541 -13.89 33.20 54.09
CA PHE A 1541 -13.27 32.69 52.87
C PHE A 1541 -12.84 33.85 51.99
N PHE A 1542 -11.66 33.72 51.37
CA PHE A 1542 -11.23 34.64 50.34
C PHE A 1542 -10.52 33.87 49.23
N SER A 1543 -10.54 34.43 48.03
CA SER A 1543 -9.90 33.86 46.85
C SER A 1543 -8.92 34.86 46.26
N SER A 1544 -7.72 34.37 45.94
CA SER A 1544 -6.64 35.21 45.42
C SER A 1544 -6.24 34.72 44.03
N GLN A 1545 -5.19 35.32 43.48
CA GLN A 1545 -4.75 35.01 42.13
C GLN A 1545 -4.12 33.63 42.01
N GLY A 1546 -3.54 33.10 43.09
CA GLY A 1546 -3.06 31.73 43.10
C GLY A 1546 -1.56 31.56 43.21
N GLN A 1547 -0.79 32.64 43.34
CA GLN A 1547 0.62 32.50 43.69
C GLN A 1547 0.76 31.85 45.06
N GLU A 1548 -0.13 32.19 45.98
CA GLU A 1548 -0.27 31.58 47.30
C GLU A 1548 -1.61 32.11 47.82
N TYR A 1549 -2.17 31.43 48.82
CA TYR A 1549 -3.52 31.74 49.29
C TYR A 1549 -4.53 31.59 48.17
N THR A 1550 -4.36 30.56 47.35
CA THR A 1550 -5.19 30.35 46.16
C THR A 1550 -6.67 30.25 46.54
N VAL A 1551 -6.98 29.42 47.53
CA VAL A 1551 -8.32 29.39 48.12
C VAL A 1551 -8.11 29.39 49.63
N VAL A 1552 -8.16 30.58 50.25
CA VAL A 1552 -7.78 30.74 51.65
C VAL A 1552 -9.04 30.82 52.49
N PHE A 1553 -9.00 30.18 53.65
CA PHE A 1553 -10.03 30.28 54.68
C PHE A 1553 -9.36 30.88 55.90
N TRP A 1554 -10.05 31.79 56.59
CA TRP A 1554 -9.50 32.50 57.72
C TRP A 1554 -10.26 32.14 59.00
N ASP A 1555 -9.50 31.83 60.05
CA ASP A 1555 -10.04 31.44 61.33
C ASP A 1555 -9.22 32.13 62.42
N GLY A 1556 -9.69 32.03 63.66
CA GLY A 1556 -8.95 32.58 64.78
C GLY A 1556 -9.10 34.09 64.87
N LYS A 1557 -8.37 34.67 65.81
CA LYS A 1557 -8.40 36.10 66.05
C LYS A 1557 -7.26 36.48 66.98
N GLU A 1558 -6.66 37.65 66.72
CA GLU A 1558 -5.62 38.22 67.57
C GLU A 1558 -4.46 37.24 67.64
N GLU A 1559 -4.15 36.65 68.80
CA GLU A 1559 -3.02 35.74 68.89
C GLU A 1559 -3.23 34.48 68.07
N SER A 1560 -4.46 33.95 68.04
CA SER A 1560 -4.76 32.69 67.39
C SER A 1560 -5.21 32.86 65.93
N ARG A 1561 -5.12 34.07 65.39
CA ARG A 1561 -5.50 34.31 64.00
C ARG A 1561 -4.65 33.46 63.08
N ASN A 1562 -5.30 32.77 62.14
CA ASN A 1562 -4.63 31.80 61.28
C ASN A 1562 -5.45 31.59 60.02
N TYR A 1563 -4.88 30.82 59.09
CA TYR A 1563 -5.49 30.62 57.78
C TYR A 1563 -5.13 29.24 57.25
N THR A 1564 -5.94 28.78 56.30
CA THR A 1564 -5.77 27.49 55.64
C THR A 1564 -5.96 27.66 54.14
N VAL A 1565 -4.95 27.25 53.36
CA VAL A 1565 -4.93 27.48 51.92
C VAL A 1565 -5.13 26.16 51.20
N VAL A 1566 -6.02 26.17 50.21
CA VAL A 1566 -6.25 25.04 49.32
C VAL A 1566 -5.72 25.41 47.94
N ASN A 1567 -4.92 24.50 47.37
CA ASN A 1567 -4.49 24.56 45.98
C ASN A 1567 -5.49 23.72 45.18
N THR A 1568 -6.22 24.37 44.28
CA THR A 1568 -7.29 23.70 43.56
C THR A 1568 -6.79 22.74 42.49
N GLU A 1569 -5.57 22.92 42.00
CA GLU A 1569 -5.04 22.05 40.95
C GLU A 1569 -4.55 20.72 41.50
N LYS A 1570 -4.40 20.60 42.82
CA LYS A 1570 -3.95 19.37 43.46
C LYS A 1570 -4.93 18.81 44.47
N GLY A 1571 -5.92 19.59 44.91
CA GLY A 1571 -6.81 19.14 45.96
C GLY A 1571 -6.11 18.87 47.27
N LEU A 1572 -5.16 19.71 47.65
CA LEU A 1572 -4.34 19.54 48.83
C LEU A 1572 -4.37 20.80 49.67
N MET A 1573 -4.09 20.64 50.97
CA MET A 1573 -3.93 21.75 51.90
C MET A 1573 -2.48 21.77 52.34
N GLU A 1574 -1.65 22.45 51.54
CA GLU A 1574 -0.24 22.59 51.90
C GLU A 1574 -0.08 23.46 53.13
N VAL A 1575 -1.00 24.39 53.36
CA VAL A 1575 -1.00 25.28 54.52
C VAL A 1575 -2.30 25.04 55.26
N GLN A 1576 -2.21 24.67 56.53
CA GLN A 1576 -3.37 24.34 57.35
C GLN A 1576 -3.30 25.10 58.67
N ARG A 1577 -4.19 26.08 58.82
CA ARG A 1577 -4.31 26.86 60.06
C ARG A 1577 -2.96 27.47 60.45
N MET A 1578 -2.27 28.02 59.46
CA MET A 1578 -1.00 28.69 59.70
C MET A 1578 -1.23 30.01 60.40
N CYS A 1579 -0.51 30.24 61.49
CA CYS A 1579 -0.73 31.41 62.32
C CYS A 1579 -0.41 32.68 61.57
N CYS A 1580 -1.24 33.71 61.77
CA CYS A 1580 -1.05 35.03 61.20
C CYS A 1580 -1.67 36.06 62.16
N PRO A 1581 -0.99 36.40 63.26
CA PRO A 1581 -1.63 37.23 64.28
C PRO A 1581 -2.04 38.60 63.75
N GLY A 1582 -3.15 39.11 64.29
CA GLY A 1582 -3.64 40.42 63.95
C GLY A 1582 -5.15 40.51 64.05
N MET A 1583 -5.71 41.47 63.34
CA MET A 1583 -7.14 41.75 63.39
C MET A 1583 -7.87 41.00 62.28
N LYS A 1584 -9.19 40.87 62.44
CA LYS A 1584 -10.01 40.22 61.43
C LYS A 1584 -9.88 40.92 60.09
N VAL A 1585 -9.88 40.12 59.02
CA VAL A 1585 -9.63 40.59 57.66
C VAL A 1585 -10.88 40.40 56.82
N SER A 1586 -11.14 41.35 55.92
CA SER A 1586 -12.22 41.23 54.95
C SER A 1586 -11.72 40.74 53.59
N CYS A 1587 -10.47 41.03 53.25
CA CYS A 1587 -9.90 40.61 51.98
C CYS A 1587 -8.38 40.73 52.05
N GLN A 1588 -7.70 40.08 51.11
CA GLN A 1588 -6.25 40.10 51.06
C GLN A 1588 -5.77 40.12 49.61
N LEU A 1589 -5.29 41.28 49.16
CA LEU A 1589 -4.91 41.47 47.77
C LEU A 1589 -3.44 41.12 47.57
N GLN A 1590 -3.17 40.18 46.66
CA GLN A 1590 -1.82 39.77 46.34
C GLN A 1590 -1.30 40.62 45.19
N VAL A 1591 -0.19 41.31 45.40
CA VAL A 1591 0.34 42.32 44.49
C VAL A 1591 1.78 41.95 44.20
N GLN A 1592 1.96 41.04 43.23
CA GLN A 1592 3.21 40.66 42.57
C GLN A 1592 4.23 40.01 43.51
N ARG A 1593 4.26 40.38 44.78
CA ARG A 1593 4.81 39.57 45.87
C ARG A 1593 4.08 39.78 47.19
N SER A 1594 3.32 40.87 47.29
CA SER A 1594 2.97 41.43 48.59
C SER A 1594 1.49 41.24 48.87
N LEU A 1595 1.17 40.69 50.03
CA LEU A 1595 -0.21 40.38 50.40
C LEU A 1595 -0.72 41.48 51.32
N TRP A 1596 -1.80 42.13 50.87
CA TRP A 1596 -2.32 43.35 51.48
C TRP A 1596 -3.58 42.96 52.24
N THR A 1597 -3.45 42.79 53.55
CA THR A 1597 -4.51 42.28 54.41
C THR A 1597 -5.33 43.46 54.92
N ALA A 1598 -6.59 43.55 54.48
CA ALA A 1598 -7.48 44.64 54.87
C ALA A 1598 -8.14 44.29 56.19
N THR A 1599 -7.61 44.86 57.27
CA THR A 1599 -8.11 44.57 58.61
C THR A 1599 -9.15 45.58 59.03
N GLU A 1600 -9.91 45.22 60.06
CA GLU A 1600 -11.02 46.04 60.56
C GLU A 1600 -10.56 47.23 61.38
N ASP A 1601 -9.26 47.37 61.64
CA ASP A 1601 -8.72 48.53 62.35
C ASP A 1601 -8.37 49.68 61.40
N GLN A 1602 -9.02 49.75 60.24
CA GLN A 1602 -8.75 50.79 59.24
C GLN A 1602 -7.29 50.77 58.80
N LYS A 1603 -6.73 49.57 58.66
CA LYS A 1603 -5.34 49.40 58.27
C LYS A 1603 -5.20 48.26 57.28
N ILE A 1604 -4.26 48.43 56.36
CA ILE A 1604 -3.83 47.38 55.45
C ILE A 1604 -2.45 46.93 55.90
N TYR A 1605 -2.36 45.68 56.33
CA TYR A 1605 -1.10 45.07 56.74
C TYR A 1605 -0.50 44.34 55.55
N ILE A 1606 0.64 44.81 55.07
CA ILE A 1606 1.24 44.31 53.83
C ILE A 1606 2.41 43.40 54.22
N TYR A 1607 2.22 42.10 54.00
CA TYR A 1607 3.24 41.08 54.18
C TYR A 1607 3.84 40.77 52.80
N THR A 1608 4.86 39.91 52.79
CA THR A 1608 5.50 39.50 51.55
C THR A 1608 5.83 38.02 51.59
N LEU A 1609 5.96 37.43 50.40
CA LEU A 1609 6.16 35.99 50.29
C LEU A 1609 7.56 35.55 50.72
N LYS A 1610 8.47 36.49 50.97
CA LYS A 1610 9.81 36.12 51.41
C LYS A 1610 9.80 35.33 52.72
N GLY A 1611 8.79 35.54 53.55
CA GLY A 1611 8.61 34.79 54.77
C GLY A 1611 7.86 33.48 54.61
N MET A 1612 7.61 33.07 53.36
CA MET A 1612 6.90 31.82 53.07
C MET A 1612 5.50 31.87 53.71
N CYS A 1613 5.08 30.81 54.40
CA CYS A 1613 3.72 30.74 54.92
C CYS A 1613 3.54 31.54 56.21
N PRO A 1614 4.41 31.39 57.23
CA PRO A 1614 4.14 32.10 58.49
C PRO A 1614 4.51 33.59 58.40
N LEU A 1615 3.69 34.33 57.67
CA LEU A 1615 3.88 35.78 57.51
C LEU A 1615 3.25 36.49 58.70
N ASN A 1616 3.98 36.49 59.81
CA ASN A 1616 3.52 37.13 61.04
C ASN A 1616 3.95 38.59 61.14
N THR A 1617 5.10 38.94 60.57
CA THR A 1617 5.63 40.29 60.64
C THR A 1617 5.26 41.04 59.37
N PRO A 1618 4.43 42.09 59.42
CA PRO A 1618 4.14 42.85 58.19
C PRO A 1618 5.34 43.67 57.75
N GLN A 1619 5.45 43.82 56.43
CA GLN A 1619 6.48 44.67 55.83
C GLN A 1619 6.04 46.11 55.66
N GLN A 1620 4.73 46.37 55.69
CA GLN A 1620 4.24 47.74 55.69
C GLN A 1620 2.88 47.76 56.39
N ALA A 1621 2.52 48.92 56.91
CA ALA A 1621 1.20 49.12 57.51
C ALA A 1621 0.66 50.46 57.02
N LEU A 1622 -0.36 50.41 56.17
CA LEU A 1622 -0.92 51.61 55.54
C LEU A 1622 -2.26 51.95 56.18
N ASP A 1623 -2.40 53.21 56.59
CA ASP A 1623 -3.58 53.67 57.32
C ASP A 1623 -4.65 54.15 56.35
N THR A 1624 -5.90 54.01 56.77
CA THR A 1624 -7.05 54.49 56.02
C THR A 1624 -8.03 55.18 56.96
N PRO A 1625 -8.87 56.08 56.46
CA PRO A 1625 -9.91 56.67 57.31
C PRO A 1625 -11.10 55.76 57.56
N ALA A 1626 -11.18 54.64 56.85
CA ALA A 1626 -12.28 53.70 57.04
C ALA A 1626 -11.77 52.28 56.75
N VAL A 1627 -12.52 51.31 57.25
CA VAL A 1627 -12.14 49.91 57.07
C VAL A 1627 -12.19 49.56 55.58
N VAL A 1628 -11.15 48.87 55.12
CA VAL A 1628 -11.11 48.41 53.73
C VAL A 1628 -12.00 47.19 53.57
N THR A 1629 -12.96 47.27 52.65
CA THR A 1629 -13.91 46.20 52.40
C THR A 1629 -13.56 45.35 51.18
N CYS A 1630 -12.87 45.91 50.19
CA CYS A 1630 -12.48 45.12 49.03
C CYS A 1630 -11.26 45.75 48.39
N PHE A 1631 -10.68 45.04 47.42
CA PHE A 1631 -9.47 45.48 46.76
C PHE A 1631 -9.58 45.36 45.25
N LEU A 1632 -8.65 46.03 44.57
CA LEU A 1632 -8.34 45.77 43.18
C LEU A 1632 -6.90 46.21 42.92
N ALA A 1633 -6.21 45.50 42.03
CA ALA A 1633 -4.84 45.82 41.63
C ALA A 1633 -4.84 46.06 40.13
N VAL A 1634 -4.84 47.32 39.73
CA VAL A 1634 -4.87 47.69 38.32
C VAL A 1634 -3.42 47.89 37.84
N PRO A 1635 -2.98 47.16 36.80
CA PRO A 1635 -1.59 47.35 36.34
C PRO A 1635 -1.46 48.52 35.40
N VAL A 1636 -0.51 49.40 35.69
CA VAL A 1636 -0.10 50.49 34.81
C VAL A 1636 1.11 49.97 34.05
N ILE A 1637 0.88 49.48 32.83
CA ILE A 1637 1.96 48.92 32.01
C ILE A 1637 2.90 49.99 31.51
N LYS A 1638 2.39 51.19 31.21
CA LYS A 1638 3.24 52.31 30.81
C LYS A 1638 4.22 52.70 31.91
N LYS A 1639 3.92 52.40 33.17
CA LYS A 1639 4.85 52.55 34.27
C LYS A 1639 5.49 51.24 34.72
N ASN A 1640 5.00 50.09 34.24
CA ASN A 1640 5.41 48.78 34.74
C ASN A 1640 5.22 48.72 36.26
N SER A 1641 4.15 49.35 36.74
CA SER A 1641 3.85 49.44 38.16
C SER A 1641 2.40 49.00 38.35
N TYR A 1642 1.96 48.98 39.61
CA TYR A 1642 0.58 48.67 39.94
C TYR A 1642 0.00 49.82 40.75
N LEU A 1643 -1.33 49.96 40.70
CA LEU A 1643 -2.06 50.79 41.65
C LEU A 1643 -3.02 49.88 42.40
N VAL A 1644 -2.87 49.83 43.72
CA VAL A 1644 -3.80 49.11 44.57
C VAL A 1644 -4.89 50.09 44.99
N LEU A 1645 -6.10 49.87 44.48
CA LEU A 1645 -7.26 50.67 44.83
C LEU A 1645 -8.06 49.87 45.85
N ALA A 1646 -8.17 50.40 47.06
CA ALA A 1646 -8.88 49.76 48.15
C ALA A 1646 -10.25 50.41 48.28
N GLY A 1647 -11.29 49.61 48.06
CA GLY A 1647 -12.65 50.03 48.29
C GLY A 1647 -12.97 49.97 49.77
N LEU A 1648 -13.20 51.13 50.38
CA LEU A 1648 -13.32 51.29 51.81
C LEU A 1648 -14.74 51.01 52.29
N ALA A 1649 -14.95 51.16 53.60
CA ALA A 1649 -16.24 50.89 54.20
C ALA A 1649 -17.23 52.02 54.03
N ASP A 1650 -16.80 53.17 53.50
CA ASP A 1650 -17.65 54.35 53.39
C ASP A 1650 -17.86 54.78 51.94
N GLY A 1651 -17.60 53.92 50.97
CA GLY A 1651 -17.81 54.24 49.57
C GLY A 1651 -16.70 55.01 48.90
N LEU A 1652 -15.61 55.30 49.60
CA LEU A 1652 -14.49 56.06 49.07
C LEU A 1652 -13.35 55.10 48.72
N VAL A 1653 -12.46 55.55 47.83
CA VAL A 1653 -11.44 54.68 47.24
C VAL A 1653 -10.06 55.19 47.64
N ALA A 1654 -9.23 54.31 48.20
CA ALA A 1654 -7.87 54.67 48.59
C ALA A 1654 -6.89 54.14 47.53
N VAL A 1655 -6.07 55.04 47.00
CA VAL A 1655 -5.12 54.72 45.93
C VAL A 1655 -3.73 54.65 46.53
N PHE A 1656 -3.12 53.47 46.45
CA PHE A 1656 -1.75 53.20 46.91
C PHE A 1656 -0.94 52.73 45.71
N PRO A 1657 -0.06 53.58 45.15
CA PRO A 1657 0.88 53.09 44.14
C PRO A 1657 1.76 51.96 44.67
N VAL A 1658 2.22 51.11 43.77
CA VAL A 1658 3.08 49.97 44.09
C VAL A 1658 4.14 49.84 43.01
N VAL A 1659 5.41 49.81 43.42
CA VAL A 1659 6.54 49.66 42.52
C VAL A 1659 7.32 48.42 42.96
N ARG A 1660 7.30 47.38 42.12
CA ARG A 1660 8.06 46.15 42.36
C ARG A 1660 7.71 45.55 43.71
N GLY A 1661 6.43 45.60 44.08
CA GLY A 1661 5.97 45.06 45.34
C GLY A 1661 6.22 45.93 46.55
N THR A 1662 6.79 47.13 46.37
CA THR A 1662 7.08 48.02 47.48
C THR A 1662 5.92 48.99 47.66
N PRO A 1663 5.14 48.91 48.74
CA PRO A 1663 4.02 49.86 48.90
C PRO A 1663 4.52 51.27 49.21
N LYS A 1664 3.66 52.24 48.93
CA LYS A 1664 3.92 53.64 49.23
C LYS A 1664 2.87 54.19 50.19
N ASP A 1665 3.29 55.13 51.03
CA ASP A 1665 2.39 55.75 52.00
C ASP A 1665 1.70 56.99 51.45
N SER A 1666 2.23 57.58 50.38
CA SER A 1666 1.63 58.78 49.79
C SER A 1666 0.39 58.40 49.01
N CYS A 1667 -0.74 58.43 49.69
CA CYS A 1667 -1.99 57.95 49.12
C CYS A 1667 -2.66 59.00 48.24
N SER A 1668 -3.72 58.58 47.55
CA SER A 1668 -4.71 59.49 47.01
C SER A 1668 -6.10 58.96 47.33
N TYR A 1669 -6.84 59.71 48.15
CA TYR A 1669 -8.17 59.29 48.58
C TYR A 1669 -9.20 59.96 47.69
N LEU A 1670 -10.00 59.14 47.01
CA LEU A 1670 -11.02 59.57 46.07
C LEU A 1670 -12.37 59.56 46.77
N CYS A 1671 -13.04 60.71 46.77
CA CYS A 1671 -14.29 60.92 47.47
C CYS A 1671 -15.45 60.80 46.49
N SER A 1672 -16.37 59.88 46.77
CA SER A 1672 -17.56 59.75 45.94
C SER A 1672 -18.44 60.98 46.05
N HIS A 1673 -18.57 61.55 47.24
CA HIS A 1673 -19.43 62.71 47.44
C HIS A 1673 -18.91 63.92 46.66
N THR A 1674 -17.59 64.14 46.66
CA THR A 1674 -17.01 65.23 45.87
C THR A 1674 -17.27 65.02 44.39
N ALA A 1675 -17.12 63.80 43.90
CA ALA A 1675 -17.40 63.52 42.49
C ALA A 1675 -18.86 63.79 42.16
N ASN A 1676 -19.77 63.41 43.07
CA ASN A 1676 -21.19 63.68 42.85
C ASN A 1676 -21.46 65.18 42.79
N ARG A 1677 -20.86 65.94 43.72
CA ARG A 1677 -21.03 67.38 43.71
C ARG A 1677 -20.48 67.99 42.42
N SER A 1678 -19.40 67.41 41.88
CA SER A 1678 -18.75 67.97 40.71
C SER A 1678 -19.53 67.67 39.44
N LYS A 1679 -19.80 66.40 39.16
CA LYS A 1679 -20.28 65.96 37.85
C LYS A 1679 -21.69 65.38 37.86
N PHE A 1680 -22.06 64.62 38.89
CA PHE A 1680 -23.28 63.82 38.85
C PHE A 1680 -24.48 64.52 39.47
N SER A 1681 -24.26 65.38 40.46
CA SER A 1681 -25.30 66.29 40.98
C SER A 1681 -26.52 65.54 41.48
N ILE A 1682 -26.30 64.47 42.23
CA ILE A 1682 -27.38 63.76 42.90
C ILE A 1682 -27.80 64.58 44.11
N ALA A 1683 -29.09 64.53 44.44
CA ALA A 1683 -29.62 65.31 45.54
C ALA A 1683 -28.97 64.91 46.85
N ASP A 1684 -28.66 65.91 47.69
CA ASP A 1684 -28.09 65.64 49.00
C ASP A 1684 -29.06 64.89 49.91
N GLU A 1685 -30.37 64.95 49.61
CA GLU A 1685 -31.37 64.20 50.35
C GLU A 1685 -31.55 62.79 49.82
N ASP A 1686 -30.92 62.43 48.70
CA ASP A 1686 -31.12 61.14 48.09
C ASP A 1686 -30.51 60.04 48.96
N ALA A 1687 -31.07 58.83 48.84
CA ALA A 1687 -30.51 57.67 49.52
C ALA A 1687 -29.14 57.30 48.97
N ARG A 1688 -28.80 57.77 47.76
CA ARG A 1688 -27.48 57.53 47.20
C ARG A 1688 -26.36 58.19 47.98
N GLN A 1689 -26.69 59.14 48.86
CA GLN A 1689 -25.70 59.82 49.69
C GLN A 1689 -25.22 58.97 50.86
N ASN A 1690 -25.83 57.82 51.09
CA ASN A 1690 -25.42 56.97 52.19
C ASN A 1690 -23.97 56.54 52.01
N PRO A 1691 -23.15 56.51 53.08
CA PRO A 1691 -21.77 56.03 52.91
C PRO A 1691 -21.71 54.53 52.77
N TYR A 1692 -22.27 54.01 51.68
CA TYR A 1692 -22.37 52.58 51.48
C TYR A 1692 -20.99 52.03 51.16
N PRO A 1693 -20.56 50.92 51.76
CA PRO A 1693 -19.19 50.44 51.53
C PRO A 1693 -18.99 49.99 50.09
N VAL A 1694 -17.78 50.24 49.58
CA VAL A 1694 -17.41 49.71 48.27
C VAL A 1694 -17.37 48.20 48.33
N LYS A 1695 -18.02 47.54 47.37
CA LYS A 1695 -18.12 46.09 47.34
C LYS A 1695 -17.48 45.46 46.12
N ALA A 1696 -17.75 45.98 44.92
CA ALA A 1696 -17.29 45.40 43.67
C ALA A 1696 -16.29 46.33 43.01
N MET A 1697 -15.26 45.76 42.39
CA MET A 1697 -14.24 46.55 41.72
C MET A 1697 -13.72 45.76 40.53
N GLU A 1698 -13.51 46.44 39.40
CA GLU A 1698 -13.14 45.79 38.16
C GLU A 1698 -12.38 46.77 37.29
N VAL A 1699 -11.62 46.25 36.32
CA VAL A 1699 -10.84 47.03 35.38
C VAL A 1699 -11.48 46.89 34.00
N VAL A 1700 -11.56 47.99 33.26
CA VAL A 1700 -12.09 47.99 31.90
C VAL A 1700 -11.21 48.84 31.00
N ASN A 1701 -11.31 48.57 29.69
CA ASN A 1701 -10.56 49.28 28.67
C ASN A 1701 -9.07 49.04 28.84
N SER A 1702 -8.69 47.76 28.92
CA SER A 1702 -7.31 47.34 29.09
C SER A 1702 -6.68 47.98 30.33
N GLY A 1703 -7.49 48.09 31.38
CA GLY A 1703 -7.06 48.74 32.60
C GLY A 1703 -7.01 50.24 32.54
N SER A 1704 -7.61 50.87 31.52
CA SER A 1704 -7.58 52.32 31.43
C SER A 1704 -8.55 52.95 32.44
N GLU A 1705 -9.60 52.23 32.81
CA GLU A 1705 -10.57 52.73 33.78
C GLU A 1705 -10.88 51.65 34.81
N VAL A 1706 -11.28 52.08 36.01
CA VAL A 1706 -11.67 51.17 37.08
C VAL A 1706 -13.11 51.46 37.48
N TRP A 1707 -13.96 50.45 37.40
CA TRP A 1707 -15.36 50.56 37.77
C TRP A 1707 -15.56 49.96 39.15
N TYR A 1708 -16.18 50.73 40.05
CA TYR A 1708 -16.52 50.22 41.38
C TYR A 1708 -17.94 50.60 41.76
N SER A 1709 -18.59 49.68 42.46
CA SER A 1709 -19.98 49.83 42.86
C SER A 1709 -20.11 50.66 44.12
N ASN A 1710 -21.00 51.65 44.07
CA ASN A 1710 -21.38 52.43 45.24
C ASN A 1710 -22.91 52.46 45.28
N GLY A 1711 -23.48 51.68 46.20
CA GLY A 1711 -24.91 51.64 46.38
C GLY A 1711 -25.59 51.15 45.11
N PRO A 1712 -26.74 51.72 44.75
CA PRO A 1712 -27.37 51.33 43.49
C PRO A 1712 -26.55 51.72 42.26
N GLY A 1713 -25.59 52.63 42.41
CA GLY A 1713 -24.84 53.15 41.29
C GLY A 1713 -23.45 52.54 41.18
N LEU A 1714 -22.76 52.97 40.13
CA LEU A 1714 -21.38 52.57 39.85
C LEU A 1714 -20.62 53.82 39.48
N LEU A 1715 -19.33 53.85 39.82
CA LEU A 1715 -18.47 54.98 39.55
C LEU A 1715 -17.20 54.52 38.84
N VAL A 1716 -16.79 55.30 37.85
CA VAL A 1716 -15.68 54.97 36.97
C VAL A 1716 -14.56 55.96 37.24
N ILE A 1717 -13.41 55.44 37.65
CA ILE A 1717 -12.21 56.20 37.97
C ILE A 1717 -11.29 56.13 36.76
N ASP A 1718 -10.79 57.30 36.34
CA ASP A 1718 -9.79 57.39 35.28
C ASP A 1718 -8.44 57.02 35.87
N CYS A 1719 -7.86 55.92 35.38
CA CYS A 1719 -6.63 55.39 35.98
C CYS A 1719 -5.42 56.28 35.72
N ALA A 1720 -5.50 57.27 34.84
CA ALA A 1720 -4.41 58.21 34.62
C ALA A 1720 -4.43 59.35 35.62
N SER A 1721 -5.57 60.03 35.76
CA SER A 1721 -5.73 61.11 36.73
C SER A 1721 -6.22 60.63 38.08
N LEU A 1722 -6.72 59.40 38.17
CA LEU A 1722 -7.29 58.84 39.40
C LEU A 1722 -8.49 59.64 39.90
N GLU A 1723 -9.11 60.43 39.03
CA GLU A 1723 -10.34 61.14 39.36
C GLU A 1723 -11.55 60.30 38.96
N ILE A 1724 -12.59 60.38 39.78
CA ILE A 1724 -13.83 59.66 39.50
C ILE A 1724 -14.49 60.31 38.29
N CYS A 1725 -14.38 59.65 37.13
CA CYS A 1725 -14.75 60.26 35.86
C CYS A 1725 -16.21 60.09 35.48
N ARG A 1726 -16.81 58.91 35.74
CA ARG A 1726 -18.17 58.66 35.29
C ARG A 1726 -19.01 58.10 36.43
N ARG A 1727 -20.33 58.23 36.29
CA ARG A 1727 -21.29 57.51 37.13
C ARG A 1727 -22.28 56.80 36.22
N LEU A 1728 -22.46 55.51 36.48
CA LEU A 1728 -23.45 54.67 35.84
C LEU A 1728 -24.51 54.31 36.86
N GLU A 1729 -25.71 53.98 36.39
CA GLU A 1729 -26.83 53.61 37.25
C GLU A 1729 -27.40 52.28 36.77
N PRO A 1730 -26.68 51.17 36.98
CA PRO A 1730 -27.24 49.86 36.66
C PRO A 1730 -28.50 49.56 37.46
N TYR A 1731 -28.61 50.08 38.68
CA TYR A 1731 -29.79 49.93 39.50
C TYR A 1731 -30.10 51.26 40.15
N MET A 1732 -31.34 51.39 40.63
CA MET A 1732 -31.83 52.63 41.23
C MET A 1732 -31.98 52.42 42.73
N ALA A 1733 -31.88 53.53 43.48
CA ALA A 1733 -31.99 53.45 44.93
C ALA A 1733 -33.38 52.93 45.32
N PRO A 1734 -33.49 52.20 46.44
CA PRO A 1734 -32.47 51.80 47.41
C PRO A 1734 -31.79 50.48 47.08
N SER A 1735 -31.49 50.21 45.81
CA SER A 1735 -30.83 48.99 45.41
C SER A 1735 -29.34 49.07 45.74
N MET A 1736 -28.63 47.95 45.59
CA MET A 1736 -27.20 47.93 45.85
C MET A 1736 -26.53 46.89 44.97
N VAL A 1737 -25.45 47.30 44.29
CA VAL A 1737 -24.66 46.41 43.45
C VAL A 1737 -23.55 45.79 44.29
N THR A 1738 -23.43 44.47 44.22
CA THR A 1738 -22.46 43.72 45.02
C THR A 1738 -21.33 43.11 44.19
N SER A 1739 -21.53 42.89 42.89
CA SER A 1739 -20.48 42.36 42.04
C SER A 1739 -20.47 43.09 40.70
N VAL A 1740 -19.28 43.31 40.17
CA VAL A 1740 -19.06 43.95 38.89
C VAL A 1740 -17.89 43.24 38.22
N VAL A 1741 -18.13 42.63 37.06
CA VAL A 1741 -17.12 41.88 36.34
C VAL A 1741 -17.22 42.22 34.86
N CYS A 1742 -16.06 42.37 34.22
CA CYS A 1742 -15.98 42.73 32.80
C CYS A 1742 -15.66 41.49 31.98
N SER A 1743 -16.37 41.36 30.85
CA SER A 1743 -16.14 40.29 29.89
C SER A 1743 -16.19 40.89 28.50
N SER A 1744 -15.71 40.12 27.53
CA SER A 1744 -15.70 40.56 26.14
C SER A 1744 -16.21 39.43 25.24
N GLU A 1745 -17.15 39.77 24.37
CA GLU A 1745 -17.66 38.81 23.39
C GLU A 1745 -16.59 38.58 22.33
N GLY A 1746 -16.72 37.48 21.59
CA GLY A 1746 -15.73 37.12 20.60
C GLY A 1746 -15.54 38.13 19.49
N ARG A 1747 -16.48 39.05 19.32
CA ARG A 1747 -16.39 40.11 18.32
C ARG A 1747 -15.56 41.31 18.79
N GLY A 1748 -15.01 41.25 20.01
CA GLY A 1748 -14.27 42.37 20.56
C GLY A 1748 -15.11 43.38 21.30
N GLU A 1749 -16.37 43.09 21.57
CA GLU A 1749 -17.24 43.98 22.33
C GLU A 1749 -17.03 43.74 23.81
N GLU A 1750 -16.40 44.70 24.49
CA GLU A 1750 -16.15 44.60 25.92
C GLU A 1750 -17.40 45.01 26.67
N VAL A 1751 -17.86 44.15 27.58
CA VAL A 1751 -19.18 44.23 28.16
C VAL A 1751 -19.11 43.83 29.63
N VAL A 1752 -19.82 44.60 30.48
CA VAL A 1752 -19.65 44.52 31.93
C VAL A 1752 -20.99 44.20 32.60
N TRP A 1753 -20.99 43.13 33.41
CA TRP A 1753 -22.15 42.76 34.22
C TRP A 1753 -22.10 43.49 35.56
N CYS A 1754 -23.27 43.71 36.14
CA CYS A 1754 -23.41 44.27 37.49
C CYS A 1754 -24.53 43.51 38.20
N LEU A 1755 -24.20 42.90 39.34
CA LEU A 1755 -25.11 42.04 40.08
C LEU A 1755 -25.68 42.81 41.25
N ASP A 1756 -26.98 42.65 41.50
CA ASP A 1756 -27.65 43.31 42.62
C ASP A 1756 -28.17 42.27 43.61
N ASP A 1757 -28.16 42.64 44.89
CA ASP A 1757 -28.61 41.75 45.95
C ASP A 1757 -30.12 41.83 46.13
N LYS A 1758 -30.65 43.04 46.33
CA LYS A 1758 -32.08 43.20 46.57
C LYS A 1758 -32.89 42.74 45.36
N ALA A 1759 -32.54 43.21 44.17
CA ALA A 1759 -33.27 42.85 42.97
C ALA A 1759 -33.08 41.40 42.57
N ASN A 1760 -32.00 40.76 43.00
CA ASN A 1760 -31.67 39.40 42.60
C ASN A 1760 -31.62 39.29 41.08
N SER A 1761 -30.91 40.24 40.47
CA SER A 1761 -30.78 40.28 39.03
C SER A 1761 -29.44 40.92 38.67
N LEU A 1762 -29.02 40.65 37.44
CA LEU A 1762 -27.80 41.22 36.87
C LEU A 1762 -28.20 42.12 35.71
N VAL A 1763 -27.37 43.11 35.41
CA VAL A 1763 -27.59 44.01 34.28
C VAL A 1763 -26.29 44.24 33.55
N MET A 1764 -26.38 44.32 32.23
CA MET A 1764 -25.23 44.34 31.33
C MET A 1764 -25.12 45.68 30.63
N TYR A 1765 -23.93 46.28 30.73
CA TYR A 1765 -23.55 47.54 30.11
C TYR A 1765 -22.47 47.33 29.05
N HIS A 1766 -22.43 48.26 28.09
CA HIS A 1766 -21.29 48.37 27.18
C HIS A 1766 -20.23 49.26 27.80
N SER A 1767 -18.99 48.78 27.83
CA SER A 1767 -17.93 49.49 28.52
C SER A 1767 -17.50 50.77 27.81
N THR A 1768 -17.58 50.82 26.48
CA THR A 1768 -17.12 51.96 25.71
C THR A 1768 -18.17 53.07 25.60
N THR A 1769 -19.39 52.84 26.07
CA THR A 1769 -20.44 53.84 26.04
C THR A 1769 -21.08 54.12 27.39
N TYR A 1770 -20.89 53.24 28.38
CA TYR A 1770 -21.48 53.39 29.70
C TYR A 1770 -23.00 53.39 29.63
N GLN A 1771 -23.57 52.58 28.74
CA GLN A 1771 -25.00 52.52 28.50
C GLN A 1771 -25.52 51.12 28.81
N LEU A 1772 -26.61 51.07 29.59
CA LEU A 1772 -27.28 49.82 29.91
C LEU A 1772 -27.81 49.21 28.62
N CYS A 1773 -27.58 47.91 28.43
CA CYS A 1773 -28.02 47.22 27.23
C CYS A 1773 -28.70 45.88 27.47
N ALA A 1774 -28.67 45.35 28.69
CA ALA A 1774 -29.47 44.15 28.94
C ALA A 1774 -29.73 43.96 30.43
N ARG A 1775 -30.69 43.08 30.73
CA ARG A 1775 -31.02 42.66 32.08
C ARG A 1775 -31.23 41.16 32.09
N TYR A 1776 -30.78 40.51 33.16
CA TYR A 1776 -30.90 39.07 33.35
C TYR A 1776 -31.43 38.82 34.76
N PHE A 1777 -32.67 38.35 34.85
CA PHE A 1777 -33.28 38.10 36.15
C PHE A 1777 -32.84 36.73 36.66
N CYS A 1778 -32.31 36.71 37.88
CA CYS A 1778 -31.75 35.49 38.45
C CYS A 1778 -32.75 34.72 39.30
N GLY A 1779 -33.77 35.38 39.84
CA GLY A 1779 -34.75 34.71 40.68
C GLY A 1779 -35.76 33.90 39.89
N VAL A 1780 -35.28 32.97 39.08
CA VAL A 1780 -36.12 32.17 38.19
C VAL A 1780 -36.27 30.79 38.82
N PRO A 1781 -37.47 30.40 39.27
CA PRO A 1781 -37.61 29.07 39.89
C PRO A 1781 -37.35 27.91 38.93
N SER A 1782 -37.47 28.14 37.62
CA SER A 1782 -37.28 27.09 36.63
C SER A 1782 -36.67 27.69 35.38
N PRO A 1783 -35.34 27.87 35.35
CA PRO A 1783 -34.71 28.48 34.16
C PRO A 1783 -34.66 27.50 32.98
N LEU A 1784 -35.84 27.16 32.46
CA LEU A 1784 -35.97 26.27 31.32
C LEU A 1784 -35.51 27.04 30.08
N ARG A 1785 -34.25 26.85 29.71
CA ARG A 1785 -33.64 27.54 28.57
C ARG A 1785 -33.79 29.06 28.75
N ASP A 1786 -33.56 29.53 29.98
CA ASP A 1786 -33.82 30.94 30.29
C ASP A 1786 -32.97 31.84 29.42
N MET A 1787 -33.62 32.82 28.79
CA MET A 1787 -32.96 33.70 27.85
C MET A 1787 -33.57 35.09 27.93
N PHE A 1788 -32.79 36.08 27.51
CA PHE A 1788 -33.16 37.49 27.57
C PHE A 1788 -32.54 38.22 26.40
N PRO A 1789 -33.09 39.37 26.01
CA PRO A 1789 -32.52 40.10 24.88
C PRO A 1789 -31.40 41.04 25.30
N VAL A 1790 -30.63 41.49 24.31
CA VAL A 1790 -29.54 42.43 24.49
C VAL A 1790 -29.51 43.33 23.26
N ARG A 1791 -29.86 44.61 23.47
CA ARG A 1791 -29.93 45.63 22.43
C ARG A 1791 -28.54 45.91 21.88
N PRO A 1792 -28.42 46.23 20.58
CA PRO A 1792 -27.08 46.61 20.08
C PRO A 1792 -26.51 47.85 20.76
N PHE A 1904 -36.90 28.70 49.93
CA PHE A 1904 -36.49 28.49 48.55
C PHE A 1904 -36.24 29.82 47.83
N SER A 1905 -36.84 30.90 48.34
CA SER A 1905 -36.64 32.20 47.73
C SER A 1905 -35.18 32.62 47.75
N GLN A 1906 -34.48 32.39 48.87
CA GLN A 1906 -33.06 32.69 48.94
C GLN A 1906 -32.23 31.77 48.07
N HIS A 1907 -32.66 30.52 47.86
CA HIS A 1907 -31.88 29.58 47.06
C HIS A 1907 -31.64 30.09 45.65
N LEU A 1908 -32.54 30.92 45.13
CA LEU A 1908 -32.39 31.51 43.81
C LEU A 1908 -31.59 32.82 43.82
N GLN A 1909 -31.13 33.27 44.99
CA GLN A 1909 -30.41 34.53 45.08
C GLN A 1909 -29.01 34.35 44.51
N ALA A 1910 -28.59 35.29 43.68
CA ALA A 1910 -27.28 35.21 43.05
C ALA A 1910 -26.17 35.43 44.08
N VAL A 1911 -24.99 34.91 43.78
CA VAL A 1911 -23.84 35.00 44.67
C VAL A 1911 -22.78 35.94 44.12
N LYS A 1912 -22.27 35.64 42.92
CA LYS A 1912 -21.14 36.37 42.37
C LYS A 1912 -21.16 36.20 40.86
N ILE A 1913 -20.47 37.11 40.16
CA ILE A 1913 -20.26 37.02 38.72
C ILE A 1913 -18.89 36.37 38.52
N LEU A 1914 -18.85 35.28 37.77
CA LEU A 1914 -17.62 34.56 37.48
C LEU A 1914 -17.41 34.51 35.97
N ALA A 1915 -16.59 35.41 35.45
CA ALA A 1915 -16.31 35.45 34.02
C ALA A 1915 -15.27 34.39 33.68
N VAL A 1916 -15.69 33.35 32.96
CA VAL A 1916 -14.82 32.24 32.59
C VAL A 1916 -14.79 32.18 31.07
N ARG A 1917 -13.62 32.44 30.48
CA ARG A 1917 -13.46 32.48 29.04
C ARG A 1917 -14.47 33.47 28.44
N ASP A 1918 -15.43 32.98 27.64
CA ASP A 1918 -16.45 33.83 27.04
C ASP A 1918 -17.84 33.60 27.62
N LEU A 1919 -17.95 32.87 28.73
CA LEU A 1919 -19.20 32.64 29.42
C LEU A 1919 -19.15 33.27 30.81
N ILE A 1920 -20.32 33.39 31.43
CA ILE A 1920 -20.43 33.92 32.78
C ILE A 1920 -21.16 32.91 33.65
N TRP A 1921 -20.52 32.49 34.73
CA TRP A 1921 -21.11 31.60 35.72
C TRP A 1921 -21.71 32.46 36.83
N VAL A 1922 -22.96 32.18 37.17
CA VAL A 1922 -23.70 32.88 38.21
C VAL A 1922 -24.04 31.85 39.28
N PRO A 1923 -23.25 31.72 40.35
CA PRO A 1923 -23.66 30.85 41.45
C PRO A 1923 -24.83 31.43 42.24
N ARG A 1924 -25.65 30.53 42.79
CA ARG A 1924 -26.80 30.89 43.59
C ARG A 1924 -26.71 30.21 44.95
N ARG A 1925 -27.51 30.71 45.90
CA ARG A 1925 -27.45 30.19 47.26
C ARG A 1925 -27.92 28.74 47.33
N GLY A 1926 -28.70 28.29 46.35
CA GLY A 1926 -29.23 26.94 46.36
C GLY A 1926 -28.21 25.86 46.06
N GLY A 1927 -26.96 26.23 45.80
CA GLY A 1927 -25.92 25.30 45.43
C GLY A 1927 -25.77 25.10 43.94
N ASP A 1928 -26.66 25.68 43.13
CA ASP A 1928 -26.61 25.56 41.69
C ASP A 1928 -26.03 26.82 41.07
N VAL A 1929 -25.22 26.62 40.03
CA VAL A 1929 -24.57 27.71 39.29
C VAL A 1929 -25.06 27.64 37.85
N ILE A 1930 -25.64 28.75 37.38
CA ILE A 1930 -26.18 28.84 36.02
C ILE A 1930 -25.17 29.56 35.15
N VAL A 1931 -24.81 28.94 34.03
CA VAL A 1931 -23.79 29.47 33.12
C VAL A 1931 -24.49 30.00 31.89
N ILE A 1932 -24.17 31.25 31.52
CA ILE A 1932 -24.84 31.94 30.44
C ILE A 1932 -23.81 32.43 29.42
N GLY A 1933 -24.26 32.46 28.17
CA GLY A 1933 -23.50 33.03 27.07
C GLY A 1933 -24.42 33.87 26.20
N LEU A 1934 -23.94 34.32 25.04
CA LEU A 1934 -24.72 35.17 24.14
C LEU A 1934 -24.81 34.51 22.77
N GLU A 1935 -26.01 34.53 22.19
CA GLU A 1935 -26.24 34.07 20.83
C GLU A 1935 -26.46 35.27 19.92
N LYS A 1936 -25.78 35.27 18.77
CA LYS A 1936 -25.86 36.39 17.85
C LYS A 1936 -27.17 36.33 17.07
N ASP A 1937 -27.87 37.47 16.99
CA ASP A 1937 -29.13 37.57 16.26
C ASP A 1937 -29.17 38.95 15.61
N SER A 1938 -28.88 38.99 14.31
CA SER A 1938 -28.99 40.20 13.50
C SER A 1938 -28.23 41.38 14.09
N GLY A 1939 -27.09 41.12 14.72
CA GLY A 1939 -26.31 42.14 15.39
C GLY A 1939 -26.62 42.28 16.86
N ALA A 1940 -27.90 42.22 17.24
CA ALA A 1940 -28.26 42.16 18.65
C ALA A 1940 -27.84 40.81 19.21
N GLN A 1941 -27.99 40.66 20.52
CA GLN A 1941 -27.62 39.39 21.16
C GLN A 1941 -28.78 38.88 22.00
N ARG A 1942 -28.76 37.57 22.23
CA ARG A 1942 -29.73 36.89 23.08
C ARG A 1942 -28.94 36.13 24.12
N GLY A 1943 -28.89 36.68 25.33
CA GLY A 1943 -28.27 35.95 26.42
C GLY A 1943 -29.09 34.72 26.78
N ARG A 1944 -28.39 33.61 27.01
CA ARG A 1944 -29.08 32.35 27.21
C ARG A 1944 -28.22 31.41 28.06
N VAL A 1945 -28.89 30.57 28.85
CA VAL A 1945 -28.19 29.56 29.64
C VAL A 1945 -27.71 28.45 28.71
N ILE A 1946 -26.45 28.06 28.89
CA ILE A 1946 -25.89 26.92 28.18
C ILE A 1946 -26.02 25.64 29.01
N ALA A 1947 -26.06 25.79 30.33
CA ALA A 1947 -26.20 24.63 31.21
C ALA A 1947 -26.45 25.13 32.63
N VAL A 1948 -27.15 24.30 33.40
CA VAL A 1948 -27.35 24.52 34.84
C VAL A 1948 -26.62 23.42 35.57
N LEU A 1949 -25.81 23.81 36.56
CA LEU A 1949 -24.85 22.93 37.20
C LEU A 1949 -25.11 22.85 38.70
N LYS A 1950 -25.17 21.63 39.22
CA LYS A 1950 -25.27 21.43 40.66
C LYS A 1950 -24.91 19.99 40.99
N ALA A 1951 -23.91 19.82 41.86
CA ALA A 1951 -23.56 18.51 42.40
C ALA A 1951 -24.38 18.31 43.67
N ARG A 1952 -25.33 17.38 43.61
CA ARG A 1952 -26.24 17.16 44.74
C ARG A 1952 -25.47 16.77 46.00
N GLU A 1953 -24.34 16.08 45.82
CA GLU A 1953 -23.53 15.64 46.96
C GLU A 1953 -22.98 16.79 47.79
N LEU A 1954 -23.05 18.02 47.28
CA LEU A 1954 -22.64 19.20 48.04
C LEU A 1954 -23.70 19.67 49.04
N THR A 1955 -24.87 19.04 49.06
CA THR A 1955 -25.94 19.43 49.99
C THR A 1955 -25.54 19.45 51.46
N PRO A 1956 -24.82 18.45 52.00
CA PRO A 1956 -24.55 18.45 53.45
C PRO A 1956 -23.73 19.63 53.94
N HIS A 1957 -23.04 20.34 53.04
CA HIS A 1957 -22.13 21.41 53.43
C HIS A 1957 -22.83 22.76 53.56
N GLY A 1958 -24.14 22.81 53.39
CA GLY A 1958 -24.90 24.01 53.69
C GLY A 1958 -25.16 24.90 52.49
N VAL A 1959 -25.35 26.20 52.75
CA VAL A 1959 -25.67 27.18 51.73
C VAL A 1959 -24.39 27.62 51.04
N LEU A 1960 -24.49 27.89 49.74
CA LEU A 1960 -23.35 28.41 49.00
C LEU A 1960 -23.14 29.86 49.38
N VAL A 1961 -21.96 30.18 49.89
CA VAL A 1961 -21.66 31.53 50.36
C VAL A 1961 -20.90 32.34 49.31
N ASP A 1962 -19.90 31.75 48.67
CA ASP A 1962 -19.04 32.52 47.77
C ASP A 1962 -18.61 31.66 46.59
N ALA A 1963 -17.82 32.25 45.70
CA ALA A 1963 -17.26 31.54 44.56
C ALA A 1963 -16.17 32.40 43.94
N ALA A 1964 -15.38 31.77 43.06
CA ALA A 1964 -14.26 32.45 42.44
C ALA A 1964 -13.82 31.70 41.19
N VAL A 1965 -13.11 32.41 40.33
CA VAL A 1965 -12.39 31.81 39.22
C VAL A 1965 -10.92 31.75 39.59
N VAL A 1966 -10.42 30.54 39.83
CA VAL A 1966 -9.06 30.35 40.34
C VAL A 1966 -8.05 30.11 39.22
N ALA A 1967 -8.49 29.67 38.04
CA ALA A 1967 -7.60 29.50 36.90
C ALA A 1967 -8.43 29.66 35.63
N LYS A 1968 -7.74 29.70 34.48
CA LYS A 1968 -8.43 29.83 33.22
C LYS A 1968 -9.34 28.63 32.96
N ASP A 1969 -9.01 27.46 33.52
CA ASP A 1969 -9.78 26.24 33.33
C ASP A 1969 -10.21 25.62 34.66
N THR A 1970 -10.42 26.44 35.69
CA THR A 1970 -10.87 25.95 36.99
C THR A 1970 -11.75 27.00 37.64
N VAL A 1971 -12.81 26.55 38.31
CA VAL A 1971 -13.73 27.42 39.04
C VAL A 1971 -13.98 26.79 40.40
N VAL A 1972 -14.23 27.62 41.41
CA VAL A 1972 -14.50 27.13 42.76
C VAL A 1972 -15.75 27.81 43.28
N CYS A 1973 -16.47 27.11 44.16
CA CYS A 1973 -17.62 27.65 44.87
C CYS A 1973 -17.61 27.10 46.29
N THR A 1974 -17.84 27.99 47.25
CA THR A 1974 -17.62 27.70 48.67
C THR A 1974 -18.93 27.80 49.44
N PHE A 1975 -19.22 26.73 50.18
CA PHE A 1975 -20.40 26.60 51.03
C PHE A 1975 -20.01 26.77 52.49
N GLU A 1976 -20.97 27.25 53.29
CA GLU A 1976 -20.86 27.28 54.74
C GLU A 1976 -22.15 26.70 55.32
N ASN A 1977 -22.04 25.93 56.39
CA ASN A 1977 -23.18 25.31 57.03
C ASN A 1977 -23.48 25.96 58.38
N GLU A 1978 -24.46 25.41 59.10
CA GLU A 1978 -24.87 25.94 60.38
C GLU A 1978 -23.77 25.85 61.44
N ASN A 1979 -22.81 24.94 61.28
CA ASN A 1979 -21.68 24.82 62.18
C ASN A 1979 -20.55 25.79 61.83
N THR A 1980 -20.75 26.63 60.81
CA THR A 1980 -19.69 27.49 60.28
C THR A 1980 -18.52 26.61 59.84
N GLU A 1981 -18.84 25.49 59.20
CA GLU A 1981 -17.86 24.62 58.58
C GLU A 1981 -17.90 24.82 57.07
N TRP A 1982 -16.76 25.18 56.50
CA TRP A 1982 -16.68 25.59 55.12
C TRP A 1982 -16.27 24.41 54.24
N CYS A 1983 -16.82 24.37 53.03
CA CYS A 1983 -16.45 23.36 52.05
C CYS A 1983 -16.21 24.02 50.70
N LEU A 1984 -15.29 23.46 49.94
CA LEU A 1984 -14.90 23.95 48.62
C LEU A 1984 -15.32 22.89 47.59
N ALA A 1985 -16.07 23.32 46.56
CA ALA A 1985 -16.46 22.46 45.45
C ALA A 1985 -15.91 23.06 44.16
N VAL A 1986 -15.18 22.27 43.40
CA VAL A 1986 -14.41 22.75 42.26
C VAL A 1986 -14.95 22.15 40.98
N TRP A 1987 -15.08 22.99 39.96
CA TRP A 1987 -15.67 22.64 38.69
C TRP A 1987 -14.67 22.97 37.58
N ARG A 1988 -14.75 22.24 36.48
CA ARG A 1988 -13.91 22.55 35.33
C ARG A 1988 -14.33 23.89 34.73
N GLY A 1989 -13.39 24.81 34.63
CA GLY A 1989 -13.68 26.15 34.17
C GLY A 1989 -13.94 26.20 32.68
N TRP A 1990 -15.06 25.63 32.26
CA TRP A 1990 -15.38 25.51 30.85
C TRP A 1990 -15.88 26.84 30.29
N GLY A 1991 -15.54 27.09 29.02
CA GLY A 1991 -16.08 28.20 28.28
C GLY A 1991 -17.16 27.75 27.30
N ALA A 1992 -17.48 28.65 26.38
CA ALA A 1992 -18.48 28.34 25.36
C ALA A 1992 -18.04 27.14 24.52
N ARG A 1993 -16.74 27.04 24.24
CA ARG A 1993 -16.23 25.95 23.41
C ARG A 1993 -16.54 24.59 24.01
N GLU A 1994 -16.24 24.40 25.30
CA GLU A 1994 -16.36 23.08 25.90
C GLU A 1994 -17.82 22.71 26.13
N PHE A 1995 -18.63 23.65 26.63
CA PHE A 1995 -20.06 23.37 26.79
C PHE A 1995 -20.71 23.08 25.45
N ASP A 1996 -20.34 23.84 24.42
CA ASP A 1996 -20.87 23.58 23.09
C ASP A 1996 -20.46 22.21 22.58
N ILE A 1997 -19.21 21.82 22.79
CA ILE A 1997 -18.76 20.50 22.36
C ILE A 1997 -19.56 19.42 23.07
N PHE A 1998 -19.76 19.58 24.38
CA PHE A 1998 -20.55 18.62 25.15
C PHE A 1998 -21.96 18.47 24.56
N TYR A 1999 -22.72 19.58 24.57
CA TYR A 1999 -24.12 19.51 24.17
C TYR A 1999 -24.26 19.12 22.70
N GLN A 2000 -23.39 19.65 21.84
CA GLN A 2000 -23.42 19.30 20.42
C GLN A 2000 -23.09 17.83 20.22
N SER A 2001 -22.17 17.28 21.01
CA SER A 2001 -21.87 15.86 20.90
C SER A 2001 -23.10 15.02 21.21
N TYR A 2002 -23.81 15.37 22.29
CA TYR A 2002 -25.01 14.60 22.62
C TYR A 2002 -26.07 14.74 21.54
N GLU A 2003 -26.31 15.97 21.07
CA GLU A 2003 -27.32 16.17 20.03
C GLU A 2003 -26.96 15.44 18.74
N GLU A 2004 -25.69 15.52 18.34
CA GLU A 2004 -25.26 14.93 17.07
C GLU A 2004 -25.28 13.40 17.15
N LEU A 2005 -24.72 12.84 18.23
CA LEU A 2005 -24.75 11.39 18.40
C LEU A 2005 -26.19 10.89 18.48
N GLY A 2006 -27.09 11.69 19.06
CA GLY A 2006 -28.50 11.33 19.02
C GLY A 2006 -29.04 11.28 17.61
N ARG A 2007 -28.51 12.11 16.71
CA ARG A 2007 -28.93 12.15 15.32
C ARG A 2007 -28.29 11.07 14.46
N LEU A 2008 -27.27 10.39 14.98
CA LEU A 2008 -26.62 9.29 14.26
C LEU A 2008 -27.04 7.94 14.82
N ARG B 52 24.44 -20.06 42.89
CA ARG B 52 24.72 -19.16 41.78
C ARG B 52 23.71 -19.38 40.64
N SER B 53 23.46 -20.64 40.31
CA SER B 53 22.45 -20.97 39.31
C SER B 53 21.06 -20.52 39.74
N ARG B 54 20.81 -20.38 41.04
CA ARG B 54 19.52 -19.98 41.56
C ARG B 54 19.00 -18.72 40.88
N ARG B 55 19.88 -17.76 40.61
CA ARG B 55 19.48 -16.52 39.95
C ARG B 55 18.66 -16.82 38.71
N THR B 56 19.16 -17.71 37.85
CA THR B 56 18.41 -18.14 36.67
C THR B 56 17.00 -18.56 37.06
N GLU B 57 16.88 -19.56 37.94
CA GLU B 57 15.57 -20.03 38.33
C GLU B 57 14.71 -18.91 38.86
N GLY B 58 15.29 -18.02 39.66
CA GLY B 58 14.51 -16.91 40.20
C GLY B 58 13.90 -16.07 39.09
N ILE B 59 14.72 -15.71 38.11
CA ILE B 59 14.20 -14.95 36.98
C ILE B 59 13.12 -15.77 36.27
N ARG B 60 13.41 -17.06 36.06
CA ARG B 60 12.43 -17.93 35.43
C ARG B 60 11.14 -17.96 36.25
N ALA B 61 11.27 -17.98 37.57
CA ALA B 61 10.07 -17.98 38.41
C ALA B 61 9.23 -16.75 38.12
N ALA B 62 9.88 -15.59 37.99
CA ALA B 62 9.14 -14.36 37.71
C ALA B 62 8.39 -14.47 36.38
N TYR B 63 8.98 -15.17 35.41
CA TYR B 63 8.28 -15.38 34.14
C TYR B 63 7.30 -16.54 34.24
N ARG B 64 7.58 -17.51 35.13
CA ARG B 64 6.67 -18.65 35.26
C ARG B 64 5.31 -18.22 35.76
N ARG B 65 5.27 -17.29 36.72
CA ARG B 65 4.02 -16.76 37.22
C ARG B 65 3.49 -15.58 36.40
N GLY B 66 4.22 -15.17 35.36
CA GLY B 66 3.82 -14.02 34.57
C GLY B 66 4.25 -12.67 35.11
N ASP B 67 5.13 -12.65 36.11
CA ASP B 67 5.61 -11.39 36.69
C ASP B 67 6.79 -10.89 35.86
N ARG B 68 6.46 -10.08 34.86
CA ARG B 68 7.49 -9.61 33.93
C ARG B 68 8.34 -8.50 34.53
N GLY B 69 7.74 -7.63 35.37
CA GLY B 69 8.52 -6.60 36.02
C GLY B 69 9.47 -7.16 37.06
N GLY B 70 9.00 -8.11 37.86
CA GLY B 70 9.89 -8.81 38.77
C GLY B 70 10.99 -9.54 38.02
N ALA B 71 10.64 -10.09 36.85
CA ALA B 71 11.65 -10.71 36.00
C ALA B 71 12.68 -9.69 35.55
N ARG B 72 12.24 -8.47 35.22
CA ARG B 72 13.17 -7.41 34.86
C ARG B 72 14.13 -7.11 36.00
N ASP B 73 13.61 -6.97 37.21
CA ASP B 73 14.46 -6.64 38.35
C ASP B 73 15.47 -7.75 38.61
N LEU B 74 15.00 -9.00 38.66
CA LEU B 74 15.90 -10.13 38.88
C LEU B 74 16.92 -10.24 37.74
N LEU B 75 16.50 -9.95 36.51
CA LEU B 75 17.40 -10.02 35.38
C LEU B 75 18.52 -8.98 35.50
N GLU B 76 18.16 -7.76 35.89
CA GLU B 76 19.19 -6.73 36.09
C GLU B 76 20.15 -7.14 37.19
N GLU B 77 19.63 -7.67 38.30
CA GLU B 77 20.49 -8.12 39.39
C GLU B 77 21.46 -9.20 38.90
N ALA B 78 20.95 -10.18 38.16
CA ALA B 78 21.81 -11.26 37.66
C ALA B 78 22.83 -10.73 36.67
N CYS B 79 22.42 -9.84 35.77
CA CYS B 79 23.35 -9.26 34.81
C CYS B 79 24.50 -8.57 35.52
N ASP B 80 24.21 -7.84 36.59
CA ASP B 80 25.28 -7.29 37.41
C ASP B 80 26.13 -8.39 38.03
N GLN B 81 25.51 -9.50 38.44
CA GLN B 81 26.23 -10.61 39.05
C GLN B 81 26.70 -11.66 38.04
N CYS B 82 26.31 -11.54 36.76
CA CYS B 82 26.70 -12.50 35.72
C CYS B 82 27.71 -11.82 34.79
N ALA B 83 28.99 -12.00 35.13
CA ALA B 83 30.06 -11.37 34.33
C ALA B 83 30.45 -12.24 33.14
N SER B 84 30.43 -13.57 33.31
CA SER B 84 30.90 -14.45 32.25
C SER B 84 29.95 -14.42 31.06
N GLN B 85 30.51 -14.74 29.89
CA GLN B 85 29.72 -14.72 28.66
C GLN B 85 28.63 -15.78 28.67
N LEU B 86 28.91 -16.97 29.20
CA LEU B 86 27.91 -18.03 29.19
C LEU B 86 26.72 -17.67 30.07
N GLU B 87 26.97 -17.06 31.23
CA GLU B 87 25.88 -16.67 32.11
C GLU B 87 25.03 -15.57 31.49
N LYS B 88 25.66 -14.58 30.85
CA LYS B 88 24.92 -13.54 30.16
C LYS B 88 24.10 -14.11 29.02
N GLY B 89 24.67 -15.07 28.29
CA GLY B 89 23.93 -15.72 27.21
C GLY B 89 22.71 -16.47 27.74
N GLN B 90 22.88 -17.14 28.88
CA GLN B 90 21.73 -17.81 29.50
C GLN B 90 20.67 -16.80 29.92
N LEU B 91 21.09 -15.69 30.51
CA LEU B 91 20.14 -14.64 30.89
C LEU B 91 19.39 -14.12 29.68
N LEU B 92 20.07 -14.00 28.54
CA LEU B 92 19.40 -13.57 27.32
C LEU B 92 18.48 -14.66 26.78
N SER B 93 18.82 -15.92 27.04
CA SER B 93 18.00 -17.04 26.57
C SER B 93 16.68 -17.11 27.33
N ILE B 94 16.69 -16.74 28.61
CA ILE B 94 15.48 -16.85 29.42
C ILE B 94 14.31 -16.09 28.79
N PRO B 95 14.35 -14.77 28.62
CA PRO B 95 13.21 -14.09 27.99
C PRO B 95 12.96 -14.51 26.56
N ALA B 96 14.02 -14.84 25.81
CA ALA B 96 13.83 -15.27 24.42
C ALA B 96 13.04 -16.58 24.37
N ALA B 97 13.37 -17.54 25.23
CA ALA B 97 12.57 -18.75 25.32
C ALA B 97 11.15 -18.42 25.80
N TYR B 98 11.03 -17.53 26.78
CA TYR B 98 9.71 -17.13 27.25
C TYR B 98 8.94 -16.39 26.16
N GLY B 99 9.62 -15.53 25.42
CA GLY B 99 9.01 -14.72 24.38
C GLY B 99 8.95 -13.24 24.71
N ASP B 100 9.62 -12.78 25.76
CA ASP B 100 9.61 -11.38 26.15
C ASP B 100 10.58 -10.63 25.25
N LEU B 101 10.08 -10.21 24.08
CA LEU B 101 10.92 -9.49 23.12
C LEU B 101 11.47 -8.19 23.71
N GLU B 102 10.69 -7.51 24.54
CA GLU B 102 11.12 -6.23 25.09
C GLU B 102 12.38 -6.39 25.93
N MET B 103 12.43 -7.43 26.76
CA MET B 103 13.57 -7.60 27.65
C MET B 103 14.79 -8.07 26.87
N VAL B 104 14.57 -8.86 25.81
CA VAL B 104 15.65 -9.20 24.89
C VAL B 104 16.23 -7.93 24.27
N ARG B 105 15.35 -7.03 23.83
CA ARG B 105 15.80 -5.76 23.27
C ARG B 105 16.60 -4.96 24.29
N TYR B 106 16.12 -4.91 25.53
CA TYR B 106 16.83 -4.18 26.57
C TYR B 106 18.21 -4.78 26.84
N LEU B 107 18.29 -6.11 26.90
CA LEU B 107 19.58 -6.77 27.13
C LEU B 107 20.55 -6.49 25.98
N LEU B 108 20.07 -6.59 24.74
CA LEU B 108 20.94 -6.36 23.60
C LEU B 108 21.36 -4.91 23.48
N SER B 109 20.48 -3.98 23.88
CA SER B 109 20.74 -2.56 23.65
C SER B 109 21.50 -1.93 24.82
N LYS B 110 21.05 -2.19 26.05
CA LYS B 110 21.61 -1.55 27.23
C LYS B 110 22.70 -2.39 27.88
N ARG B 111 22.42 -3.66 28.20
CA ARG B 111 23.42 -4.52 28.79
C ARG B 111 24.45 -4.98 27.75
N LEU B 112 24.13 -4.86 26.47
CA LEU B 112 25.05 -5.22 25.39
C LEU B 112 25.48 -6.69 25.53
N VAL B 113 24.52 -7.54 25.83
CA VAL B 113 24.81 -8.95 26.08
C VAL B 113 25.27 -9.60 24.78
N GLU B 114 26.37 -10.35 24.85
CA GLU B 114 26.89 -11.05 23.69
C GLU B 114 25.96 -12.19 23.30
N LEU B 115 25.83 -12.42 22.00
CA LEU B 115 25.02 -13.50 21.46
C LEU B 115 25.93 -14.60 20.94
N PRO B 116 26.08 -15.73 21.63
CA PRO B 116 26.99 -16.78 21.14
C PRO B 116 26.53 -17.36 19.81
N THR B 117 27.50 -17.83 19.04
CA THR B 117 27.24 -18.44 17.74
C THR B 117 27.22 -19.96 17.80
N GLU B 118 27.24 -20.55 18.98
CA GLU B 118 27.23 -22.00 19.12
C GLU B 118 25.89 -22.54 18.62
N PRO B 119 25.87 -23.52 17.69
CA PRO B 119 24.57 -24.06 17.25
C PRO B 119 24.01 -25.07 18.22
N THR B 120 23.58 -24.59 19.39
CA THR B 120 23.08 -25.44 20.47
C THR B 120 21.67 -25.00 20.83
N ASP B 121 20.94 -25.92 21.47
CA ASP B 121 19.60 -25.63 21.98
C ASP B 121 19.62 -24.63 23.14
N ASP B 122 20.79 -24.34 23.70
CA ASP B 122 20.93 -23.30 24.72
C ASP B 122 21.04 -21.90 24.15
N ASN B 123 21.25 -21.78 22.85
CA ASN B 123 21.47 -20.46 22.23
C ASN B 123 20.16 -19.68 22.29
N PRO B 124 20.18 -18.38 22.64
CA PRO B 124 18.92 -17.64 22.69
C PRO B 124 18.17 -17.59 21.36
N ALA B 125 18.88 -17.49 20.24
CA ALA B 125 18.19 -17.46 18.95
C ALA B 125 17.63 -18.83 18.60
N VAL B 126 18.33 -19.92 18.99
CA VAL B 126 17.83 -21.25 18.72
C VAL B 126 16.52 -21.48 19.47
N VAL B 127 16.45 -21.09 20.75
CA VAL B 127 15.21 -21.27 21.49
C VAL B 127 14.14 -20.32 20.99
N ALA B 128 14.53 -19.13 20.54
CA ALA B 128 13.55 -18.21 19.95
C ALA B 128 12.92 -18.83 18.71
N ALA B 129 13.72 -19.49 17.87
CA ALA B 129 13.18 -20.21 16.73
C ALA B 129 12.40 -21.44 17.17
N TYR B 130 12.76 -22.01 18.33
CA TYR B 130 12.10 -23.21 18.82
C TYR B 130 10.62 -22.95 19.08
N PHE B 131 10.30 -21.80 19.66
CA PHE B 131 8.93 -21.45 20.01
C PHE B 131 8.25 -20.58 18.95
N GLY B 132 8.90 -20.35 17.81
CA GLY B 132 8.29 -19.59 16.74
C GLY B 132 8.16 -18.11 16.98
N HIS B 133 9.00 -17.54 17.85
CA HIS B 133 8.92 -16.11 18.16
C HIS B 133 9.77 -15.34 17.15
N THR B 134 9.16 -15.07 15.99
CA THR B 134 9.91 -14.52 14.87
C THR B 134 10.53 -13.17 15.21
N ALA B 135 9.81 -12.33 15.93
CA ALA B 135 10.34 -11.01 16.29
C ALA B 135 11.61 -11.15 17.13
N VAL B 136 11.60 -12.07 18.09
CA VAL B 136 12.78 -12.28 18.93
C VAL B 136 13.92 -12.84 18.10
N VAL B 137 13.61 -13.73 17.16
CA VAL B 137 14.66 -14.32 16.32
C VAL B 137 15.35 -13.23 15.50
N GLN B 138 14.58 -12.36 14.86
CA GLN B 138 15.20 -11.29 14.07
C GLN B 138 15.95 -10.32 14.97
N GLU B 139 15.39 -10.01 16.14
CA GLU B 139 16.07 -9.08 17.05
C GLU B 139 17.42 -9.64 17.48
N LEU B 140 17.47 -10.93 17.80
CA LEU B 140 18.74 -11.54 18.19
C LEU B 140 19.70 -11.59 17.01
N LEU B 141 19.22 -12.02 15.84
CA LEU B 141 20.11 -12.19 14.69
C LEU B 141 20.68 -10.86 14.23
N GLU B 142 19.95 -9.75 14.44
CA GLU B 142 20.50 -8.45 14.09
C GLU B 142 21.72 -8.11 14.93
N SER B 143 21.82 -8.63 16.15
CA SER B 143 22.91 -8.29 17.05
C SER B 143 24.22 -9.02 16.73
N LEU B 144 24.21 -9.96 15.79
CA LEU B 144 25.41 -10.71 15.49
C LEU B 144 26.44 -9.80 14.83
N PRO B 145 27.65 -9.67 15.37
CA PRO B 145 28.62 -8.72 14.80
C PRO B 145 29.48 -9.36 13.71
N GLY B 146 30.15 -8.49 12.97
CA GLY B 146 31.15 -8.90 12.01
C GLY B 146 30.56 -9.31 10.68
N PRO B 147 31.42 -9.48 9.67
CA PRO B 147 30.94 -9.88 8.34
C PRO B 147 30.64 -11.35 8.21
N CYS B 148 31.42 -12.22 8.86
CA CYS B 148 31.24 -13.66 8.76
C CYS B 148 29.96 -14.03 9.49
N SER B 149 28.85 -13.91 8.78
CA SER B 149 27.56 -14.27 9.34
C SER B 149 27.58 -15.75 9.72
N PRO B 150 27.29 -16.12 10.98
CA PRO B 150 27.46 -17.51 11.38
C PRO B 150 26.42 -18.42 10.75
N GLN B 151 26.68 -18.86 9.51
CA GLN B 151 25.69 -19.67 8.80
C GLN B 151 25.36 -20.95 9.58
N ARG B 152 26.31 -21.50 10.32
CA ARG B 152 26.09 -22.77 11.00
C ARG B 152 24.91 -22.70 11.95
N LEU B 153 24.87 -21.64 12.76
CA LEU B 153 23.74 -21.41 13.64
C LEU B 153 22.45 -21.26 12.84
N LEU B 154 22.53 -20.58 11.69
CA LEU B 154 21.34 -20.35 10.88
C LEU B 154 20.76 -21.65 10.32
N ASN B 155 21.62 -22.53 9.80
CA ASN B 155 21.14 -23.85 9.37
C ASN B 155 20.57 -24.64 10.53
N TRP B 156 21.21 -24.60 11.70
CA TRP B 156 20.70 -25.37 12.83
C TRP B 156 19.29 -24.92 13.18
N MET B 157 19.10 -23.60 13.36
CA MET B 157 17.77 -23.13 13.72
C MET B 157 16.79 -23.25 12.56
N LEU B 158 17.27 -23.23 11.31
CA LEU B 158 16.40 -23.43 10.16
C LEU B 158 15.80 -24.83 10.20
N ALA B 159 16.64 -25.84 10.38
CA ALA B 159 16.13 -27.21 10.45
C ALA B 159 15.27 -27.39 11.68
N LEU B 160 15.62 -26.73 12.79
CA LEU B 160 14.77 -26.80 13.97
C LEU B 160 13.37 -26.25 13.67
N ALA B 161 13.30 -25.11 13.00
CA ALA B 161 12.01 -24.52 12.67
C ALA B 161 11.23 -25.40 11.70
N CYS B 162 11.92 -25.98 10.73
CA CYS B 162 11.26 -26.89 9.79
C CYS B 162 10.67 -28.09 10.52
N GLN B 163 11.43 -28.66 11.46
CA GLN B 163 10.90 -29.77 12.26
C GLN B 163 9.72 -29.33 13.10
N ARG B 164 9.80 -28.13 13.68
CA ARG B 164 8.76 -27.66 14.59
C ARG B 164 7.51 -27.21 13.85
N GLY B 165 7.66 -26.69 12.64
CA GLY B 165 6.55 -26.18 11.87
C GLY B 165 6.36 -24.68 11.91
N HIS B 166 7.31 -23.93 12.46
CA HIS B 166 7.24 -22.47 12.50
C HIS B 166 7.65 -21.93 11.13
N LEU B 167 6.65 -21.78 10.26
CA LEU B 167 6.91 -21.41 8.88
C LEU B 167 7.51 -20.01 8.77
N GLY B 168 7.05 -19.08 9.61
CA GLY B 168 7.57 -17.72 9.55
C GLY B 168 9.06 -17.66 9.84
N VAL B 169 9.51 -18.43 10.83
CA VAL B 169 10.93 -18.46 11.16
C VAL B 169 11.73 -19.01 9.99
N VAL B 170 11.25 -20.09 9.38
CA VAL B 170 11.93 -20.67 8.22
C VAL B 170 12.03 -19.64 7.09
N LYS B 171 10.92 -18.95 6.84
CA LYS B 171 10.88 -17.95 5.77
C LYS B 171 11.89 -16.84 6.02
N LEU B 172 11.88 -16.28 7.23
CA LEU B 172 12.81 -15.19 7.54
C LEU B 172 14.25 -15.66 7.48
N LEU B 173 14.52 -16.88 7.96
CA LEU B 173 15.89 -17.37 7.95
C LEU B 173 16.40 -17.58 6.53
N VAL B 174 15.62 -18.23 5.68
CA VAL B 174 16.12 -18.56 4.35
C VAL B 174 16.14 -17.32 3.45
N LEU B 175 15.15 -16.43 3.56
CA LEU B 175 15.02 -15.33 2.63
C LEU B 175 15.80 -14.09 3.06
N THR B 176 15.81 -13.76 4.35
CA THR B 176 16.47 -12.56 4.84
C THR B 176 17.92 -12.79 5.21
N HIS B 177 18.23 -13.88 5.92
CA HIS B 177 19.58 -14.17 6.38
C HIS B 177 20.31 -15.18 5.51
N GLY B 178 19.69 -15.67 4.45
CA GLY B 178 20.39 -16.53 3.51
C GLY B 178 20.81 -17.88 4.06
N ALA B 179 20.03 -18.46 4.96
CA ALA B 179 20.32 -19.81 5.42
C ALA B 179 20.14 -20.79 4.27
N ASP B 180 21.05 -21.76 4.17
CA ASP B 180 21.09 -22.67 3.03
C ASP B 180 19.93 -23.66 3.15
N PRO B 181 19.01 -23.74 2.18
CA PRO B 181 17.96 -24.76 2.25
C PRO B 181 18.43 -26.15 1.86
N GLU B 182 19.67 -26.30 1.40
CA GLU B 182 20.17 -27.56 0.85
C GLU B 182 21.43 -28.05 1.55
N SER B 183 21.78 -27.49 2.70
CA SER B 183 22.90 -27.97 3.50
C SER B 183 22.36 -28.72 4.71
N TYR B 184 23.25 -29.16 5.60
CA TYR B 184 22.88 -29.98 6.74
C TYR B 184 22.96 -29.17 8.03
N ALA B 185 21.92 -29.29 8.85
CA ALA B 185 21.89 -28.68 10.18
C ALA B 185 22.62 -29.61 11.16
N VAL B 186 23.92 -29.73 10.94
CA VAL B 186 24.76 -30.67 11.66
C VAL B 186 25.60 -29.89 12.66
N ARG B 187 25.56 -30.31 13.92
CA ARG B 187 26.37 -29.71 14.97
C ARG B 187 27.65 -30.51 15.15
N LYS B 188 28.49 -30.06 16.07
CA LYS B 188 29.69 -30.81 16.41
C LYS B 188 29.30 -32.12 17.07
N ASN B 189 30.05 -33.17 16.77
CA ASN B 189 29.73 -34.53 17.22
C ASN B 189 28.37 -34.96 16.72
N GLU B 190 28.00 -34.51 15.53
CA GLU B 190 26.77 -34.91 14.87
C GLU B 190 27.08 -35.17 13.39
N PHE B 191 26.28 -36.04 12.76
CA PHE B 191 26.53 -36.42 11.37
C PHE B 191 25.59 -35.67 10.44
N PRO B 192 25.99 -35.41 9.18
CA PRO B 192 25.09 -34.72 8.25
C PRO B 192 24.06 -35.66 7.65
N VAL B 193 23.05 -36.00 8.46
CA VAL B 193 22.00 -36.91 8.03
C VAL B 193 20.88 -36.10 7.38
N ILE B 194 20.11 -36.76 6.51
CA ILE B 194 19.05 -36.07 5.78
C ILE B 194 17.98 -35.53 6.73
N VAL B 195 17.87 -36.11 7.92
CA VAL B 195 16.96 -35.63 8.94
C VAL B 195 17.28 -34.18 9.30
N ARG B 196 18.55 -33.80 9.18
CA ARG B 196 18.99 -32.43 9.45
C ARG B 196 18.84 -31.52 8.24
N LEU B 197 18.39 -32.05 7.10
CA LEU B 197 18.15 -31.27 5.90
C LEU B 197 16.76 -30.66 5.97
N PRO B 198 16.58 -29.35 5.69
CA PRO B 198 15.31 -28.70 6.05
C PRO B 198 14.11 -29.14 5.23
N LEU B 199 14.28 -29.34 3.91
CA LEU B 199 13.17 -29.83 3.10
C LEU B 199 12.69 -31.20 3.56
N TYR B 200 13.63 -32.12 3.77
CA TYR B 200 13.25 -33.46 4.22
C TYR B 200 12.56 -33.40 5.58
N ALA B 201 13.13 -32.63 6.50
CA ALA B 201 12.53 -32.52 7.83
C ALA B 201 11.14 -31.89 7.75
N ALA B 202 10.96 -30.93 6.84
CA ALA B 202 9.66 -30.29 6.68
C ALA B 202 8.62 -31.27 6.17
N ILE B 203 8.93 -32.03 5.12
CA ILE B 203 7.93 -32.91 4.51
C ILE B 203 7.69 -34.15 5.38
N LYS B 204 8.75 -34.73 5.95
CA LYS B 204 8.57 -35.90 6.80
C LYS B 204 7.80 -35.56 8.07
N SER B 205 7.97 -34.34 8.58
CA SER B 205 7.23 -33.90 9.76
C SER B 205 5.75 -33.62 9.46
N GLY B 206 5.35 -33.66 8.20
CA GLY B 206 3.99 -33.31 7.82
C GLY B 206 3.78 -31.83 7.52
N ASN B 207 4.82 -31.01 7.66
CA ASN B 207 4.73 -29.58 7.36
C ASN B 207 4.90 -29.39 5.86
N GLU B 208 3.82 -29.67 5.13
CA GLU B 208 3.87 -29.60 3.67
C GLU B 208 4.11 -28.17 3.19
N ASP B 209 3.50 -27.18 3.85
CA ASP B 209 3.64 -25.80 3.40
C ASP B 209 5.09 -25.34 3.44
N ILE B 210 5.80 -25.64 4.52
CA ILE B 210 7.20 -25.25 4.62
C ILE B 210 8.02 -25.94 3.53
N ALA B 211 7.74 -27.22 3.28
CA ALA B 211 8.51 -27.95 2.29
C ALA B 211 8.31 -27.38 0.88
N ILE B 212 7.07 -27.09 0.52
CA ILE B 212 6.82 -26.53 -0.81
C ILE B 212 7.40 -25.13 -0.90
N PHE B 213 7.36 -24.37 0.19
CA PHE B 213 7.98 -23.05 0.20
C PHE B 213 9.48 -23.16 -0.04
N LEU B 214 10.14 -24.11 0.62
CA LEU B 214 11.57 -24.32 0.39
C LEU B 214 11.84 -24.72 -1.04
N LEU B 215 11.01 -25.60 -1.61
CA LEU B 215 11.18 -26.00 -2.99
C LEU B 215 11.07 -24.82 -3.94
N ARG B 216 10.07 -23.97 -3.72
CA ARG B 216 9.87 -22.78 -4.54
C ARG B 216 10.94 -21.72 -4.30
N HIS B 217 11.69 -21.81 -3.20
CA HIS B 217 12.71 -20.81 -2.86
C HIS B 217 14.10 -21.42 -2.73
N GLY B 218 14.43 -22.40 -3.56
CA GLY B 218 15.80 -22.85 -3.74
C GLY B 218 16.08 -24.30 -3.37
N ALA B 219 15.15 -25.01 -2.75
CA ALA B 219 15.41 -26.40 -2.41
C ALA B 219 15.19 -27.30 -3.63
N TYR B 220 15.76 -28.50 -3.56
CA TYR B 220 15.74 -29.46 -4.65
C TYR B 220 15.26 -30.81 -4.15
N PHE B 221 14.69 -31.60 -5.07
CA PHE B 221 14.39 -32.99 -4.79
C PHE B 221 15.64 -33.84 -4.95
N CYS B 222 15.61 -35.04 -4.39
CA CYS B 222 16.69 -35.99 -4.50
C CYS B 222 16.14 -37.40 -4.38
N SER B 223 17.01 -38.39 -4.58
CA SER B 223 16.57 -39.78 -4.57
C SER B 223 15.96 -40.17 -3.23
N TYR B 224 16.54 -39.70 -2.13
CA TYR B 224 16.04 -40.06 -0.81
C TYR B 224 14.61 -39.58 -0.59
N ILE B 225 14.28 -38.36 -1.02
CA ILE B 225 12.92 -37.85 -0.84
C ILE B 225 11.92 -38.76 -1.56
N LEU B 226 12.16 -39.02 -2.85
CA LEU B 226 11.22 -39.82 -3.63
C LEU B 226 11.12 -41.24 -3.10
N LEU B 227 12.24 -41.85 -2.71
CA LEU B 227 12.23 -43.25 -2.31
C LEU B 227 11.63 -43.42 -0.92
N ASP B 228 11.89 -42.48 -0.01
CA ASP B 228 11.48 -42.65 1.38
C ASP B 228 10.07 -42.12 1.64
N SER B 229 9.65 -41.05 0.96
CA SER B 229 8.30 -40.51 1.10
C SER B 229 7.69 -40.30 -0.28
N PRO B 230 7.54 -41.38 -1.05
CA PRO B 230 6.98 -41.25 -2.40
C PRO B 230 5.59 -40.66 -2.44
N ASP B 231 4.76 -40.93 -1.43
CA ASP B 231 3.39 -40.42 -1.46
C ASP B 231 3.36 -38.90 -1.43
N PRO B 232 3.84 -38.23 -0.37
CA PRO B 232 3.85 -36.76 -0.40
C PRO B 232 4.74 -36.17 -1.47
N SER B 233 5.84 -36.85 -1.84
CA SER B 233 6.68 -36.34 -2.91
C SER B 233 5.92 -36.27 -4.22
N LYS B 234 5.25 -37.36 -4.60
CA LYS B 234 4.43 -37.36 -5.80
C LYS B 234 3.27 -36.41 -5.68
N HIS B 235 2.73 -36.23 -4.46
CA HIS B 235 1.66 -35.26 -4.28
C HIS B 235 2.13 -33.86 -4.62
N LEU B 236 3.30 -33.48 -4.13
CA LEU B 236 3.84 -32.16 -4.44
C LEU B 236 4.15 -32.02 -5.93
N LEU B 237 4.78 -33.05 -6.52
CA LEU B 237 5.07 -33.02 -7.95
C LEU B 237 3.79 -32.94 -8.78
N ARG B 238 2.72 -33.59 -8.33
CA ARG B 238 1.47 -33.66 -9.06
C ARG B 238 0.55 -32.49 -8.77
N LYS B 239 0.90 -31.63 -7.81
CA LYS B 239 0.07 -30.48 -7.48
C LYS B 239 0.72 -29.14 -7.80
N TYR B 240 1.90 -28.87 -7.24
CA TYR B 240 2.42 -27.50 -7.19
C TYR B 240 3.28 -27.13 -8.39
N PHE B 241 3.49 -28.03 -9.35
CA PHE B 241 4.19 -27.71 -10.58
C PHE B 241 3.29 -27.86 -11.80
N ILE B 242 1.97 -27.83 -11.61
CA ILE B 242 1.01 -28.09 -12.67
C ILE B 242 0.37 -26.77 -13.09
N GLU B 243 0.40 -26.51 -14.40
CA GLU B 243 -0.35 -25.39 -15.00
C GLU B 243 -1.40 -26.01 -15.91
N ALA B 244 -2.60 -26.18 -15.38
CA ALA B 244 -3.65 -26.89 -16.10
C ALA B 244 -4.05 -26.13 -17.36
N SER B 245 -4.34 -26.89 -18.41
CA SER B 245 -4.74 -26.32 -19.69
C SER B 245 -5.25 -27.40 -20.64
N THR B 255 -6.04 -32.61 -18.28
CA THR B 255 -6.17 -32.41 -19.71
C THR B 255 -4.79 -32.05 -20.28
N ALA B 256 -4.69 -31.01 -21.13
CA ALA B 256 -3.42 -30.63 -21.73
C ALA B 256 -2.64 -29.76 -20.75
N LEU B 257 -2.13 -30.41 -19.71
CA LEU B 257 -1.39 -29.73 -18.66
C LEU B 257 -0.05 -29.21 -19.17
N ARG B 258 0.51 -28.25 -18.45
CA ARG B 258 1.88 -27.79 -18.65
C ARG B 258 2.58 -27.93 -17.30
N VAL B 259 3.36 -29.00 -17.15
CA VAL B 259 4.03 -29.31 -15.89
C VAL B 259 5.50 -28.96 -16.02
N LYS B 260 6.01 -28.17 -15.08
CA LYS B 260 7.40 -27.71 -15.07
C LYS B 260 8.10 -28.36 -13.88
N TRP B 261 8.74 -29.51 -14.13
CA TRP B 261 9.56 -30.19 -13.14
C TRP B 261 11.04 -29.87 -13.32
N SER B 262 11.38 -28.92 -14.17
CA SER B 262 12.77 -28.57 -14.37
C SER B 262 13.31 -27.81 -13.17
N HIS B 263 14.64 -27.71 -13.11
CA HIS B 263 15.35 -27.04 -12.01
C HIS B 263 15.09 -27.71 -10.67
N LEU B 264 14.83 -29.02 -10.68
CA LEU B 264 14.58 -29.80 -9.48
C LEU B 264 15.66 -30.83 -9.20
N ARG B 265 16.65 -30.99 -10.08
CA ARG B 265 17.74 -31.95 -9.89
C ARG B 265 17.21 -33.36 -9.69
N LEU B 266 16.17 -33.72 -10.42
CA LEU B 266 15.59 -35.05 -10.29
C LEU B 266 16.54 -36.08 -10.93
N PRO B 267 17.07 -37.04 -10.17
CA PRO B 267 17.95 -38.05 -10.80
C PRO B 267 17.21 -39.06 -11.64
N TRP B 268 15.89 -39.19 -11.48
CA TRP B 268 15.10 -40.09 -12.31
C TRP B 268 13.64 -39.67 -12.22
N VAL B 269 12.87 -40.09 -13.21
CA VAL B 269 11.43 -39.87 -13.25
C VAL B 269 10.74 -41.21 -13.49
N ASP B 270 9.47 -41.28 -13.12
CA ASP B 270 8.70 -42.50 -13.25
C ASP B 270 7.38 -42.20 -13.94
N LEU B 271 6.91 -43.17 -14.73
CA LEU B 271 5.57 -43.09 -15.29
C LEU B 271 4.51 -43.02 -14.20
N ASP B 272 4.79 -43.58 -13.03
CA ASP B 272 3.84 -43.57 -11.92
C ASP B 272 3.47 -42.16 -11.49
N TRP B 273 4.31 -41.17 -11.81
CA TRP B 273 4.09 -39.82 -11.30
C TRP B 273 2.99 -39.07 -12.05
N LEU B 274 2.91 -39.19 -13.38
CA LEU B 274 1.85 -38.53 -14.13
C LEU B 274 1.29 -39.29 -15.32
N ILE B 275 1.68 -40.56 -15.56
CA ILE B 275 1.22 -41.21 -16.78
C ILE B 275 -0.29 -41.40 -16.79
N ASP B 276 -0.96 -41.31 -15.63
CA ASP B 276 -2.40 -41.41 -15.59
C ASP B 276 -3.09 -40.31 -16.40
N ILE B 277 -2.45 -39.16 -16.57
CA ILE B 277 -3.00 -38.05 -17.34
C ILE B 277 -2.31 -37.96 -18.71
N SER B 278 -1.81 -39.08 -19.22
CA SER B 278 -1.24 -39.12 -20.56
C SER B 278 -2.29 -39.06 -21.66
N CYS B 279 -3.57 -38.86 -21.31
CA CYS B 279 -4.60 -38.66 -22.31
C CYS B 279 -4.25 -37.53 -23.26
N GLN B 280 -3.87 -36.37 -22.70
CA GLN B 280 -3.45 -35.24 -23.53
C GLN B 280 -1.99 -34.87 -23.29
N ILE B 281 -1.64 -34.51 -22.07
CA ILE B 281 -0.29 -34.11 -21.71
C ILE B 281 -0.03 -34.51 -20.26
N THR B 282 1.15 -35.09 -20.01
CA THR B 282 1.60 -35.31 -18.65
C THR B 282 2.50 -34.16 -18.21
N GLU B 283 3.60 -33.96 -18.94
CA GLU B 283 4.57 -32.94 -18.62
C GLU B 283 5.32 -32.53 -19.87
N LEU B 284 5.94 -31.36 -19.82
CA LEU B 284 6.60 -30.76 -20.97
C LEU B 284 8.05 -30.40 -20.70
N ASP B 285 8.37 -29.91 -19.50
CA ASP B 285 9.72 -29.45 -19.16
C ASP B 285 10.32 -30.39 -18.12
N LEU B 286 11.33 -31.15 -18.53
CA LEU B 286 12.10 -32.01 -17.64
C LEU B 286 13.58 -31.68 -17.71
N SER B 287 13.91 -30.42 -18.01
CA SER B 287 15.29 -30.01 -18.19
C SER B 287 15.89 -29.55 -16.86
N ALA B 288 17.17 -29.17 -16.91
CA ALA B 288 17.87 -28.58 -15.78
C ALA B 288 17.83 -29.50 -14.56
N ASN B 289 18.35 -30.71 -14.74
CA ASN B 289 18.38 -31.70 -13.68
C ASN B 289 19.53 -32.67 -13.96
N CYS B 290 19.56 -33.79 -13.25
CA CYS B 290 20.63 -34.78 -13.35
C CYS B 290 20.11 -36.10 -13.90
N LEU B 291 19.16 -36.05 -14.83
CA LEU B 291 18.62 -37.26 -15.42
C LEU B 291 19.64 -37.92 -16.34
N ALA B 292 19.75 -39.25 -16.21
CA ALA B 292 20.63 -40.05 -17.05
C ALA B 292 19.88 -41.01 -17.96
N THR B 293 18.62 -41.34 -17.65
CA THR B 293 17.79 -42.19 -18.49
C THR B 293 16.36 -41.70 -18.42
N LEU B 294 15.54 -42.21 -19.35
CA LEU B 294 14.13 -41.88 -19.41
C LEU B 294 13.32 -43.11 -19.78
N PRO B 295 12.05 -43.19 -19.36
CA PRO B 295 11.15 -44.16 -19.99
C PRO B 295 10.87 -43.74 -21.43
N SER B 296 10.66 -44.73 -22.30
CA SER B 296 10.37 -44.44 -23.70
C SER B 296 9.05 -43.70 -23.87
N VAL B 297 8.16 -43.77 -22.88
CA VAL B 297 6.92 -43.01 -22.94
C VAL B 297 7.23 -41.52 -23.00
N ILE B 298 8.27 -41.07 -22.29
CA ILE B 298 8.62 -39.65 -22.30
C ILE B 298 8.96 -39.18 -23.71
N PRO B 299 9.79 -39.88 -24.50
CA PRO B 299 9.90 -39.54 -25.92
C PRO B 299 8.57 -39.58 -26.68
N TRP B 300 7.88 -40.74 -26.71
CA TRP B 300 6.79 -40.86 -27.68
C TRP B 300 5.55 -41.60 -27.19
N GLY B 301 5.43 -41.87 -25.89
CA GLY B 301 4.25 -42.54 -25.37
C GLY B 301 3.14 -41.64 -24.89
N LEU B 302 3.16 -40.36 -25.25
CA LEU B 302 2.18 -39.38 -24.79
C LEU B 302 1.52 -38.73 -26.01
N ILE B 303 0.23 -38.44 -25.88
CA ILE B 303 -0.61 -38.24 -27.07
C ILE B 303 -0.51 -36.82 -27.59
N ASN B 304 -0.94 -35.83 -26.81
CA ASN B 304 -1.11 -34.46 -27.29
C ASN B 304 -0.05 -33.52 -26.74
N LEU B 305 1.19 -33.97 -26.66
CA LEU B 305 2.29 -33.06 -26.39
C LEU B 305 2.53 -32.17 -27.61
N ARG B 306 2.96 -30.95 -27.34
CA ARG B 306 3.35 -29.99 -28.38
C ARG B 306 4.77 -29.50 -28.24
N LYS B 307 5.33 -29.55 -27.03
CA LYS B 307 6.71 -29.16 -26.79
C LYS B 307 7.28 -30.03 -25.67
N LEU B 308 8.53 -30.47 -25.84
CA LEU B 308 9.24 -31.22 -24.82
C LEU B 308 10.62 -30.62 -24.64
N ASN B 309 11.00 -30.36 -23.38
CA ASN B 309 12.32 -29.85 -23.04
C ASN B 309 13.05 -30.92 -22.25
N LEU B 310 13.94 -31.64 -22.93
CA LEU B 310 14.73 -32.71 -22.35
C LEU B 310 16.21 -32.36 -22.36
N SER B 311 16.53 -31.09 -22.16
CA SER B 311 17.88 -30.56 -22.25
C SER B 311 18.50 -30.38 -20.86
N ASP B 312 19.81 -30.09 -20.86
CA ASP B 312 20.53 -29.73 -19.64
C ASP B 312 20.41 -30.82 -18.57
N ASN B 313 20.96 -31.98 -18.91
CA ASN B 313 20.92 -33.15 -18.04
C ASN B 313 21.98 -34.13 -18.52
N HIS B 314 22.04 -35.30 -17.87
CA HIS B 314 23.01 -36.33 -18.20
C HIS B 314 22.46 -37.36 -19.18
N LEU B 315 21.47 -36.98 -19.98
CA LEU B 315 20.86 -37.90 -20.94
C LEU B 315 21.80 -38.11 -22.12
N GLY B 316 22.72 -39.06 -21.96
CA GLY B 316 23.62 -39.41 -23.06
C GLY B 316 22.98 -40.26 -24.13
N GLU B 317 21.82 -40.85 -23.85
CA GLU B 317 21.08 -41.64 -24.82
C GLU B 317 19.58 -41.49 -24.56
N LEU B 318 18.81 -41.37 -25.64
CA LEU B 318 17.37 -41.29 -25.58
C LEU B 318 16.76 -42.62 -26.03
N PRO B 319 15.65 -43.06 -25.46
CA PRO B 319 15.01 -44.28 -25.97
C PRO B 319 14.62 -44.14 -27.43
N GLY B 320 14.81 -45.22 -28.19
CA GLY B 320 14.50 -45.26 -29.60
C GLY B 320 13.26 -46.08 -29.90
N VAL B 321 12.96 -46.22 -31.18
CA VAL B 321 11.81 -46.97 -31.65
C VAL B 321 12.25 -47.90 -32.78
N GLN B 322 11.46 -48.95 -33.00
CA GLN B 322 11.66 -49.85 -34.13
C GLN B 322 10.88 -49.42 -35.36
N SER B 323 9.82 -48.64 -35.19
CA SER B 323 9.02 -48.16 -36.30
C SER B 323 8.13 -47.03 -35.80
N SER B 324 7.41 -46.41 -36.74
CA SER B 324 6.45 -45.37 -36.39
C SER B 324 5.29 -45.90 -35.56
N ASP B 325 5.04 -47.21 -35.59
CA ASP B 325 3.96 -47.79 -34.81
C ASP B 325 4.16 -47.59 -33.31
N GLU B 326 5.40 -47.50 -32.86
CA GLU B 326 5.70 -47.31 -31.45
C GLU B 326 5.61 -45.86 -31.01
N ILE B 327 5.33 -44.93 -31.92
CA ILE B 327 5.28 -43.50 -31.62
C ILE B 327 3.82 -43.11 -31.46
N ILE B 328 3.48 -42.63 -30.26
CA ILE B 328 2.16 -42.07 -29.99
C ILE B 328 2.19 -40.54 -30.02
N CYS B 329 3.35 -39.92 -29.77
CA CYS B 329 3.47 -38.47 -29.74
C CYS B 329 3.69 -37.94 -31.16
N SER B 330 2.63 -38.07 -31.97
CA SER B 330 2.69 -37.59 -33.35
C SER B 330 2.48 -36.09 -33.48
N ARG B 331 2.11 -35.41 -32.40
CA ARG B 331 1.75 -34.00 -32.43
C ARG B 331 2.87 -33.08 -31.93
N LEU B 332 4.07 -33.60 -31.71
CA LEU B 332 5.16 -32.77 -31.21
C LEU B 332 5.51 -31.69 -32.22
N LEU B 333 5.64 -30.45 -31.74
CA LEU B 333 5.94 -29.30 -32.60
C LEU B 333 7.31 -28.71 -32.33
N GLU B 334 7.89 -28.94 -31.15
CA GLU B 334 9.27 -28.56 -30.89
C GLU B 334 9.86 -29.48 -29.84
N ILE B 335 11.18 -29.66 -29.91
CA ILE B 335 11.93 -30.51 -28.99
C ILE B 335 13.23 -29.80 -28.63
N ASP B 336 13.60 -29.86 -27.35
CA ASP B 336 14.86 -29.31 -26.86
C ASP B 336 15.62 -30.42 -26.14
N ILE B 337 16.72 -30.86 -26.75
CA ILE B 337 17.57 -31.92 -26.20
C ILE B 337 19.02 -31.46 -26.17
N SER B 338 19.23 -30.14 -26.12
CA SER B 338 20.58 -29.61 -26.11
C SER B 338 21.22 -29.79 -24.74
N SER B 339 22.50 -29.44 -24.66
CA SER B 339 23.27 -29.47 -23.41
C SER B 339 23.21 -30.86 -22.77
N ASN B 340 23.32 -31.88 -23.61
CA ASN B 340 23.33 -33.27 -23.19
C ASN B 340 24.58 -33.95 -23.72
N LYS B 341 24.65 -35.27 -23.63
CA LYS B 341 25.84 -36.04 -24.00
C LYS B 341 25.50 -37.00 -25.15
N LEU B 342 24.80 -36.49 -26.15
CA LEU B 342 24.34 -37.32 -27.26
C LEU B 342 25.40 -37.40 -28.34
N SER B 343 25.64 -38.62 -28.83
CA SER B 343 26.48 -38.85 -30.00
C SER B 343 25.68 -38.93 -31.29
N HIS B 344 24.43 -39.38 -31.21
CA HIS B 344 23.54 -39.38 -32.37
C HIS B 344 22.11 -39.27 -31.86
N LEU B 345 21.22 -38.80 -32.74
CA LEU B 345 19.81 -38.72 -32.38
C LEU B 345 19.11 -40.03 -32.73
N PRO B 346 18.02 -40.38 -32.05
CA PRO B 346 17.29 -41.60 -32.42
C PRO B 346 16.55 -41.41 -33.73
N PRO B 347 16.30 -42.49 -34.49
CA PRO B 347 15.58 -42.33 -35.76
C PRO B 347 14.09 -42.06 -35.59
N GLY B 348 13.57 -42.09 -34.36
CA GLY B 348 12.16 -41.81 -34.15
C GLY B 348 11.79 -40.41 -34.60
N PHE B 349 12.70 -39.45 -34.45
CA PHE B 349 12.47 -38.10 -34.93
C PHE B 349 12.18 -38.08 -36.43
N LEU B 350 12.66 -39.08 -37.17
CA LEU B 350 12.41 -39.17 -38.60
C LEU B 350 11.01 -39.70 -38.91
N HIS B 351 10.11 -39.80 -37.92
CA HIS B 351 8.71 -40.08 -38.16
C HIS B 351 7.80 -38.91 -37.79
N LEU B 352 8.33 -37.83 -37.22
CA LEU B 352 7.53 -36.68 -36.79
C LEU B 352 7.46 -35.68 -37.94
N SER B 353 6.50 -35.89 -38.84
CA SER B 353 6.34 -35.00 -39.98
C SER B 353 5.91 -33.60 -39.54
N LYS B 354 5.25 -33.49 -38.39
CA LYS B 354 4.74 -32.21 -37.92
C LYS B 354 5.72 -31.44 -37.04
N LEU B 355 6.89 -32.01 -36.72
CA LEU B 355 7.81 -31.35 -35.81
C LEU B 355 8.39 -30.11 -36.49
N GLN B 356 8.33 -28.98 -35.79
CA GLN B 356 8.68 -27.68 -36.37
C GLN B 356 10.02 -27.14 -35.88
N LYS B 357 10.55 -27.66 -34.78
CA LYS B 357 11.85 -27.21 -34.27
C LYS B 357 12.58 -28.38 -33.62
N LEU B 358 13.87 -28.49 -33.90
CA LEU B 358 14.75 -29.45 -33.26
C LEU B 358 16.04 -28.72 -32.91
N THR B 359 16.42 -28.75 -31.63
CA THR B 359 17.61 -28.07 -31.13
C THR B 359 18.41 -29.06 -30.29
N ALA B 360 19.45 -29.63 -30.91
CA ALA B 360 20.27 -30.64 -30.25
C ALA B 360 21.73 -30.19 -30.20
N SER B 361 21.94 -28.90 -29.94
CA SER B 361 23.28 -28.36 -29.84
C SER B 361 23.85 -28.62 -28.44
N LYS B 362 25.09 -28.17 -28.24
CA LYS B 362 25.81 -28.38 -26.99
C LYS B 362 25.85 -29.86 -26.62
N ASN B 363 26.16 -30.68 -27.63
CA ASN B 363 26.22 -32.13 -27.49
C ASN B 363 27.55 -32.64 -28.03
N CYS B 364 27.74 -33.96 -28.03
CA CYS B 364 28.95 -34.59 -28.56
C CYS B 364 28.59 -35.38 -29.81
N LEU B 365 27.73 -34.81 -30.64
CA LEU B 365 27.24 -35.51 -31.82
C LEU B 365 28.38 -35.77 -32.81
N GLU B 366 28.40 -36.98 -33.36
CA GLU B 366 29.22 -37.31 -34.51
C GLU B 366 28.42 -37.35 -35.80
N LYS B 367 27.12 -37.59 -35.71
CA LYS B 367 26.22 -37.59 -36.86
C LYS B 367 24.86 -37.11 -36.39
N LEU B 368 24.07 -36.59 -37.33
CA LEU B 368 22.70 -36.24 -37.02
C LEU B 368 21.89 -37.50 -36.70
N PHE B 369 21.97 -38.51 -37.57
CA PHE B 369 21.23 -39.75 -37.42
C PHE B 369 22.12 -40.90 -37.83
N GLU B 370 21.78 -42.10 -37.34
CA GLU B 370 22.45 -43.30 -37.81
C GLU B 370 22.12 -43.53 -39.28
N GLU B 371 23.02 -44.24 -39.97
CA GLU B 371 22.96 -44.32 -41.42
C GLU B 371 21.79 -45.20 -41.89
N GLU B 372 20.57 -44.72 -41.70
CA GLU B 372 19.37 -45.38 -42.22
C GLU B 372 19.06 -44.85 -43.61
N ASN B 373 19.81 -45.38 -44.59
CA ASN B 373 19.76 -44.90 -45.97
C ASN B 373 18.88 -45.82 -46.83
N ALA B 374 17.87 -46.42 -46.19
CA ALA B 374 16.96 -47.32 -46.89
C ALA B 374 15.49 -47.08 -46.51
N THR B 375 15.26 -46.47 -45.34
CA THR B 375 13.90 -46.36 -44.81
C THR B 375 13.20 -45.13 -45.37
N ASN B 376 11.89 -45.27 -45.61
CA ASN B 376 11.06 -44.18 -46.11
C ASN B 376 10.77 -43.21 -44.97
N TRP B 377 11.73 -42.33 -44.70
CA TRP B 377 11.56 -41.32 -43.67
C TRP B 377 10.63 -40.23 -44.15
N ILE B 378 9.68 -39.86 -43.30
CA ILE B 378 8.72 -38.79 -43.58
C ILE B 378 8.88 -37.67 -42.56
N GLY B 379 9.40 -38.00 -41.38
CA GLY B 379 9.50 -37.02 -40.32
C GLY B 379 10.51 -35.94 -40.63
N LEU B 380 10.36 -34.82 -39.94
CA LEU B 380 11.16 -33.61 -40.11
C LEU B 380 10.99 -32.97 -41.47
N ARG B 381 10.00 -33.41 -42.25
CA ARG B 381 9.77 -32.84 -43.57
C ARG B 381 9.33 -31.38 -43.45
N LYS B 382 8.54 -31.07 -42.43
CA LYS B 382 8.08 -29.71 -42.15
C LYS B 382 8.92 -29.01 -41.09
N LEU B 383 10.10 -29.54 -40.75
CA LEU B 383 10.96 -28.85 -39.80
C LEU B 383 11.39 -27.52 -40.35
N GLN B 384 11.27 -26.47 -39.53
CA GLN B 384 11.71 -25.13 -39.89
C GLN B 384 13.06 -24.77 -39.32
N GLU B 385 13.40 -25.29 -38.13
CA GLU B 385 14.62 -24.93 -37.42
C GLU B 385 15.37 -26.21 -37.06
N LEU B 386 16.65 -26.25 -37.40
CA LEU B 386 17.56 -27.31 -36.98
C LEU B 386 18.83 -26.66 -36.45
N ASP B 387 19.04 -26.77 -35.14
CA ASP B 387 20.18 -26.15 -34.47
C ASP B 387 20.99 -27.29 -33.86
N ILE B 388 22.09 -27.65 -34.55
CA ILE B 388 22.95 -28.76 -34.12
C ILE B 388 24.39 -28.28 -33.99
N SER B 389 24.57 -27.00 -33.67
CA SER B 389 25.91 -26.46 -33.50
C SER B 389 26.52 -26.98 -32.20
N ASP B 390 27.78 -26.61 -31.98
CA ASP B 390 28.54 -27.07 -30.82
C ASP B 390 28.56 -28.60 -30.75
N ASN B 391 29.06 -29.19 -31.83
CA ASN B 391 29.12 -30.64 -31.95
C ASN B 391 30.39 -30.99 -32.73
N LYS B 392 30.58 -32.28 -32.99
CA LYS B 392 31.79 -32.79 -33.62
C LYS B 392 31.48 -33.44 -34.96
N LEU B 393 30.64 -32.79 -35.77
CA LEU B 393 30.27 -33.33 -37.07
C LEU B 393 31.27 -32.87 -38.14
N THR B 394 31.81 -33.84 -38.88
CA THR B 394 32.64 -33.58 -40.04
C THR B 394 31.89 -33.66 -41.35
N GLU B 395 30.79 -34.43 -41.40
CA GLU B 395 30.00 -34.58 -42.60
C GLU B 395 28.53 -34.43 -42.25
N LEU B 396 27.76 -33.85 -43.17
CA LEU B 396 26.31 -33.73 -43.07
C LEU B 396 25.74 -34.44 -44.29
N PRO B 397 25.47 -35.74 -44.21
CA PRO B 397 25.08 -36.49 -45.41
C PRO B 397 23.82 -35.93 -46.06
N ALA B 398 23.81 -35.97 -47.40
CA ALA B 398 22.71 -35.38 -48.16
C ALA B 398 21.41 -36.14 -47.94
N LEU B 399 21.47 -37.38 -47.45
CA LEU B 399 20.26 -38.17 -47.24
C LEU B 399 19.26 -37.46 -46.35
N PHE B 400 19.61 -37.33 -45.07
CA PHE B 400 18.71 -36.76 -44.09
C PHE B 400 18.48 -35.27 -44.35
N LEU B 401 19.54 -34.57 -44.75
CA LEU B 401 19.44 -33.13 -45.01
C LEU B 401 18.52 -32.81 -46.18
N HIS B 402 18.58 -33.62 -47.25
CA HIS B 402 17.66 -33.41 -48.36
C HIS B 402 16.26 -33.92 -48.07
N SER B 403 16.10 -34.78 -47.06
CA SER B 403 14.76 -35.15 -46.64
C SER B 403 13.96 -33.96 -46.14
N PHE B 404 14.62 -32.89 -45.70
CA PHE B 404 13.94 -31.69 -45.23
C PHE B 404 13.35 -30.92 -46.41
N LYS B 405 12.23 -30.23 -46.14
CA LYS B 405 11.59 -29.38 -47.13
C LYS B 405 11.30 -27.97 -46.62
N SER B 406 10.94 -27.81 -45.36
CA SER B 406 10.48 -26.54 -44.82
C SER B 406 11.53 -25.81 -43.97
N LEU B 407 12.77 -26.32 -43.92
CA LEU B 407 13.79 -25.66 -43.12
C LEU B 407 14.01 -24.24 -43.61
N ASN B 408 14.15 -23.31 -42.66
CA ASN B 408 14.54 -21.94 -42.96
C ASN B 408 15.74 -21.46 -42.17
N SER B 409 15.98 -22.03 -40.99
CA SER B 409 17.12 -21.67 -40.16
C SER B 409 17.95 -22.92 -39.90
N LEU B 410 19.22 -22.88 -40.32
CA LEU B 410 20.16 -23.97 -40.14
C LEU B 410 21.37 -23.43 -39.40
N ASN B 411 21.56 -23.88 -38.16
CA ASN B 411 22.70 -23.49 -37.34
C ASN B 411 23.59 -24.71 -37.19
N VAL B 412 24.69 -24.75 -37.94
CA VAL B 412 25.64 -25.86 -37.92
C VAL B 412 27.04 -25.33 -37.66
N SER B 413 27.14 -24.14 -37.08
CA SER B 413 28.44 -23.56 -36.77
C SER B 413 29.09 -24.33 -35.63
N ARG B 414 30.39 -24.11 -35.46
CA ARG B 414 31.17 -24.70 -34.36
C ARG B 414 31.11 -26.23 -34.44
N ASN B 415 31.59 -26.74 -35.58
CA ASN B 415 31.66 -28.16 -35.85
C ASN B 415 32.99 -28.45 -36.52
N ASN B 416 33.24 -29.73 -36.80
CA ASN B 416 34.43 -30.17 -37.53
C ASN B 416 34.15 -30.28 -39.03
N LEU B 417 33.15 -29.57 -39.52
CA LEU B 417 32.76 -29.67 -40.92
C LEU B 417 33.86 -29.12 -41.82
N LYS B 418 34.11 -29.83 -42.92
CA LYS B 418 35.09 -29.42 -43.93
C LYS B 418 34.47 -29.14 -45.28
N VAL B 419 33.33 -29.75 -45.59
CA VAL B 419 32.61 -29.52 -46.84
C VAL B 419 31.18 -29.12 -46.47
N PHE B 420 30.75 -27.97 -46.99
CA PHE B 420 29.38 -27.54 -46.77
C PHE B 420 28.43 -28.56 -47.41
N PRO B 421 27.32 -28.93 -46.76
CA PRO B 421 26.49 -30.01 -47.31
C PRO B 421 25.97 -29.70 -48.71
N ASP B 422 25.85 -30.74 -49.52
CA ASP B 422 25.38 -30.58 -50.89
C ASP B 422 24.00 -29.91 -50.87
N PRO B 423 23.83 -28.74 -51.50
CA PRO B 423 22.61 -27.96 -51.29
C PRO B 423 21.40 -28.56 -52.00
N TRP B 424 20.25 -27.94 -51.75
CA TRP B 424 18.99 -28.44 -52.30
C TRP B 424 17.98 -27.30 -52.26
N ALA B 425 16.84 -27.50 -52.92
CA ALA B 425 15.83 -26.46 -53.01
C ALA B 425 14.97 -26.42 -51.73
N CYS B 426 15.45 -25.65 -50.75
CA CYS B 426 14.74 -25.46 -49.50
C CYS B 426 14.96 -24.03 -48.99
N PRO B 427 13.90 -23.31 -48.59
CA PRO B 427 14.03 -21.86 -48.40
C PRO B 427 14.77 -21.48 -47.11
N LEU B 428 16.09 -21.55 -47.14
CA LEU B 428 16.90 -21.10 -46.01
C LEU B 428 16.95 -19.59 -45.97
N LYS B 429 16.38 -18.99 -44.92
CA LYS B 429 16.48 -17.56 -44.70
C LYS B 429 17.76 -17.16 -43.98
N CYS B 430 18.36 -18.08 -43.22
CA CYS B 430 19.60 -17.81 -42.51
C CYS B 430 20.37 -19.10 -42.34
N CYS B 431 21.69 -19.00 -42.36
CA CYS B 431 22.56 -20.16 -42.19
C CYS B 431 23.84 -19.73 -41.49
N LYS B 432 24.18 -20.44 -40.41
CA LYS B 432 25.39 -20.20 -39.65
C LYS B 432 26.23 -21.47 -39.62
N ALA B 433 27.38 -21.43 -40.30
CA ALA B 433 28.30 -22.57 -40.32
C ALA B 433 29.73 -22.14 -40.01
N SER B 434 29.90 -20.99 -39.37
CA SER B 434 31.23 -20.52 -39.01
C SER B 434 31.85 -21.42 -37.95
N ARG B 435 33.10 -21.11 -37.59
CA ARG B 435 33.86 -21.89 -36.62
C ARG B 435 33.96 -23.35 -37.05
N ASN B 436 34.29 -23.54 -38.33
CA ASN B 436 34.38 -24.87 -38.93
C ASN B 436 35.70 -24.95 -39.68
N ALA B 437 35.89 -26.04 -40.43
CA ALA B 437 37.04 -26.22 -41.31
C ALA B 437 36.61 -26.18 -42.77
N LEU B 438 35.56 -25.42 -43.07
CA LEU B 438 35.01 -25.39 -44.42
C LEU B 438 36.04 -24.88 -45.42
N GLU B 439 36.23 -25.63 -46.50
CA GLU B 439 37.16 -25.26 -47.56
C GLU B 439 36.52 -24.45 -48.67
N CYS B 440 35.21 -24.63 -48.91
CA CYS B 440 34.55 -23.97 -50.01
C CYS B 440 33.05 -23.99 -49.77
N LEU B 441 32.31 -23.42 -50.71
CA LEU B 441 30.86 -23.39 -50.71
C LEU B 441 30.33 -23.88 -52.06
N PRO B 442 29.12 -24.44 -52.11
CA PRO B 442 28.60 -24.92 -53.38
C PRO B 442 28.22 -23.77 -54.30
N ASP B 443 28.15 -24.08 -55.59
CA ASP B 443 27.79 -23.09 -56.60
C ASP B 443 26.29 -22.99 -56.84
N LYS B 444 25.48 -23.80 -56.16
CA LYS B 444 24.04 -23.81 -56.36
C LYS B 444 23.29 -22.88 -55.42
N MET B 445 23.99 -22.01 -54.68
CA MET B 445 23.29 -21.09 -53.79
C MET B 445 22.30 -20.24 -54.58
N ALA B 446 22.77 -19.62 -55.65
CA ALA B 446 21.92 -18.81 -56.53
C ALA B 446 20.84 -19.62 -57.21
N VAL B 447 20.93 -20.95 -57.21
CA VAL B 447 19.90 -21.81 -57.77
C VAL B 447 18.72 -21.97 -56.81
N PHE B 448 19.00 -22.02 -55.50
CA PHE B 448 17.97 -22.36 -54.53
C PHE B 448 17.58 -21.19 -53.63
N TRP B 449 18.55 -20.43 -53.12
CA TRP B 449 18.32 -19.43 -52.09
C TRP B 449 18.52 -18.02 -52.61
N LYS B 450 18.31 -17.79 -53.91
CA LYS B 450 18.52 -16.48 -54.50
C LYS B 450 17.60 -15.43 -53.88
N ASN B 451 16.42 -15.85 -53.42
CA ASN B 451 15.39 -14.94 -52.93
C ASN B 451 15.02 -15.20 -51.47
N HIS B 452 15.80 -16.03 -50.77
CA HIS B 452 15.44 -16.46 -49.42
C HIS B 452 16.49 -16.08 -48.39
N LEU B 453 17.74 -16.48 -48.62
CA LEU B 453 18.79 -16.33 -47.61
C LEU B 453 19.06 -14.85 -47.38
N LYS B 454 19.04 -14.44 -46.11
CA LYS B 454 19.34 -13.06 -45.70
C LYS B 454 20.58 -12.96 -44.82
N ASP B 455 20.82 -13.95 -43.98
CA ASP B 455 21.94 -13.96 -43.04
C ASP B 455 22.84 -15.15 -43.36
N VAL B 456 24.12 -14.89 -43.55
CA VAL B 456 25.11 -15.93 -43.82
C VAL B 456 26.30 -15.68 -42.89
N ASP B 457 26.78 -16.76 -42.26
CA ASP B 457 27.97 -16.70 -41.41
C ASP B 457 28.80 -17.95 -41.70
N PHE B 458 29.69 -17.84 -42.68
CA PHE B 458 30.65 -18.89 -43.00
C PHE B 458 32.07 -18.46 -42.66
N SER B 459 32.21 -17.55 -41.70
CA SER B 459 33.50 -17.02 -41.33
C SER B 459 34.25 -17.97 -40.41
N GLU B 460 35.49 -17.60 -40.08
CA GLU B 460 36.38 -18.42 -39.26
C GLU B 460 36.43 -19.86 -39.76
N ASN B 461 36.95 -20.05 -40.97
CA ASN B 461 37.01 -21.38 -41.56
C ASN B 461 38.35 -21.53 -42.29
N ALA B 462 38.51 -22.64 -43.00
CA ALA B 462 39.69 -22.92 -43.81
C ALA B 462 39.37 -22.70 -45.29
N LEU B 463 38.56 -21.68 -45.57
CA LEU B 463 38.06 -21.41 -46.92
C LEU B 463 39.00 -20.46 -47.65
N LYS B 464 39.17 -20.69 -48.95
CA LYS B 464 40.11 -19.94 -49.78
C LYS B 464 39.43 -19.08 -50.84
N GLU B 465 38.22 -19.40 -51.27
CA GLU B 465 37.57 -18.62 -52.32
C GLU B 465 36.07 -18.84 -52.24
N VAL B 466 35.31 -17.75 -52.24
CA VAL B 466 33.85 -17.80 -52.21
C VAL B 466 33.35 -17.76 -53.65
N PRO B 467 32.56 -18.73 -54.11
CA PRO B 467 32.06 -18.66 -55.48
C PRO B 467 31.06 -17.54 -55.65
N LEU B 468 30.78 -17.21 -56.91
CA LEU B 468 29.94 -16.06 -57.24
C LEU B 468 28.54 -16.20 -56.66
N GLY B 469 28.07 -17.43 -56.47
CA GLY B 469 26.69 -17.69 -56.10
C GLY B 469 26.23 -16.96 -54.86
N LEU B 470 27.05 -16.98 -53.80
CA LEU B 470 26.70 -16.29 -52.57
C LEU B 470 26.43 -14.81 -52.85
N PHE B 471 27.23 -14.21 -53.72
CA PHE B 471 27.10 -12.80 -54.07
C PHE B 471 26.11 -12.58 -55.20
N GLN B 472 25.66 -13.65 -55.86
CA GLN B 472 24.59 -13.57 -56.83
C GLN B 472 23.23 -13.60 -56.16
N LEU B 473 23.19 -13.74 -54.84
CA LEU B 473 21.94 -13.83 -54.11
C LEU B 473 21.31 -12.44 -54.03
N ASP B 474 19.99 -12.39 -54.00
CA ASP B 474 19.29 -11.11 -53.85
C ASP B 474 18.88 -10.82 -52.42
N ALA B 475 18.26 -11.78 -51.73
CA ALA B 475 17.80 -11.53 -50.37
C ALA B 475 18.97 -11.37 -49.40
N LEU B 476 20.17 -11.81 -49.79
CA LEU B 476 21.31 -11.80 -48.88
C LEU B 476 21.71 -10.37 -48.54
N MET B 477 21.71 -10.03 -47.24
CA MET B 477 22.14 -8.70 -46.80
C MET B 477 23.04 -8.71 -45.57
N PHE B 478 23.21 -9.85 -44.89
CA PHE B 478 24.05 -9.94 -43.69
C PHE B 478 25.14 -10.98 -43.94
N LEU B 479 26.36 -10.51 -44.20
CA LEU B 479 27.49 -11.36 -44.56
C LEU B 479 28.56 -11.27 -43.49
N ARG B 480 28.95 -12.42 -42.97
CA ARG B 480 30.09 -12.56 -42.06
C ARG B 480 31.03 -13.56 -42.72
N LEU B 481 32.06 -13.04 -43.39
CA LEU B 481 32.95 -13.83 -44.22
C LEU B 481 34.42 -13.55 -43.87
N GLN B 482 34.70 -13.44 -42.57
CA GLN B 482 36.05 -13.21 -42.08
C GLN B 482 36.70 -14.53 -41.66
N GLY B 483 37.90 -14.43 -41.11
CA GLY B 483 38.60 -15.59 -40.60
C GLY B 483 38.84 -16.67 -41.63
N ASN B 484 39.21 -16.28 -42.84
CA ASN B 484 39.43 -17.22 -43.93
C ASN B 484 40.70 -16.82 -44.67
N GLN B 485 41.05 -17.59 -45.69
CA GLN B 485 42.26 -17.36 -46.48
C GLN B 485 41.96 -16.71 -47.82
N LEU B 486 40.78 -16.11 -47.98
CA LEU B 486 40.42 -15.52 -49.25
C LEU B 486 41.27 -14.29 -49.53
N ALA B 487 41.71 -14.15 -50.79
CA ALA B 487 42.55 -13.05 -51.22
C ALA B 487 42.06 -12.36 -52.48
N ALA B 488 40.95 -12.80 -53.06
CA ALA B 488 40.42 -12.18 -54.27
C ALA B 488 38.92 -12.46 -54.35
N LEU B 489 38.18 -11.46 -54.83
CA LEU B 489 36.72 -11.52 -54.90
C LEU B 489 36.26 -11.71 -56.34
N PRO B 490 35.03 -12.14 -56.56
CA PRO B 490 34.48 -12.10 -57.91
C PRO B 490 34.32 -10.67 -58.37
N PRO B 491 34.30 -10.42 -59.68
CA PRO B 491 34.15 -9.04 -60.16
C PRO B 491 32.84 -8.42 -59.67
N GLN B 492 32.90 -7.13 -59.35
CA GLN B 492 31.76 -6.42 -58.77
C GLN B 492 30.55 -6.41 -59.70
N GLU B 493 30.77 -6.43 -61.02
CA GLU B 493 29.65 -6.43 -61.95
C GLU B 493 28.76 -7.67 -61.81
N LYS B 494 29.30 -8.75 -61.27
CA LYS B 494 28.54 -9.97 -61.05
C LYS B 494 27.78 -9.97 -59.73
N TRP B 495 28.01 -8.98 -58.87
CA TRP B 495 27.37 -8.91 -57.56
C TRP B 495 25.96 -8.36 -57.71
N THR B 496 24.97 -9.12 -57.21
CA THR B 496 23.59 -8.69 -57.21
C THR B 496 23.03 -8.52 -55.80
N CYS B 497 23.89 -8.44 -54.78
CA CYS B 497 23.45 -8.26 -53.41
C CYS B 497 23.08 -6.79 -53.16
N ARG B 498 22.01 -6.36 -53.81
CA ARG B 498 21.57 -4.98 -53.72
C ARG B 498 21.15 -4.59 -52.32
N GLN B 499 20.59 -5.51 -51.54
CA GLN B 499 20.10 -5.21 -50.21
C GLN B 499 21.19 -5.21 -49.15
N LEU B 500 22.46 -5.29 -49.54
CA LEU B 500 23.54 -5.50 -48.58
C LEU B 500 23.70 -4.31 -47.64
N LYS B 501 23.67 -4.60 -46.34
CA LYS B 501 23.84 -3.61 -45.29
C LYS B 501 25.16 -3.71 -44.57
N THR B 502 25.56 -4.93 -44.18
CA THR B 502 26.79 -5.17 -43.44
C THR B 502 27.62 -6.18 -44.22
N LEU B 503 28.91 -5.89 -44.39
CA LEU B 503 29.85 -6.77 -45.07
C LEU B 503 31.11 -6.85 -44.22
N ASP B 504 31.32 -7.98 -43.55
CA ASP B 504 32.49 -8.19 -42.71
C ASP B 504 33.48 -9.03 -43.51
N LEU B 505 34.41 -8.34 -44.19
CA LEU B 505 35.40 -8.97 -45.06
C LEU B 505 36.80 -8.78 -44.47
N SER B 506 36.91 -8.81 -43.15
CA SER B 506 38.17 -8.63 -42.46
C SER B 506 38.84 -9.99 -42.23
N ARG B 507 40.06 -9.94 -41.70
CA ARG B 507 40.79 -11.14 -41.27
C ARG B 507 40.93 -12.14 -42.41
N ASN B 508 41.66 -11.72 -43.44
CA ASN B 508 41.89 -12.57 -44.61
C ASN B 508 43.13 -12.04 -45.32
N GLN B 509 43.45 -12.63 -46.47
CA GLN B 509 44.62 -12.28 -47.26
C GLN B 509 44.29 -11.36 -48.42
N LEU B 510 43.15 -10.65 -48.34
CA LEU B 510 42.77 -9.72 -49.41
C LEU B 510 43.72 -8.53 -49.43
N GLY B 511 44.00 -8.04 -50.64
CA GLY B 511 44.91 -6.92 -50.82
C GLY B 511 44.41 -5.66 -50.13
N VAL B 540 42.47 -6.02 -56.20
CA VAL B 540 41.89 -4.87 -55.53
C VAL B 540 40.40 -5.10 -55.32
N LEU B 541 39.89 -4.67 -54.17
CA LEU B 541 38.48 -4.86 -53.84
C LEU B 541 37.64 -3.82 -54.56
N GLU B 542 36.56 -4.27 -55.19
CA GLU B 542 35.63 -3.42 -55.92
C GLU B 542 34.23 -3.64 -55.37
N PHE B 543 33.37 -2.64 -55.56
CA PHE B 543 32.00 -2.68 -55.09
C PHE B 543 31.05 -2.23 -56.19
N PRO B 544 29.82 -2.74 -56.22
CA PRO B 544 28.78 -2.10 -57.05
C PRO B 544 28.49 -0.70 -56.54
N ALA B 545 28.16 0.20 -57.48
CA ALA B 545 27.83 1.57 -57.11
C ALA B 545 26.53 1.63 -56.31
N PHE B 546 25.65 0.63 -56.46
CA PHE B 546 24.39 0.63 -55.73
C PHE B 546 24.61 0.64 -54.23
N LEU B 547 25.65 -0.04 -53.75
CA LEU B 547 25.98 -0.05 -52.33
C LEU B 547 26.27 1.34 -51.79
N SER B 548 26.36 2.36 -52.64
CA SER B 548 26.41 3.74 -52.19
C SER B 548 25.23 4.11 -51.31
N GLU B 549 24.08 3.43 -51.46
CA GLU B 549 22.90 3.71 -50.64
C GLU B 549 22.58 2.58 -49.67
N SER B 550 23.33 1.49 -49.68
CA SER B 550 22.94 0.28 -48.96
C SER B 550 23.79 -0.01 -47.73
N LEU B 551 25.11 -0.08 -47.88
CA LEU B 551 25.97 -0.45 -46.76
C LEU B 551 25.89 0.57 -45.64
N GLU B 552 25.82 0.06 -44.41
CA GLU B 552 25.91 0.85 -43.19
C GLU B 552 27.21 0.60 -42.44
N VAL B 553 27.79 -0.58 -42.59
CA VAL B 553 29.07 -0.92 -41.97
C VAL B 553 29.89 -1.75 -42.95
N LEU B 554 31.20 -1.51 -42.97
CA LEU B 554 32.13 -2.25 -43.80
C LEU B 554 33.41 -2.49 -43.00
N CYS B 555 33.80 -3.76 -42.86
CA CYS B 555 34.95 -4.16 -42.06
C CYS B 555 36.04 -4.63 -43.02
N LEU B 556 37.22 -4.00 -42.95
CA LEU B 556 38.35 -4.42 -43.77
C LEU B 556 39.67 -4.32 -43.02
N ASN B 557 39.62 -4.33 -41.69
CA ASN B 557 40.85 -4.30 -40.91
C ASN B 557 41.53 -5.66 -40.92
N ASP B 558 42.82 -5.65 -40.60
CA ASP B 558 43.61 -6.87 -40.42
C ASP B 558 43.65 -7.68 -41.71
N ASN B 559 44.07 -7.01 -42.78
CA ASN B 559 44.19 -7.62 -44.10
C ASN B 559 45.53 -7.23 -44.72
N HIS B 560 45.79 -7.74 -45.92
CA HIS B 560 47.04 -7.46 -46.64
C HIS B 560 46.89 -6.17 -47.45
N LEU B 561 46.48 -5.11 -46.78
CA LEU B 561 46.17 -3.84 -47.44
C LEU B 561 47.36 -2.90 -47.31
N ASP B 562 47.89 -2.48 -48.46
CA ASP B 562 48.91 -1.45 -48.54
C ASP B 562 48.36 -0.11 -48.98
N THR B 563 47.29 -0.11 -49.77
CA THR B 563 46.59 1.11 -50.18
C THR B 563 45.09 0.86 -50.06
N VAL B 564 44.36 1.89 -49.68
CA VAL B 564 42.90 1.79 -49.61
C VAL B 564 42.37 1.62 -51.03
N PRO B 565 41.47 0.67 -51.30
CA PRO B 565 40.89 0.59 -52.63
C PRO B 565 40.07 1.83 -52.92
N PRO B 566 40.21 2.44 -54.11
CA PRO B 566 39.46 3.68 -54.38
C PRO B 566 37.96 3.48 -54.39
N SER B 567 37.48 2.25 -54.57
CA SER B 567 36.04 1.99 -54.62
C SER B 567 35.33 2.42 -53.36
N VAL B 568 36.05 2.55 -52.24
CA VAL B 568 35.44 3.03 -51.00
C VAL B 568 34.77 4.38 -51.19
N CYS B 569 35.25 5.18 -52.14
CA CYS B 569 34.65 6.49 -52.39
C CYS B 569 33.20 6.39 -52.81
N LEU B 570 32.76 5.24 -53.33
CA LEU B 570 31.36 5.06 -53.72
C LEU B 570 30.41 5.04 -52.54
N LEU B 571 30.89 4.66 -51.35
CA LEU B 571 30.00 4.23 -50.27
C LEU B 571 29.59 5.42 -49.39
N LYS B 572 28.80 6.31 -50.00
CA LYS B 572 28.35 7.51 -49.29
C LYS B 572 27.50 7.13 -48.06
N SER B 573 26.63 6.14 -48.20
CA SER B 573 25.75 5.75 -47.10
C SER B 573 26.49 5.04 -45.97
N LEU B 574 27.76 4.69 -46.16
CA LEU B 574 28.50 3.98 -45.11
C LEU B 574 28.62 4.85 -43.87
N SER B 575 28.39 4.22 -42.70
CA SER B 575 28.43 4.89 -41.42
C SER B 575 29.61 4.49 -40.55
N GLU B 576 30.03 3.23 -40.61
CA GLU B 576 31.15 2.74 -39.80
C GLU B 576 32.11 1.99 -40.72
N LEU B 577 33.39 2.32 -40.63
CA LEU B 577 34.43 1.70 -41.46
C LEU B 577 35.58 1.26 -40.56
N TYR B 578 36.14 0.08 -40.85
CA TYR B 578 37.39 -0.39 -40.26
C TYR B 578 38.47 -0.43 -41.33
N LEU B 579 39.63 0.15 -41.02
CA LEU B 579 40.82 0.03 -41.86
C LEU B 579 42.08 -0.29 -41.07
N GLY B 580 41.99 -0.45 -39.75
CA GLY B 580 43.17 -0.68 -38.94
C GLY B 580 43.80 -2.04 -39.19
N ASN B 581 44.87 -2.30 -38.44
CA ASN B 581 45.63 -3.55 -38.57
C ASN B 581 46.11 -3.75 -40.01
N ASN B 582 46.48 -2.65 -40.66
CA ASN B 582 46.98 -2.66 -42.03
C ASN B 582 48.27 -1.83 -42.05
N PRO B 583 49.38 -2.40 -41.59
CA PRO B 583 50.60 -1.59 -41.41
C PRO B 583 51.17 -1.03 -42.71
N GLY B 584 50.77 -1.57 -43.86
CA GLY B 584 51.29 -1.10 -45.13
C GLY B 584 50.67 0.17 -45.66
N LEU B 585 49.72 0.76 -44.93
CA LEU B 585 49.02 1.96 -45.39
C LEU B 585 49.75 3.21 -44.91
N ARG B 586 49.84 4.21 -45.80
CA ARG B 586 50.42 5.50 -45.45
C ARG B 586 49.55 6.67 -45.90
N GLU B 587 48.66 6.48 -46.86
CA GLU B 587 47.81 7.55 -47.37
C GLU B 587 46.35 7.25 -47.05
N LEU B 588 45.66 8.24 -46.50
CA LEU B 588 44.23 8.16 -46.28
C LEU B 588 43.53 8.94 -47.39
N PRO B 589 42.74 8.31 -48.26
CA PRO B 589 42.22 9.02 -49.45
C PRO B 589 41.38 10.23 -49.07
N PRO B 590 41.47 11.33 -49.82
CA PRO B 590 40.59 12.46 -49.54
C PRO B 590 39.13 12.15 -49.75
N GLU B 591 38.79 11.22 -50.66
CA GLU B 591 37.40 10.91 -50.96
C GLU B 591 36.66 10.33 -49.77
N LEU B 592 37.37 9.84 -48.75
CA LEU B 592 36.71 9.39 -47.54
C LEU B 592 35.96 10.53 -46.85
N GLY B 593 36.40 11.77 -47.05
CA GLY B 593 35.67 12.91 -46.55
C GLY B 593 34.33 13.12 -47.24
N GLN B 594 34.17 12.60 -48.46
CA GLN B 594 32.89 12.67 -49.15
C GLN B 594 31.85 11.75 -48.53
N LEU B 595 32.29 10.70 -47.83
CA LEU B 595 31.38 9.75 -47.19
C LEU B 595 30.78 10.44 -45.97
N GLY B 596 29.66 11.13 -46.20
CA GLY B 596 29.10 11.97 -45.18
C GLY B 596 28.62 11.21 -43.95
N ASN B 597 28.12 10.00 -44.14
CA ASN B 597 27.49 9.26 -43.06
C ASN B 597 28.48 8.70 -42.05
N LEU B 598 29.78 8.79 -42.31
CA LEU B 598 30.77 8.22 -41.40
C LEU B 598 30.70 8.92 -40.03
N TRP B 599 30.67 8.10 -38.97
CA TRP B 599 30.79 8.58 -37.60
C TRP B 599 31.95 7.96 -36.84
N GLN B 600 32.52 6.86 -37.32
CA GLN B 600 33.60 6.15 -36.66
C GLN B 600 34.54 5.58 -37.71
N LEU B 601 35.82 5.49 -37.36
CA LEU B 601 36.83 4.90 -38.24
C LEU B 601 37.86 4.20 -37.37
N ASP B 602 38.23 2.98 -37.75
CA ASP B 602 39.25 2.24 -37.02
C ASP B 602 40.61 2.72 -37.48
N THR B 603 41.17 3.68 -36.74
CA THR B 603 42.48 4.24 -37.04
C THR B 603 43.59 3.57 -36.23
N GLU B 604 43.39 2.31 -35.84
CA GLU B 604 44.33 1.63 -34.96
C GLU B 604 45.64 1.36 -35.67
N ASP B 605 46.73 1.93 -35.13
CA ASP B 605 48.08 1.64 -35.61
C ASP B 605 48.23 1.98 -37.09
N LEU B 606 47.53 3.01 -37.54
CA LEU B 606 47.65 3.52 -38.90
C LEU B 606 48.30 4.90 -38.85
N THR B 607 49.44 5.03 -39.52
CA THR B 607 50.15 6.29 -39.65
C THR B 607 49.83 6.87 -41.03
N ILE B 608 49.20 8.04 -41.04
CA ILE B 608 48.71 8.66 -42.27
C ILE B 608 49.68 9.79 -42.62
N SER B 609 50.35 9.65 -43.76
CA SER B 609 51.30 10.66 -44.19
C SER B 609 50.61 11.97 -44.57
N ASN B 610 49.47 11.90 -45.26
CA ASN B 610 48.80 13.08 -45.78
C ASN B 610 47.86 13.73 -44.75
N VAL B 611 47.98 13.37 -43.48
CA VAL B 611 47.22 14.02 -42.41
C VAL B 611 48.20 14.42 -41.31
N PRO B 612 48.11 15.62 -40.75
CA PRO B 612 49.03 15.97 -39.65
C PRO B 612 48.74 15.17 -38.40
N ALA B 613 49.74 15.09 -37.52
CA ALA B 613 49.61 14.27 -36.33
C ALA B 613 48.49 14.76 -35.42
N GLU B 614 48.28 16.08 -35.35
CA GLU B 614 47.26 16.62 -34.48
C GLU B 614 45.86 16.17 -34.91
N ILE B 615 45.59 16.19 -36.21
CA ILE B 615 44.27 15.76 -36.70
C ILE B 615 44.08 14.27 -36.44
N GLN B 616 45.12 13.47 -36.64
CA GLN B 616 45.03 12.05 -36.34
C GLN B 616 44.74 11.81 -34.86
N LYS B 617 45.39 12.59 -33.99
CA LYS B 617 45.17 12.44 -32.56
C LYS B 617 43.76 12.85 -32.17
N GLU B 618 43.21 13.88 -32.83
CA GLU B 618 41.88 14.38 -32.45
C GLU B 618 40.81 13.31 -32.65
N GLY B 619 40.88 12.57 -33.76
CA GLY B 619 39.99 11.46 -33.99
C GLY B 619 39.38 11.43 -35.37
N PRO B 620 38.47 10.47 -35.61
CA PRO B 620 37.87 10.32 -36.94
C PRO B 620 37.16 11.56 -37.47
N LYS B 621 36.48 12.31 -36.60
CA LYS B 621 35.75 13.48 -37.07
C LYS B 621 36.69 14.56 -37.58
N ALA B 622 37.77 14.83 -36.84
CA ALA B 622 38.76 15.79 -37.32
C ALA B 622 39.39 15.32 -38.63
N MET B 623 39.67 14.02 -38.73
CA MET B 623 40.24 13.49 -39.96
C MET B 623 39.29 13.68 -41.14
N LEU B 624 37.99 13.42 -40.93
CA LEU B 624 37.02 13.59 -42.01
C LEU B 624 36.89 15.06 -42.40
N SER B 625 36.89 15.97 -41.42
CA SER B 625 36.82 17.38 -41.74
C SER B 625 38.04 17.82 -42.55
N TYR B 626 39.22 17.36 -42.14
CA TYR B 626 40.46 17.72 -42.84
C TYR B 626 40.46 17.15 -44.26
N LEU B 627 39.99 15.91 -44.42
CA LEU B 627 39.93 15.29 -45.74
C LEU B 627 38.91 15.98 -46.62
N ARG B 628 37.81 16.47 -46.04
CA ARG B 628 36.85 17.24 -46.81
C ARG B 628 37.45 18.57 -47.25
N ALA B 629 38.22 19.21 -46.37
CA ALA B 629 38.88 20.45 -46.73
C ALA B 629 39.85 20.23 -47.89
N GLN B 630 40.63 19.15 -47.85
CA GLN B 630 41.51 18.84 -48.96
C GLN B 630 40.72 18.50 -50.22
N LEU B 631 39.68 17.67 -50.09
CA LEU B 631 38.92 17.22 -51.24
C LEU B 631 38.19 18.38 -51.92
N ARG B 632 37.63 19.29 -51.12
CA ARG B 632 36.90 20.44 -51.64
C ARG B 632 37.80 21.63 -51.90
N LYS B 633 39.08 21.39 -52.21
CA LYS B 633 40.05 22.43 -52.60
C LYS B 633 39.95 23.65 -51.70
N ALA B 634 40.06 23.43 -50.40
CA ALA B 634 39.89 24.50 -49.43
C ALA B 634 41.02 25.50 -49.53
N GLU B 635 40.68 26.78 -49.43
CA GLU B 635 41.61 27.90 -49.44
C GLU B 635 41.68 28.51 -48.05
N LYS B 636 42.77 29.23 -47.79
CA LYS B 636 43.02 29.83 -46.48
C LYS B 636 42.38 31.20 -46.43
N CYS B 637 41.38 31.37 -45.57
CA CYS B 637 40.68 32.64 -45.41
C CYS B 637 41.33 33.43 -44.27
N LYS B 638 41.96 34.56 -44.62
CA LYS B 638 42.57 35.45 -43.65
C LYS B 638 41.69 36.65 -43.33
N LEU B 639 40.46 36.71 -43.85
CA LEU B 639 39.56 37.81 -43.63
C LEU B 639 38.73 37.55 -42.38
N MET B 640 38.56 38.57 -41.55
CA MET B 640 37.92 38.42 -40.25
C MET B 640 37.06 39.66 -39.95
N LYS B 641 36.13 39.49 -39.04
CA LYS B 641 35.25 40.59 -38.61
C LYS B 641 35.92 41.46 -37.55
N MET B 642 35.88 42.78 -37.78
CA MET B 642 36.27 43.77 -36.80
C MET B 642 35.04 44.62 -36.47
N ILE B 643 34.82 44.84 -35.18
CA ILE B 643 33.70 45.66 -34.70
C ILE B 643 34.27 46.72 -33.77
N ILE B 644 33.78 47.95 -33.92
CA ILE B 644 34.17 49.07 -33.07
C ILE B 644 32.94 49.48 -32.26
N VAL B 645 33.10 49.56 -30.94
CA VAL B 645 31.98 49.76 -30.02
C VAL B 645 32.36 50.87 -29.05
N GLY B 646 31.35 51.52 -28.48
CA GLY B 646 31.57 52.49 -27.43
C GLY B 646 30.47 53.53 -27.36
N PRO B 647 30.49 54.36 -26.33
CA PRO B 647 29.52 55.46 -26.25
C PRO B 647 29.85 56.56 -27.23
N PRO B 648 28.97 57.54 -27.42
CA PRO B 648 29.25 58.60 -28.37
C PRO B 648 30.45 59.45 -27.96
N ARG B 649 31.13 59.99 -28.98
CA ARG B 649 32.22 60.94 -28.79
C ARG B 649 33.35 60.33 -27.97
N GLN B 650 34.00 59.31 -28.54
CA GLN B 650 35.15 58.66 -27.90
C GLN B 650 36.35 58.49 -28.83
N GLY B 651 36.19 58.71 -30.13
CA GLY B 651 37.30 58.61 -31.07
C GLY B 651 37.36 57.31 -31.83
N LYS B 652 36.22 56.63 -32.02
CA LYS B 652 36.21 55.39 -32.78
C LYS B 652 36.76 55.59 -34.19
N SER B 653 36.24 56.58 -34.91
CA SER B 653 36.73 56.84 -36.26
C SER B 653 38.18 57.27 -36.26
N THR B 654 38.57 58.11 -35.29
CA THR B 654 39.97 58.51 -35.18
C THR B 654 40.86 57.30 -34.91
N LEU B 655 40.40 56.40 -34.03
CA LEU B 655 41.11 55.15 -33.80
C LEU B 655 41.36 54.40 -35.10
N LEU B 656 40.29 54.16 -35.85
CA LEU B 656 40.43 53.39 -37.08
C LEU B 656 41.33 54.09 -38.07
N GLU B 657 41.19 55.41 -38.18
CA GLU B 657 42.00 56.17 -39.14
C GLU B 657 43.49 56.08 -38.81
N ILE B 658 43.86 56.36 -37.56
CA ILE B 658 45.29 56.37 -37.22
C ILE B 658 45.86 54.96 -37.31
N LEU B 659 45.08 53.95 -36.93
CA LEU B 659 45.57 52.58 -37.06
C LEU B 659 45.76 52.18 -38.51
N GLN B 660 44.85 52.59 -39.39
CA GLN B 660 44.97 52.27 -40.80
C GLN B 660 46.19 52.96 -41.42
N THR B 661 46.37 54.25 -41.12
CA THR B 661 47.37 55.07 -41.80
C THR B 661 48.67 55.21 -41.03
N GLY B 662 48.62 55.21 -39.70
CA GLY B 662 49.80 55.51 -38.92
C GLY B 662 50.17 56.98 -38.92
N ARG B 663 49.23 57.86 -39.27
CA ARG B 663 49.44 59.30 -39.27
C ARG B 663 48.36 59.94 -38.41
N ALA B 664 48.56 61.22 -38.08
CA ALA B 664 47.57 61.97 -37.32
C ALA B 664 46.30 62.06 -38.15
N PRO B 665 45.12 62.08 -37.52
CA PRO B 665 43.87 62.04 -38.30
C PRO B 665 43.70 63.28 -39.17
N GLN B 666 43.08 63.08 -40.32
CA GLN B 666 42.80 64.14 -41.29
C GLN B 666 41.37 64.13 -41.80
N VAL B 667 40.63 63.04 -41.63
CA VAL B 667 39.32 62.89 -42.25
C VAL B 667 38.25 63.42 -41.31
N VAL B 668 37.29 64.14 -41.87
CA VAL B 668 36.08 64.53 -41.17
C VAL B 668 35.04 63.44 -41.38
N HIS B 669 34.66 62.77 -40.30
CA HIS B 669 33.81 61.59 -40.38
C HIS B 669 32.34 61.94 -40.21
N GLY B 670 31.49 61.18 -40.88
CA GLY B 670 30.08 61.50 -40.94
C GLY B 670 29.32 61.11 -39.68
N GLU B 671 28.04 61.47 -39.68
CA GLU B 671 27.13 61.19 -38.57
C GLU B 671 26.41 59.85 -38.72
N ALA B 672 26.74 59.07 -39.75
CA ALA B 672 26.03 57.82 -40.00
C ALA B 672 26.20 56.87 -38.82
N THR B 673 25.14 56.14 -38.51
CA THR B 673 25.18 55.19 -37.41
C THR B 673 26.24 54.12 -37.64
N ILE B 674 26.48 53.75 -38.90
CA ILE B 674 27.39 52.67 -39.25
C ILE B 674 28.33 53.16 -40.34
N ARG B 675 29.62 52.83 -40.19
CA ARG B 675 30.63 53.07 -41.21
C ARG B 675 31.37 51.76 -41.46
N THR B 676 31.53 51.41 -42.73
CA THR B 676 32.10 50.13 -43.14
C THR B 676 33.31 50.36 -44.02
N THR B 677 34.33 49.52 -43.85
CA THR B 677 35.54 49.62 -44.67
C THR B 677 36.31 48.31 -44.57
N LYS B 678 37.54 48.33 -45.09
CA LYS B 678 38.44 47.18 -45.07
C LYS B 678 39.81 47.63 -44.60
N TRP B 679 40.55 46.73 -43.95
CA TRP B 679 41.85 47.09 -43.41
C TRP B 679 42.78 45.89 -43.41
N GLU B 680 43.99 46.08 -43.96
CA GLU B 680 45.03 45.05 -43.96
C GLU B 680 46.11 45.41 -42.95
N LEU B 681 46.61 44.40 -42.24
CA LEU B 681 47.70 44.55 -41.28
C LEU B 681 48.82 43.59 -41.64
N GLN B 682 50.02 44.13 -41.83
CA GLN B 682 51.20 43.31 -42.04
C GLN B 682 51.79 42.87 -40.71
N ARG B 683 52.41 41.70 -40.69
CA ARG B 683 52.93 41.16 -39.46
C ARG B 683 54.09 42.03 -38.95
N PRO B 684 54.15 42.34 -37.66
CA PRO B 684 55.26 43.15 -37.15
C PRO B 684 56.54 42.33 -37.01
N ALA B 685 57.64 43.05 -36.80
CA ALA B 685 58.91 42.40 -36.57
C ALA B 685 58.86 41.55 -35.32
N GLY B 686 59.43 40.35 -35.40
CA GLY B 686 59.38 39.39 -34.32
C GLY B 686 58.14 38.54 -34.29
N SER B 687 57.21 38.73 -35.23
CA SER B 687 55.98 37.96 -35.25
C SER B 687 56.27 36.49 -35.56
N ARG B 688 55.60 35.61 -34.82
CA ARG B 688 55.65 34.17 -35.06
C ARG B 688 54.41 33.67 -35.82
N ALA B 689 53.64 34.59 -36.40
CA ALA B 689 52.37 34.22 -37.02
C ALA B 689 52.61 33.35 -38.24
N LYS B 690 51.56 32.61 -38.62
CA LYS B 690 51.57 31.75 -39.79
C LYS B 690 51.07 32.46 -41.04
N VAL B 691 50.83 33.76 -40.98
CA VAL B 691 50.30 34.54 -42.10
C VAL B 691 51.20 35.74 -42.32
N GLU B 692 51.40 36.09 -43.60
CA GLU B 692 52.15 37.29 -43.92
C GLU B 692 51.39 38.54 -43.47
N SER B 693 50.07 38.50 -43.54
CA SER B 693 49.23 39.64 -43.16
C SER B 693 47.86 39.10 -42.79
N VAL B 694 47.02 39.99 -42.25
CA VAL B 694 45.64 39.69 -41.93
C VAL B 694 44.77 40.80 -42.51
N GLU B 695 43.49 40.47 -42.71
CA GLU B 695 42.52 41.40 -43.26
C GLU B 695 41.30 41.46 -42.37
N PHE B 696 40.72 42.64 -42.26
CA PHE B 696 39.55 42.90 -41.45
C PHE B 696 38.47 43.60 -42.27
N ASN B 697 37.28 43.02 -42.23
CA ASN B 697 36.07 43.67 -42.76
C ASN B 697 35.50 44.53 -41.64
N VAL B 698 35.88 45.81 -41.62
CA VAL B 698 35.73 46.67 -40.46
C VAL B 698 34.32 47.24 -40.44
N TRP B 699 33.60 46.96 -39.36
CA TRP B 699 32.33 47.60 -39.03
C TRP B 699 32.61 48.61 -37.91
N ASP B 700 31.94 49.75 -37.95
CA ASP B 700 32.03 50.75 -36.88
C ASP B 700 30.63 51.31 -36.65
N ILE B 701 29.99 50.90 -35.55
CA ILE B 701 28.59 51.21 -35.28
C ILE B 701 28.54 52.26 -34.18
N GLY B 702 27.66 53.25 -34.36
CA GLY B 702 27.46 54.30 -33.38
C GLY B 702 26.17 55.05 -33.64
N GLY B 703 26.20 56.37 -33.49
CA GLY B 703 25.07 57.20 -33.81
C GLY B 703 24.22 57.55 -32.61
N PRO B 704 22.98 57.98 -32.84
CA PRO B 704 22.09 58.32 -31.73
C PRO B 704 21.86 57.14 -30.80
N ALA B 705 21.73 57.44 -29.50
CA ALA B 705 21.47 56.39 -28.52
C ALA B 705 20.13 55.72 -28.74
N SER B 706 19.19 56.40 -29.42
CA SER B 706 17.88 55.83 -29.68
C SER B 706 17.96 54.49 -30.39
N MET B 707 18.96 54.31 -31.25
CA MET B 707 19.15 53.07 -32.00
C MET B 707 20.08 52.09 -31.30
N ALA B 708 20.46 52.37 -30.05
CA ALA B 708 21.35 51.45 -29.34
C ALA B 708 20.76 50.05 -29.26
N THR B 709 19.48 49.96 -28.90
CA THR B 709 18.79 48.66 -28.88
C THR B 709 18.88 47.97 -30.23
N VAL B 710 18.81 48.74 -31.31
CA VAL B 710 18.97 48.16 -32.64
C VAL B 710 20.39 47.64 -32.82
N ASN B 711 21.37 48.46 -32.44
CA ASN B 711 22.77 48.16 -32.77
C ASN B 711 23.22 46.85 -32.14
N GLN B 712 22.55 46.44 -31.06
CA GLN B 712 22.87 45.20 -30.37
C GLN B 712 22.84 44.00 -31.32
N CYS B 713 22.00 44.06 -32.37
CA CYS B 713 21.90 42.94 -33.29
C CYS B 713 23.20 42.68 -34.04
N PHE B 714 24.00 43.72 -34.28
CA PHE B 714 25.17 43.56 -35.15
C PHE B 714 26.30 42.78 -34.50
N PHE B 715 26.28 42.58 -33.19
CA PHE B 715 27.30 41.79 -32.52
C PHE B 715 27.12 40.32 -32.86
N THR B 716 28.24 39.65 -33.15
CA THR B 716 28.23 38.22 -33.46
C THR B 716 29.41 37.56 -32.75
N ASP B 717 29.46 36.24 -32.83
CA ASP B 717 30.52 35.47 -32.21
C ASP B 717 31.66 35.24 -33.21
N LYS B 718 32.80 34.81 -32.69
CA LYS B 718 33.99 34.53 -33.51
C LYS B 718 34.39 35.74 -34.34
N ALA B 719 34.38 36.91 -33.69
CA ALA B 719 34.79 38.16 -34.33
C ALA B 719 35.61 38.95 -33.32
N LEU B 720 36.39 39.90 -33.86
CA LEU B 720 37.24 40.75 -33.03
C LEU B 720 36.50 42.04 -32.71
N TYR B 721 36.51 42.43 -31.44
CA TYR B 721 35.85 43.64 -30.96
C TYR B 721 36.89 44.59 -30.37
N VAL B 722 36.65 45.88 -30.52
CA VAL B 722 37.42 46.91 -29.83
C VAL B 722 36.45 47.94 -29.28
N VAL B 723 36.51 48.17 -27.98
CA VAL B 723 35.70 49.17 -27.28
C VAL B 723 36.56 50.39 -27.07
N VAL B 724 36.00 51.56 -27.35
CA VAL B 724 36.74 52.82 -27.33
C VAL B 724 36.15 53.70 -26.22
N TRP B 725 37.01 54.23 -25.36
CA TRP B 725 36.56 55.12 -24.30
C TRP B 725 37.62 56.17 -24.04
N ASN B 726 37.19 57.30 -23.47
CA ASN B 726 38.07 58.44 -23.27
C ASN B 726 38.78 58.31 -21.91
N LEU B 727 40.11 58.37 -21.95
CA LEU B 727 40.88 58.34 -20.70
C LEU B 727 40.62 59.57 -19.84
N ALA B 728 40.35 60.72 -20.45
CA ALA B 728 40.15 61.94 -19.69
C ALA B 728 38.98 61.82 -18.71
N LEU B 729 37.91 61.13 -19.10
CA LEU B 729 36.83 60.87 -18.17
C LEU B 729 37.22 59.86 -17.10
N GLY B 730 38.11 58.93 -17.45
CA GLY B 730 38.60 57.97 -16.46
C GLY B 730 37.48 57.10 -15.93
N GLU B 731 37.37 57.05 -14.60
CA GLU B 731 36.44 56.12 -13.96
C GLU B 731 35.01 56.34 -14.44
N GLU B 732 34.63 57.59 -14.68
CA GLU B 732 33.28 57.90 -15.18
C GLU B 732 32.98 57.09 -16.43
N ALA B 733 33.93 57.02 -17.36
CA ALA B 733 33.74 56.19 -18.54
C ALA B 733 33.82 54.71 -18.20
N VAL B 734 34.77 54.34 -17.31
CA VAL B 734 35.07 52.92 -17.10
C VAL B 734 33.83 52.20 -16.58
N ALA B 735 33.10 52.81 -15.65
CA ALA B 735 31.85 52.22 -15.18
C ALA B 735 30.96 51.89 -16.36
N ASN B 736 30.71 52.88 -17.23
CA ASN B 736 29.84 52.66 -18.38
C ASN B 736 30.31 51.50 -19.24
N LEU B 737 31.63 51.25 -19.27
CA LEU B 737 32.15 50.19 -20.12
C LEU B 737 31.46 48.86 -19.86
N GLN B 738 31.09 48.58 -18.59
CA GLN B 738 30.47 47.30 -18.28
C GLN B 738 29.27 47.05 -19.18
N PHE B 739 28.41 48.07 -19.33
CA PHE B 739 27.28 47.99 -20.24
C PHE B 739 27.73 47.45 -21.59
N TRP B 740 28.62 48.19 -22.26
CA TRP B 740 29.08 47.78 -23.57
C TRP B 740 29.70 46.40 -23.52
N LEU B 741 30.53 46.15 -22.50
CA LEU B 741 31.19 44.86 -22.41
C LEU B 741 30.18 43.74 -22.32
N LEU B 742 29.18 43.91 -21.45
CA LEU B 742 28.16 42.88 -21.32
C LEU B 742 27.47 42.65 -22.65
N ASN B 743 27.21 43.73 -23.39
CA ASN B 743 26.45 43.63 -24.62
C ASN B 743 27.18 42.77 -25.64
N ILE B 744 28.50 42.66 -25.52
CA ILE B 744 29.24 41.78 -26.42
C ILE B 744 29.18 40.35 -25.92
N GLU B 745 29.40 40.15 -24.62
CA GLU B 745 29.44 38.80 -24.09
C GLU B 745 28.06 38.15 -24.15
N ALA B 746 27.01 38.97 -24.18
CA ALA B 746 25.67 38.42 -24.35
C ALA B 746 25.49 37.73 -25.69
N LYS B 747 26.28 38.13 -26.70
CA LYS B 747 26.13 37.60 -28.05
C LYS B 747 27.46 37.24 -28.70
N ALA B 748 28.52 37.06 -27.92
CA ALA B 748 29.83 36.73 -28.45
C ALA B 748 30.66 35.99 -27.39
N PRO B 749 30.21 34.80 -26.97
CA PRO B 749 30.94 34.06 -25.93
C PRO B 749 32.35 33.67 -26.33
N ASN B 750 32.61 33.43 -27.61
CA ASN B 750 33.91 32.94 -28.09
C ASN B 750 34.59 34.02 -28.92
N ALA B 751 34.54 35.27 -28.46
CA ALA B 751 35.13 36.39 -29.15
C ALA B 751 36.12 37.10 -28.24
N VAL B 752 37.14 37.69 -28.85
CA VAL B 752 38.14 38.49 -28.16
C VAL B 752 37.77 39.96 -28.36
N VAL B 753 37.65 40.69 -27.25
CA VAL B 753 37.35 42.10 -27.25
C VAL B 753 38.49 42.82 -26.54
N LEU B 754 39.07 43.81 -27.22
CA LEU B 754 40.01 44.73 -26.62
C LEU B 754 39.26 45.97 -26.18
N VAL B 755 39.82 46.70 -25.22
CA VAL B 755 39.29 47.98 -24.79
C VAL B 755 40.44 48.97 -24.73
N VAL B 756 40.27 50.11 -25.38
CA VAL B 756 41.33 51.08 -25.61
C VAL B 756 40.91 52.43 -25.06
N GLY B 757 41.81 53.06 -24.31
CA GLY B 757 41.61 54.40 -23.84
C GLY B 757 42.23 55.42 -24.78
N THR B 758 41.43 56.40 -25.18
CA THR B 758 41.84 57.48 -26.05
C THR B 758 42.19 58.70 -25.21
N HIS B 759 42.59 59.74 -25.94
CA HIS B 759 42.93 61.02 -25.28
C HIS B 759 44.11 60.85 -24.30
N LEU B 760 45.06 59.94 -24.57
CA LEU B 760 46.23 59.79 -23.73
C LEU B 760 47.05 61.07 -23.67
N ASP B 761 46.98 61.89 -24.72
CA ASP B 761 47.62 63.19 -24.69
C ASP B 761 47.05 64.11 -23.63
N LEU B 762 45.81 63.88 -23.19
CA LEU B 762 45.20 64.65 -22.11
C LEU B 762 45.65 64.18 -20.74
N ILE B 763 46.38 63.07 -20.65
CA ILE B 763 46.92 62.56 -19.40
C ILE B 763 48.34 63.10 -19.26
N GLU B 764 48.64 63.67 -18.11
CA GLU B 764 49.98 64.20 -17.87
C GLU B 764 51.01 63.06 -17.96
N ALA B 765 52.08 63.29 -18.73
CA ALA B 765 53.08 62.26 -18.90
C ALA B 765 53.73 61.88 -17.57
N LYS B 766 54.06 62.89 -16.75
CA LYS B 766 54.72 62.65 -15.48
C LYS B 766 53.93 61.71 -14.57
N PHE B 767 52.61 61.89 -14.51
CA PHE B 767 51.75 61.01 -13.73
C PHE B 767 51.31 59.78 -14.51
N ARG B 768 51.55 59.76 -15.83
CA ARG B 768 50.82 58.86 -16.73
C ARG B 768 50.83 57.43 -16.24
N VAL B 769 52.02 56.90 -15.92
CA VAL B 769 52.14 55.52 -15.48
C VAL B 769 51.21 55.26 -14.30
N GLU B 770 51.40 55.98 -13.19
CA GLU B 770 50.61 55.70 -12.00
C GLU B 770 49.13 56.02 -12.23
N ARG B 771 48.81 56.77 -13.29
CA ARG B 771 47.42 56.90 -13.67
C ARG B 771 46.96 55.67 -14.44
N ILE B 772 47.61 55.38 -15.59
CA ILE B 772 47.06 54.39 -16.51
C ILE B 772 46.97 53.03 -15.83
N ALA B 773 48.03 52.64 -15.11
CA ALA B 773 48.01 51.38 -14.39
C ALA B 773 46.81 51.30 -13.47
N THR B 774 46.59 52.34 -12.67
CA THR B 774 45.42 52.38 -11.81
C THR B 774 44.16 52.15 -12.62
N LEU B 775 43.99 52.94 -13.69
CA LEU B 775 42.80 52.80 -14.51
C LEU B 775 42.73 51.41 -15.11
N ARG B 776 43.89 50.86 -15.53
CA ARG B 776 43.89 49.49 -16.03
C ARG B 776 43.32 48.56 -14.98
N ALA B 777 43.88 48.59 -13.77
CA ALA B 777 43.34 47.77 -12.69
C ALA B 777 41.88 48.09 -12.47
N TYR B 778 41.52 49.37 -12.54
CA TYR B 778 40.14 49.77 -12.32
C TYR B 778 39.21 49.07 -13.30
N VAL B 779 39.57 49.08 -14.59
CA VAL B 779 38.64 48.50 -15.56
C VAL B 779 38.57 47.00 -15.39
N LEU B 780 39.59 46.38 -14.78
CA LEU B 780 39.48 44.98 -14.43
C LEU B 780 38.66 44.78 -13.17
N ALA B 781 38.78 45.69 -12.20
CA ALA B 781 37.94 45.61 -11.01
C ALA B 781 36.47 45.73 -11.38
N LEU B 782 36.18 46.43 -12.48
CA LEU B 782 34.82 46.51 -13.01
C LEU B 782 34.42 45.27 -13.79
N CYS B 783 35.37 44.34 -14.06
CA CYS B 783 35.09 43.21 -14.92
C CYS B 783 35.65 41.88 -14.40
N ARG B 784 36.49 41.89 -13.37
CA ARG B 784 37.09 40.66 -12.84
C ARG B 784 36.46 40.31 -11.49
N SER B 785 36.41 39.01 -11.22
CA SER B 785 35.91 38.53 -9.95
C SER B 785 36.88 38.91 -8.82
N PRO B 786 36.42 38.97 -7.57
CA PRO B 786 37.36 39.18 -6.47
C PRO B 786 38.45 38.13 -6.40
N SER B 787 38.16 36.91 -6.84
CA SER B 787 39.16 35.85 -6.89
C SER B 787 40.22 36.07 -7.96
N GLY B 788 40.02 37.04 -8.85
CA GLY B 788 40.92 37.27 -9.97
C GLY B 788 40.48 36.62 -11.26
N SER B 789 39.51 35.72 -11.21
CA SER B 789 38.95 35.12 -12.42
C SER B 789 37.91 36.05 -13.04
N ARG B 790 37.39 35.65 -14.19
CA ARG B 790 36.36 36.44 -14.84
C ARG B 790 35.07 36.39 -14.05
N ALA B 791 34.48 37.56 -13.82
CA ALA B 791 33.21 37.62 -13.11
C ALA B 791 32.09 37.07 -13.97
N THR B 792 31.02 36.63 -13.32
CA THR B 792 29.92 35.96 -14.02
C THR B 792 29.28 36.88 -15.04
N GLY B 793 29.06 36.37 -16.24
CA GLY B 793 28.39 37.10 -17.29
C GLY B 793 29.25 38.08 -18.05
N PHE B 794 30.54 38.29 -17.63
CA PHE B 794 31.39 39.29 -18.25
C PHE B 794 32.36 38.64 -19.23
N PRO B 795 32.93 39.39 -20.18
CA PRO B 795 33.93 38.80 -21.07
C PRO B 795 35.21 38.47 -20.32
N ASP B 796 36.12 37.79 -21.02
CA ASP B 796 37.42 37.41 -20.47
C ASP B 796 38.45 38.50 -20.77
N ILE B 797 38.55 39.46 -19.85
CA ILE B 797 39.40 40.63 -19.99
C ILE B 797 40.61 40.48 -19.07
N THR B 798 41.79 40.80 -19.58
CA THR B 798 43.04 40.73 -18.81
C THR B 798 43.91 41.94 -19.14
N PHE B 799 45.13 41.94 -18.60
CA PHE B 799 46.14 42.91 -19.03
C PHE B 799 46.40 42.83 -20.52
N LYS B 800 46.26 41.66 -21.12
CA LYS B 800 46.53 41.51 -22.54
C LYS B 800 45.44 42.13 -23.42
N HIS B 801 44.32 42.56 -22.83
CA HIS B 801 43.25 43.20 -23.58
C HIS B 801 43.10 44.68 -23.24
N LEU B 802 44.16 45.31 -22.72
CA LEU B 802 44.14 46.70 -22.30
C LEU B 802 45.17 47.49 -23.09
N HIS B 803 44.84 48.73 -23.43
CA HIS B 803 45.79 49.59 -24.14
C HIS B 803 45.32 51.04 -24.04
N GLU B 804 46.26 51.96 -24.30
CA GLU B 804 46.01 53.39 -24.30
C GLU B 804 46.72 54.03 -25.49
N ILE B 805 46.14 55.09 -26.04
CA ILE B 805 46.70 55.73 -27.23
C ILE B 805 46.45 57.24 -27.22
N SER B 806 47.25 57.94 -28.03
CA SER B 806 47.00 59.31 -28.42
C SER B 806 46.80 59.38 -29.93
N CYS B 807 46.08 60.41 -30.38
CA CYS B 807 45.80 60.57 -31.80
C CYS B 807 46.70 61.59 -32.49
N LYS B 808 47.27 62.54 -31.75
CA LYS B 808 48.15 63.55 -32.31
C LYS B 808 49.59 63.07 -32.39
N SER B 809 50.18 62.70 -31.26
CA SER B 809 51.51 62.12 -31.24
C SER B 809 51.51 60.65 -31.67
N LEU B 810 50.34 60.04 -31.82
CA LEU B 810 50.22 58.63 -32.19
C LEU B 810 50.90 57.72 -31.17
N GLU B 811 50.90 58.11 -29.90
CA GLU B 811 51.47 57.27 -28.85
C GLU B 811 50.73 55.95 -28.78
N GLY B 812 51.49 54.85 -28.82
CA GLY B 812 50.96 53.54 -28.58
C GLY B 812 50.11 52.94 -29.69
N GLN B 813 49.92 53.65 -30.80
CA GLN B 813 49.13 53.08 -31.89
C GLN B 813 49.81 51.88 -32.50
N GLU B 814 51.14 51.91 -32.60
CA GLU B 814 51.87 50.74 -33.08
C GLU B 814 51.70 49.57 -32.11
N GLY B 815 51.71 49.85 -30.80
CA GLY B 815 51.48 48.80 -29.84
C GLY B 815 50.11 48.17 -30.00
N LEU B 816 49.09 48.99 -30.22
CA LEU B 816 47.74 48.45 -30.41
C LEU B 816 47.66 47.65 -31.70
N ARG B 817 48.29 48.13 -32.77
CA ARG B 817 48.30 47.38 -34.02
C ARG B 817 48.96 46.01 -33.84
N GLN B 818 50.10 45.99 -33.14
CA GLN B 818 50.76 44.72 -32.87
C GLN B 818 49.89 43.81 -32.01
N LEU B 819 49.19 44.38 -31.02
CA LEU B 819 48.32 43.58 -30.17
C LEU B 819 47.17 42.98 -30.96
N ILE B 820 46.57 43.78 -31.85
CA ILE B 820 45.50 43.28 -32.73
C ILE B 820 46.02 42.13 -33.59
N PHE B 821 47.19 42.30 -34.18
CA PHE B 821 47.74 41.24 -35.02
C PHE B 821 48.03 40.00 -34.20
N HIS B 822 48.53 40.19 -32.98
CA HIS B 822 48.85 39.06 -32.11
C HIS B 822 47.60 38.26 -31.77
N VAL B 823 46.55 38.94 -31.30
CA VAL B 823 45.34 38.22 -30.91
C VAL B 823 44.66 37.61 -32.13
N THR B 824 44.70 38.28 -33.28
CA THR B 824 44.05 37.74 -34.46
C THR B 824 44.77 36.50 -34.98
N CYS B 825 46.10 36.56 -35.08
CA CYS B 825 46.86 35.39 -35.51
C CYS B 825 46.81 34.29 -34.46
N SER B 826 46.62 34.65 -33.19
CA SER B 826 46.46 33.69 -32.12
C SER B 826 45.05 33.14 -32.00
N MET B 827 44.13 33.60 -32.85
CA MET B 827 42.73 33.19 -32.77
C MET B 827 42.58 31.77 -33.31
N LYS B 828 42.18 30.85 -32.45
CA LYS B 828 41.88 29.49 -32.86
C LYS B 828 40.43 29.37 -33.28
N ASP B 829 40.19 28.66 -34.38
CA ASP B 829 38.84 28.47 -34.89
C ASP B 829 38.02 27.58 -33.96
N CYS B 836 40.48 22.01 -35.98
CA CYS B 836 39.79 23.20 -36.48
C CYS B 836 40.79 24.23 -37.03
N GLN B 837 42.03 24.17 -36.55
CA GLN B 837 43.10 25.03 -37.03
C GLN B 837 42.86 26.49 -36.62
N ARG B 838 43.84 27.35 -36.89
CA ARG B 838 43.72 28.76 -36.53
C ARG B 838 42.70 29.46 -37.41
N LEU B 839 41.95 30.37 -36.81
CA LEU B 839 40.91 31.09 -37.53
C LEU B 839 41.47 31.88 -38.70
N ALA B 840 42.53 32.65 -38.45
CA ALA B 840 43.16 33.45 -39.50
C ALA B 840 43.85 32.52 -40.49
N GLY B 841 43.31 32.43 -41.70
CA GLY B 841 43.82 31.53 -42.70
C GLY B 841 43.28 30.13 -42.66
N ARG B 842 42.15 29.91 -41.98
CA ARG B 842 41.57 28.58 -41.88
C ARG B 842 41.15 28.08 -43.26
N LEU B 843 41.18 26.77 -43.43
CA LEU B 843 40.88 26.13 -44.71
C LEU B 843 39.37 26.02 -44.88
N ILE B 844 38.85 26.58 -45.97
CA ILE B 844 37.42 26.71 -46.20
C ILE B 844 37.16 26.37 -47.66
N PRO B 845 36.07 25.66 -48.01
CA PRO B 845 35.89 25.24 -49.41
C PRO B 845 35.87 26.42 -50.37
N ARG B 846 36.44 26.21 -51.55
CA ARG B 846 36.46 27.26 -52.56
C ARG B 846 35.05 27.61 -53.02
N SER B 847 34.11 26.66 -52.91
CA SER B 847 32.71 26.97 -53.20
C SER B 847 32.16 28.02 -52.25
N TYR B 848 32.49 27.93 -50.96
CA TYR B 848 32.05 28.92 -50.01
C TYR B 848 32.61 30.30 -50.35
N LEU B 849 33.89 30.36 -50.70
CA LEU B 849 34.49 31.63 -51.10
C LEU B 849 33.84 32.17 -52.37
N SER B 850 33.58 31.29 -53.34
CA SER B 850 32.92 31.73 -54.57
C SER B 850 31.55 32.29 -54.28
N LEU B 851 30.81 31.67 -53.36
CA LEU B 851 29.53 32.22 -52.95
C LEU B 851 29.72 33.56 -52.25
N GLN B 852 30.83 33.72 -51.52
CA GLN B 852 31.12 35.01 -50.89
C GLN B 852 31.26 36.11 -51.94
N GLU B 853 32.09 35.86 -52.97
CA GLU B 853 32.21 36.85 -54.03
C GLU B 853 30.88 37.04 -54.76
N ALA B 854 30.09 35.97 -54.90
CA ALA B 854 28.81 36.09 -55.58
C ALA B 854 27.86 37.01 -54.82
N VAL B 855 27.76 36.83 -53.50
CA VAL B 855 26.86 37.68 -52.72
C VAL B 855 27.39 39.10 -52.64
N LEU B 856 28.72 39.27 -52.58
CA LEU B 856 29.28 40.61 -52.64
C LEU B 856 28.93 41.30 -53.95
N ALA B 857 29.04 40.57 -55.06
CA ALA B 857 28.68 41.13 -56.35
C ALA B 857 27.19 41.46 -56.40
N GLU B 858 26.34 40.62 -55.81
CA GLU B 858 24.91 40.91 -55.77
C GLU B 858 24.63 42.17 -54.97
N GLN B 859 25.32 42.34 -53.84
CA GLN B 859 25.17 43.57 -53.06
C GLN B 859 25.60 44.77 -53.88
N GLN B 860 26.71 44.67 -54.59
CA GLN B 860 27.17 45.79 -55.42
C GLN B 860 26.17 46.08 -56.53
N ARG B 861 25.62 45.03 -57.14
CA ARG B 861 24.62 45.21 -58.19
C ARG B 861 23.40 45.96 -57.67
N ARG B 862 22.87 45.51 -56.53
CA ARG B 862 21.71 46.17 -55.98
C ARG B 862 22.02 47.60 -55.54
N SER B 863 23.24 47.85 -55.06
CA SER B 863 23.64 49.21 -54.73
C SER B 863 23.63 50.09 -55.98
N ARG B 864 24.18 49.58 -57.09
CA ARG B 864 24.11 50.31 -58.34
C ARG B 864 22.67 50.46 -58.83
N ASP B 865 21.86 49.41 -58.70
CA ASP B 865 20.50 49.40 -59.19
C ASP B 865 19.53 50.16 -58.28
N ASP B 866 20.01 50.65 -57.13
CA ASP B 866 19.15 51.26 -56.11
C ASP B 866 18.07 50.28 -55.68
N ASP B 867 18.41 49.00 -55.63
CA ASP B 867 17.47 47.93 -55.32
C ASP B 867 17.41 47.69 -53.81
N VAL B 868 16.42 46.89 -53.41
CA VAL B 868 16.18 46.61 -51.99
C VAL B 868 17.10 45.48 -51.55
N GLN B 869 17.69 45.63 -50.37
CA GLN B 869 18.69 44.69 -49.84
C GLN B 869 18.07 43.55 -49.03
N TYR B 870 17.26 42.71 -49.66
CA TYR B 870 16.85 41.44 -49.07
C TYR B 870 17.28 40.32 -50.03
N LEU B 871 18.13 39.42 -49.56
CA LEU B 871 18.36 38.16 -50.25
C LEU B 871 17.40 37.12 -49.69
N THR B 872 16.35 36.82 -50.44
CA THR B 872 15.42 35.79 -50.03
C THR B 872 16.12 34.44 -50.05
N ASP B 873 15.52 33.46 -49.37
CA ASP B 873 16.04 32.11 -49.41
C ASP B 873 16.14 31.61 -50.85
N ARG B 874 15.11 31.92 -51.65
CA ARG B 874 15.14 31.54 -53.06
C ARG B 874 16.31 32.22 -53.79
N GLN B 875 16.56 33.50 -53.49
CA GLN B 875 17.62 34.21 -54.20
C GLN B 875 19.00 33.73 -53.77
N LEU B 876 19.19 33.45 -52.49
CA LEU B 876 20.45 32.87 -52.05
C LEU B 876 20.67 31.49 -52.68
N GLU B 877 19.60 30.68 -52.73
CA GLU B 877 19.71 29.38 -53.38
C GLU B 877 20.03 29.54 -54.87
N GLN B 878 19.49 30.58 -55.50
CA GLN B 878 19.79 30.82 -56.91
C GLN B 878 21.25 31.21 -57.11
N LEU B 879 21.76 32.12 -56.27
CA LEU B 879 23.17 32.46 -56.34
C LEU B 879 24.04 31.24 -56.11
N VAL B 880 23.62 30.34 -55.22
CA VAL B 880 24.34 29.08 -55.05
C VAL B 880 24.29 28.26 -56.33
N GLU B 881 23.12 28.19 -56.97
CA GLU B 881 22.99 27.46 -58.22
C GLU B 881 23.84 28.08 -59.31
N GLN B 882 23.88 29.41 -59.38
CA GLN B 882 24.68 30.11 -60.37
C GLN B 882 26.18 29.99 -60.13
N THR B 883 26.59 29.48 -58.97
CA THR B 883 28.01 29.41 -58.65
C THR B 883 28.70 28.40 -59.56
N PRO B 884 29.82 28.75 -60.20
CA PRO B 884 30.55 27.75 -60.99
C PRO B 884 31.36 26.82 -60.09
N ASP B 885 31.50 25.57 -60.55
CA ASP B 885 32.24 24.55 -59.82
C ASP B 885 31.66 24.39 -58.41
N ASN B 886 30.34 24.40 -58.31
CA ASN B 886 29.64 24.40 -57.03
C ASN B 886 29.54 22.98 -56.51
N ASP B 887 30.15 22.74 -55.35
CA ASP B 887 30.05 21.46 -54.65
C ASP B 887 28.92 21.43 -53.63
N ILE B 888 28.19 22.52 -53.48
CA ILE B 888 27.07 22.57 -52.54
C ILE B 888 25.88 21.89 -53.21
N LYS B 889 25.48 20.74 -52.66
CA LYS B 889 24.43 19.92 -53.25
C LYS B 889 23.24 19.71 -52.32
N ASP B 890 23.47 19.65 -51.01
CA ASP B 890 22.41 19.57 -50.00
C ASP B 890 22.56 20.75 -49.06
N TYR B 891 21.47 21.09 -48.37
CA TYR B 891 21.38 22.39 -47.72
C TYR B 891 22.43 22.58 -46.62
N GLU B 892 22.84 21.50 -45.95
CA GLU B 892 23.74 21.65 -44.80
C GLU B 892 25.07 22.28 -45.21
N ASP B 893 25.60 21.91 -46.37
CA ASP B 893 26.80 22.57 -46.88
C ASP B 893 26.57 24.07 -47.02
N LEU B 894 25.41 24.44 -47.57
CA LEU B 894 25.06 25.86 -47.63
C LEU B 894 24.97 26.45 -46.23
N GLN B 895 24.42 25.71 -45.27
CA GLN B 895 24.25 26.25 -43.93
C GLN B 895 25.60 26.64 -43.33
N SER B 896 26.58 25.74 -43.43
CA SER B 896 27.93 26.07 -43.00
C SER B 896 28.43 27.30 -43.74
N ALA B 897 28.20 27.37 -45.06
CA ALA B 897 28.61 28.54 -45.82
C ALA B 897 27.95 29.80 -45.27
N ILE B 898 26.66 29.72 -44.94
CA ILE B 898 25.96 30.87 -44.38
C ILE B 898 26.64 31.31 -43.09
N SER B 899 27.01 30.35 -42.25
CA SER B 899 27.72 30.69 -41.02
C SER B 899 28.97 31.49 -41.35
N PHE B 900 29.77 30.99 -42.30
CA PHE B 900 30.92 31.76 -42.76
C PHE B 900 30.55 33.16 -43.19
N LEU B 901 29.52 33.28 -44.04
CA LEU B 901 29.21 34.59 -44.60
C LEU B 901 28.73 35.54 -43.51
N ILE B 902 28.22 35.00 -42.41
CA ILE B 902 27.80 35.85 -41.30
C ILE B 902 29.00 36.28 -40.47
N GLU B 903 29.95 35.35 -40.25
CA GLU B 903 31.03 35.64 -39.32
C GLU B 903 32.21 36.33 -40.00
N THR B 904 32.09 36.63 -41.30
CA THR B 904 33.04 37.48 -42.01
C THR B 904 32.46 38.82 -42.40
N GLY B 905 31.27 39.16 -41.93
CA GLY B 905 30.67 40.44 -42.27
C GLY B 905 30.17 40.55 -43.69
N THR B 906 29.91 39.42 -44.34
CA THR B 906 29.38 39.41 -45.69
C THR B 906 27.86 39.41 -45.71
N LEU B 907 27.24 38.60 -44.86
CA LEU B 907 25.79 38.51 -44.73
C LEU B 907 25.37 38.86 -43.31
N LEU B 908 24.19 39.46 -43.20
CA LEU B 908 23.57 39.80 -41.92
C LEU B 908 22.30 38.99 -41.75
N HIS B 909 22.10 38.45 -40.55
CA HIS B 909 20.99 37.54 -40.30
C HIS B 909 20.33 37.83 -38.97
N PHE B 910 19.02 37.64 -38.91
CA PHE B 910 18.22 37.73 -37.70
C PHE B 910 17.45 36.43 -37.57
N PRO B 911 17.99 35.42 -36.86
CA PRO B 911 17.38 34.08 -36.92
C PRO B 911 16.07 33.98 -36.14
N ASP B 912 14.99 34.47 -36.75
CA ASP B 912 13.65 34.28 -36.23
C ASP B 912 12.97 33.18 -37.04
N THR B 913 12.90 31.98 -36.47
CA THR B 913 12.30 30.85 -37.16
C THR B 913 10.78 30.86 -37.15
N SER B 914 10.16 31.78 -36.41
CA SER B 914 8.71 31.83 -36.34
C SER B 914 8.11 32.21 -37.67
N HIS B 915 7.11 31.45 -38.12
CA HIS B 915 6.33 31.78 -39.31
C HIS B 915 7.19 31.89 -40.56
N GLY B 916 8.33 31.22 -40.58
CA GLY B 916 9.19 31.27 -41.75
C GLY B 916 9.86 32.61 -41.97
N LEU B 917 9.90 33.47 -40.96
CA LEU B 917 10.59 34.75 -41.06
C LEU B 917 12.09 34.59 -41.26
N ARG B 918 12.65 33.41 -40.97
CA ARG B 918 14.07 33.16 -41.15
C ARG B 918 14.50 33.21 -42.62
N ASN B 919 13.56 33.18 -43.57
CA ASN B 919 13.90 32.97 -44.97
C ASN B 919 14.39 34.23 -45.65
N LEU B 920 15.25 35.00 -44.98
CA LEU B 920 15.71 36.28 -45.50
C LEU B 920 17.09 36.56 -44.95
N TYR B 921 17.95 37.16 -45.75
CA TYR B 921 19.29 37.56 -45.35
C TYR B 921 19.56 38.98 -45.83
N PHE B 922 20.51 39.63 -45.18
CA PHE B 922 20.81 41.04 -45.39
C PHE B 922 22.22 41.20 -45.93
N LEU B 923 22.42 42.25 -46.73
CA LEU B 923 23.69 42.45 -47.43
C LEU B 923 24.48 43.63 -46.91
N ASP B 924 23.82 44.72 -46.54
CA ASP B 924 24.48 45.99 -46.23
C ASP B 924 24.04 46.51 -44.86
N PRO B 925 24.93 46.60 -43.87
CA PRO B 925 24.52 47.21 -42.59
C PRO B 925 24.04 48.64 -42.73
N ILE B 926 24.65 49.39 -43.65
CA ILE B 926 24.31 50.81 -43.81
C ILE B 926 22.88 50.96 -44.30
N TRP B 927 22.48 50.15 -45.29
CA TRP B 927 21.12 50.19 -45.80
C TRP B 927 20.11 49.80 -44.73
N LEU B 928 20.45 48.77 -43.95
CA LEU B 928 19.62 48.34 -42.83
C LEU B 928 19.39 49.49 -41.86
N SER B 929 20.48 50.12 -41.42
CA SER B 929 20.37 51.22 -40.46
C SER B 929 19.61 52.39 -41.06
N GLU B 930 19.80 52.64 -42.35
CA GLU B 930 19.10 53.74 -43.00
C GLU B 930 17.60 53.50 -43.00
N CYS B 931 17.17 52.28 -43.32
CA CYS B 931 15.74 51.97 -43.31
C CYS B 931 15.16 52.07 -41.91
N LEU B 932 15.89 51.55 -40.91
CA LEU B 932 15.39 51.62 -39.55
C LEU B 932 15.33 53.05 -39.04
N GLN B 933 16.27 53.91 -39.46
CA GLN B 933 16.20 55.31 -39.09
C GLN B 933 15.05 56.00 -39.82
N ARG B 934 14.80 55.61 -41.06
CA ARG B 934 13.70 56.22 -41.81
C ARG B 934 12.36 55.92 -41.14
N ILE B 935 12.12 54.67 -40.74
CA ILE B 935 10.91 54.36 -39.98
C ILE B 935 10.92 55.09 -38.64
N PHE B 936 12.07 55.13 -37.97
CA PHE B 936 12.12 55.85 -36.70
C PHE B 936 11.92 57.35 -36.90
N ASN B 937 12.33 57.87 -38.05
CA ASN B 937 12.25 59.30 -38.32
C ASN B 937 10.81 59.80 -38.42
N ILE B 938 9.84 58.92 -38.65
CA ILE B 938 8.49 59.36 -38.95
C ILE B 938 7.83 59.84 -37.65
N LYS B 939 7.89 61.16 -37.42
CA LYS B 939 7.23 61.78 -36.27
C LYS B 939 5.86 62.29 -36.70
N GLY B 940 4.97 61.34 -36.99
CA GLY B 940 3.62 61.69 -37.37
C GLY B 940 2.87 62.36 -36.23
N SER B 941 2.01 63.31 -36.60
CA SER B 941 1.19 64.00 -35.61
C SER B 941 0.18 63.03 -35.01
N ARG B 942 -0.58 63.52 -34.01
CA ARG B 942 -1.61 62.69 -33.41
C ARG B 942 -2.68 62.32 -34.43
N SER B 943 -2.91 63.15 -35.45
CA SER B 943 -3.76 62.78 -36.57
C SER B 943 -3.18 61.65 -37.40
N VAL B 944 -1.86 61.46 -37.35
CA VAL B 944 -1.18 60.38 -38.07
C VAL B 944 -0.94 59.20 -37.14
N ALA B 945 -0.29 59.43 -36.01
CA ALA B 945 -0.01 58.41 -35.01
C ALA B 945 -1.14 58.42 -33.99
N LYS B 946 -2.08 57.48 -34.14
CA LYS B 946 -3.22 57.38 -33.24
C LYS B 946 -2.75 56.73 -31.95
N ASN B 947 -2.10 57.53 -31.11
CA ASN B 947 -1.50 57.04 -29.87
C ASN B 947 -0.43 55.98 -30.16
N GLY B 948 0.35 56.21 -31.22
CA GLY B 948 1.49 55.38 -31.55
C GLY B 948 1.29 54.44 -32.72
N VAL B 949 0.07 54.29 -33.23
CA VAL B 949 -0.23 53.39 -34.33
C VAL B 949 -0.48 54.22 -35.59
N ILE B 950 0.05 53.79 -36.71
CA ILE B 950 -0.17 54.42 -38.01
C ILE B 950 -0.74 53.36 -38.94
N ARG B 951 -1.71 53.75 -39.76
CA ARG B 951 -2.37 52.81 -40.66
C ARG B 951 -1.37 52.18 -41.61
N ALA B 952 -1.66 50.93 -42.01
CA ALA B 952 -0.71 50.17 -42.82
C ALA B 952 -0.46 50.86 -44.16
N GLU B 953 -1.52 51.34 -44.81
CA GLU B 953 -1.35 52.03 -46.09
C GLU B 953 -0.55 53.32 -45.91
N ASP B 954 -0.82 54.06 -44.83
CA ASP B 954 -0.08 55.29 -44.58
C ASP B 954 1.41 55.01 -44.39
N LEU B 955 1.74 53.98 -43.61
CA LEU B 955 3.14 53.63 -43.40
C LEU B 955 3.77 53.17 -44.71
N ARG B 956 3.04 52.39 -45.50
CA ARG B 956 3.57 51.92 -46.77
C ARG B 956 3.90 53.10 -47.69
N MET B 957 2.99 54.09 -47.75
CA MET B 957 3.22 55.24 -48.61
C MET B 957 4.37 56.10 -48.10
N LEU B 958 4.39 56.38 -46.79
CA LEU B 958 5.37 57.29 -46.23
C LEU B 958 6.80 56.80 -46.43
N LEU B 959 6.98 55.49 -46.53
CA LEU B 959 8.29 54.87 -46.52
C LEU B 959 8.87 54.62 -47.90
N VAL B 960 8.13 54.93 -48.97
CA VAL B 960 8.63 54.68 -50.32
C VAL B 960 9.84 55.56 -50.57
N GLY B 961 10.85 54.99 -51.24
CA GLY B 961 12.10 55.66 -51.46
C GLY B 961 13.26 54.71 -51.26
N THR B 962 13.07 53.74 -50.37
CA THR B 962 14.03 52.67 -50.13
C THR B 962 13.27 51.35 -50.15
N GLY B 963 12.38 51.20 -51.13
CA GLY B 963 11.53 50.02 -51.23
C GLY B 963 10.09 50.33 -50.82
N PHE B 964 9.52 49.39 -50.05
CA PHE B 964 8.17 49.52 -49.50
C PHE B 964 7.11 49.58 -50.61
N THR B 965 7.35 48.85 -51.69
CA THR B 965 6.38 48.68 -52.76
C THR B 965 5.48 47.49 -52.47
N GLN B 966 4.52 47.26 -53.37
CA GLN B 966 3.63 46.11 -53.23
C GLN B 966 4.38 44.80 -53.37
N GLN B 967 5.53 44.81 -54.05
CA GLN B 967 6.33 43.61 -54.23
C GLN B 967 7.25 43.33 -53.04
N THR B 968 7.33 44.26 -52.08
CA THR B 968 8.22 44.13 -50.94
C THR B 968 7.55 44.42 -49.61
N GLU B 969 6.26 44.78 -49.60
CA GLU B 969 5.59 45.17 -48.37
C GLU B 969 5.60 44.04 -47.35
N GLU B 970 5.37 42.81 -47.81
CA GLU B 970 5.30 41.69 -46.89
C GLU B 970 6.66 41.43 -46.24
N GLN B 971 7.72 41.46 -47.03
CA GLN B 971 9.06 41.28 -46.48
C GLN B 971 9.39 42.40 -45.51
N TYR B 972 9.03 43.64 -45.86
CA TYR B 972 9.37 44.77 -44.99
C TYR B 972 8.64 44.68 -43.65
N PHE B 973 7.35 44.31 -43.69
CA PHE B 973 6.61 44.22 -42.43
C PHE B 973 7.05 43.01 -41.61
N GLN B 974 7.39 41.89 -42.26
CA GLN B 974 8.03 40.80 -41.55
C GLN B 974 9.29 41.27 -40.84
N PHE B 975 10.13 42.01 -41.55
CA PHE B 975 11.37 42.53 -40.99
C PHE B 975 11.11 43.44 -39.79
N LEU B 976 10.19 44.38 -39.94
CA LEU B 976 9.90 45.31 -38.85
C LEU B 976 9.31 44.58 -37.65
N ALA B 977 8.51 43.54 -37.88
CA ALA B 977 8.00 42.74 -36.78
C ALA B 977 9.12 42.01 -36.07
N LYS B 978 10.10 41.51 -36.83
CA LYS B 978 11.24 40.81 -36.21
C LYS B 978 12.00 41.74 -35.27
N PHE B 979 12.24 42.98 -35.70
CA PHE B 979 12.91 43.96 -34.85
C PHE B 979 11.94 44.69 -33.92
N GLU B 980 10.65 44.38 -33.98
CA GLU B 980 9.64 45.02 -33.14
C GLU B 980 9.65 46.54 -33.36
N ILE B 981 9.58 46.94 -34.62
CA ILE B 981 9.53 48.34 -35.00
C ILE B 981 8.12 48.76 -35.38
N ALA B 982 7.41 47.91 -36.12
CA ALA B 982 6.03 48.18 -36.55
C ALA B 982 5.24 46.90 -36.33
N LEU B 983 4.66 46.76 -35.13
CA LEU B 983 3.94 45.53 -34.80
C LEU B 983 2.51 45.60 -35.32
N PRO B 984 1.95 44.50 -35.83
CA PRO B 984 0.58 44.57 -36.36
C PRO B 984 -0.43 44.96 -35.28
N VAL B 985 -1.43 45.75 -35.69
CA VAL B 985 -2.46 46.27 -34.80
C VAL B 985 -3.80 46.05 -35.46
N ALA B 986 -4.62 45.18 -34.87
CA ALA B 986 -5.91 44.75 -35.41
C ALA B 986 -5.68 44.29 -36.84
N ASN B 987 -6.54 44.64 -37.79
CA ASN B 987 -6.25 44.50 -39.22
C ASN B 987 -6.17 45.88 -39.86
N ASP B 988 -5.82 46.88 -39.07
CA ASP B 988 -5.91 48.29 -39.45
C ASP B 988 -4.56 48.98 -39.53
N SER B 989 -3.68 48.81 -38.56
CA SER B 989 -2.52 49.68 -38.43
C SER B 989 -1.33 48.89 -37.93
N TYR B 990 -0.24 49.61 -37.66
CA TYR B 990 0.93 49.07 -36.99
C TYR B 990 1.39 50.03 -35.90
N LEU B 991 1.76 49.45 -34.76
CA LEU B 991 2.24 50.18 -33.60
C LEU B 991 3.74 50.41 -33.74
N LEU B 992 4.16 51.67 -33.58
CA LEU B 992 5.55 52.09 -33.59
C LEU B 992 5.93 52.50 -32.18
N PRO B 993 6.68 51.68 -31.42
CA PRO B 993 6.84 51.95 -29.98
C PRO B 993 7.48 53.29 -29.63
N HIS B 994 8.25 53.89 -30.54
CA HIS B 994 8.85 55.18 -30.22
C HIS B 994 7.85 56.34 -30.35
N LEU B 995 6.63 56.09 -30.81
CA LEU B 995 5.61 57.11 -30.98
C LEU B 995 4.50 57.01 -29.94
N LEU B 996 4.76 56.38 -28.80
CA LEU B 996 3.75 56.28 -27.76
C LEU B 996 3.36 57.68 -27.26
N PRO B 997 2.10 57.89 -26.89
CA PRO B 997 1.69 59.23 -26.44
C PRO B 997 2.22 59.54 -25.05
N SER B 998 2.27 60.83 -24.74
CA SER B 998 2.57 61.25 -23.39
C SER B 998 1.46 60.80 -22.45
N LYS B 999 1.72 60.94 -21.15
CA LYS B 999 0.74 60.53 -20.14
C LYS B 999 -0.55 61.34 -20.32
N PRO B 1000 -1.64 60.74 -20.80
CA PRO B 1000 -2.84 61.54 -21.07
C PRO B 1000 -3.47 62.06 -19.78
N GLY B 1001 -4.20 63.16 -19.91
CA GLY B 1001 -4.86 63.76 -18.77
C GLY B 1001 -6.08 62.98 -18.33
N LEU B 1002 -5.86 61.75 -17.88
CA LEU B 1002 -6.93 60.87 -17.42
C LEU B 1002 -6.71 60.52 -15.95
N ASP B 1003 -7.81 60.27 -15.26
CA ASP B 1003 -7.77 59.98 -13.82
C ASP B 1003 -7.34 58.53 -13.64
N THR B 1004 -6.03 58.30 -13.59
CA THR B 1004 -5.46 56.98 -13.35
C THR B 1004 -5.47 56.60 -11.87
N HIS B 1005 -5.80 57.54 -10.98
CA HIS B 1005 -5.90 57.28 -9.55
C HIS B 1005 -7.32 57.02 -9.08
N GLY B 1006 -8.33 57.56 -9.79
CA GLY B 1006 -9.71 57.27 -9.48
C GLY B 1006 -10.13 55.86 -9.83
N MET B 1007 -9.32 55.15 -10.61
CA MET B 1007 -9.57 53.77 -10.98
C MET B 1007 -9.09 52.80 -9.91
N ARG B 1008 -8.38 53.28 -8.89
CA ARG B 1008 -7.85 52.47 -7.81
C ARG B 1008 -8.88 52.30 -6.71
N HIS B 1009 -8.86 51.12 -6.08
CA HIS B 1009 -9.84 50.74 -5.06
C HIS B 1009 -9.17 50.64 -3.70
N PRO B 1010 -9.83 51.10 -2.61
CA PRO B 1010 -9.23 50.89 -1.28
C PRO B 1010 -9.55 49.51 -0.73
N THR B 1011 -8.94 48.49 -1.34
CA THR B 1011 -9.23 47.10 -1.08
C THR B 1011 -7.99 46.42 -0.49
N ALA B 1012 -8.22 45.31 0.20
CA ALA B 1012 -7.14 44.50 0.75
C ALA B 1012 -6.52 43.56 -0.29
N ASN B 1013 -7.21 43.33 -1.40
CA ASN B 1013 -6.69 42.47 -2.47
C ASN B 1013 -5.78 43.27 -3.39
N THR B 1014 -4.68 43.74 -2.81
CA THR B 1014 -3.71 44.60 -3.50
C THR B 1014 -2.35 43.94 -3.42
N ILE B 1015 -1.69 43.79 -4.57
CA ILE B 1015 -0.32 43.29 -4.62
C ILE B 1015 0.52 44.31 -5.36
N GLN B 1016 1.72 44.57 -4.84
CA GLN B 1016 2.62 45.57 -5.41
C GLN B 1016 4.02 44.99 -5.56
N ARG B 1017 4.67 45.34 -6.65
CA ARG B 1017 6.06 45.00 -6.90
C ARG B 1017 6.79 46.26 -7.35
N VAL B 1018 8.08 46.34 -7.04
CA VAL B 1018 8.90 47.49 -7.41
C VAL B 1018 10.22 46.96 -7.95
N PHE B 1019 10.55 47.40 -9.16
CA PHE B 1019 11.81 47.06 -9.81
C PHE B 1019 12.77 48.23 -9.70
N LYS B 1020 14.01 47.93 -9.29
CA LYS B 1020 15.11 48.87 -9.32
C LYS B 1020 16.11 48.40 -10.37
N MET B 1021 16.66 49.34 -11.12
CA MET B 1021 17.55 49.05 -12.23
C MET B 1021 18.74 50.01 -12.18
N SER B 1022 19.94 49.44 -12.29
CA SER B 1022 21.15 50.26 -12.34
C SER B 1022 21.10 51.25 -13.48
N PHE B 1023 20.54 50.84 -14.62
CA PHE B 1023 20.32 51.74 -15.74
C PHE B 1023 19.05 51.32 -16.45
N VAL B 1024 18.49 52.25 -17.22
CA VAL B 1024 17.29 52.01 -18.03
C VAL B 1024 17.74 51.93 -19.49
N PRO B 1025 17.59 50.79 -20.17
CA PRO B 1025 17.97 50.74 -21.58
C PRO B 1025 17.14 51.71 -22.41
N VAL B 1026 17.77 52.27 -23.44
CA VAL B 1026 17.07 53.17 -24.34
C VAL B 1026 16.05 52.37 -25.13
N GLY B 1027 14.80 52.83 -25.12
CA GLY B 1027 13.71 52.09 -25.72
C GLY B 1027 13.19 50.95 -24.87
N PHE B 1028 13.65 50.83 -23.62
CA PHE B 1028 13.15 49.79 -22.73
C PHE B 1028 11.64 49.88 -22.55
N TRP B 1029 11.16 51.05 -22.15
CA TRP B 1029 9.75 51.22 -21.87
C TRP B 1029 8.90 51.08 -23.12
N GLN B 1030 9.37 51.62 -24.24
CA GLN B 1030 8.58 51.56 -25.46
C GLN B 1030 8.32 50.11 -25.89
N ARG B 1031 9.40 49.32 -26.00
CA ARG B 1031 9.26 47.93 -26.40
C ARG B 1031 8.46 47.14 -25.37
N PHE B 1032 8.72 47.38 -24.09
CA PHE B 1032 8.04 46.68 -23.00
C PHE B 1032 6.53 46.91 -23.06
N ILE B 1033 6.13 48.17 -23.20
CA ILE B 1033 4.72 48.54 -23.21
C ILE B 1033 4.06 48.00 -24.47
N ALA B 1034 4.76 48.09 -25.61
CA ALA B 1034 4.21 47.56 -26.84
C ALA B 1034 3.97 46.06 -26.74
N ARG B 1035 4.87 45.35 -26.06
CA ARG B 1035 4.67 43.90 -25.94
C ARG B 1035 3.45 43.59 -25.08
N MET B 1036 3.26 44.32 -23.96
CA MET B 1036 2.01 44.07 -23.23
C MET B 1036 0.79 44.43 -24.07
N LEU B 1037 0.86 45.50 -24.87
CA LEU B 1037 -0.29 45.87 -25.67
C LEU B 1037 -0.66 44.77 -26.66
N ILE B 1038 0.32 44.26 -27.40
CA ILE B 1038 0.03 43.24 -28.41
C ILE B 1038 -0.40 41.93 -27.75
N SER B 1039 0.21 41.60 -26.61
CA SER B 1039 -0.20 40.40 -25.89
C SER B 1039 -1.64 40.49 -25.40
N LEU B 1040 -2.02 41.65 -24.85
CA LEU B 1040 -3.40 41.85 -24.45
C LEU B 1040 -4.34 41.77 -25.64
N ALA B 1041 -3.91 42.32 -26.79
CA ALA B 1041 -4.74 42.26 -27.99
C ALA B 1041 -4.98 40.82 -28.43
N GLU B 1042 -3.92 40.00 -28.47
CA GLU B 1042 -4.10 38.63 -28.93
C GLU B 1042 -4.88 37.81 -27.90
N MET B 1043 -4.72 38.12 -26.61
CA MET B 1043 -5.55 37.47 -25.60
C MET B 1043 -7.02 37.82 -25.80
N ASP B 1044 -7.31 39.09 -26.07
CA ASP B 1044 -8.68 39.50 -26.33
C ASP B 1044 -9.24 38.79 -27.54
N LEU B 1045 -8.41 38.63 -28.57
CA LEU B 1045 -8.85 37.91 -29.76
C LEU B 1045 -9.16 36.45 -29.45
N GLN B 1046 -8.25 35.77 -28.75
CA GLN B 1046 -8.46 34.34 -28.46
C GLN B 1046 -9.58 34.14 -27.47
N LEU B 1047 -9.73 35.05 -26.49
CA LEU B 1047 -10.79 34.92 -25.50
C LEU B 1047 -12.17 34.99 -26.12
N PHE B 1048 -12.30 35.55 -27.32
CA PHE B 1048 -13.57 35.57 -28.04
C PHE B 1048 -14.09 34.16 -28.27
N THR B 1062 -0.04 32.37 -33.42
CA THR B 1062 -0.67 31.12 -33.04
C THR B 1062 0.39 30.07 -32.72
N ILE B 1063 1.11 30.27 -31.62
CA ILE B 1063 2.17 29.37 -31.18
C ILE B 1063 1.76 28.80 -29.82
N TYR B 1064 1.72 27.48 -29.72
CA TYR B 1064 1.25 26.78 -28.53
C TYR B 1064 2.20 25.63 -28.22
N SER B 1065 1.92 24.92 -27.13
CA SER B 1065 2.84 23.91 -26.64
C SER B 1065 2.08 22.83 -25.89
N PHE B 1066 2.75 21.69 -25.71
CA PHE B 1066 2.24 20.55 -24.95
C PHE B 1066 3.44 19.74 -24.48
N THR B 1067 3.21 18.86 -23.50
CA THR B 1067 4.26 18.00 -22.97
C THR B 1067 5.31 18.84 -22.27
N GLY B 1068 6.23 18.21 -21.54
CA GLY B 1068 7.34 18.93 -20.98
C GLY B 1068 8.22 19.49 -22.08
N ASN B 1069 8.14 20.81 -22.29
CA ASN B 1069 8.82 21.44 -23.41
C ASN B 1069 9.28 22.84 -23.00
N GLN B 1070 10.37 23.28 -23.65
CA GLN B 1070 10.92 24.61 -23.37
C GLN B 1070 9.99 25.74 -23.80
N ARG B 1071 9.11 25.50 -24.77
CA ARG B 1071 8.25 26.57 -25.29
C ARG B 1071 7.32 27.07 -24.20
N ASN B 1072 7.16 28.39 -24.15
CA ASN B 1072 6.35 29.05 -23.13
C ASN B 1072 5.21 29.85 -23.75
N ARG B 1073 4.16 30.04 -22.96
CA ARG B 1073 3.01 30.83 -23.38
C ARG B 1073 2.29 31.30 -22.12
N CYS B 1074 1.55 32.40 -22.24
CA CYS B 1074 0.79 32.95 -21.12
C CYS B 1074 -0.59 32.30 -21.07
N SER B 1075 -0.60 30.97 -21.04
CA SER B 1075 -1.85 30.23 -20.90
C SER B 1075 -2.47 30.42 -19.52
N THR B 1076 -1.71 30.88 -18.54
CA THR B 1076 -2.23 31.15 -17.21
C THR B 1076 -3.02 32.44 -17.14
N PHE B 1077 -2.99 33.27 -18.19
CA PHE B 1077 -3.66 34.55 -18.22
C PHE B 1077 -4.98 34.38 -18.96
N ARG B 1078 -6.09 34.51 -18.23
CA ARG B 1078 -7.43 34.52 -18.80
C ARG B 1078 -8.23 35.66 -18.18
N VAL B 1079 -8.13 36.84 -18.78
CA VAL B 1079 -8.72 38.05 -18.22
C VAL B 1079 -9.41 38.82 -19.35
N LYS B 1080 -10.63 39.27 -19.09
CA LYS B 1080 -11.37 40.09 -20.03
C LYS B 1080 -11.15 41.56 -19.67
N ARG B 1081 -10.50 42.29 -20.58
CA ARG B 1081 -10.24 43.70 -20.35
C ARG B 1081 -11.52 44.51 -20.48
N ASN B 1082 -11.54 45.67 -19.82
CA ASN B 1082 -12.62 46.65 -19.94
C ASN B 1082 -12.13 47.97 -20.52
N GLN B 1083 -10.99 48.47 -20.05
CA GLN B 1083 -10.41 49.69 -20.59
C GLN B 1083 -8.89 49.59 -20.56
N THR B 1084 -8.23 50.38 -21.42
CA THR B 1084 -6.78 50.42 -21.49
C THR B 1084 -6.33 51.87 -21.65
N ILE B 1085 -5.33 52.25 -20.87
CA ILE B 1085 -4.64 53.52 -20.99
C ILE B 1085 -3.16 53.21 -21.08
N TYR B 1086 -2.45 53.90 -21.98
CA TYR B 1086 -1.02 53.66 -22.13
C TYR B 1086 -0.32 54.94 -22.58
N TRP B 1087 0.95 55.04 -22.20
CA TRP B 1087 1.76 56.21 -22.48
C TRP B 1087 3.22 55.78 -22.45
N GLN B 1088 4.09 56.67 -22.92
CA GLN B 1088 5.51 56.38 -23.16
C GLN B 1088 6.17 55.60 -22.03
N GLU B 1089 5.78 55.86 -20.79
CA GLU B 1089 6.45 55.31 -19.62
C GLU B 1089 5.49 54.56 -18.69
N GLY B 1090 4.39 54.02 -19.22
CA GLY B 1090 3.52 53.21 -18.37
C GLY B 1090 2.23 52.83 -19.05
N LEU B 1091 1.43 52.07 -18.32
CA LEU B 1091 0.12 51.65 -18.81
C LEU B 1091 -0.73 51.11 -17.67
N LEU B 1092 -2.03 51.42 -17.75
CA LEU B 1092 -3.07 50.88 -16.89
C LEU B 1092 -4.00 50.03 -17.73
N VAL B 1093 -4.40 48.88 -17.20
CA VAL B 1093 -5.41 48.03 -17.83
C VAL B 1093 -6.46 47.68 -16.78
N THR B 1094 -7.73 47.89 -17.11
CA THR B 1094 -8.84 47.66 -16.22
C THR B 1094 -9.70 46.53 -16.76
N PHE B 1095 -9.88 45.48 -15.96
CA PHE B 1095 -10.56 44.27 -16.38
C PHE B 1095 -11.69 43.95 -15.40
N ASP B 1096 -12.55 43.02 -15.82
CA ASP B 1096 -13.66 42.58 -14.98
C ASP B 1096 -13.11 42.02 -13.67
N GLY B 1097 -13.34 42.76 -12.58
CA GLY B 1097 -12.90 42.35 -11.27
C GLY B 1097 -11.66 43.04 -10.75
N GLY B 1098 -11.02 43.91 -11.52
CA GLY B 1098 -9.86 44.60 -11.00
C GLY B 1098 -9.09 45.33 -12.08
N TYR B 1099 -7.79 45.52 -11.83
CA TYR B 1099 -6.93 46.24 -12.76
C TYR B 1099 -5.48 45.95 -12.44
N LEU B 1100 -4.60 46.38 -13.35
CA LEU B 1100 -3.16 46.34 -13.15
C LEU B 1100 -2.55 47.61 -13.75
N SER B 1101 -1.64 48.22 -13.00
CA SER B 1101 -0.93 49.43 -13.41
C SER B 1101 0.56 49.16 -13.38
N VAL B 1102 1.27 49.66 -14.39
CA VAL B 1102 2.73 49.66 -14.43
C VAL B 1102 3.16 51.07 -14.78
N GLU B 1103 4.16 51.59 -14.07
CA GLU B 1103 4.63 52.94 -14.36
C GLU B 1103 6.05 53.14 -13.85
N SER B 1104 6.84 53.89 -14.62
CA SER B 1104 8.19 54.23 -14.19
C SER B 1104 8.13 55.03 -12.89
N SER B 1105 9.10 54.76 -12.02
CA SER B 1105 9.13 55.40 -10.71
C SER B 1105 10.57 55.61 -10.29
N ASP B 1106 10.77 56.61 -9.43
CA ASP B 1106 12.10 56.92 -8.88
C ASP B 1106 12.31 56.05 -7.64
N VAL B 1107 12.69 54.80 -7.90
CA VAL B 1107 12.88 53.81 -6.85
C VAL B 1107 14.20 54.10 -6.14
N ASN B 1108 14.13 54.28 -4.82
CA ASN B 1108 15.32 54.60 -4.04
C ASN B 1108 15.32 53.83 -2.72
N TRP B 1109 15.04 52.53 -2.78
CA TRP B 1109 15.16 51.71 -1.60
C TRP B 1109 16.60 51.71 -1.09
N LYS B 1110 16.75 51.89 0.21
CA LYS B 1110 18.08 51.97 0.86
C LYS B 1110 18.96 53.03 0.21
N LYS B 1111 18.39 54.21 -0.05
CA LYS B 1111 19.03 55.34 -0.74
C LYS B 1111 19.71 54.93 -2.04
N LYS B 1112 19.31 53.82 -2.66
CA LYS B 1112 19.89 53.37 -3.93
C LYS B 1112 19.01 53.90 -5.07
N LYS B 1113 19.05 55.22 -5.25
CA LYS B 1113 18.27 55.85 -6.31
C LYS B 1113 18.84 55.42 -7.66
N SER B 1114 17.96 54.96 -8.55
CA SER B 1114 18.37 54.57 -9.90
C SER B 1114 17.11 54.45 -10.75
N GLY B 1115 17.23 53.87 -11.94
CA GLY B 1115 16.05 53.59 -12.73
C GLY B 1115 15.16 52.61 -12.02
N GLY B 1116 13.93 52.49 -12.50
CA GLY B 1116 13.02 51.53 -11.90
C GLY B 1116 11.58 51.82 -12.26
N MET B 1117 10.71 51.03 -11.64
CA MET B 1117 9.29 51.07 -11.95
C MET B 1117 8.49 50.45 -10.81
N LYS B 1118 7.19 50.70 -10.82
CA LYS B 1118 6.25 50.14 -9.87
C LYS B 1118 5.14 49.44 -10.64
N ILE B 1119 4.66 48.33 -10.09
CA ILE B 1119 3.53 47.59 -10.60
C ILE B 1119 2.57 47.39 -9.43
N VAL B 1120 1.28 47.66 -9.65
CA VAL B 1120 0.26 47.41 -8.65
C VAL B 1120 -0.92 46.71 -9.34
N CYS B 1121 -1.33 45.57 -8.79
CA CYS B 1121 -2.44 44.79 -9.33
C CYS B 1121 -3.45 44.59 -8.21
N GLN B 1122 -4.71 44.90 -8.52
CA GLN B 1122 -5.82 44.65 -7.60
C GLN B 1122 -6.84 43.77 -8.30
N SER B 1123 -7.43 42.85 -7.54
CA SER B 1123 -8.38 41.89 -8.08
C SER B 1123 -9.28 41.42 -6.94
N GLU B 1124 -10.58 41.70 -7.05
CA GLU B 1124 -11.52 41.37 -6.00
C GLU B 1124 -11.80 39.87 -5.89
N VAL B 1125 -11.35 39.07 -6.86
CA VAL B 1125 -11.52 37.62 -6.84
C VAL B 1125 -10.21 36.90 -6.53
N ARG B 1126 -9.20 37.61 -6.05
CA ARG B 1126 -7.88 37.05 -5.72
C ARG B 1126 -7.19 36.44 -6.94
N ASP B 1127 -7.58 36.88 -8.14
CA ASP B 1127 -6.94 36.43 -9.37
C ASP B 1127 -5.88 37.45 -9.76
N PHE B 1128 -4.62 37.14 -9.46
CA PHE B 1128 -3.49 38.00 -9.79
C PHE B 1128 -2.63 37.41 -10.89
N SER B 1129 -3.26 36.68 -11.81
CA SER B 1129 -2.52 36.15 -12.97
C SER B 1129 -1.95 37.25 -13.84
N ALA B 1130 -2.53 38.46 -13.77
CA ALA B 1130 -1.98 39.58 -14.54
C ALA B 1130 -0.57 39.91 -14.10
N MET B 1131 -0.28 39.82 -12.81
CA MET B 1131 1.08 40.09 -12.35
C MET B 1131 2.07 39.04 -12.83
N ALA B 1132 1.69 37.76 -12.84
CA ALA B 1132 2.57 36.74 -13.41
C ALA B 1132 2.75 36.95 -14.90
N PHE B 1133 1.69 37.39 -15.58
CA PHE B 1133 1.77 37.76 -16.99
C PHE B 1133 2.80 38.85 -17.20
N ILE B 1134 2.76 39.90 -16.38
CA ILE B 1134 3.73 40.98 -16.48
C ILE B 1134 5.13 40.48 -16.13
N THR B 1135 5.24 39.56 -15.17
CA THR B 1135 6.56 39.03 -14.80
C THR B 1135 7.19 38.27 -15.96
N ASP B 1136 6.41 37.38 -16.58
CA ASP B 1136 6.90 36.65 -17.75
C ASP B 1136 7.26 37.61 -18.87
N HIS B 1137 6.46 38.67 -19.05
CA HIS B 1137 6.79 39.66 -20.07
C HIS B 1137 8.09 40.39 -19.76
N VAL B 1138 8.30 40.76 -18.50
CA VAL B 1138 9.56 41.40 -18.11
C VAL B 1138 10.72 40.49 -18.47
N ASN B 1139 10.63 39.22 -18.07
CA ASN B 1139 11.72 38.28 -18.32
C ASN B 1139 11.95 38.11 -19.82
N SER B 1140 10.88 37.98 -20.61
CA SER B 1140 11.01 37.77 -22.04
C SER B 1140 11.64 38.97 -22.72
N LEU B 1141 11.15 40.18 -22.38
CA LEU B 1141 11.73 41.39 -22.95
C LEU B 1141 13.22 41.48 -22.66
N ILE B 1142 13.61 41.29 -21.39
CA ILE B 1142 15.02 41.47 -21.07
C ILE B 1142 15.85 40.41 -21.77
N ASP B 1143 15.39 39.15 -21.77
CA ASP B 1143 16.16 38.09 -22.41
C ASP B 1143 16.31 38.34 -23.91
N GLN B 1144 15.28 38.89 -24.55
CA GLN B 1144 15.35 39.08 -26.00
C GLN B 1144 16.21 40.27 -26.37
N TRP B 1145 15.99 41.42 -25.73
CA TRP B 1145 16.56 42.68 -26.22
C TRP B 1145 17.62 43.29 -25.32
N PHE B 1146 17.57 43.05 -24.01
CA PHE B 1146 18.59 43.56 -23.08
C PHE B 1146 19.12 42.43 -22.20
N PRO B 1147 19.52 41.30 -22.80
CA PRO B 1147 19.95 40.16 -21.97
C PRO B 1147 21.18 40.45 -21.15
N ALA B 1148 21.98 41.44 -21.55
CA ALA B 1148 23.10 41.89 -20.74
C ALA B 1148 22.68 42.35 -19.36
N LEU B 1149 21.43 42.81 -19.21
CA LEU B 1149 20.93 43.25 -17.93
C LEU B 1149 20.66 42.09 -16.98
N THR B 1150 20.53 40.86 -17.51
CA THR B 1150 20.37 39.66 -16.68
C THR B 1150 21.73 39.24 -16.13
N ALA B 1151 22.27 40.07 -15.25
CA ALA B 1151 23.58 39.82 -14.68
C ALA B 1151 23.72 40.66 -13.41
N THR B 1152 24.92 40.63 -12.85
CA THR B 1152 25.27 41.38 -11.65
C THR B 1152 26.45 42.28 -11.94
N GLU B 1153 26.88 43.02 -10.91
CA GLU B 1153 28.10 43.80 -11.00
C GLU B 1153 29.30 42.86 -10.85
N SER B 1154 30.50 43.42 -10.97
CA SER B 1154 31.70 42.61 -10.82
C SER B 1154 31.82 42.04 -9.40
N ASP B 1155 31.21 42.70 -8.42
CA ASP B 1155 31.23 42.24 -7.04
C ASP B 1155 30.03 41.36 -6.67
N GLY B 1156 29.13 41.09 -7.62
CA GLY B 1156 27.96 40.27 -7.39
C GLY B 1156 26.69 41.04 -7.11
N THR B 1157 26.73 42.37 -7.12
CA THR B 1157 25.54 43.15 -6.90
C THR B 1157 24.62 43.05 -8.12
N PRO B 1158 23.34 42.68 -7.96
CA PRO B 1158 22.47 42.55 -9.14
C PRO B 1158 22.34 43.87 -9.89
N LEU B 1159 22.32 43.77 -11.23
CA LEU B 1159 22.01 44.91 -12.06
C LEU B 1159 20.55 45.35 -11.90
N MET B 1160 19.63 44.41 -11.77
CA MET B 1160 18.25 44.69 -11.40
C MET B 1160 17.96 44.02 -10.07
N GLU B 1161 17.07 44.62 -9.30
CA GLU B 1161 16.53 44.02 -8.09
C GLU B 1161 15.03 44.23 -8.04
N GLN B 1162 14.35 43.34 -7.34
CA GLN B 1162 12.89 43.40 -7.20
C GLN B 1162 12.55 43.32 -5.73
N TYR B 1163 11.57 44.14 -5.31
CA TYR B 1163 11.11 44.16 -3.94
C TYR B 1163 9.58 44.23 -3.93
N VAL B 1164 9.00 43.81 -2.83
CA VAL B 1164 7.54 43.85 -2.66
C VAL B 1164 7.24 44.67 -1.42
N PRO B 1165 6.42 45.73 -1.49
CA PRO B 1165 6.08 46.46 -0.27
C PRO B 1165 5.42 45.56 0.77
N CYS B 1166 5.79 45.75 2.02
CA CYS B 1166 5.34 44.88 3.10
C CYS B 1166 3.92 45.25 3.51
N PRO B 1167 2.94 44.34 3.44
CA PRO B 1167 1.59 44.69 3.93
C PRO B 1167 1.55 45.11 5.40
N VAL B 1168 2.31 44.44 6.26
CA VAL B 1168 2.26 44.77 7.68
C VAL B 1168 2.87 46.14 7.95
N CYS B 1169 4.03 46.42 7.37
CA CYS B 1169 4.65 47.72 7.58
C CYS B 1169 3.82 48.84 6.95
N GLU B 1170 3.26 48.59 5.76
CA GLU B 1170 2.40 49.59 5.14
C GLU B 1170 1.17 49.86 5.99
N THR B 1171 0.59 48.81 6.58
CA THR B 1171 -0.55 48.99 7.48
C THR B 1171 -0.13 49.78 8.72
N ALA B 1172 1.06 49.47 9.26
CA ALA B 1172 1.53 50.18 10.45
C ALA B 1172 1.72 51.66 10.17
N TRP B 1173 2.36 52.01 9.05
CA TRP B 1173 2.50 53.41 8.69
C TRP B 1173 1.13 54.03 8.38
N ALA B 1174 0.29 53.31 7.65
CA ALA B 1174 -1.03 53.79 7.27
C ALA B 1174 -2.04 53.46 8.36
N SER B 1183 5.53 59.13 1.53
CA SER B 1183 5.41 58.50 2.84
C SER B 1183 6.77 58.41 3.52
N GLU B 1184 7.49 57.31 3.28
CA GLU B 1184 8.80 57.10 3.87
C GLU B 1184 9.41 55.87 3.21
N ASP B 1185 10.57 55.45 3.71
CA ASP B 1185 11.21 54.21 3.27
C ASP B 1185 10.54 53.05 3.99
N VAL B 1186 9.27 52.84 3.68
CA VAL B 1186 8.49 51.75 4.29
C VAL B 1186 9.16 50.42 3.93
N GLN B 1187 8.95 49.41 4.77
CA GLN B 1187 9.67 48.16 4.59
C GLN B 1187 9.14 47.41 3.37
N TYR B 1188 9.87 46.36 3.01
CA TYR B 1188 9.65 45.61 1.79
C TYR B 1188 10.41 44.30 1.91
N PHE B 1189 10.09 43.36 1.03
CA PHE B 1189 10.70 42.04 1.03
C PHE B 1189 11.41 41.82 -0.29
N ASP B 1190 12.64 41.33 -0.21
CA ASP B 1190 13.40 40.98 -1.39
C ASP B 1190 12.69 39.85 -2.14
N MET B 1191 12.53 40.02 -3.45
CA MET B 1191 11.82 39.03 -4.24
C MET B 1191 12.50 37.66 -4.16
N GLU B 1192 13.85 37.66 -4.12
CA GLU B 1192 14.57 36.39 -4.00
C GLU B 1192 14.23 35.69 -2.70
N ASP B 1193 14.18 36.43 -1.59
CA ASP B 1193 13.81 35.82 -0.32
C ASP B 1193 12.35 35.40 -0.33
N CYS B 1194 11.49 36.19 -0.98
CA CYS B 1194 10.08 35.82 -1.08
C CYS B 1194 9.92 34.46 -1.75
N VAL B 1195 10.56 34.27 -2.90
CA VAL B 1195 10.43 33.00 -3.61
C VAL B 1195 11.12 31.88 -2.85
N LEU B 1196 12.27 32.16 -2.22
CA LEU B 1196 12.95 31.14 -1.44
C LEU B 1196 12.11 30.68 -0.26
N THR B 1197 11.24 31.56 0.25
CA THR B 1197 10.43 31.20 1.42
C THR B 1197 9.11 30.56 1.00
N ALA B 1198 8.57 30.98 -0.14
CA ALA B 1198 7.29 30.43 -0.58
C ALA B 1198 7.38 28.94 -0.85
N ILE B 1199 8.50 28.48 -1.39
CA ILE B 1199 8.68 27.06 -1.69
C ILE B 1199 8.73 26.20 -0.43
N GLU B 1200 9.30 26.72 0.66
CA GLU B 1200 9.36 25.98 1.93
C GLU B 1200 8.21 26.26 2.87
N ARG B 1201 7.88 27.53 3.10
CA ARG B 1201 7.06 27.91 4.25
C ARG B 1201 5.92 28.79 3.78
N ASP B 1202 4.84 28.79 4.56
CA ASP B 1202 3.73 29.69 4.31
C ASP B 1202 4.06 31.12 4.75
N PHE B 1203 5.18 31.32 5.42
CA PHE B 1203 5.43 32.55 6.16
C PHE B 1203 6.86 33.06 6.00
N ILE B 1204 6.98 34.39 5.93
CA ILE B 1204 8.23 35.12 6.06
C ILE B 1204 8.06 36.22 7.10
N SER B 1205 9.09 36.40 7.91
CA SER B 1205 9.06 37.40 8.97
C SER B 1205 9.21 38.81 8.40
N CYS B 1206 8.61 39.77 9.11
CA CYS B 1206 8.74 41.19 8.77
C CYS B 1206 9.97 41.76 9.49
N PRO B 1207 10.82 42.54 8.82
CA PRO B 1207 12.01 43.06 9.50
C PRO B 1207 11.68 44.06 10.59
N ARG B 1208 10.84 45.05 10.30
CA ARG B 1208 10.52 46.10 11.27
C ARG B 1208 9.51 45.64 12.31
N HIS B 1209 8.77 44.57 12.05
CA HIS B 1209 7.79 44.03 13.00
C HIS B 1209 7.99 42.52 13.09
N PRO B 1210 9.02 42.07 13.83
CA PRO B 1210 9.32 40.64 13.86
C PRO B 1210 8.19 39.75 14.34
N ASP B 1211 7.27 40.28 15.16
CA ASP B 1211 6.24 39.48 15.80
C ASP B 1211 4.85 39.77 15.20
N LEU B 1212 4.78 40.40 14.03
CA LEU B 1212 3.52 40.63 13.31
C LEU B 1212 3.60 39.89 11.97
N PRO B 1213 2.91 38.75 11.85
CA PRO B 1213 3.09 37.94 10.64
C PRO B 1213 2.57 38.60 9.37
N VAL B 1214 3.36 38.51 8.31
CA VAL B 1214 2.95 38.78 6.94
C VAL B 1214 2.70 37.45 6.24
N PRO B 1215 1.50 37.16 5.73
CA PRO B 1215 1.32 35.99 4.88
C PRO B 1215 1.93 36.18 3.50
N LEU B 1216 2.60 35.13 3.00
CA LEU B 1216 3.11 35.18 1.63
C LEU B 1216 1.98 35.29 0.62
N GLN B 1217 0.89 34.57 0.82
CA GLN B 1217 -0.23 34.61 -0.13
C GLN B 1217 -0.85 36.00 -0.24
N GLU B 1218 -0.76 36.82 0.81
CA GLU B 1218 -1.14 38.22 0.74
C GLU B 1218 0.02 39.10 0.27
N LEU B 1219 1.16 38.50 -0.07
CA LEU B 1219 2.34 39.20 -0.55
C LEU B 1219 2.61 38.93 -2.02
N VAL B 1220 2.75 37.66 -2.38
CA VAL B 1220 3.09 37.24 -3.74
C VAL B 1220 2.17 36.07 -4.09
N PRO B 1221 0.86 36.31 -4.25
CA PRO B 1221 -0.07 35.19 -4.46
C PRO B 1221 0.20 34.37 -5.70
N GLU B 1222 0.97 34.89 -6.65
CA GLU B 1222 1.27 34.13 -7.86
C GLU B 1222 2.10 32.89 -7.53
N LEU B 1223 2.84 32.92 -6.43
CA LEU B 1223 3.58 31.77 -5.95
C LEU B 1223 2.77 30.91 -4.97
N PHE B 1224 1.47 31.21 -4.79
CA PHE B 1224 0.61 30.38 -3.96
C PHE B 1224 -0.71 29.98 -4.62
N MET B 1225 -0.91 30.35 -5.89
CA MET B 1225 -2.07 29.89 -6.65
C MET B 1225 -3.36 30.32 -5.95
N THR B 1226 -3.62 31.63 -5.94
CA THR B 1226 -4.93 32.16 -5.54
C THR B 1226 -5.87 32.29 -6.72
N ASP B 1227 -5.49 31.79 -7.90
CA ASP B 1227 -6.30 31.91 -9.10
C ASP B 1227 -7.33 30.79 -9.25
N PHE B 1228 -6.89 29.54 -9.20
CA PHE B 1228 -7.81 28.45 -9.51
C PHE B 1228 -8.74 28.16 -8.34
N PRO B 1229 -9.87 27.49 -8.58
CA PRO B 1229 -10.77 27.15 -7.46
C PRO B 1229 -10.08 26.28 -6.42
N ALA B 1230 -10.50 26.45 -5.17
CA ALA B 1230 -9.90 25.70 -4.08
C ALA B 1230 -10.19 24.20 -4.17
N ARG B 1231 -11.27 23.82 -4.86
CA ARG B 1231 -11.60 22.40 -5.00
C ARG B 1231 -10.49 21.62 -5.69
N LEU B 1232 -9.69 22.27 -6.53
CA LEU B 1232 -8.61 21.61 -7.25
C LEU B 1232 -7.33 21.50 -6.44
N PHE B 1233 -7.32 21.98 -5.20
CA PHE B 1233 -6.14 21.88 -4.36
C PHE B 1233 -5.88 20.43 -3.97
N LEU B 1234 -4.60 20.06 -3.91
CA LEU B 1234 -4.18 18.72 -3.51
C LEU B 1234 -3.80 18.74 -2.03
N GLU B 1235 -4.48 17.91 -1.25
CA GLU B 1235 -4.28 17.87 0.19
C GLU B 1235 -3.02 17.08 0.51
N ASN B 1236 -2.05 17.75 1.16
CA ASN B 1236 -0.80 17.07 1.50
C ASN B 1236 -1.01 15.98 2.55
N SER B 1237 -1.94 16.19 3.48
CA SER B 1237 -2.20 15.20 4.52
C SER B 1237 -2.76 13.90 3.95
N LYS B 1238 -3.39 13.94 2.79
CA LYS B 1238 -4.00 12.77 2.18
C LYS B 1238 -3.11 12.10 1.14
N LEU B 1239 -1.91 12.60 0.92
CA LEU B 1239 -1.00 12.10 -0.10
C LEU B 1239 0.10 11.29 0.58
N GLU B 1240 0.19 10.00 0.25
CA GLU B 1240 1.28 9.15 0.71
C GLU B 1240 2.40 9.16 -0.34
N HIS B 1241 2.94 10.35 -0.55
CA HIS B 1241 4.02 10.55 -1.52
C HIS B 1241 5.27 9.81 -1.07
N SER B 1242 6.02 9.31 -2.05
CA SER B 1242 7.31 8.67 -1.79
C SER B 1242 8.28 9.08 -2.89
N GLU B 1243 9.50 9.43 -2.48
CA GLU B 1243 10.55 9.84 -3.40
C GLU B 1243 11.54 8.72 -3.70
N ASP B 1244 11.20 7.48 -3.33
CA ASP B 1244 12.13 6.37 -3.53
C ASP B 1244 12.39 6.12 -5.01
N GLU B 1245 13.58 5.61 -5.31
CA GLU B 1245 13.92 5.31 -6.70
C GLU B 1245 12.97 4.28 -7.30
N GLY B 1246 12.45 3.36 -6.49
CA GLY B 1246 11.46 2.42 -6.95
C GLY B 1246 10.08 3.00 -7.12
N SER B 1247 9.84 4.19 -6.55
CA SER B 1247 8.57 4.89 -6.73
C SER B 1247 8.56 5.76 -7.98
N VAL B 1248 9.67 5.88 -8.69
CA VAL B 1248 9.74 6.71 -9.87
C VAL B 1248 8.90 6.10 -10.98
N LEU B 1249 7.86 6.83 -11.39
CA LEU B 1249 7.01 6.40 -12.49
C LEU B 1249 7.51 6.91 -13.83
N GLY B 1250 8.13 8.08 -13.84
CA GLY B 1250 8.64 8.62 -15.09
C GLY B 1250 9.33 9.95 -14.87
N GLN B 1251 9.80 10.52 -15.98
CA GLN B 1251 10.44 11.83 -15.98
C GLN B 1251 9.99 12.63 -17.20
N GLY B 1252 9.81 13.94 -16.98
CA GLY B 1252 9.44 14.84 -18.05
C GLY B 1252 10.62 15.66 -18.55
N GLY B 1253 10.34 16.47 -19.58
CA GLY B 1253 11.35 17.34 -20.13
C GLY B 1253 11.66 18.56 -19.29
N SER B 1254 10.89 18.79 -18.22
CA SER B 1254 11.12 19.94 -17.35
C SER B 1254 12.21 19.68 -16.31
N GLY B 1255 12.80 18.50 -16.30
CA GLY B 1255 13.69 18.11 -15.21
C GLY B 1255 12.96 17.64 -13.97
N THR B 1256 11.66 17.42 -14.05
CA THR B 1256 10.82 17.08 -12.91
C THR B 1256 10.50 15.58 -12.94
N VAL B 1257 10.17 15.04 -11.78
CA VAL B 1257 10.08 13.59 -11.60
C VAL B 1257 8.66 13.21 -11.20
N ILE B 1258 8.10 12.23 -11.91
CA ILE B 1258 6.77 11.72 -11.63
C ILE B 1258 6.92 10.43 -10.84
N TYR B 1259 6.43 10.43 -9.61
CA TYR B 1259 6.51 9.31 -8.68
C TYR B 1259 5.17 8.62 -8.55
N ARG B 1260 5.22 7.37 -8.11
CA ARG B 1260 4.04 6.60 -7.74
C ARG B 1260 3.67 6.95 -6.30
N ALA B 1261 2.41 7.28 -6.06
CA ALA B 1261 1.97 7.62 -4.71
C ALA B 1261 0.50 7.22 -4.55
N ARG B 1262 -0.02 7.49 -3.36
CA ARG B 1262 -1.43 7.26 -3.05
C ARG B 1262 -2.06 8.57 -2.57
N TYR B 1263 -3.21 8.90 -3.13
CA TYR B 1263 -3.98 10.08 -2.71
C TYR B 1263 -5.43 9.65 -2.48
N GLN B 1264 -5.89 9.77 -1.24
CA GLN B 1264 -7.24 9.36 -0.87
C GLN B 1264 -7.48 7.89 -1.18
N GLY B 1265 -6.43 7.09 -1.07
CA GLY B 1265 -6.48 5.68 -1.40
C GLY B 1265 -6.41 5.37 -2.88
N GLN B 1266 -6.30 6.38 -3.74
CA GLN B 1266 -6.23 6.20 -5.18
C GLN B 1266 -4.77 6.15 -5.63
N PRO B 1267 -4.38 5.25 -6.54
CA PRO B 1267 -3.01 5.27 -7.04
C PRO B 1267 -2.80 6.43 -8.00
N VAL B 1268 -1.79 7.26 -7.73
CA VAL B 1268 -1.65 8.55 -8.39
C VAL B 1268 -0.21 8.72 -8.86
N ALA B 1269 -0.05 9.49 -9.93
CA ALA B 1269 1.23 9.82 -10.52
C ALA B 1269 1.52 11.27 -10.18
N VAL B 1270 2.36 11.50 -9.18
CA VAL B 1270 2.62 12.84 -8.67
C VAL B 1270 3.90 13.38 -9.30
N LYS B 1271 3.77 14.41 -10.13
CA LYS B 1271 4.91 15.13 -10.67
C LYS B 1271 5.37 16.12 -9.62
N ARG B 1272 6.56 15.91 -9.08
CA ARG B 1272 7.20 16.82 -8.15
C ARG B 1272 8.38 17.48 -8.83
N PHE B 1273 8.63 18.73 -8.43
CA PHE B 1273 9.71 19.55 -8.97
C PHE B 1273 10.81 19.62 -7.93
N HIS B 1274 12.05 19.35 -8.35
CA HIS B 1274 13.22 19.38 -7.47
C HIS B 1274 14.10 20.55 -7.93
N ILE B 1275 14.20 21.56 -7.07
CA ILE B 1275 14.75 22.86 -7.45
C ILE B 1275 16.17 23.04 -6.93
N LYS B 1276 16.38 22.76 -5.64
CA LYS B 1276 17.70 22.99 -5.05
C LYS B 1276 18.79 22.20 -5.77
N LYS B 1277 19.92 22.89 -6.01
CA LYS B 1277 21.17 22.30 -6.51
C LYS B 1277 22.25 22.72 -5.52
N PHE B 1278 22.35 21.97 -4.42
CA PHE B 1278 23.27 22.28 -3.32
C PHE B 1278 23.23 23.75 -2.92
N ALA B 1286 24.39 31.33 2.37
CA ALA B 1286 25.11 32.52 2.81
C ALA B 1286 25.65 33.30 1.60
N ASP B 1287 26.00 32.57 0.55
CA ASP B 1287 26.56 33.21 -0.65
C ASP B 1287 25.49 33.98 -1.40
N THR B 1288 25.89 35.11 -1.99
CA THR B 1288 24.97 35.92 -2.77
C THR B 1288 24.57 35.22 -4.06
N MET B 1289 25.55 34.72 -4.81
CA MET B 1289 25.26 34.08 -6.09
C MET B 1289 24.38 32.86 -5.90
N LEU B 1290 24.61 32.10 -4.83
CA LEU B 1290 23.77 30.94 -4.57
C LEU B 1290 22.33 31.36 -4.35
N ARG B 1291 22.10 32.34 -3.48
CA ARG B 1291 20.73 32.79 -3.23
C ARG B 1291 20.07 33.26 -4.52
N HIS B 1292 20.82 33.99 -5.35
CA HIS B 1292 20.26 34.52 -6.60
C HIS B 1292 19.86 33.40 -7.55
N LEU B 1293 20.79 32.47 -7.80
CA LEU B 1293 20.50 31.34 -8.68
C LEU B 1293 19.33 30.52 -8.15
N ARG B 1294 19.28 30.30 -6.83
CA ARG B 1294 18.20 29.55 -6.21
C ARG B 1294 16.84 30.24 -6.43
N ALA B 1295 16.77 31.54 -6.19
CA ALA B 1295 15.51 32.25 -6.40
C ALA B 1295 15.10 32.20 -7.86
N THR B 1296 16.06 32.34 -8.77
CA THR B 1296 15.74 32.31 -10.20
C THR B 1296 15.17 30.95 -10.60
N ASP B 1297 15.81 29.86 -10.16
CA ASP B 1297 15.31 28.53 -10.49
C ASP B 1297 13.94 28.29 -9.89
N ALA B 1298 13.73 28.72 -8.65
CA ALA B 1298 12.42 28.54 -8.03
C ALA B 1298 11.35 29.32 -8.77
N MET B 1299 11.66 30.54 -9.20
CA MET B 1299 10.72 31.34 -9.97
C MET B 1299 10.37 30.65 -11.29
N LYS B 1300 11.37 30.11 -11.97
CA LYS B 1300 11.12 29.44 -13.25
C LYS B 1300 10.28 28.18 -13.02
N ASN B 1301 10.59 27.42 -11.97
CA ASN B 1301 9.80 26.24 -11.66
C ASN B 1301 8.36 26.61 -11.34
N PHE B 1302 8.15 27.74 -10.67
CA PHE B 1302 6.78 28.15 -10.35
C PHE B 1302 6.04 28.58 -11.61
N SER B 1303 6.75 29.25 -12.53
CA SER B 1303 6.14 29.59 -13.81
C SER B 1303 5.71 28.34 -14.56
N GLU B 1304 6.57 27.32 -14.57
CA GLU B 1304 6.21 26.06 -15.19
C GLU B 1304 5.03 25.40 -14.47
N PHE B 1305 5.01 25.51 -13.13
CA PHE B 1305 3.90 24.98 -12.35
C PHE B 1305 2.59 25.60 -12.80
N ARG B 1306 2.55 26.94 -12.87
CA ARG B 1306 1.33 27.63 -13.27
C ARG B 1306 0.93 27.25 -14.69
N GLN B 1307 1.90 27.20 -15.61
CA GLN B 1307 1.58 26.87 -17.00
C GLN B 1307 1.00 25.46 -17.11
N GLU B 1308 1.63 24.48 -16.45
CA GLU B 1308 1.12 23.12 -16.50
C GLU B 1308 -0.24 23.00 -15.84
N ALA B 1309 -0.45 23.69 -14.72
CA ALA B 1309 -1.77 23.66 -14.09
C ALA B 1309 -2.82 24.25 -15.01
N SER B 1310 -2.50 25.35 -15.69
CA SER B 1310 -3.46 25.98 -16.59
C SER B 1310 -3.81 25.06 -17.75
N MET B 1311 -2.80 24.42 -18.36
CA MET B 1311 -3.09 23.60 -19.53
C MET B 1311 -3.76 22.29 -19.13
N LEU B 1312 -3.49 21.77 -17.93
CA LEU B 1312 -4.17 20.56 -17.48
C LEU B 1312 -5.62 20.84 -17.12
N HIS B 1313 -5.87 21.91 -16.37
CA HIS B 1313 -7.24 22.22 -15.96
C HIS B 1313 -8.12 22.59 -17.15
N ALA B 1314 -7.52 23.11 -18.22
CA ALA B 1314 -8.29 23.60 -19.35
C ALA B 1314 -8.79 22.49 -20.27
N LEU B 1315 -8.42 21.24 -20.03
CA LEU B 1315 -8.69 20.14 -20.95
C LEU B 1315 -9.45 19.03 -20.26
N GLN B 1316 -10.43 18.47 -20.98
CA GLN B 1316 -11.16 17.29 -20.51
C GLN B 1316 -11.59 16.48 -21.72
N HIS B 1317 -10.94 15.33 -21.93
CA HIS B 1317 -11.29 14.44 -23.02
C HIS B 1317 -11.18 13.01 -22.51
N PRO B 1318 -11.86 12.04 -23.15
CA PRO B 1318 -11.75 10.66 -22.66
C PRO B 1318 -10.34 10.10 -22.66
N CYS B 1319 -9.52 10.49 -23.65
CA CYS B 1319 -8.21 9.89 -23.88
C CYS B 1319 -7.07 10.83 -23.49
N ILE B 1320 -7.25 11.62 -22.44
CA ILE B 1320 -6.20 12.45 -21.86
C ILE B 1320 -6.12 12.16 -20.37
N VAL B 1321 -4.91 12.07 -19.85
CA VAL B 1321 -4.72 11.83 -18.43
C VAL B 1321 -5.25 13.02 -17.66
N ALA B 1322 -6.18 12.76 -16.73
CA ALA B 1322 -6.84 13.82 -16.00
C ALA B 1322 -5.99 14.27 -14.80
N LEU B 1323 -6.34 15.43 -14.28
CA LEU B 1323 -5.63 16.03 -13.15
C LEU B 1323 -6.45 15.89 -11.87
N ILE B 1324 -5.80 15.43 -10.80
CA ILE B 1324 -6.49 15.23 -9.53
C ILE B 1324 -6.45 16.48 -8.68
N GLY B 1325 -5.27 17.10 -8.58
CA GLY B 1325 -5.13 18.32 -7.83
C GLY B 1325 -3.72 18.84 -7.93
N ILE B 1326 -3.50 19.99 -7.29
CA ILE B 1326 -2.22 20.68 -7.34
C ILE B 1326 -1.88 21.15 -5.93
N SER B 1327 -0.58 21.08 -5.59
CA SER B 1327 -0.09 21.40 -4.25
C SER B 1327 1.06 22.38 -4.33
N ILE B 1328 1.32 23.06 -3.21
CA ILE B 1328 2.41 24.03 -3.13
C ILE B 1328 3.57 23.50 -2.31
N HIS B 1329 3.28 22.78 -1.22
CA HIS B 1329 4.31 22.28 -0.30
C HIS B 1329 4.22 20.75 -0.22
N PRO B 1330 5.05 20.00 -0.98
CA PRO B 1330 6.05 20.42 -1.95
C PRO B 1330 5.40 20.91 -3.25
N LEU B 1331 6.13 21.63 -4.10
CA LEU B 1331 5.57 22.06 -5.36
C LEU B 1331 5.41 20.84 -6.27
N CYS B 1332 4.20 20.30 -6.32
CA CYS B 1332 3.93 19.07 -7.06
C CYS B 1332 2.44 19.01 -7.36
N PHE B 1333 2.08 18.12 -8.28
CA PHE B 1333 0.67 17.91 -8.59
C PHE B 1333 0.44 16.49 -9.07
N ALA B 1334 -0.79 16.02 -8.89
CA ALA B 1334 -1.13 14.61 -9.08
C ALA B 1334 -1.96 14.42 -10.34
N LEU B 1335 -1.61 13.39 -11.11
CA LEU B 1335 -2.37 12.93 -12.26
C LEU B 1335 -2.82 11.51 -12.00
N GLU B 1336 -3.71 11.02 -12.85
CA GLU B 1336 -4.13 9.63 -12.77
C GLU B 1336 -2.95 8.71 -13.12
N LEU B 1337 -2.85 7.60 -12.40
CA LEU B 1337 -1.77 6.65 -12.59
C LEU B 1337 -2.25 5.46 -13.40
N ALA B 1338 -1.49 5.11 -14.43
CA ALA B 1338 -1.89 4.06 -15.35
C ALA B 1338 -1.65 2.69 -14.72
N PRO B 1339 -2.67 1.84 -14.56
CA PRO B 1339 -2.42 0.51 -13.99
C PRO B 1339 -1.55 -0.38 -14.86
N LEU B 1340 -1.61 -0.23 -16.19
CA LEU B 1340 -0.90 -1.10 -17.11
C LEU B 1340 0.39 -0.48 -17.64
N SER B 1341 0.87 0.59 -16.99
CA SER B 1341 2.12 1.25 -17.40
C SER B 1341 1.93 1.80 -18.82
N SER B 1342 3.00 1.85 -19.61
CA SER B 1342 2.97 2.53 -20.89
C SER B 1342 2.49 1.61 -22.00
N LEU B 1343 2.08 2.22 -23.11
CA LEU B 1343 1.79 1.47 -24.32
C LEU B 1343 3.01 0.70 -24.79
N ASN B 1344 4.19 1.30 -24.62
CA ASN B 1344 5.43 0.66 -25.07
C ASN B 1344 5.65 -0.66 -24.35
N THR B 1345 5.37 -0.70 -23.05
CA THR B 1345 5.62 -1.91 -22.26
C THR B 1345 4.79 -3.08 -22.78
N VAL B 1346 3.46 -2.96 -22.71
CA VAL B 1346 2.59 -4.06 -23.12
C VAL B 1346 2.78 -4.34 -24.62
N LEU B 1347 3.05 -3.30 -25.40
CA LEU B 1347 3.26 -3.50 -26.83
C LEU B 1347 4.48 -4.38 -27.09
N SER B 1348 5.59 -4.13 -26.39
CA SER B 1348 6.75 -5.01 -26.53
C SER B 1348 6.44 -6.41 -26.03
N GLU B 1349 5.73 -6.51 -24.90
CA GLU B 1349 5.40 -7.81 -24.34
C GLU B 1349 4.61 -8.67 -25.32
N ASN B 1350 3.63 -8.07 -26.00
CA ASN B 1350 2.83 -8.81 -26.97
C ASN B 1350 3.52 -8.91 -28.32
N ALA B 1351 4.50 -8.05 -28.60
CA ALA B 1351 5.21 -8.10 -29.88
C ALA B 1351 6.17 -9.26 -29.91
N ARG B 1352 6.69 -9.68 -28.76
CA ARG B 1352 7.68 -10.75 -28.74
C ARG B 1352 7.12 -12.05 -29.32
N ASP B 1353 5.82 -12.30 -29.15
CA ASP B 1353 5.22 -13.60 -29.47
C ASP B 1353 4.26 -13.55 -30.66
N SER B 1354 4.40 -12.59 -31.56
CA SER B 1354 3.52 -12.48 -32.71
C SER B 1354 4.32 -11.93 -33.90
N SER B 1355 3.67 -11.89 -35.06
CA SER B 1355 4.27 -11.33 -36.27
C SER B 1355 3.74 -9.93 -36.52
N PHE B 1356 2.41 -9.79 -36.54
CA PHE B 1356 1.76 -8.51 -36.75
C PHE B 1356 0.46 -8.46 -35.96
N ILE B 1357 0.04 -7.23 -35.64
CA ILE B 1357 -1.14 -6.99 -34.82
C ILE B 1357 -0.94 -7.70 -33.49
N PRO B 1358 0.04 -7.32 -32.67
CA PRO B 1358 0.23 -8.01 -31.39
C PRO B 1358 -0.93 -7.87 -30.43
N LEU B 1359 -1.64 -6.74 -30.46
CA LEU B 1359 -2.70 -6.46 -29.51
C LEU B 1359 -4.03 -7.12 -29.87
N GLY B 1360 -4.12 -7.70 -31.06
CA GLY B 1360 -5.41 -8.14 -31.58
C GLY B 1360 -6.01 -7.13 -32.53
N HIS B 1361 -6.77 -7.65 -33.49
CA HIS B 1361 -7.31 -6.84 -34.57
C HIS B 1361 -8.16 -5.69 -34.03
N MET B 1362 -9.25 -6.02 -33.34
CA MET B 1362 -10.15 -5.00 -32.82
C MET B 1362 -9.44 -4.07 -31.85
N LEU B 1363 -8.63 -4.62 -30.95
CA LEU B 1363 -7.93 -3.79 -29.99
C LEU B 1363 -6.96 -2.84 -30.67
N THR B 1364 -6.23 -3.33 -31.68
CA THR B 1364 -5.32 -2.46 -32.42
C THR B 1364 -6.07 -1.32 -33.08
N GLN B 1365 -7.19 -1.63 -33.74
CA GLN B 1365 -7.98 -0.58 -34.37
C GLN B 1365 -8.47 0.43 -33.35
N LYS B 1366 -8.95 -0.05 -32.20
CA LYS B 1366 -9.46 0.85 -31.18
C LYS B 1366 -8.38 1.75 -30.62
N ILE B 1367 -7.18 1.21 -30.40
CA ILE B 1367 -6.09 2.04 -29.88
C ILE B 1367 -5.69 3.10 -30.91
N ALA B 1368 -5.63 2.71 -32.18
CA ALA B 1368 -5.33 3.71 -33.22
C ALA B 1368 -6.40 4.80 -33.24
N TYR B 1369 -7.67 4.41 -33.14
CA TYR B 1369 -8.75 5.38 -33.11
C TYR B 1369 -8.62 6.32 -31.92
N GLN B 1370 -8.30 5.78 -30.75
CA GLN B 1370 -8.20 6.61 -29.55
C GLN B 1370 -7.06 7.61 -29.66
N ILE B 1371 -5.91 7.17 -30.20
CA ILE B 1371 -4.80 8.09 -30.38
C ILE B 1371 -5.18 9.20 -31.36
N ALA B 1372 -5.82 8.82 -32.47
CA ALA B 1372 -6.24 9.82 -33.44
C ALA B 1372 -7.23 10.79 -32.83
N SER B 1373 -8.17 10.29 -32.01
CA SER B 1373 -9.15 11.15 -31.38
C SER B 1373 -8.49 12.14 -30.42
N GLY B 1374 -7.51 11.66 -29.65
CA GLY B 1374 -6.80 12.57 -28.75
C GLY B 1374 -6.06 13.66 -29.50
N LEU B 1375 -5.37 13.27 -30.59
CA LEU B 1375 -4.67 14.28 -31.38
C LEU B 1375 -5.65 15.28 -31.99
N ALA B 1376 -6.81 14.80 -32.46
CA ALA B 1376 -7.81 15.70 -33.02
C ALA B 1376 -8.34 16.65 -31.96
N TYR B 1377 -8.56 16.16 -30.74
CA TYR B 1377 -9.02 17.04 -29.67
C TYR B 1377 -8.00 18.12 -29.38
N LEU B 1378 -6.72 17.74 -29.29
CA LEU B 1378 -5.68 18.73 -29.03
C LEU B 1378 -5.60 19.74 -30.17
N HIS B 1379 -5.73 19.30 -31.41
CA HIS B 1379 -5.66 20.21 -32.53
C HIS B 1379 -6.84 21.17 -32.55
N LYS B 1380 -8.03 20.67 -32.18
CA LYS B 1380 -9.18 21.57 -32.04
C LYS B 1380 -8.93 22.62 -30.97
N LYS B 1381 -8.21 22.25 -29.92
CA LYS B 1381 -7.80 23.17 -28.87
C LYS B 1381 -6.59 24.00 -29.27
N ASN B 1382 -6.06 23.80 -30.48
CA ASN B 1382 -4.84 24.48 -30.92
C ASN B 1382 -3.68 24.17 -29.97
N ILE B 1383 -3.51 22.88 -29.67
CA ILE B 1383 -2.43 22.40 -28.82
C ILE B 1383 -1.64 21.36 -29.60
N ILE B 1384 -0.32 21.48 -29.55
CA ILE B 1384 0.59 20.71 -30.41
C ILE B 1384 1.46 19.83 -29.54
N PHE B 1385 1.57 18.55 -29.93
CA PHE B 1385 2.19 17.55 -29.05
C PHE B 1385 3.71 17.58 -29.16
N CYS B 1386 4.24 17.33 -30.37
CA CYS B 1386 5.65 17.50 -30.70
C CYS B 1386 6.57 16.42 -30.11
N ASP B 1387 6.03 15.51 -29.32
CA ASP B 1387 6.84 14.46 -28.69
C ASP B 1387 6.01 13.19 -28.50
N LEU B 1388 5.18 12.90 -29.50
CA LEU B 1388 4.29 11.74 -29.46
C LEU B 1388 5.14 10.48 -29.64
N LYS B 1389 4.97 9.53 -28.73
CA LYS B 1389 5.80 8.34 -28.67
C LYS B 1389 5.13 7.30 -27.77
N SER B 1390 5.55 6.05 -27.90
CA SER B 1390 4.95 4.96 -27.14
C SER B 1390 5.14 5.10 -25.64
N ASP B 1391 6.19 5.80 -25.20
CA ASP B 1391 6.49 5.84 -23.77
C ASP B 1391 5.51 6.69 -22.98
N ASN B 1392 4.91 7.71 -23.61
CA ASN B 1392 3.99 8.61 -22.93
C ASN B 1392 2.53 8.36 -23.29
N ILE B 1393 2.23 7.30 -24.04
CA ILE B 1393 0.87 6.82 -24.25
C ILE B 1393 0.64 5.70 -23.26
N LEU B 1394 -0.18 5.96 -22.24
CA LEU B 1394 -0.33 5.08 -21.09
C LEU B 1394 -1.60 4.25 -21.24
N VAL B 1395 -1.56 3.04 -20.67
CA VAL B 1395 -2.60 2.04 -20.86
C VAL B 1395 -3.43 1.93 -19.59
N TRP B 1396 -4.75 1.74 -19.76
CA TRP B 1396 -5.69 1.58 -18.65
C TRP B 1396 -6.52 0.32 -18.76
N SER B 1397 -6.72 -0.21 -19.96
CA SER B 1397 -7.44 -1.46 -20.16
C SER B 1397 -6.99 -2.09 -21.47
N LEU B 1398 -6.84 -3.41 -21.44
CA LEU B 1398 -6.49 -4.19 -22.62
C LEU B 1398 -7.69 -4.93 -23.20
N ASP B 1399 -8.90 -4.54 -22.81
CA ASP B 1399 -10.12 -5.19 -23.28
C ASP B 1399 -10.59 -4.56 -24.59
N VAL B 1400 -11.45 -5.28 -25.30
CA VAL B 1400 -12.03 -4.82 -26.54
C VAL B 1400 -13.43 -4.26 -26.34
N LYS B 1401 -14.18 -4.77 -25.36
CA LYS B 1401 -15.50 -4.21 -25.05
C LYS B 1401 -15.41 -2.97 -24.16
N GLU B 1402 -14.27 -2.75 -23.50
CA GLU B 1402 -14.12 -1.57 -22.66
C GLU B 1402 -14.12 -0.31 -23.52
N HIS B 1403 -14.59 0.79 -22.93
CA HIS B 1403 -14.73 2.04 -23.66
C HIS B 1403 -13.38 2.70 -23.88
N ILE B 1404 -12.66 2.97 -22.80
CA ILE B 1404 -11.35 3.63 -22.85
C ILE B 1404 -10.27 2.60 -22.54
N ASN B 1405 -9.19 2.64 -23.32
CA ASN B 1405 -8.06 1.74 -23.14
C ASN B 1405 -6.75 2.48 -22.86
N ILE B 1406 -6.62 3.72 -23.34
CA ILE B 1406 -5.39 4.48 -23.22
C ILE B 1406 -5.70 5.95 -22.94
N LYS B 1407 -4.69 6.65 -22.44
CA LYS B 1407 -4.70 8.10 -22.38
C LYS B 1407 -3.28 8.60 -22.61
N LEU B 1408 -3.17 9.85 -23.07
CA LEU B 1408 -1.88 10.45 -23.41
C LEU B 1408 -1.47 11.42 -22.32
N SER B 1409 -0.23 11.29 -21.85
CA SER B 1409 0.32 12.08 -20.76
C SER B 1409 1.24 13.16 -21.29
N ASP B 1410 1.76 13.96 -20.36
CA ASP B 1410 2.74 15.00 -20.65
C ASP B 1410 4.16 14.56 -20.33
N TYR B 1411 4.37 13.27 -20.08
CA TYR B 1411 5.68 12.77 -19.67
C TYR B 1411 5.81 11.32 -20.13
N GLY B 1412 7.06 10.87 -20.22
CA GLY B 1412 7.37 9.53 -20.65
C GLY B 1412 7.72 8.61 -19.49
N ILE B 1413 7.62 7.31 -19.76
CA ILE B 1413 7.97 6.28 -18.78
C ILE B 1413 9.37 5.77 -19.06
N ILE B 1440 12.03 22.11 -34.30
CA ILE B 1440 11.99 23.55 -34.14
C ILE B 1440 10.59 24.06 -34.47
N VAL B 1441 10.16 23.82 -35.71
CA VAL B 1441 8.83 24.20 -36.19
C VAL B 1441 7.94 22.98 -36.10
N TYR B 1442 6.75 23.15 -35.54
CA TYR B 1442 5.82 22.05 -35.31
C TYR B 1442 4.42 22.45 -35.76
N ASP B 1443 3.69 21.48 -36.28
CA ASP B 1443 2.32 21.69 -36.74
C ASP B 1443 1.61 20.34 -36.73
N GLU B 1444 0.32 20.36 -37.01
CA GLU B 1444 -0.48 19.13 -36.98
C GLU B 1444 0.09 18.04 -37.87
N LYS B 1445 0.73 18.40 -38.98
CA LYS B 1445 1.34 17.42 -39.85
C LYS B 1445 2.48 16.69 -39.17
N VAL B 1446 3.24 17.39 -38.30
CA VAL B 1446 4.31 16.74 -37.56
C VAL B 1446 3.74 15.72 -36.58
N ASP B 1447 2.69 16.10 -35.85
CA ASP B 1447 2.04 15.17 -34.95
C ASP B 1447 1.47 13.98 -35.73
N MET B 1448 1.02 14.21 -36.96
CA MET B 1448 0.49 13.11 -37.76
C MET B 1448 1.60 12.18 -38.23
N PHE B 1449 2.76 12.75 -38.54
CA PHE B 1449 3.94 11.93 -38.83
C PHE B 1449 4.30 11.04 -37.64
N SER B 1450 4.28 11.62 -36.44
CA SER B 1450 4.54 10.83 -35.25
C SER B 1450 3.45 9.80 -35.01
N TYR B 1451 2.21 10.14 -35.38
CA TYR B 1451 1.11 9.18 -35.30
C TYR B 1451 1.37 8.01 -36.24
N GLY B 1452 1.90 8.30 -37.42
CA GLY B 1452 2.25 7.23 -38.34
C GLY B 1452 3.31 6.31 -37.75
N MET B 1453 4.30 6.90 -37.08
CA MET B 1453 5.30 6.07 -36.40
C MET B 1453 4.68 5.23 -35.28
N VAL B 1454 3.76 5.82 -34.51
CA VAL B 1454 3.07 5.06 -33.47
C VAL B 1454 2.25 3.93 -34.08
N LEU B 1455 1.65 4.18 -35.25
CA LEU B 1455 0.93 3.13 -35.96
C LEU B 1455 1.88 2.02 -36.39
N TYR B 1456 3.08 2.39 -36.84
CA TYR B 1456 4.08 1.38 -37.18
C TYR B 1456 4.38 0.50 -35.98
N GLU B 1457 4.61 1.11 -34.83
CA GLU B 1457 4.90 0.33 -33.63
C GLU B 1457 3.70 -0.52 -33.23
N LEU B 1458 2.49 0.02 -33.36
CA LEU B 1458 1.29 -0.74 -33.01
C LEU B 1458 1.12 -1.97 -33.89
N LEU B 1459 1.25 -1.80 -35.20
CA LEU B 1459 0.99 -2.89 -36.13
C LEU B 1459 2.11 -3.92 -36.12
N SER B 1460 3.37 -3.46 -36.06
CA SER B 1460 4.51 -4.36 -36.08
C SER B 1460 4.91 -4.82 -34.68
N GLY B 1461 4.76 -3.96 -33.68
CA GLY B 1461 5.26 -4.25 -32.35
C GLY B 1461 6.73 -3.97 -32.16
N GLN B 1462 7.43 -3.48 -33.19
CA GLN B 1462 8.85 -3.18 -33.13
C GLN B 1462 9.06 -1.69 -33.39
N ARG B 1463 10.13 -1.16 -32.81
CA ARG B 1463 10.45 0.24 -32.99
C ARG B 1463 10.91 0.50 -34.42
N PRO B 1464 10.77 1.74 -34.91
CA PRO B 1464 11.30 2.06 -36.24
C PRO B 1464 12.83 2.12 -36.22
N ALA B 1465 13.47 0.96 -36.16
CA ALA B 1465 14.91 0.87 -35.98
C ALA B 1465 15.59 1.12 -37.33
N LEU B 1466 15.81 2.39 -37.63
CA LEU B 1466 16.57 2.81 -38.79
C LEU B 1466 18.04 3.02 -38.50
N GLY B 1467 18.46 2.82 -37.25
CA GLY B 1467 19.84 3.01 -36.86
C GLY B 1467 19.91 3.38 -35.39
N HIS B 1468 21.09 3.88 -35.00
CA HIS B 1468 21.33 4.35 -33.64
C HIS B 1468 21.56 5.85 -33.56
N HIS B 1469 21.95 6.48 -34.67
CA HIS B 1469 22.21 7.92 -34.70
C HIS B 1469 20.96 8.60 -35.27
N GLN B 1470 20.40 9.52 -34.49
CA GLN B 1470 19.11 10.10 -34.85
C GLN B 1470 19.21 11.03 -36.06
N LEU B 1471 20.36 11.64 -36.29
CA LEU B 1471 20.52 12.49 -37.47
C LEU B 1471 20.36 11.66 -38.75
N GLN B 1472 20.95 10.47 -38.78
CA GLN B 1472 20.88 9.64 -39.98
C GLN B 1472 19.51 9.00 -40.11
N ILE B 1473 18.87 8.65 -39.00
CA ILE B 1473 17.48 8.20 -39.05
C ILE B 1473 16.61 9.29 -39.65
N ALA B 1474 16.84 10.54 -39.22
CA ALA B 1474 16.05 11.67 -39.72
C ALA B 1474 16.29 11.89 -41.21
N LYS B 1475 17.54 11.82 -41.65
CA LYS B 1475 17.82 11.96 -43.08
C LYS B 1475 17.18 10.84 -43.89
N LYS B 1476 17.27 9.61 -43.40
CA LYS B 1476 16.61 8.49 -44.07
C LYS B 1476 15.11 8.73 -44.18
N LEU B 1477 14.49 9.17 -43.08
CA LEU B 1477 13.05 9.43 -43.11
C LEU B 1477 12.71 10.54 -44.09
N SER B 1478 13.49 11.62 -44.10
CA SER B 1478 13.26 12.72 -45.02
C SER B 1478 13.47 12.32 -46.47
N LYS B 1479 14.28 11.30 -46.74
CA LYS B 1479 14.49 10.80 -48.09
C LYS B 1479 13.52 9.68 -48.45
N GLY B 1480 12.44 9.52 -47.71
CA GLY B 1480 11.43 8.53 -48.02
C GLY B 1480 11.74 7.13 -47.53
N ILE B 1481 12.87 6.92 -46.86
CA ILE B 1481 13.22 5.61 -46.34
C ILE B 1481 12.42 5.36 -45.07
N ARG B 1482 11.79 4.19 -45.00
CA ARG B 1482 10.92 3.82 -43.89
C ARG B 1482 11.17 2.36 -43.52
N PRO B 1483 10.85 1.96 -42.29
CA PRO B 1483 11.02 0.55 -41.92
C PRO B 1483 9.88 -0.30 -42.48
N VAL B 1484 9.99 -0.63 -43.76
CA VAL B 1484 8.90 -1.24 -44.49
C VAL B 1484 8.61 -2.62 -43.92
N LEU B 1485 7.33 -2.87 -43.63
CA LEU B 1485 6.86 -4.17 -43.14
C LEU B 1485 6.41 -5.02 -44.31
N GLY B 1486 5.74 -6.13 -44.00
CA GLY B 1486 5.19 -7.02 -45.00
C GLY B 1486 4.09 -6.37 -45.82
N GLN B 1487 3.36 -7.22 -46.53
CA GLN B 1487 2.33 -6.82 -47.47
C GLN B 1487 0.95 -7.02 -46.86
N PRO B 1488 -0.13 -6.51 -47.50
CA PRO B 1488 -1.47 -6.69 -46.95
C PRO B 1488 -1.84 -8.14 -46.68
N GLU B 1489 -1.30 -9.05 -47.47
CA GLU B 1489 -1.51 -10.47 -47.22
C GLU B 1489 -0.96 -10.87 -45.87
N GLU B 1490 0.12 -10.21 -45.42
CA GLU B 1490 0.78 -10.56 -44.17
C GLU B 1490 0.28 -9.75 -42.99
N VAL B 1491 0.17 -8.42 -43.13
CA VAL B 1491 -0.37 -7.61 -42.03
C VAL B 1491 -1.87 -7.83 -41.88
N GLN B 1492 -2.58 -8.03 -43.00
CA GLN B 1492 -4.00 -8.41 -42.99
C GLN B 1492 -4.88 -7.32 -42.41
N PHE B 1493 -4.39 -6.08 -42.41
CA PHE B 1493 -5.17 -4.92 -41.97
C PHE B 1493 -4.94 -3.76 -42.91
N ARG B 1494 -5.13 -4.01 -44.22
CA ARG B 1494 -4.61 -3.13 -45.27
C ARG B 1494 -5.02 -1.67 -45.09
N ARG B 1495 -6.25 -1.41 -44.62
CA ARG B 1495 -6.69 -0.02 -44.51
C ARG B 1495 -5.82 0.74 -43.52
N LEU B 1496 -5.45 0.12 -42.41
CA LEU B 1496 -4.51 0.76 -41.49
C LEU B 1496 -3.15 0.98 -42.15
N GLN B 1497 -2.71 0.05 -43.01
CA GLN B 1497 -1.44 0.22 -43.69
C GLN B 1497 -1.50 1.41 -44.65
N ALA B 1498 -2.62 1.58 -45.36
CA ALA B 1498 -2.76 2.73 -46.24
C ALA B 1498 -2.80 4.03 -45.44
N LEU B 1499 -3.56 4.06 -44.35
CA LEU B 1499 -3.57 5.22 -43.47
C LEU B 1499 -2.17 5.55 -42.97
N MET B 1500 -1.47 4.54 -42.46
CA MET B 1500 -0.06 4.62 -42.06
C MET B 1500 0.82 5.28 -43.13
N MET B 1501 0.90 4.66 -44.31
CA MET B 1501 1.77 5.16 -45.36
C MET B 1501 1.40 6.57 -45.76
N GLU B 1502 0.10 6.88 -45.76
CA GLU B 1502 -0.33 8.23 -46.08
C GLU B 1502 0.04 9.20 -44.95
N CYS B 1503 0.15 8.69 -43.72
CA CYS B 1503 0.43 9.54 -42.57
C CYS B 1503 1.85 10.07 -42.60
N TRP B 1504 2.84 9.22 -42.92
CA TRP B 1504 4.23 9.70 -42.94
C TRP B 1504 4.66 10.20 -44.31
N ASP B 1505 3.73 10.68 -45.14
CA ASP B 1505 4.10 11.11 -46.48
C ASP B 1505 5.14 12.24 -46.41
N THR B 1506 6.20 12.10 -47.20
CA THR B 1506 7.32 13.04 -47.14
C THR B 1506 6.90 14.48 -47.46
N LYS B 1507 5.77 14.66 -48.15
CA LYS B 1507 5.18 15.98 -48.34
C LYS B 1507 4.14 16.19 -47.26
N PRO B 1508 4.37 17.08 -46.28
CA PRO B 1508 3.39 17.23 -45.19
C PRO B 1508 2.02 17.68 -45.66
N GLU B 1509 1.93 18.37 -46.80
CA GLU B 1509 0.65 18.86 -47.28
C GLU B 1509 -0.29 17.71 -47.62
N LYS B 1510 0.24 16.56 -48.01
CA LYS B 1510 -0.57 15.40 -48.34
C LYS B 1510 -0.97 14.57 -47.12
N ARG B 1511 -0.36 14.80 -45.97
CA ARG B 1511 -0.65 13.96 -44.82
C ARG B 1511 -2.06 14.22 -44.32
N PRO B 1512 -2.76 13.21 -43.80
CA PRO B 1512 -4.18 13.41 -43.45
C PRO B 1512 -4.31 14.35 -42.27
N LEU B 1513 -5.53 14.83 -42.05
CA LEU B 1513 -5.87 15.54 -40.84
C LEU B 1513 -6.31 14.54 -39.78
N ALA B 1514 -5.98 14.82 -38.52
CA ALA B 1514 -6.33 13.89 -37.45
C ALA B 1514 -7.83 13.72 -37.33
N LEU B 1515 -8.58 14.82 -37.45
CA LEU B 1515 -10.04 14.73 -37.44
C LEU B 1515 -10.56 13.89 -38.59
N SER B 1516 -9.93 14.00 -39.76
CA SER B 1516 -10.31 13.16 -40.89
C SER B 1516 -10.08 11.69 -40.58
N VAL B 1517 -9.00 11.38 -39.87
CA VAL B 1517 -8.75 9.99 -39.47
C VAL B 1517 -9.81 9.53 -38.48
N VAL B 1518 -10.18 10.41 -37.54
CA VAL B 1518 -11.25 10.07 -36.59
C VAL B 1518 -12.53 9.74 -37.34
N SER B 1519 -12.84 10.50 -38.38
CA SER B 1519 -14.01 10.20 -39.21
C SER B 1519 -13.83 8.86 -39.93
N GLN B 1520 -12.64 8.62 -40.47
CA GLN B 1520 -12.41 7.43 -41.30
C GLN B 1520 -12.53 6.15 -40.48
N MET B 1521 -12.00 6.14 -39.26
CA MET B 1521 -12.00 4.93 -38.44
C MET B 1521 -13.41 4.40 -38.19
N LYS B 1522 -14.42 5.27 -38.23
CA LYS B 1522 -15.79 4.84 -38.02
C LYS B 1522 -16.34 4.01 -39.18
N ASP B 1523 -15.63 3.93 -40.31
CA ASP B 1523 -16.06 3.10 -41.42
C ASP B 1523 -15.89 1.63 -41.06
N PRO B 1524 -16.95 0.81 -41.12
CA PRO B 1524 -16.76 -0.64 -40.87
C PRO B 1524 -15.86 -1.31 -41.90
N THR B 1525 -15.68 -0.71 -43.07
CA THR B 1525 -14.77 -1.26 -44.06
C THR B 1525 -13.35 -1.34 -43.49
N PHE B 1526 -12.92 -0.29 -42.78
CA PHE B 1526 -11.66 -0.35 -42.06
C PHE B 1526 -11.67 -1.47 -41.03
N ALA B 1527 -12.80 -1.66 -40.35
CA ALA B 1527 -12.86 -2.62 -39.26
C ALA B 1527 -12.69 -4.05 -39.75
N THR B 1528 -13.29 -4.38 -40.90
CA THR B 1528 -13.43 -5.77 -41.30
C THR B 1528 -12.60 -6.19 -42.51
N PHE B 1529 -12.40 -5.32 -43.50
CA PHE B 1529 -11.53 -5.67 -44.62
C PHE B 1529 -10.11 -5.94 -44.13
N MET B 1530 -9.49 -7.01 -44.63
CA MET B 1530 -8.10 -7.31 -44.29
C MET B 1530 -7.16 -7.04 -45.47
N TYR B 1531 -7.42 -7.66 -46.61
CA TYR B 1531 -6.59 -7.46 -47.80
C TYR B 1531 -7.30 -8.09 -48.98
N GLU B 1532 -6.63 -8.05 -50.13
CA GLU B 1532 -7.08 -8.71 -51.34
C GLU B 1532 -5.90 -9.43 -51.98
N LEU B 1533 -6.19 -10.50 -52.72
CA LEU B 1533 -5.16 -11.28 -53.39
C LEU B 1533 -5.68 -11.66 -54.78
N CYS B 1534 -4.87 -11.41 -55.80
CA CYS B 1534 -5.24 -11.65 -57.19
C CYS B 1534 -4.42 -12.79 -57.76
N CYS B 1535 -5.07 -13.64 -58.55
CA CYS B 1535 -4.45 -14.82 -59.15
C CYS B 1535 -4.30 -14.70 -60.66
N GLY B 1536 -4.76 -13.62 -61.26
CA GLY B 1536 -4.70 -13.51 -62.71
C GLY B 1536 -5.87 -14.22 -63.37
N LYS B 1537 -5.62 -14.70 -64.58
CA LYS B 1537 -6.68 -15.31 -65.38
C LYS B 1537 -7.00 -16.72 -64.89
N GLN B 1538 -8.28 -17.01 -64.76
CA GLN B 1538 -8.78 -18.34 -64.40
C GLN B 1538 -10.02 -18.60 -65.26
N THR B 1539 -10.80 -19.60 -64.86
CA THR B 1539 -12.08 -19.90 -65.52
C THR B 1539 -13.25 -20.01 -64.56
N ALA B 1540 -13.04 -20.43 -63.32
CA ALA B 1540 -14.14 -20.54 -62.37
C ALA B 1540 -13.58 -20.46 -60.96
N PHE B 1541 -14.48 -20.31 -59.99
CA PHE B 1541 -14.13 -20.23 -58.58
C PHE B 1541 -15.02 -21.19 -57.78
N PHE B 1542 -14.42 -21.86 -56.80
CA PHE B 1542 -15.18 -22.64 -55.83
C PHE B 1542 -14.55 -22.46 -54.45
N SER B 1543 -15.39 -22.65 -53.42
CA SER B 1543 -14.98 -22.56 -52.02
C SER B 1543 -15.30 -23.85 -51.29
N SER B 1544 -14.33 -24.35 -50.53
CA SER B 1544 -14.48 -25.61 -49.81
C SER B 1544 -14.34 -25.37 -48.31
N GLN B 1545 -14.33 -26.45 -47.54
CA GLN B 1545 -14.28 -26.37 -46.08
C GLN B 1545 -12.94 -25.88 -45.56
N GLY B 1546 -11.85 -26.10 -46.29
CA GLY B 1546 -10.56 -25.54 -45.93
C GLY B 1546 -9.50 -26.54 -45.51
N GLN B 1547 -9.79 -27.84 -45.55
CA GLN B 1547 -8.71 -28.81 -45.39
C GLN B 1547 -7.70 -28.70 -46.51
N GLU B 1548 -8.17 -28.42 -47.72
CA GLU B 1548 -7.38 -28.09 -48.90
C GLU B 1548 -8.39 -27.57 -49.91
N TYR B 1549 -7.90 -26.85 -50.92
CA TYR B 1549 -8.78 -26.15 -51.87
C TYR B 1549 -9.66 -25.15 -51.12
N THR B 1550 -9.07 -24.44 -50.14
CA THR B 1550 -9.81 -23.53 -49.29
C THR B 1550 -10.51 -22.45 -50.12
N VAL B 1551 -9.77 -21.81 -51.01
CA VAL B 1551 -10.34 -20.90 -52.00
C VAL B 1551 -9.72 -21.29 -53.34
N VAL B 1552 -10.41 -22.14 -54.11
CA VAL B 1552 -9.84 -22.73 -55.31
C VAL B 1552 -10.37 -21.99 -56.54
N PHE B 1553 -9.49 -21.76 -57.49
CA PHE B 1553 -9.86 -21.25 -58.81
C PHE B 1553 -9.47 -22.31 -59.83
N TRP B 1554 -10.32 -22.52 -60.82
CA TRP B 1554 -10.13 -23.58 -61.81
C TRP B 1554 -9.90 -22.96 -63.19
N ASP B 1555 -8.87 -23.48 -63.87
CA ASP B 1555 -8.48 -23.01 -65.19
C ASP B 1555 -8.13 -24.23 -66.03
N GLY B 1556 -7.93 -24.01 -67.32
CA GLY B 1556 -7.51 -25.09 -68.21
C GLY B 1556 -8.67 -26.00 -68.56
N LYS B 1557 -8.33 -27.07 -69.28
CA LYS B 1557 -9.32 -28.03 -69.74
C LYS B 1557 -8.61 -29.27 -70.29
N GLU B 1558 -9.18 -30.44 -70.02
CA GLU B 1558 -8.69 -31.72 -70.55
C GLU B 1558 -7.25 -31.90 -70.08
N GLU B 1559 -6.25 -31.91 -70.97
CA GLU B 1559 -4.88 -32.14 -70.54
C GLU B 1559 -4.37 -31.01 -69.66
N SER B 1560 -4.73 -29.77 -69.97
CA SER B 1560 -4.21 -28.60 -69.26
C SER B 1560 -5.09 -28.18 -68.09
N ARG B 1561 -6.10 -28.97 -67.73
CA ARG B 1561 -6.96 -28.64 -66.61
C ARG B 1561 -6.13 -28.55 -65.33
N ASN B 1562 -6.34 -27.48 -64.57
CA ASN B 1562 -5.51 -27.19 -63.40
C ASN B 1562 -6.27 -26.25 -62.46
N TYR B 1563 -5.68 -26.01 -61.29
CA TYR B 1563 -6.33 -25.24 -60.24
C TYR B 1563 -5.29 -24.50 -59.42
N THR B 1564 -5.75 -23.45 -58.74
CA THR B 1564 -4.93 -22.61 -57.87
C THR B 1564 -5.68 -22.37 -56.56
N VAL B 1565 -5.03 -22.71 -55.45
CA VAL B 1565 -5.66 -22.67 -54.13
C VAL B 1565 -5.07 -21.52 -53.33
N VAL B 1566 -5.94 -20.74 -52.70
CA VAL B 1566 -5.55 -19.68 -51.78
C VAL B 1566 -5.94 -20.10 -50.37
N ASN B 1567 -5.00 -19.99 -49.43
CA ASN B 1567 -5.24 -20.14 -48.00
C ASN B 1567 -5.49 -18.72 -47.47
N THR B 1568 -6.71 -18.49 -46.97
CA THR B 1568 -7.12 -17.15 -46.56
C THR B 1568 -6.47 -16.71 -45.25
N GLU B 1569 -6.03 -17.65 -44.41
CA GLU B 1569 -5.43 -17.29 -43.14
C GLU B 1569 -3.98 -16.84 -43.28
N LYS B 1570 -3.37 -17.07 -44.44
CA LYS B 1570 -1.99 -16.67 -44.70
C LYS B 1570 -1.84 -15.74 -45.88
N GLY B 1571 -2.85 -15.60 -46.73
CA GLY B 1571 -2.71 -14.80 -47.94
C GLY B 1571 -1.66 -15.34 -48.89
N LEU B 1572 -1.58 -16.66 -49.05
CA LEU B 1572 -0.56 -17.30 -49.86
C LEU B 1572 -1.22 -18.26 -50.84
N MET B 1573 -0.50 -18.55 -51.93
CA MET B 1573 -0.90 -19.54 -52.92
C MET B 1573 0.10 -20.69 -52.84
N GLU B 1574 -0.16 -21.63 -51.92
CA GLU B 1574 0.70 -22.79 -51.81
C GLU B 1574 0.59 -23.68 -53.04
N VAL B 1575 -0.58 -23.67 -53.69
CA VAL B 1575 -0.84 -24.43 -54.90
C VAL B 1575 -1.21 -23.44 -56.00
N GLN B 1576 -0.45 -23.46 -57.09
CA GLN B 1576 -0.64 -22.51 -58.19
C GLN B 1576 -0.71 -23.27 -59.51
N ARG B 1577 -1.91 -23.31 -60.10
CA ARG B 1577 -2.13 -23.92 -61.40
C ARG B 1577 -1.63 -25.37 -61.42
N MET B 1578 -1.95 -26.10 -60.35
CA MET B 1578 -1.59 -27.50 -60.25
C MET B 1578 -2.46 -28.33 -61.18
N CYS B 1579 -1.83 -29.17 -61.98
CA CYS B 1579 -2.54 -29.91 -63.02
C CYS B 1579 -3.53 -30.90 -62.39
N CYS B 1580 -4.69 -31.00 -63.02
CA CYS B 1580 -5.74 -31.94 -62.63
C CYS B 1580 -6.54 -32.32 -63.87
N PRO B 1581 -6.01 -33.20 -64.72
CA PRO B 1581 -6.66 -33.45 -66.02
C PRO B 1581 -8.08 -34.00 -65.86
N GLY B 1582 -8.93 -33.61 -66.81
CA GLY B 1582 -10.30 -34.08 -66.86
C GLY B 1582 -11.22 -33.06 -67.47
N MET B 1583 -12.51 -33.18 -67.14
CA MET B 1583 -13.55 -32.33 -67.71
C MET B 1583 -13.83 -31.14 -66.79
N LYS B 1584 -14.46 -30.12 -67.36
CA LYS B 1584 -14.82 -28.93 -66.59
C LYS B 1584 -15.69 -29.30 -65.40
N VAL B 1585 -15.47 -28.60 -64.29
CA VAL B 1585 -16.10 -28.89 -63.01
C VAL B 1585 -17.00 -27.72 -62.63
N SER B 1586 -18.15 -28.04 -62.01
CA SER B 1586 -19.03 -27.03 -61.45
C SER B 1586 -18.83 -26.86 -59.95
N CYS B 1587 -18.40 -27.91 -59.26
CA CYS B 1587 -18.17 -27.85 -57.82
C CYS B 1587 -17.33 -29.05 -57.41
N GLN B 1588 -16.76 -28.97 -56.19
CA GLN B 1588 -15.92 -30.03 -55.67
C GLN B 1588 -16.12 -30.17 -54.17
N LEU B 1589 -16.83 -31.23 -53.77
CA LEU B 1589 -17.20 -31.42 -52.37
C LEU B 1589 -16.12 -32.22 -51.65
N GLN B 1590 -15.59 -31.66 -50.56
CA GLN B 1590 -14.58 -32.32 -49.75
C GLN B 1590 -15.29 -33.08 -48.64
N VAL B 1591 -15.04 -34.39 -48.57
CA VAL B 1591 -15.76 -35.30 -47.71
C VAL B 1591 -14.71 -36.07 -46.89
N GLN B 1592 -14.27 -35.45 -45.80
CA GLN B 1592 -13.46 -36.01 -44.71
C GLN B 1592 -12.07 -36.45 -45.14
N ARG B 1593 -11.89 -36.91 -46.39
CA ARG B 1593 -10.61 -36.93 -47.08
C ARG B 1593 -10.77 -36.74 -48.58
N SER B 1594 -11.97 -36.93 -49.11
CA SER B 1594 -12.16 -37.25 -50.52
C SER B 1594 -12.84 -36.08 -51.24
N LEU B 1595 -12.22 -35.66 -52.34
CA LEU B 1595 -12.72 -34.51 -53.09
C LEU B 1595 -13.52 -35.01 -54.28
N TRP B 1596 -14.78 -34.60 -54.33
CA TRP B 1596 -15.78 -35.12 -55.25
C TRP B 1596 -16.01 -34.06 -56.31
N THR B 1597 -15.37 -34.23 -57.46
CA THR B 1597 -15.34 -33.26 -58.55
C THR B 1597 -16.51 -33.52 -59.47
N ALA B 1598 -17.49 -32.59 -59.49
CA ALA B 1598 -18.69 -32.74 -60.31
C ALA B 1598 -18.40 -32.23 -61.71
N THR B 1599 -18.13 -33.16 -62.63
CA THR B 1599 -17.77 -32.80 -63.99
C THR B 1599 -19.00 -32.79 -64.89
N GLU B 1600 -18.85 -32.13 -66.05
CA GLU B 1600 -19.95 -31.96 -67.00
C GLU B 1600 -20.26 -33.22 -67.79
N ASP B 1601 -19.50 -34.30 -67.62
CA ASP B 1601 -19.78 -35.57 -68.28
C ASP B 1601 -20.72 -36.46 -67.46
N GLN B 1602 -21.54 -35.86 -66.60
CA GLN B 1602 -22.47 -36.60 -65.74
C GLN B 1602 -21.72 -37.57 -64.84
N LYS B 1603 -20.56 -37.17 -64.34
CA LYS B 1603 -19.73 -38.01 -63.49
C LYS B 1603 -19.16 -37.19 -62.35
N ILE B 1604 -19.02 -37.85 -61.20
CA ILE B 1604 -18.30 -37.32 -60.06
C ILE B 1604 -16.99 -38.09 -59.95
N TYR B 1605 -15.89 -37.39 -60.13
CA TYR B 1605 -14.55 -37.95 -60.01
C TYR B 1605 -14.06 -37.71 -58.58
N ILE B 1606 -13.87 -38.78 -57.82
CA ILE B 1606 -13.55 -38.70 -56.41
C ILE B 1606 -12.06 -39.01 -56.24
N TYR B 1607 -11.31 -37.97 -55.91
CA TYR B 1607 -9.90 -38.06 -55.57
C TYR B 1607 -9.76 -38.07 -54.05
N THR B 1608 -8.54 -38.24 -53.56
CA THR B 1608 -8.26 -38.24 -52.13
C THR B 1608 -6.97 -37.49 -51.85
N LEU B 1609 -6.85 -37.01 -50.60
CA LEU B 1609 -5.73 -36.18 -50.21
C LEU B 1609 -4.42 -36.97 -50.08
N LYS B 1610 -4.48 -38.30 -50.15
CA LYS B 1610 -3.26 -39.09 -50.06
C LYS B 1610 -2.26 -38.75 -51.16
N GLY B 1611 -2.74 -38.29 -52.31
CA GLY B 1611 -1.89 -37.83 -53.39
C GLY B 1611 -1.45 -36.39 -53.29
N MET B 1612 -1.71 -35.73 -52.15
CA MET B 1612 -1.33 -34.35 -51.94
C MET B 1612 -2.00 -33.45 -52.99
N CYS B 1613 -1.25 -32.55 -53.62
CA CYS B 1613 -1.85 -31.59 -54.55
C CYS B 1613 -2.11 -32.20 -55.92
N PRO B 1614 -1.13 -32.87 -56.56
CA PRO B 1614 -1.39 -33.34 -57.93
C PRO B 1614 -2.28 -34.59 -57.95
N LEU B 1615 -3.56 -34.38 -57.65
CA LEU B 1615 -4.55 -35.47 -57.66
C LEU B 1615 -5.05 -35.66 -59.09
N ASN B 1616 -4.24 -36.36 -59.88
CA ASN B 1616 -4.56 -36.65 -61.27
C ASN B 1616 -5.34 -37.94 -61.44
N THR B 1617 -5.09 -38.94 -60.58
CA THR B 1617 -5.74 -40.23 -60.67
C THR B 1617 -6.94 -40.28 -59.73
N PRO B 1618 -8.18 -40.39 -60.21
CA PRO B 1618 -9.30 -40.50 -59.28
C PRO B 1618 -9.33 -41.85 -58.59
N GLN B 1619 -9.81 -41.83 -57.35
CA GLN B 1619 -10.00 -43.06 -56.58
C GLN B 1619 -11.38 -43.67 -56.78
N GLN B 1620 -12.35 -42.91 -57.28
CA GLN B 1620 -13.63 -43.47 -57.66
C GLN B 1620 -14.23 -42.59 -58.76
N ALA B 1621 -15.12 -43.18 -59.55
CA ALA B 1621 -15.86 -42.46 -60.57
C ALA B 1621 -17.32 -42.88 -60.49
N LEU B 1622 -18.18 -41.97 -60.03
CA LEU B 1622 -19.59 -42.29 -59.82
C LEU B 1622 -20.44 -41.63 -60.90
N ASP B 1623 -21.30 -42.44 -61.53
CA ASP B 1623 -22.10 -42.00 -62.66
C ASP B 1623 -23.41 -41.40 -62.19
N THR B 1624 -23.93 -40.46 -62.96
CA THR B 1624 -25.22 -39.82 -62.73
C THR B 1624 -25.99 -39.72 -64.03
N PRO B 1625 -27.32 -39.63 -63.98
CA PRO B 1625 -28.09 -39.40 -65.21
C PRO B 1625 -28.05 -37.97 -65.70
N ALA B 1626 -27.52 -37.05 -64.91
CA ALA B 1626 -27.44 -35.64 -65.30
C ALA B 1626 -26.21 -35.02 -64.65
N VAL B 1627 -25.77 -33.90 -65.21
CA VAL B 1627 -24.59 -33.22 -64.71
C VAL B 1627 -24.85 -32.73 -63.29
N VAL B 1628 -23.89 -32.94 -62.41
CA VAL B 1628 -23.99 -32.46 -61.02
C VAL B 1628 -23.69 -30.97 -61.00
N THR B 1629 -24.64 -30.18 -60.47
CA THR B 1629 -24.50 -28.74 -60.39
C THR B 1629 -24.08 -28.24 -59.01
N CYS B 1630 -24.41 -28.97 -57.95
CA CYS B 1630 -23.98 -28.55 -56.61
C CYS B 1630 -23.93 -29.76 -55.71
N PHE B 1631 -23.38 -29.56 -54.51
CA PHE B 1631 -23.19 -30.64 -53.55
C PHE B 1631 -23.67 -30.25 -52.17
N LEU B 1632 -23.82 -31.27 -51.32
CA LEU B 1632 -23.91 -31.11 -49.89
C LEU B 1632 -23.46 -32.41 -49.24
N ALA B 1633 -22.82 -32.30 -48.07
CA ALA B 1633 -22.37 -33.45 -47.30
C ALA B 1633 -23.03 -33.39 -45.93
N VAL B 1634 -24.09 -34.18 -45.75
CA VAL B 1634 -24.84 -34.19 -44.49
C VAL B 1634 -24.27 -35.30 -43.60
N PRO B 1635 -23.82 -34.99 -42.38
CA PRO B 1635 -23.29 -36.05 -41.52
C PRO B 1635 -24.37 -36.79 -40.77
N VAL B 1636 -24.34 -38.12 -40.87
CA VAL B 1636 -25.18 -38.99 -40.07
C VAL B 1636 -24.33 -39.43 -38.88
N ILE B 1637 -24.52 -38.74 -37.75
CA ILE B 1637 -23.74 -39.02 -36.55
C ILE B 1637 -24.12 -40.36 -35.92
N LYS B 1638 -25.39 -40.75 -36.00
CA LYS B 1638 -25.82 -42.05 -35.51
C LYS B 1638 -25.15 -43.19 -36.27
N LYS B 1639 -24.70 -42.95 -37.49
CA LYS B 1639 -23.88 -43.90 -38.24
C LYS B 1639 -22.39 -43.56 -38.24
N ASN B 1640 -22.02 -42.36 -37.79
CA ASN B 1640 -20.65 -41.86 -37.93
C ASN B 1640 -20.21 -41.90 -39.39
N SER B 1641 -21.16 -41.63 -40.29
CA SER B 1641 -20.93 -41.67 -41.72
C SER B 1641 -21.41 -40.36 -42.32
N TYR B 1642 -21.25 -40.22 -43.63
CA TYR B 1642 -21.74 -39.06 -44.35
C TYR B 1642 -22.66 -39.52 -45.47
N LEU B 1643 -23.57 -38.64 -45.89
CA LEU B 1643 -24.31 -38.81 -47.13
C LEU B 1643 -23.97 -37.62 -48.01
N VAL B 1644 -23.40 -37.89 -49.18
CA VAL B 1644 -23.16 -36.86 -50.18
C VAL B 1644 -24.38 -36.79 -51.07
N LEU B 1645 -25.12 -35.68 -50.97
CA LEU B 1645 -26.28 -35.42 -51.80
C LEU B 1645 -25.83 -34.47 -52.90
N ALA B 1646 -25.90 -34.93 -54.14
CA ALA B 1646 -25.49 -34.15 -55.30
C ALA B 1646 -26.74 -33.61 -55.97
N GLY B 1647 -26.85 -32.27 -55.99
CA GLY B 1647 -27.91 -31.61 -56.73
C GLY B 1647 -27.55 -31.55 -58.19
N LEU B 1648 -28.34 -32.25 -59.01
CA LEU B 1648 -28.05 -32.49 -60.41
C LEU B 1648 -28.55 -31.35 -61.29
N ALA B 1649 -28.34 -31.50 -62.60
CA ALA B 1649 -28.72 -30.46 -63.54
C ALA B 1649 -30.19 -30.47 -63.90
N ASP B 1650 -30.95 -31.47 -63.42
CA ASP B 1650 -32.36 -31.64 -63.78
C ASP B 1650 -33.29 -31.55 -62.57
N GLY B 1651 -32.81 -31.01 -61.44
CA GLY B 1651 -33.64 -30.86 -60.26
C GLY B 1651 -33.75 -32.08 -59.39
N LEU B 1652 -33.08 -33.18 -59.72
CA LEU B 1652 -33.13 -34.42 -58.96
C LEU B 1652 -31.87 -34.55 -58.12
N VAL B 1653 -31.96 -35.37 -57.06
CA VAL B 1653 -30.91 -35.44 -56.06
C VAL B 1653 -30.32 -36.85 -56.04
N ALA B 1654 -28.99 -36.94 -56.15
CA ALA B 1654 -28.30 -38.23 -56.11
C ALA B 1654 -27.69 -38.43 -54.72
N VAL B 1655 -28.02 -39.55 -54.08
CA VAL B 1655 -27.57 -39.86 -52.73
C VAL B 1655 -26.49 -40.93 -52.82
N PHE B 1656 -25.28 -40.56 -52.36
CA PHE B 1656 -24.12 -41.44 -52.30
C PHE B 1656 -23.68 -41.54 -50.83
N PRO B 1657 -23.96 -42.66 -50.16
CA PRO B 1657 -23.37 -42.87 -48.83
C PRO B 1657 -21.85 -42.83 -48.86
N VAL B 1658 -21.25 -42.46 -47.73
CA VAL B 1658 -19.80 -42.36 -47.58
C VAL B 1658 -19.43 -42.89 -46.20
N VAL B 1659 -18.52 -43.86 -46.16
CA VAL B 1659 -18.03 -44.45 -44.92
C VAL B 1659 -16.51 -44.25 -44.89
N ARG B 1660 -16.04 -43.41 -43.95
CA ARG B 1660 -14.62 -43.17 -43.74
C ARG B 1660 -13.93 -42.72 -45.03
N GLY B 1661 -14.62 -41.88 -45.79
CA GLY B 1661 -14.08 -41.37 -47.04
C GLY B 1661 -14.16 -42.32 -48.21
N THR B 1662 -14.76 -43.50 -48.04
CA THR B 1662 -14.86 -44.49 -49.11
C THR B 1662 -16.20 -44.32 -49.81
N PRO B 1663 -16.26 -43.86 -51.06
CA PRO B 1663 -17.56 -43.71 -51.72
C PRO B 1663 -18.18 -45.06 -52.07
N LYS B 1664 -19.50 -45.04 -52.23
CA LYS B 1664 -20.26 -46.22 -52.64
C LYS B 1664 -20.97 -45.96 -53.96
N ASP B 1665 -21.13 -47.02 -54.75
CA ASP B 1665 -21.79 -46.93 -56.04
C ASP B 1665 -23.29 -47.18 -55.95
N SER B 1666 -23.76 -47.80 -54.87
CA SER B 1666 -25.18 -48.08 -54.70
C SER B 1666 -25.92 -46.80 -54.33
N CYS B 1667 -26.39 -46.09 -55.35
CA CYS B 1667 -26.99 -44.78 -55.15
C CYS B 1667 -28.44 -44.87 -54.71
N SER B 1668 -28.99 -43.72 -54.35
CA SER B 1668 -30.44 -43.53 -54.32
C SER B 1668 -30.78 -42.21 -55.00
N TYR B 1669 -31.49 -42.29 -56.12
CA TYR B 1669 -31.84 -41.10 -56.90
C TYR B 1669 -33.25 -40.66 -56.52
N LEU B 1670 -33.35 -39.43 -56.02
CA LEU B 1670 -34.60 -38.85 -55.56
C LEU B 1670 -35.17 -37.95 -56.65
N CYS B 1671 -36.40 -38.25 -57.04
CA CYS B 1671 -37.08 -37.58 -58.15
C CYS B 1671 -38.01 -36.52 -57.61
N SER B 1672 -37.80 -35.27 -58.03
CA SER B 1672 -38.69 -34.18 -57.63
C SER B 1672 -40.09 -34.38 -58.21
N HIS B 1673 -40.18 -34.85 -59.46
CA HIS B 1673 -41.48 -35.04 -60.09
C HIS B 1673 -42.30 -36.11 -59.38
N THR B 1674 -41.68 -37.21 -58.97
CA THR B 1674 -42.38 -38.24 -58.21
C THR B 1674 -42.88 -37.70 -56.88
N ALA B 1675 -42.06 -36.91 -56.19
CA ALA B 1675 -42.49 -36.30 -54.94
C ALA B 1675 -43.68 -35.37 -55.16
N ASN B 1676 -43.65 -34.60 -56.25
CA ASN B 1676 -44.77 -33.71 -56.56
C ASN B 1676 -46.04 -34.51 -56.83
N ARG B 1677 -45.92 -35.60 -57.60
CA ARG B 1677 -47.08 -36.44 -57.86
C ARG B 1677 -47.61 -37.06 -56.57
N SER B 1678 -46.72 -37.35 -55.63
CA SER B 1678 -47.14 -38.04 -54.41
C SER B 1678 -47.81 -37.08 -53.43
N LYS B 1679 -47.13 -35.99 -53.06
CA LYS B 1679 -47.54 -35.15 -51.95
C LYS B 1679 -47.96 -33.74 -52.33
N PHE B 1680 -47.29 -33.11 -53.29
CA PHE B 1680 -47.46 -31.68 -53.54
C PHE B 1680 -48.48 -31.38 -54.63
N SER B 1681 -48.64 -32.26 -55.62
CA SER B 1681 -49.75 -32.20 -56.57
C SER B 1681 -49.78 -30.87 -57.33
N ILE B 1682 -48.60 -30.44 -57.79
CA ILE B 1682 -48.53 -29.28 -58.67
C ILE B 1682 -48.96 -29.70 -60.06
N ALA B 1683 -49.60 -28.78 -60.78
CA ALA B 1683 -50.12 -29.08 -62.11
C ALA B 1683 -49.00 -29.48 -63.06
N ASP B 1684 -49.27 -30.50 -63.88
CA ASP B 1684 -48.29 -30.93 -64.87
C ASP B 1684 -48.03 -29.86 -65.92
N GLU B 1685 -48.95 -28.92 -66.09
CA GLU B 1685 -48.77 -27.79 -66.99
C GLU B 1685 -48.03 -26.63 -66.35
N ASP B 1686 -47.76 -26.69 -65.05
CA ASP B 1686 -47.13 -25.59 -64.35
C ASP B 1686 -45.68 -25.42 -64.80
N ALA B 1687 -45.18 -24.18 -64.67
CA ALA B 1687 -43.78 -23.92 -64.95
C ALA B 1687 -42.87 -24.59 -63.93
N ARG B 1688 -43.41 -24.97 -62.76
CA ARG B 1688 -42.63 -25.67 -61.76
C ARG B 1688 -42.18 -27.05 -62.23
N GLN B 1689 -42.77 -27.59 -63.28
CA GLN B 1689 -42.40 -28.88 -63.83
C GLN B 1689 -41.11 -28.84 -64.63
N ASN B 1690 -40.55 -27.66 -64.88
CA ASN B 1690 -39.32 -27.54 -65.65
C ASN B 1690 -38.20 -28.29 -64.92
N PRO B 1691 -37.32 -29.02 -65.65
CA PRO B 1691 -36.22 -29.69 -64.96
C PRO B 1691 -35.12 -28.70 -64.57
N TYR B 1692 -35.46 -27.79 -63.67
CA TYR B 1692 -34.54 -26.73 -63.31
C TYR B 1692 -33.42 -27.31 -62.46
N PRO B 1693 -32.15 -26.97 -62.72
CA PRO B 1693 -31.06 -27.61 -61.97
C PRO B 1693 -31.09 -27.24 -60.49
N VAL B 1694 -30.69 -28.21 -59.65
CA VAL B 1694 -30.54 -27.93 -58.24
C VAL B 1694 -29.39 -26.95 -58.05
N LYS B 1695 -29.62 -25.89 -57.27
CA LYS B 1695 -28.64 -24.84 -57.06
C LYS B 1695 -28.21 -24.70 -55.61
N ALA B 1696 -29.15 -24.67 -54.67
CA ALA B 1696 -28.86 -24.43 -53.26
C ALA B 1696 -29.16 -25.69 -52.46
N MET B 1697 -28.32 -25.96 -51.45
CA MET B 1697 -28.51 -27.12 -50.60
C MET B 1697 -28.02 -26.80 -49.20
N GLU B 1698 -28.76 -27.24 -48.19
CA GLU B 1698 -28.48 -26.87 -46.81
C GLU B 1698 -29.03 -27.97 -45.88
N VAL B 1699 -28.50 -28.01 -44.67
CA VAL B 1699 -28.93 -28.97 -43.65
C VAL B 1699 -29.66 -28.20 -42.56
N VAL B 1700 -30.76 -28.77 -42.06
CA VAL B 1700 -31.52 -28.17 -40.97
C VAL B 1700 -31.91 -29.25 -39.97
N ASN B 1701 -32.21 -28.79 -38.74
CA ASN B 1701 -32.62 -29.66 -37.65
C ASN B 1701 -31.49 -30.62 -37.27
N SER B 1702 -30.31 -30.05 -37.03
CA SER B 1702 -29.12 -30.80 -36.66
C SER B 1702 -28.80 -31.86 -37.71
N GLY B 1703 -29.02 -31.51 -38.97
CA GLY B 1703 -28.82 -32.44 -40.06
C GLY B 1703 -29.90 -33.48 -40.21
N SER B 1704 -31.05 -33.31 -39.56
CA SER B 1704 -32.13 -34.28 -39.69
C SER B 1704 -32.83 -34.16 -41.04
N GLU B 1705 -32.81 -32.96 -41.63
CA GLU B 1705 -33.44 -32.74 -42.94
C GLU B 1705 -32.50 -31.95 -43.83
N VAL B 1706 -32.66 -32.13 -45.15
CA VAL B 1706 -31.86 -31.40 -46.13
C VAL B 1706 -32.82 -30.60 -47.02
N TRP B 1707 -32.61 -29.29 -47.08
CA TRP B 1707 -33.41 -28.39 -47.90
C TRP B 1707 -32.63 -28.06 -49.17
N TYR B 1708 -33.27 -28.27 -50.34
CA TYR B 1708 -32.66 -27.87 -51.60
C TYR B 1708 -33.66 -27.16 -52.48
N SER B 1709 -33.15 -26.17 -53.21
CA SER B 1709 -33.97 -25.31 -54.07
C SER B 1709 -34.22 -25.97 -55.41
N ASN B 1710 -35.50 -25.99 -55.82
CA ASN B 1710 -35.91 -26.41 -57.15
C ASN B 1710 -36.83 -25.32 -57.69
N GLY B 1711 -36.31 -24.52 -58.62
CA GLY B 1711 -37.07 -23.48 -59.26
C GLY B 1711 -37.55 -22.47 -58.23
N PRO B 1712 -38.78 -21.96 -58.36
CA PRO B 1712 -39.29 -21.04 -57.33
C PRO B 1712 -39.48 -21.72 -55.99
N GLY B 1713 -39.53 -23.04 -55.93
CA GLY B 1713 -39.82 -23.77 -54.72
C GLY B 1713 -38.58 -24.36 -54.06
N LEU B 1714 -38.82 -24.99 -52.92
CA LEU B 1714 -37.81 -25.67 -52.15
C LEU B 1714 -38.37 -27.02 -51.73
N LEU B 1715 -37.51 -28.02 -51.63
CA LEU B 1715 -37.91 -29.37 -51.26
C LEU B 1715 -37.04 -29.88 -50.11
N VAL B 1716 -37.70 -30.55 -49.17
CA VAL B 1716 -37.08 -31.01 -47.93
C VAL B 1716 -37.04 -32.52 -47.96
N ILE B 1717 -35.82 -33.06 -47.88
CA ILE B 1717 -35.55 -34.49 -47.89
C ILE B 1717 -35.35 -34.95 -46.46
N ASP B 1718 -36.04 -36.02 -46.08
CA ASP B 1718 -35.86 -36.64 -44.77
C ASP B 1718 -34.58 -37.47 -44.82
N CYS B 1719 -33.60 -37.10 -44.00
CA CYS B 1719 -32.28 -37.72 -44.07
C CYS B 1719 -32.28 -39.15 -43.56
N ALA B 1720 -33.34 -39.63 -42.92
CA ALA B 1720 -33.44 -41.01 -42.50
C ALA B 1720 -33.96 -41.92 -43.61
N SER B 1721 -35.09 -41.56 -44.22
CA SER B 1721 -35.64 -42.32 -45.33
C SER B 1721 -35.14 -41.84 -46.69
N LEU B 1722 -34.52 -40.67 -46.75
CA LEU B 1722 -34.04 -40.06 -47.99
C LEU B 1722 -35.18 -39.81 -48.98
N GLU B 1723 -36.42 -39.75 -48.49
CA GLU B 1723 -37.56 -39.38 -49.32
C GLU B 1723 -37.81 -37.87 -49.22
N ILE B 1724 -38.22 -37.29 -50.34
CA ILE B 1724 -38.54 -35.87 -50.38
C ILE B 1724 -39.81 -35.65 -49.58
N CYS B 1725 -39.64 -35.10 -48.37
CA CYS B 1725 -40.73 -35.05 -47.39
C CYS B 1725 -41.61 -33.81 -47.51
N ARG B 1726 -41.03 -32.64 -47.76
CA ARG B 1726 -41.81 -31.40 -47.76
C ARG B 1726 -41.53 -30.59 -49.01
N ARG B 1727 -42.47 -29.70 -49.35
CA ARG B 1727 -42.24 -28.65 -50.32
C ARG B 1727 -42.62 -27.32 -49.70
N LEU B 1728 -41.70 -26.36 -49.80
CA LEU B 1728 -41.90 -24.98 -49.41
C LEU B 1728 -41.94 -24.12 -50.67
N GLU B 1729 -42.58 -22.96 -50.57
CA GLU B 1729 -42.69 -22.02 -51.69
C GLU B 1729 -42.23 -20.64 -51.24
N PRO B 1730 -40.92 -20.47 -51.02
CA PRO B 1730 -40.41 -19.12 -50.72
C PRO B 1730 -40.68 -18.13 -51.82
N TYR B 1731 -40.72 -18.58 -53.07
CA TYR B 1731 -41.04 -17.75 -54.21
C TYR B 1731 -41.98 -18.51 -55.12
N MET B 1732 -42.66 -17.78 -56.00
CA MET B 1732 -43.66 -18.33 -56.91
C MET B 1732 -43.10 -18.31 -58.33
N ALA B 1733 -43.61 -19.23 -59.16
CA ALA B 1733 -43.13 -19.32 -60.53
C ALA B 1733 -43.45 -18.02 -61.27
N PRO B 1734 -42.62 -17.62 -62.24
CA PRO B 1734 -41.39 -18.25 -62.76
C PRO B 1734 -40.13 -17.80 -62.02
N SER B 1735 -40.19 -17.64 -60.70
CA SER B 1735 -39.02 -17.25 -59.92
C SER B 1735 -38.08 -18.45 -59.74
N MET B 1736 -36.89 -18.18 -59.20
CA MET B 1736 -35.93 -19.26 -58.96
C MET B 1736 -35.07 -18.91 -57.75
N VAL B 1737 -34.93 -19.86 -56.84
CA VAL B 1737 -34.10 -19.72 -55.66
C VAL B 1737 -32.70 -20.22 -55.98
N THR B 1738 -31.69 -19.42 -55.67
CA THR B 1738 -30.30 -19.75 -55.98
C THR B 1738 -29.45 -20.04 -54.75
N SER B 1739 -29.83 -19.55 -53.57
CA SER B 1739 -29.11 -19.82 -52.34
C SER B 1739 -30.08 -20.11 -51.21
N VAL B 1740 -29.69 -21.06 -50.35
CA VAL B 1740 -30.45 -21.45 -49.18
C VAL B 1740 -29.46 -21.72 -48.05
N VAL B 1741 -29.56 -20.97 -46.97
CA VAL B 1741 -28.63 -21.10 -45.85
C VAL B 1741 -29.43 -21.04 -44.56
N CYS B 1742 -29.07 -21.88 -43.59
CA CYS B 1742 -29.73 -21.97 -42.30
C CYS B 1742 -28.93 -21.24 -41.24
N SER B 1743 -29.63 -20.46 -40.42
CA SER B 1743 -29.03 -19.78 -39.28
C SER B 1743 -29.96 -19.93 -38.09
N SER B 1744 -29.44 -19.62 -36.90
CA SER B 1744 -30.21 -19.70 -35.68
C SER B 1744 -30.00 -18.44 -34.84
N GLU B 1745 -31.09 -17.84 -34.40
CA GLU B 1745 -31.03 -16.69 -33.51
C GLU B 1745 -30.57 -17.16 -32.13
N GLY B 1746 -30.09 -16.21 -31.32
CA GLY B 1746 -29.56 -16.54 -30.00
C GLY B 1746 -30.56 -17.20 -29.07
N ARG B 1747 -31.85 -17.10 -29.36
CA ARG B 1747 -32.88 -17.73 -28.55
C ARG B 1747 -33.11 -19.20 -28.91
N GLY B 1748 -32.34 -19.74 -29.85
CA GLY B 1748 -32.52 -21.11 -30.27
C GLY B 1748 -33.50 -21.30 -31.41
N GLU B 1749 -33.97 -20.22 -32.03
CA GLU B 1749 -34.89 -20.30 -33.16
C GLU B 1749 -34.08 -20.52 -34.43
N GLU B 1750 -34.19 -21.72 -35.00
CA GLU B 1750 -33.49 -22.05 -36.24
C GLU B 1750 -34.30 -21.53 -37.41
N VAL B 1751 -33.63 -20.76 -38.28
CA VAL B 1751 -34.30 -19.93 -39.28
C VAL B 1751 -33.48 -19.94 -40.56
N VAL B 1752 -34.18 -20.05 -41.70
CA VAL B 1752 -33.55 -20.36 -42.98
C VAL B 1752 -33.88 -19.28 -44.00
N TRP B 1753 -32.85 -18.67 -44.59
CA TRP B 1753 -32.99 -17.71 -45.68
C TRP B 1753 -33.04 -18.44 -47.02
N CYS B 1754 -33.72 -17.81 -47.98
CA CYS B 1754 -33.78 -18.29 -49.36
C CYS B 1754 -33.65 -17.08 -50.28
N LEU B 1755 -32.64 -17.08 -51.15
CA LEU B 1755 -32.30 -15.95 -52.00
C LEU B 1755 -32.82 -16.24 -53.41
N ASP B 1756 -33.41 -15.22 -54.05
CA ASP B 1756 -33.91 -15.34 -55.41
C ASP B 1756 -33.14 -14.42 -56.35
N ASP B 1757 -32.97 -14.87 -57.59
CA ASP B 1757 -32.24 -14.10 -58.59
C ASP B 1757 -33.14 -13.08 -59.27
N LYS B 1758 -34.28 -13.53 -59.82
CA LYS B 1758 -35.17 -12.63 -60.53
C LYS B 1758 -35.73 -11.55 -59.61
N ALA B 1759 -36.26 -11.96 -58.46
CA ALA B 1759 -36.84 -11.00 -57.53
C ALA B 1759 -35.81 -10.10 -56.88
N ASN B 1760 -34.55 -10.53 -56.83
CA ASN B 1760 -33.48 -9.79 -56.13
C ASN B 1760 -33.89 -9.53 -54.68
N SER B 1761 -34.34 -10.59 -54.03
CA SER B 1761 -34.78 -10.50 -52.65
C SER B 1761 -34.56 -11.83 -51.96
N LEU B 1762 -34.52 -11.79 -50.63
CA LEU B 1762 -34.39 -12.97 -49.79
C LEU B 1762 -35.67 -13.10 -48.98
N VAL B 1763 -35.99 -14.33 -48.57
CA VAL B 1763 -37.16 -14.59 -47.73
C VAL B 1763 -36.78 -15.59 -46.65
N MET B 1764 -37.34 -15.37 -45.46
CA MET B 1764 -36.96 -16.09 -44.25
C MET B 1764 -38.10 -16.96 -43.76
N TYR B 1765 -37.78 -18.25 -43.55
CA TYR B 1765 -38.69 -19.27 -43.04
C TYR B 1765 -38.24 -19.75 -41.66
N HIS B 1766 -39.19 -20.27 -40.89
CA HIS B 1766 -38.90 -21.02 -39.68
C HIS B 1766 -38.71 -22.48 -40.05
N SER B 1767 -37.60 -23.07 -39.58
CA SER B 1767 -37.25 -24.43 -39.99
C SER B 1767 -38.16 -25.48 -39.37
N THR B 1768 -38.68 -25.25 -38.17
CA THR B 1768 -39.50 -26.24 -37.48
C THR B 1768 -40.96 -26.21 -37.89
N THR B 1769 -41.38 -25.23 -38.69
CA THR B 1769 -42.76 -25.13 -39.17
C THR B 1769 -42.88 -25.06 -40.68
N TYR B 1770 -41.80 -24.77 -41.40
CA TYR B 1770 -41.83 -24.63 -42.86
C TYR B 1770 -42.76 -23.51 -43.30
N GLN B 1771 -42.81 -22.43 -42.52
CA GLN B 1771 -43.70 -21.31 -42.78
C GLN B 1771 -42.90 -20.03 -43.02
N LEU B 1772 -43.26 -19.34 -44.10
CA LEU B 1772 -42.64 -18.05 -44.43
C LEU B 1772 -42.95 -17.07 -43.31
N CYS B 1773 -41.93 -16.34 -42.86
CA CYS B 1773 -42.09 -15.37 -41.79
C CYS B 1773 -41.45 -14.01 -42.04
N ALA B 1774 -40.63 -13.86 -43.09
CA ALA B 1774 -40.15 -12.52 -43.40
C ALA B 1774 -39.68 -12.43 -44.85
N ARG B 1775 -39.53 -11.18 -45.30
CA ARG B 1775 -38.98 -10.86 -46.61
C ARG B 1775 -38.00 -9.71 -46.46
N TYR B 1776 -36.90 -9.76 -47.21
CA TYR B 1776 -35.86 -8.74 -47.21
C TYR B 1776 -35.52 -8.40 -48.66
N PHE B 1777 -35.90 -7.19 -49.10
CA PHE B 1777 -35.65 -6.77 -50.46
C PHE B 1777 -34.23 -6.26 -50.59
N CYS B 1778 -33.48 -6.82 -51.54
CA CYS B 1778 -32.07 -6.50 -51.71
C CYS B 1778 -31.83 -5.37 -52.71
N GLY B 1779 -32.74 -5.16 -53.65
CA GLY B 1779 -32.57 -4.13 -54.65
C GLY B 1779 -32.85 -2.73 -54.14
N VAL B 1780 -32.15 -2.34 -53.09
CA VAL B 1780 -32.38 -1.05 -52.42
C VAL B 1780 -31.25 -0.11 -52.84
N PRO B 1781 -31.54 0.95 -53.60
CA PRO B 1781 -30.44 1.85 -54.02
C PRO B 1781 -29.78 2.58 -52.87
N SER B 1782 -30.44 2.71 -51.73
CA SER B 1782 -29.89 3.43 -50.58
C SER B 1782 -30.38 2.77 -49.29
N PRO B 1783 -29.72 1.69 -48.85
CA PRO B 1783 -30.18 1.00 -47.63
C PRO B 1783 -29.83 1.79 -46.37
N LEU B 1784 -30.47 2.96 -46.24
CA LEU B 1784 -30.27 3.82 -45.07
C LEU B 1784 -30.96 3.16 -43.89
N ARG B 1785 -30.19 2.43 -43.09
CA ARG B 1785 -30.72 1.69 -41.94
C ARG B 1785 -31.84 0.76 -42.39
N ASP B 1786 -31.64 0.09 -43.52
CA ASP B 1786 -32.71 -0.71 -44.11
C ASP B 1786 -33.16 -1.80 -43.15
N MET B 1787 -34.47 -1.89 -42.93
CA MET B 1787 -35.02 -2.82 -41.96
C MET B 1787 -36.37 -3.32 -42.46
N PHE B 1788 -36.76 -4.48 -41.95
CA PHE B 1788 -37.99 -5.17 -42.35
C PHE B 1788 -38.54 -5.93 -41.16
N PRO B 1789 -39.84 -6.25 -41.15
CA PRO B 1789 -40.40 -6.99 -40.02
C PRO B 1789 -40.26 -8.49 -40.19
N VAL B 1790 -40.46 -9.19 -39.07
CA VAL B 1790 -40.43 -10.65 -39.02
C VAL B 1790 -41.48 -11.09 -38.00
N ARG B 1791 -42.55 -11.71 -38.51
CA ARG B 1791 -43.68 -12.19 -37.73
C ARG B 1791 -43.23 -13.31 -36.79
N PRO B 1792 -43.83 -13.43 -35.58
CA PRO B 1792 -43.46 -14.56 -34.73
C PRO B 1792 -43.80 -15.92 -35.37
N PHE B 1904 -26.42 0.07 -63.08
CA PHE B 1904 -26.48 0.13 -61.63
C PHE B 1904 -27.53 -0.84 -61.08
N SER B 1905 -28.51 -1.20 -61.91
CA SER B 1905 -29.54 -2.12 -61.47
C SER B 1905 -28.95 -3.48 -61.07
N GLN B 1906 -28.00 -3.99 -61.84
CA GLN B 1906 -27.34 -5.24 -61.49
C GLN B 1906 -26.47 -5.10 -60.25
N HIS B 1907 -25.88 -3.92 -60.02
CA HIS B 1907 -24.99 -3.74 -58.88
C HIS B 1907 -25.69 -4.04 -57.55
N LEU B 1908 -27.01 -3.87 -57.49
CA LEU B 1908 -27.79 -4.17 -56.31
C LEU B 1908 -28.25 -5.62 -56.25
N GLN B 1909 -27.91 -6.43 -57.26
CA GLN B 1909 -28.37 -7.82 -57.29
C GLN B 1909 -27.59 -8.63 -56.27
N ALA B 1910 -28.30 -9.45 -55.49
CA ALA B 1910 -27.66 -10.25 -54.46
C ALA B 1910 -26.81 -11.35 -55.09
N VAL B 1911 -25.81 -11.82 -54.34
CA VAL B 1911 -24.89 -12.86 -54.80
C VAL B 1911 -25.14 -14.17 -54.07
N LYS B 1912 -25.01 -14.16 -52.75
CA LYS B 1912 -25.04 -15.40 -51.96
C LYS B 1912 -25.43 -15.04 -50.53
N ILE B 1913 -25.91 -16.04 -49.80
CA ILE B 1913 -26.20 -15.91 -48.38
C ILE B 1913 -24.97 -16.44 -47.63
N LEU B 1914 -24.40 -15.63 -46.75
CA LEU B 1914 -23.23 -16.00 -45.97
C LEU B 1914 -23.57 -15.89 -44.48
N ALA B 1915 -23.91 -17.01 -43.86
CA ALA B 1915 -24.24 -17.03 -42.45
C ALA B 1915 -22.96 -17.03 -41.62
N VAL B 1916 -22.70 -15.91 -40.93
CA VAL B 1916 -21.49 -15.75 -40.13
C VAL B 1916 -21.93 -15.49 -38.69
N ARG B 1917 -21.62 -16.44 -37.81
CA ARG B 1917 -22.03 -16.36 -36.41
C ARG B 1917 -23.55 -16.19 -36.33
N ASP B 1918 -24.04 -15.05 -35.85
CA ASP B 1918 -25.48 -14.79 -35.75
C ASP B 1918 -25.94 -13.70 -36.72
N LEU B 1919 -25.11 -13.31 -37.67
CA LEU B 1919 -25.46 -12.35 -38.71
C LEU B 1919 -25.43 -13.02 -40.07
N ILE B 1920 -26.01 -12.34 -41.06
CA ILE B 1920 -26.02 -12.82 -42.44
C ILE B 1920 -25.44 -11.74 -43.33
N TRP B 1921 -24.38 -12.09 -44.06
CA TRP B 1921 -23.77 -11.22 -45.04
C TRP B 1921 -24.39 -11.52 -46.40
N VAL B 1922 -24.82 -10.48 -47.10
CA VAL B 1922 -25.41 -10.57 -48.42
C VAL B 1922 -24.52 -9.78 -49.37
N PRO B 1923 -23.60 -10.43 -50.08
CA PRO B 1923 -22.85 -9.73 -51.12
C PRO B 1923 -23.71 -9.37 -52.32
N ARG B 1924 -23.36 -8.27 -52.96
CA ARG B 1924 -24.05 -7.78 -54.15
C ARG B 1924 -23.05 -7.59 -55.29
N ARG B 1925 -23.57 -7.51 -56.52
CA ARG B 1925 -22.71 -7.39 -57.68
C ARG B 1925 -21.91 -6.09 -57.68
N GLY B 1926 -22.39 -5.08 -56.96
CA GLY B 1926 -21.72 -3.79 -56.94
C GLY B 1926 -20.42 -3.76 -56.16
N GLY B 1927 -20.02 -4.88 -55.56
CA GLY B 1927 -18.84 -4.96 -54.73
C GLY B 1927 -19.10 -4.70 -53.26
N ASP B 1928 -20.33 -4.33 -52.90
CA ASP B 1928 -20.69 -4.07 -51.51
C ASP B 1928 -21.46 -5.24 -50.93
N VAL B 1929 -21.18 -5.55 -49.67
CA VAL B 1929 -21.83 -6.63 -48.93
C VAL B 1929 -22.55 -6.00 -47.75
N ILE B 1930 -23.86 -6.26 -47.66
CA ILE B 1930 -24.70 -5.73 -46.59
C ILE B 1930 -24.90 -6.81 -45.55
N VAL B 1931 -24.61 -6.49 -44.29
CA VAL B 1931 -24.69 -7.45 -43.19
C VAL B 1931 -25.90 -7.10 -42.35
N ILE B 1932 -26.73 -8.11 -42.10
CA ILE B 1932 -28.00 -7.94 -41.41
C ILE B 1932 -28.08 -8.86 -40.20
N GLY B 1933 -28.78 -8.37 -39.17
CA GLY B 1933 -29.11 -9.13 -38.00
C GLY B 1933 -30.57 -8.89 -37.62
N LEU B 1934 -30.99 -9.37 -36.45
CA LEU B 1934 -32.37 -9.25 -35.99
C LEU B 1934 -32.41 -8.52 -34.66
N GLU B 1935 -33.33 -7.57 -34.52
CA GLU B 1935 -33.59 -6.89 -33.26
C GLU B 1935 -34.89 -7.40 -32.66
N LYS B 1936 -34.86 -7.72 -31.37
CA LYS B 1936 -36.04 -8.27 -30.70
C LYS B 1936 -37.04 -7.17 -30.40
N ASP B 1937 -38.31 -7.41 -30.73
CA ASP B 1937 -39.38 -6.45 -30.49
C ASP B 1937 -40.63 -7.24 -30.10
N SER B 1938 -40.91 -7.30 -28.80
CA SER B 1938 -42.13 -7.89 -28.27
C SER B 1938 -42.33 -9.33 -28.74
N GLY B 1939 -41.25 -10.08 -28.91
CA GLY B 1939 -41.31 -11.43 -29.43
C GLY B 1939 -41.11 -11.52 -30.93
N ALA B 1940 -41.71 -10.61 -31.69
CA ALA B 1940 -41.40 -10.52 -33.12
C ALA B 1940 -39.99 -10.01 -33.29
N GLN B 1941 -39.53 -9.99 -34.54
CA GLN B 1941 -38.19 -9.51 -34.83
C GLN B 1941 -38.22 -8.44 -35.91
N ARG B 1942 -37.18 -7.62 -35.93
CA ARG B 1942 -36.99 -6.58 -36.94
C ARG B 1942 -35.62 -6.80 -37.53
N GLY B 1943 -35.58 -7.39 -38.73
CA GLY B 1943 -34.31 -7.52 -39.41
C GLY B 1943 -33.80 -6.16 -39.83
N ARG B 1944 -32.49 -5.95 -39.66
CA ARG B 1944 -31.92 -4.63 -39.89
C ARG B 1944 -30.44 -4.77 -40.23
N VAL B 1945 -29.97 -3.84 -41.07
CA VAL B 1945 -28.56 -3.78 -41.42
C VAL B 1945 -27.76 -3.25 -40.24
N ILE B 1946 -26.68 -3.94 -39.91
CA ILE B 1946 -25.73 -3.47 -38.90
C ILE B 1946 -24.61 -2.65 -39.52
N ALA B 1947 -24.29 -2.90 -40.79
CA ALA B 1947 -23.25 -2.17 -41.48
C ALA B 1947 -23.29 -2.53 -42.96
N VAL B 1948 -22.85 -1.59 -43.79
CA VAL B 1948 -22.66 -1.81 -45.22
C VAL B 1948 -21.17 -1.70 -45.51
N LEU B 1949 -20.64 -2.70 -46.21
CA LEU B 1949 -19.21 -2.91 -46.35
C LEU B 1949 -18.82 -2.89 -47.82
N LYS B 1950 -17.79 -2.11 -48.14
CA LYS B 1950 -17.23 -2.12 -49.49
C LYS B 1950 -15.86 -1.48 -49.45
N ALA B 1951 -14.84 -2.21 -49.91
CA ALA B 1951 -13.50 -1.68 -50.10
C ALA B 1951 -13.42 -1.13 -51.52
N ARG B 1952 -13.34 0.19 -51.64
CA ARG B 1952 -13.34 0.83 -52.96
C ARG B 1952 -12.18 0.34 -53.82
N GLU B 1953 -11.06 0.00 -53.17
CA GLU B 1953 -9.88 -0.46 -53.90
C GLU B 1953 -10.11 -1.76 -54.65
N LEU B 1954 -11.22 -2.45 -54.40
CA LEU B 1954 -11.57 -3.65 -55.15
C LEU B 1954 -12.21 -3.35 -56.50
N THR B 1955 -12.45 -2.08 -56.81
CA THR B 1955 -13.07 -1.70 -58.09
C THR B 1955 -12.36 -2.23 -59.33
N PRO B 1956 -11.02 -2.16 -59.44
CA PRO B 1956 -10.37 -2.58 -60.69
C PRO B 1956 -10.58 -4.04 -61.05
N HIS B 1957 -10.98 -4.88 -60.11
CA HIS B 1957 -11.09 -6.32 -60.33
C HIS B 1957 -12.43 -6.74 -60.88
N GLY B 1958 -13.33 -5.78 -61.17
CA GLY B 1958 -14.55 -6.08 -61.88
C GLY B 1958 -15.76 -6.31 -60.98
N VAL B 1959 -16.71 -7.08 -61.49
CA VAL B 1959 -17.97 -7.35 -60.79
C VAL B 1959 -17.75 -8.47 -59.80
N LEU B 1960 -18.43 -8.39 -58.66
CA LEU B 1960 -18.38 -9.45 -57.66
C LEU B 1960 -19.19 -10.64 -58.17
N VAL B 1961 -18.52 -11.78 -58.31
CA VAL B 1961 -19.17 -12.98 -58.84
C VAL B 1961 -19.65 -13.91 -57.74
N ASP B 1962 -18.84 -14.14 -56.71
CA ASP B 1962 -19.18 -15.16 -55.72
C ASP B 1962 -18.69 -14.71 -54.35
N ALA B 1963 -18.94 -15.55 -53.34
CA ALA B 1963 -18.47 -15.30 -51.99
C ALA B 1963 -18.64 -16.57 -51.17
N ALA B 1964 -18.01 -16.59 -50.00
CA ALA B 1964 -18.03 -17.77 -49.15
C ALA B 1964 -17.63 -17.40 -47.73
N VAL B 1965 -18.01 -18.28 -46.80
CA VAL B 1965 -17.52 -18.22 -45.43
C VAL B 1965 -16.46 -19.31 -45.28
N VAL B 1966 -15.20 -18.90 -45.15
CA VAL B 1966 -14.08 -19.83 -45.15
C VAL B 1966 -13.66 -20.24 -43.73
N ALA B 1967 -14.01 -19.46 -42.71
CA ALA B 1967 -13.73 -19.81 -41.34
C ALA B 1967 -14.77 -19.13 -40.45
N LYS B 1968 -14.76 -19.49 -39.17
CA LYS B 1968 -15.69 -18.86 -38.23
C LYS B 1968 -15.45 -17.36 -38.11
N ASP B 1969 -14.22 -16.91 -38.35
CA ASP B 1969 -13.86 -15.50 -38.24
C ASP B 1969 -13.22 -14.97 -39.53
N THR B 1970 -13.60 -15.52 -40.68
CA THR B 1970 -13.08 -15.06 -41.97
C THR B 1970 -14.15 -15.23 -43.03
N VAL B 1971 -14.25 -14.26 -43.94
CA VAL B 1971 -15.19 -14.28 -45.04
C VAL B 1971 -14.42 -13.88 -46.30
N VAL B 1972 -14.85 -14.41 -47.45
CA VAL B 1972 -14.20 -14.09 -48.73
C VAL B 1972 -15.28 -13.71 -49.73
N CYS B 1973 -14.90 -12.85 -50.68
CA CYS B 1973 -15.75 -12.48 -51.80
C CYS B 1973 -14.89 -12.34 -53.04
N THR B 1974 -15.34 -12.91 -54.15
CA THR B 1974 -14.53 -13.09 -55.34
C THR B 1974 -15.13 -12.32 -56.52
N PHE B 1975 -14.28 -11.50 -57.14
CA PHE B 1975 -14.61 -10.69 -58.30
C PHE B 1975 -14.02 -11.30 -59.56
N GLU B 1976 -14.67 -11.06 -60.69
CA GLU B 1976 -14.14 -11.36 -62.02
C GLU B 1976 -14.32 -10.13 -62.89
N ASN B 1977 -13.33 -9.86 -63.74
CA ASN B 1977 -13.35 -8.70 -64.63
C ASN B 1977 -13.55 -9.13 -66.07
N GLU B 1978 -13.51 -8.15 -66.98
CA GLU B 1978 -13.70 -8.40 -68.40
C GLU B 1978 -12.63 -9.29 -69.00
N ASN B 1979 -11.44 -9.36 -68.39
CA ASN B 1979 -10.38 -10.26 -68.84
C ASN B 1979 -10.52 -11.66 -68.28
N THR B 1980 -11.60 -11.93 -67.54
CA THR B 1980 -11.76 -13.18 -66.82
C THR B 1980 -10.57 -13.39 -65.88
N GLU B 1981 -10.16 -12.31 -65.22
CA GLU B 1981 -9.14 -12.34 -64.19
C GLU B 1981 -9.82 -12.22 -62.84
N TRP B 1982 -9.57 -13.21 -61.98
CA TRP B 1982 -10.28 -13.34 -60.72
C TRP B 1982 -9.47 -12.71 -59.59
N CYS B 1983 -10.16 -12.09 -58.65
CA CYS B 1983 -9.54 -11.55 -57.45
C CYS B 1983 -10.33 -11.96 -56.22
N LEU B 1984 -9.61 -12.13 -55.11
CA LEU B 1984 -10.18 -12.54 -53.83
C LEU B 1984 -10.02 -11.38 -52.85
N ALA B 1985 -11.11 -10.96 -52.21
CA ALA B 1985 -11.08 -9.94 -51.17
C ALA B 1985 -11.62 -10.54 -49.90
N VAL B 1986 -10.86 -10.43 -48.81
CA VAL B 1986 -11.13 -11.15 -47.57
C VAL B 1986 -11.44 -10.15 -46.47
N TRP B 1987 -12.47 -10.47 -45.69
CA TRP B 1987 -13.01 -9.61 -44.64
C TRP B 1987 -13.01 -10.40 -43.33
N ARG B 1988 -12.88 -9.69 -42.22
CA ARG B 1988 -12.98 -10.33 -40.92
C ARG B 1988 -14.41 -10.83 -40.70
N GLY B 1989 -14.54 -12.13 -40.43
CA GLY B 1989 -15.85 -12.74 -40.30
C GLY B 1989 -16.54 -12.36 -39.01
N TRP B 1990 -16.93 -11.09 -38.91
CA TRP B 1990 -17.51 -10.57 -37.68
C TRP B 1990 -18.96 -11.01 -37.53
N GLY B 1991 -19.36 -11.24 -36.28
CA GLY B 1991 -20.73 -11.47 -35.92
C GLY B 1991 -21.39 -10.25 -35.32
N ALA B 1992 -22.55 -10.47 -34.69
CA ALA B 1992 -23.25 -9.38 -34.02
C ALA B 1992 -22.40 -8.78 -32.93
N ARG B 1993 -21.64 -9.61 -32.21
CA ARG B 1993 -20.81 -9.13 -31.11
C ARG B 1993 -19.82 -8.08 -31.57
N GLU B 1994 -19.07 -8.37 -32.64
CA GLU B 1994 -17.98 -7.49 -33.03
C GLU B 1994 -18.51 -6.21 -33.67
N PHE B 1995 -19.51 -6.31 -34.55
CA PHE B 1995 -20.11 -5.12 -35.13
C PHE B 1995 -20.73 -4.25 -34.06
N ASP B 1996 -21.41 -4.87 -33.09
CA ASP B 1996 -22.00 -4.11 -31.99
C ASP B 1996 -20.92 -3.42 -31.18
N ILE B 1997 -19.80 -4.10 -30.89
CA ILE B 1997 -18.72 -3.48 -30.15
C ILE B 1997 -18.19 -2.28 -30.91
N PHE B 1998 -17.98 -2.44 -32.22
CA PHE B 1998 -17.50 -1.34 -33.06
C PHE B 1998 -18.43 -0.13 -32.95
N TYR B 1999 -19.69 -0.31 -33.38
CA TYR B 1999 -20.63 0.81 -33.46
C TYR B 1999 -20.90 1.40 -32.08
N GLN B 2000 -21.05 0.54 -31.07
CA GLN B 2000 -21.28 1.01 -29.71
C GLN B 2000 -20.10 1.78 -29.19
N SER B 2001 -18.87 1.37 -29.54
CA SER B 2001 -17.69 2.11 -29.11
C SER B 2001 -17.72 3.52 -29.68
N TYR B 2002 -18.03 3.64 -30.98
CA TYR B 2002 -18.09 4.98 -31.57
C TYR B 2002 -19.19 5.82 -30.94
N GLU B 2003 -20.39 5.24 -30.76
CA GLU B 2003 -21.49 6.00 -30.17
C GLU B 2003 -21.17 6.42 -28.73
N GLU B 2004 -20.60 5.50 -27.95
CA GLU B 2004 -20.33 5.78 -26.54
C GLU B 2004 -19.20 6.80 -26.39
N LEU B 2005 -18.10 6.62 -27.11
CA LEU B 2005 -17.02 7.58 -27.06
C LEU B 2005 -17.48 8.95 -27.55
N GLY B 2006 -18.41 8.98 -28.51
CA GLY B 2006 -19.02 10.25 -28.89
C GLY B 2006 -19.77 10.88 -27.74
N ARG B 2007 -20.35 10.08 -26.86
CA ARG B 2007 -21.10 10.57 -25.71
C ARG B 2007 -20.21 10.96 -24.53
N LEU B 2008 -18.93 10.60 -24.57
CA LEU B 2008 -17.98 10.96 -23.52
C LEU B 2008 -17.07 12.09 -23.98
PB GDP C . -34.66 -58.10 31.73
O1B GDP C . -36.07 -57.71 31.34
O2B GDP C . -33.72 -57.63 30.63
O3B GDP C . -34.29 -57.46 33.04
O3A GDP C . -34.54 -59.69 31.84
PA GDP C . -34.27 -60.42 33.25
O1A GDP C . -35.45 -60.25 34.19
O2A GDP C . -33.01 -59.89 33.88
O5' GDP C . -34.10 -61.95 32.79
C5' GDP C . -34.11 -63.03 33.72
C4' GDP C . -34.23 -64.31 32.91
O4' GDP C . -33.04 -64.52 32.13
C3' GDP C . -34.40 -65.54 33.79
O3' GDP C . -35.75 -66.01 33.70
C2' GDP C . -33.45 -66.58 33.24
O2' GDP C . -34.18 -67.73 32.78
C1' GDP C . -32.75 -65.92 32.07
N9 GDP C . -31.28 -66.16 32.12
C8 GDP C . -30.34 -65.24 32.41
N7 GDP C . -29.10 -65.79 32.37
C5 GDP C . -29.25 -67.09 32.06
C6 GDP C . -28.35 -68.26 31.86
O6 GDP C . -27.11 -68.12 31.99
N1 GDP C . -28.89 -69.43 31.55
C2 GDP C . -30.23 -69.60 31.41
N2 GDP C . -30.70 -70.82 31.09
N3 GDP C . -31.11 -68.58 31.58
C4 GDP C . -30.68 -67.33 31.90
PB GDP D . 31.99 59.30 -32.26
O1B GDP D . 30.73 60.13 -32.43
O2B GDP D . 31.86 58.47 -31.00
O3B GDP D . 32.18 58.42 -33.46
O3A GDP D . 33.26 60.27 -32.09
PA GDP D . 34.41 60.35 -33.20
O1A GDP D . 33.90 60.97 -34.49
O2A GDP D . 35.01 58.98 -33.45
O5' GDP D . 35.48 61.32 -32.49
C5' GDP D . 36.57 61.91 -33.19
C4' GDP D . 37.17 62.97 -32.28
O4' GDP D . 37.77 62.37 -31.14
C3' GDP D . 38.25 63.80 -32.98
O3' GDP D . 37.75 65.11 -33.26
C2' GDP D . 39.39 63.89 -31.98
O2' GDP D . 39.63 65.24 -31.63
C1' GDP D . 38.94 63.10 -30.76
N9 GDP D . 40.01 62.19 -30.29
C8 GDP D . 40.00 60.85 -30.39
N7 GDP D . 41.14 60.32 -29.85
C5 GDP D . 41.89 61.34 -29.42
C6 GDP D . 43.21 61.50 -28.76
O6 GDP D . 43.91 60.50 -28.48
N1 GDP D . 43.64 62.73 -28.47
C2 GDP D . 42.91 63.83 -28.77
N2 GDP D . 43.41 65.04 -28.44
N3 GDP D . 41.70 63.76 -29.36
C4 GDP D . 41.15 62.57 -29.71
#